data_8WO0
#
_entry.id   8WO0
#
_cell.length_a   1.00
_cell.length_b   1.00
_cell.length_c   1.00
_cell.angle_alpha   90.00
_cell.angle_beta   90.00
_cell.angle_gamma   90.00
#
_symmetry.space_group_name_H-M   'P 1'
#
loop_
_entity.id
_entity.type
_entity.pdbx_description
1 polymer 'Non-structural protein 1'
2 non-polymer 2-acetamido-2-deoxy-beta-D-glucopyranose
#
_entity_poly.entity_id   1
_entity_poly.type   'polypeptide(L)'
_entity_poly.pdbx_seq_one_letter_code
;DVGCSVDFSKKETRCGTGVFIYNDVEAWRDRYKYHPDSPRRLAAAVKQAWEEGICGISSVSRMENIMWKSVEGELNAILE
ENGVQLTVVVGSVKNPMWRGPQRLPVPVNELPHGWKAWGKSYFVRAAKTNNSFVVDGDTLKECPLEHRAWNSFLVEDHGF
GVFHTSVWLKVREDYSLECDPAVIGTAVKGREAAHSDLGYWIESEKNDTWRLKRAHLIEMKTCEWPKSHTLWTDGVEESD
LIIPKSLAGPLSHHNTREGYRTQVKGPWHSEELEIRFEECPGTKVYVEETCGTRGPSLRSTTASGRVIEEWCCRECTMPP
LSFRAKDGCWYGMEIRPRKEPESNLVRSMVTAHHHHHH
;
_entity_poly.pdbx_strand_id   K,L,B,C,M,N,D,E,F,G
#
loop_
_chem_comp.id
_chem_comp.type
_chem_comp.name
_chem_comp.formula
NAG D-saccharide, beta linking 2-acetamido-2-deoxy-beta-D-glucopyranose 'C8 H15 N O6'
#
# COMPACT_ATOMS: atom_id res chain seq x y z
N ASP A 1 -4.26 24.91 -22.78
CA ASP A 1 -3.25 24.87 -23.87
C ASP A 1 -1.87 24.51 -23.33
N VAL A 2 -1.78 24.34 -22.01
CA VAL A 2 -0.54 23.94 -21.35
C VAL A 2 -0.42 22.43 -21.46
N GLY A 3 0.67 21.96 -22.06
CA GLY A 3 0.76 20.58 -22.49
C GLY A 3 2.05 19.90 -22.07
N CYS A 4 1.95 18.56 -21.99
CA CYS A 4 3.06 17.69 -21.66
C CYS A 4 4.02 17.49 -22.82
N SER A 5 3.95 18.30 -23.87
CA SER A 5 4.55 17.93 -25.15
C SER A 5 5.89 17.23 -24.95
N VAL A 6 5.97 15.98 -25.42
CA VAL A 6 7.17 15.17 -25.33
C VAL A 6 7.34 14.55 -26.71
N ASP A 7 8.27 15.08 -27.50
CA ASP A 7 8.46 14.59 -28.86
C ASP A 7 8.91 13.14 -28.82
N PHE A 8 8.02 12.23 -29.24
CA PHE A 8 8.34 10.81 -29.22
C PHE A 8 9.51 10.48 -30.14
N SER A 9 9.52 11.08 -31.33
CA SER A 9 10.57 10.77 -32.30
C SER A 9 11.95 11.21 -31.81
N LYS A 10 12.04 12.40 -31.22
CA LYS A 10 13.31 12.98 -30.82
C LYS A 10 13.45 13.09 -29.31
N LYS A 11 12.44 12.69 -28.54
CA LYS A 11 12.51 12.70 -27.08
C LYS A 11 12.72 14.13 -26.56
N GLU A 12 11.80 15.02 -26.93
CA GLU A 12 11.89 16.43 -26.55
C GLU A 12 10.69 16.76 -25.67
N THR A 13 10.93 16.89 -24.36
CA THR A 13 9.91 17.37 -23.46
C THR A 13 9.76 18.87 -23.61
N ARG A 14 8.54 19.33 -23.85
CA ARG A 14 8.29 20.75 -24.03
C ARG A 14 6.86 21.05 -23.60
N CYS A 15 6.61 22.32 -23.35
CA CYS A 15 5.27 22.79 -22.99
C CYS A 15 5.12 24.23 -23.46
N GLY A 16 3.87 24.67 -23.60
CA GLY A 16 3.60 26.03 -24.00
C GLY A 16 2.16 26.24 -24.42
N THR A 17 1.95 26.90 -25.56
CA THR A 17 0.62 27.24 -26.02
C THR A 17 0.46 26.83 -27.48
N GLY A 18 -0.77 26.47 -27.83
CA GLY A 18 -1.08 26.02 -29.18
C GLY A 18 -2.49 25.43 -29.22
N VAL A 19 -2.67 24.49 -30.14
CA VAL A 19 -3.92 23.76 -30.26
C VAL A 19 -3.60 22.27 -30.29
N PHE A 20 -4.52 21.46 -29.77
CA PHE A 20 -4.24 20.07 -29.47
C PHE A 20 -5.37 19.19 -29.96
N ILE A 21 -5.02 18.08 -30.61
CA ILE A 21 -5.97 17.11 -31.10
C ILE A 21 -5.55 15.73 -30.59
N TYR A 22 -6.51 14.82 -30.52
CA TYR A 22 -6.26 13.52 -29.90
C TYR A 22 -6.97 12.43 -30.69
N ASN A 23 -6.34 11.26 -30.77
CA ASN A 23 -6.88 10.12 -31.52
C ASN A 23 -7.83 9.38 -30.59
N ASP A 24 -9.13 9.60 -30.78
CA ASP A 24 -10.15 9.02 -29.92
C ASP A 24 -10.91 7.86 -30.55
N VAL A 25 -10.68 7.56 -31.83
CA VAL A 25 -11.41 6.47 -32.47
C VAL A 25 -11.08 5.16 -31.78
N GLU A 26 -9.81 4.92 -31.47
CA GLU A 26 -9.43 3.73 -30.71
C GLU A 26 -9.73 3.88 -29.23
N ALA A 27 -9.63 5.10 -28.70
CA ALA A 27 -9.96 5.38 -27.30
C ALA A 27 -11.42 5.77 -27.13
N TRP A 28 -12.25 5.49 -28.13
CA TRP A 28 -13.66 5.86 -28.08
C TRP A 28 -14.46 5.01 -27.10
N ARG A 29 -14.07 3.75 -26.91
CA ARG A 29 -14.88 2.86 -26.10
C ARG A 29 -14.94 3.32 -24.65
N ASP A 30 -13.83 3.86 -24.13
CA ASP A 30 -13.70 4.24 -22.73
C ASP A 30 -13.59 5.76 -22.57
N ARG A 31 -14.21 6.52 -23.46
CA ARG A 31 -14.14 7.98 -23.39
C ARG A 31 -15.51 8.64 -23.51
N TYR A 32 -16.47 7.96 -24.14
CA TYR A 32 -17.70 8.61 -24.57
C TYR A 32 -18.93 7.93 -23.98
N LYS A 33 -19.84 8.76 -23.48
CA LYS A 33 -21.22 8.38 -23.18
C LYS A 33 -22.15 9.36 -23.88
N TYR A 34 -23.23 8.82 -24.46
CA TYR A 34 -24.13 9.63 -25.28
C TYR A 34 -25.52 9.62 -24.65
N HIS A 35 -26.36 10.56 -25.09
CA HIS A 35 -27.76 10.52 -24.70
C HIS A 35 -28.54 11.59 -25.47
N PRO A 36 -29.86 11.43 -25.62
CA PRO A 36 -30.68 12.53 -26.16
C PRO A 36 -30.93 13.62 -25.13
N ASP A 37 -31.72 14.63 -25.49
CA ASP A 37 -32.06 15.73 -24.60
C ASP A 37 -33.57 15.87 -24.54
N SER A 38 -34.10 16.09 -23.33
CA SER A 38 -35.54 16.23 -23.11
C SER A 38 -36.30 15.05 -23.70
N PRO A 39 -36.24 13.87 -23.08
CA PRO A 39 -36.92 12.71 -23.64
C PRO A 39 -38.42 12.92 -23.83
N ARG A 40 -39.03 13.82 -23.06
CA ARG A 40 -40.45 14.13 -23.27
C ARG A 40 -40.65 14.80 -24.63
N ARG A 41 -39.79 15.76 -24.97
CA ARG A 41 -39.88 16.39 -26.28
C ARG A 41 -39.59 15.38 -27.39
N LEU A 42 -38.70 14.42 -27.12
CA LEU A 42 -38.44 13.38 -28.11
C LEU A 42 -39.66 12.46 -28.28
N ALA A 43 -40.38 12.20 -27.18
CA ALA A 43 -41.63 11.45 -27.29
C ALA A 43 -42.65 12.22 -28.12
N ALA A 44 -42.74 13.54 -27.90
CA ALA A 44 -43.62 14.36 -28.74
C ALA A 44 -43.18 14.29 -30.20
N ALA A 45 -41.87 14.30 -30.44
CA ALA A 45 -41.36 14.27 -31.80
C ALA A 45 -41.68 12.96 -32.50
N VAL A 46 -41.51 11.84 -31.79
CA VAL A 46 -41.81 10.55 -32.40
C VAL A 46 -43.31 10.40 -32.63
N LYS A 47 -44.12 10.90 -31.68
CA LYS A 47 -45.56 10.82 -31.84
C LYS A 47 -46.01 11.65 -33.05
N GLN A 48 -45.55 12.90 -33.13
CA GLN A 48 -45.89 13.74 -34.27
C GLN A 48 -45.37 13.16 -35.57
N ALA A 49 -44.12 12.68 -35.56
CA ALA A 49 -43.56 12.07 -36.76
C ALA A 49 -44.41 10.88 -37.19
N TRP A 50 -44.86 10.08 -36.23
CA TRP A 50 -45.80 9.01 -36.55
C TRP A 50 -47.06 9.56 -37.21
N GLU A 51 -47.49 10.76 -36.83
CA GLU A 51 -48.63 11.38 -37.49
C GLU A 51 -48.33 11.76 -38.94
N GLU A 52 -47.05 11.75 -39.33
CA GLU A 52 -46.64 12.08 -40.69
C GLU A 52 -46.41 10.85 -41.55
N GLY A 53 -46.76 9.66 -41.07
CA GLY A 53 -46.51 8.44 -41.81
C GLY A 53 -45.04 8.10 -41.90
N ILE A 54 -44.35 8.09 -40.77
CA ILE A 54 -42.92 7.81 -40.70
C ILE A 54 -42.76 6.39 -40.16
N CYS A 55 -41.93 5.59 -40.84
CA CYS A 55 -41.68 4.23 -40.37
C CYS A 55 -40.69 4.22 -39.22
N GLY A 56 -39.48 4.70 -39.46
CA GLY A 56 -38.44 4.65 -38.45
C GLY A 56 -37.21 5.45 -38.83
N ILE A 57 -36.05 5.00 -38.38
CA ILE A 57 -34.79 5.70 -38.59
C ILE A 57 -33.74 4.69 -39.03
N SER A 58 -33.00 5.04 -40.08
CA SER A 58 -31.86 4.26 -40.56
C SER A 58 -30.59 5.03 -40.23
N SER A 59 -29.97 4.70 -39.11
CA SER A 59 -28.84 5.47 -38.61
C SER A 59 -27.70 5.47 -39.61
N VAL A 60 -27.02 6.61 -39.68
CA VAL A 60 -25.89 6.75 -40.61
C VAL A 60 -24.58 6.31 -39.97
N SER A 61 -24.44 6.49 -38.66
CA SER A 61 -23.21 6.19 -37.94
C SER A 61 -23.52 5.35 -36.71
N ARG A 62 -22.47 4.79 -36.12
CA ARG A 62 -22.66 3.97 -34.92
C ARG A 62 -22.96 4.82 -33.69
N MET A 63 -22.54 6.08 -33.68
CA MET A 63 -22.78 6.97 -32.56
C MET A 63 -24.28 7.17 -32.32
N GLU A 64 -25.01 7.58 -33.36
CA GLU A 64 -26.45 7.78 -33.25
C GLU A 64 -27.17 6.47 -32.96
N ASN A 65 -26.82 5.41 -33.68
CA ASN A 65 -27.49 4.14 -33.48
C ASN A 65 -27.32 3.67 -32.04
N ILE A 66 -26.12 3.79 -31.49
CA ILE A 66 -25.89 3.42 -30.11
C ILE A 66 -26.67 4.34 -29.16
N MET A 67 -26.97 5.58 -29.58
CA MET A 67 -27.90 6.39 -28.81
C MET A 67 -29.30 5.79 -28.76
N TRP A 68 -29.82 5.35 -29.91
CA TRP A 68 -31.25 5.09 -29.95
C TRP A 68 -31.60 3.84 -29.13
N LYS A 69 -30.60 3.05 -28.76
CA LYS A 69 -30.76 1.98 -27.76
C LYS A 69 -30.32 2.42 -26.37
N SER A 70 -30.77 3.60 -25.93
CA SER A 70 -30.46 4.04 -24.57
C SER A 70 -31.68 4.52 -23.80
N VAL A 71 -32.62 5.17 -24.47
CA VAL A 71 -33.82 5.71 -23.85
C VAL A 71 -35.08 5.04 -24.41
N GLU A 72 -34.92 3.86 -25.02
CA GLU A 72 -36.08 3.16 -25.57
C GLU A 72 -37.09 2.85 -24.47
N GLY A 73 -36.62 2.35 -23.33
CA GLY A 73 -37.53 2.11 -22.22
C GLY A 73 -38.15 3.39 -21.70
N GLU A 74 -37.33 4.43 -21.50
CA GLU A 74 -37.86 5.71 -21.03
C GLU A 74 -38.81 6.31 -22.05
N LEU A 75 -38.47 6.24 -23.34
CA LEU A 75 -39.35 6.77 -24.36
C LEU A 75 -40.69 6.04 -24.38
N ASN A 76 -40.66 4.71 -24.30
CA ASN A 76 -41.89 3.94 -24.29
C ASN A 76 -42.72 4.26 -23.06
N ALA A 77 -42.07 4.40 -21.90
CA ALA A 77 -42.80 4.71 -20.68
C ALA A 77 -43.42 6.10 -20.76
N ILE A 78 -42.71 7.06 -21.34
CA ILE A 78 -43.27 8.41 -21.50
C ILE A 78 -44.47 8.37 -22.43
N LEU A 79 -44.36 7.61 -23.53
CA LEU A 79 -45.50 7.46 -24.42
C LEU A 79 -46.69 6.83 -23.70
N GLU A 80 -46.43 5.83 -22.85
CA GLU A 80 -47.48 5.20 -22.08
C GLU A 80 -48.12 6.20 -21.11
N GLU A 81 -47.31 7.05 -20.48
CA GLU A 81 -47.81 7.95 -19.45
C GLU A 81 -48.87 8.89 -20.02
N ASN A 82 -48.63 9.42 -21.22
CA ASN A 82 -49.59 10.30 -21.88
C ASN A 82 -50.57 9.55 -22.75
N GLY A 83 -50.56 8.22 -22.73
CA GLY A 83 -51.52 7.43 -23.45
C GLY A 83 -51.18 7.14 -24.90
N VAL A 84 -50.00 7.57 -25.37
CA VAL A 84 -49.63 7.30 -26.76
C VAL A 84 -49.14 5.87 -26.87
N GLN A 85 -49.82 5.07 -27.68
CA GLN A 85 -49.49 3.67 -27.90
C GLN A 85 -48.48 3.60 -29.04
N LEU A 86 -47.21 3.46 -28.68
CA LEU A 86 -46.14 3.44 -29.67
C LEU A 86 -44.95 2.69 -29.11
N THR A 87 -44.52 1.65 -29.83
CA THR A 87 -43.40 0.80 -29.43
C THR A 87 -42.26 0.99 -30.41
N VAL A 88 -41.07 1.26 -29.88
CA VAL A 88 -39.88 1.49 -30.69
C VAL A 88 -39.05 0.21 -30.71
N VAL A 89 -38.64 -0.21 -31.90
CA VAL A 89 -37.82 -1.40 -32.09
C VAL A 89 -36.51 -0.98 -32.74
N VAL A 90 -35.39 -1.41 -32.14
CA VAL A 90 -34.06 -1.07 -32.62
C VAL A 90 -33.33 -2.35 -32.95
N GLY A 91 -32.78 -2.42 -34.15
CA GLY A 91 -32.03 -3.59 -34.59
C GLY A 91 -30.55 -3.34 -34.72
N SER A 92 -29.94 -3.88 -35.76
CA SER A 92 -28.52 -3.75 -36.02
C SER A 92 -28.30 -3.01 -37.34
N VAL A 93 -27.34 -2.09 -37.34
CA VAL A 93 -26.99 -1.36 -38.55
C VAL A 93 -26.21 -2.28 -39.49
N LYS A 94 -26.25 -1.93 -40.77
CA LYS A 94 -25.52 -2.69 -41.79
C LYS A 94 -24.82 -1.70 -42.72
N ASN A 95 -23.56 -1.93 -42.93
CA ASN A 95 -22.85 -0.99 -43.79
C ASN A 95 -23.12 -1.30 -45.26
N PRO A 96 -23.03 -0.29 -46.13
CA PRO A 96 -22.82 1.13 -45.84
C PRO A 96 -24.15 1.77 -45.49
N MET A 97 -24.27 2.43 -44.34
CA MET A 97 -25.55 2.97 -43.94
C MET A 97 -26.10 3.88 -45.03
N TRP A 98 -27.23 3.48 -45.59
CA TRP A 98 -27.77 4.15 -46.76
C TRP A 98 -28.48 5.43 -46.37
N ARG A 99 -28.96 6.16 -47.37
CA ARG A 99 -29.49 7.50 -47.20
C ARG A 99 -31.02 7.42 -47.15
N GLY A 100 -31.59 7.85 -46.02
CA GLY A 100 -33.02 7.87 -45.85
C GLY A 100 -33.60 9.25 -46.12
N PRO A 101 -34.69 9.32 -46.87
CA PRO A 101 -35.20 10.65 -47.27
C PRO A 101 -35.90 11.40 -46.15
N GLN A 102 -36.72 10.72 -45.36
CA GLN A 102 -37.52 11.41 -44.36
C GLN A 102 -36.63 12.12 -43.34
N ARG A 103 -37.24 13.04 -42.60
CA ARG A 103 -36.58 13.74 -41.50
C ARG A 103 -37.56 13.89 -40.35
N LEU A 104 -37.05 13.77 -39.13
CA LEU A 104 -37.91 13.82 -37.96
C LEU A 104 -38.45 15.23 -37.76
N PRO A 105 -39.77 15.42 -37.67
CA PRO A 105 -40.29 16.76 -37.34
C PRO A 105 -39.94 17.15 -35.91
N VAL A 106 -39.98 18.45 -35.67
CA VAL A 106 -39.64 19.05 -34.39
C VAL A 106 -40.93 19.49 -33.72
N PRO A 107 -41.29 18.97 -32.54
CA PRO A 107 -42.51 19.44 -31.87
C PRO A 107 -42.43 20.92 -31.55
N VAL A 108 -43.58 21.59 -31.65
CA VAL A 108 -43.69 22.97 -31.22
C VAL A 108 -44.00 23.07 -29.73
N ASN A 109 -44.56 22.04 -29.13
CA ASN A 109 -44.85 22.01 -27.70
C ASN A 109 -44.65 20.59 -27.19
N GLU A 110 -44.35 20.48 -25.90
CA GLU A 110 -44.15 19.20 -25.27
C GLU A 110 -45.49 18.56 -24.92
N LEU A 111 -45.43 17.37 -24.33
CA LEU A 111 -46.63 16.70 -23.88
C LEU A 111 -47.25 17.49 -22.72
N PRO A 112 -48.57 17.37 -22.52
CA PRO A 112 -49.22 18.20 -21.49
C PRO A 112 -48.64 17.98 -20.10
N HIS A 113 -48.12 16.79 -19.83
CA HIS A 113 -47.60 16.46 -18.51
C HIS A 113 -46.62 15.31 -18.64
N GLY A 114 -45.91 15.04 -17.55
CA GLY A 114 -44.96 13.95 -17.50
C GLY A 114 -43.67 14.37 -16.83
N TRP A 115 -43.27 13.65 -15.79
CA TRP A 115 -42.07 13.98 -15.03
C TRP A 115 -41.31 12.73 -14.65
N LYS A 116 -41.37 11.68 -15.48
CA LYS A 116 -40.69 10.43 -15.19
C LYS A 116 -39.18 10.57 -15.16
N ALA A 117 -38.62 11.66 -15.70
CA ALA A 117 -37.18 11.83 -15.71
C ALA A 117 -36.61 11.85 -14.31
N TRP A 118 -37.42 12.11 -13.29
CA TRP A 118 -36.95 12.17 -11.92
C TRP A 118 -36.77 10.76 -11.37
N GLY A 119 -35.58 10.48 -10.86
CA GLY A 119 -35.32 9.25 -10.13
C GLY A 119 -35.00 8.04 -11.00
N LYS A 120 -36.01 7.45 -11.62
CA LYS A 120 -35.87 6.17 -12.31
C LYS A 120 -36.30 6.31 -13.76
N SER A 121 -35.40 5.96 -14.67
CA SER A 121 -35.70 6.01 -16.10
C SER A 121 -35.27 4.72 -16.80
N TYR A 122 -34.28 4.01 -16.21
CA TYR A 122 -33.66 2.89 -16.90
C TYR A 122 -34.48 1.61 -16.75
N PHE A 123 -34.61 1.11 -15.52
CA PHE A 123 -35.25 -0.18 -15.27
C PHE A 123 -36.76 -0.03 -15.44
N VAL A 124 -37.15 0.20 -16.69
CA VAL A 124 -38.56 0.40 -17.06
C VAL A 124 -38.88 -0.53 -18.22
N ARG A 125 -40.02 -1.21 -18.13
CA ARG A 125 -40.49 -2.09 -19.19
C ARG A 125 -41.97 -1.83 -19.39
N ALA A 126 -42.44 -2.09 -20.61
CA ALA A 126 -43.85 -1.95 -20.93
C ALA A 126 -44.20 -2.90 -22.06
N ALA A 127 -45.48 -3.26 -22.13
CA ALA A 127 -45.93 -4.20 -23.15
C ALA A 127 -45.80 -3.58 -24.53
N LYS A 128 -45.57 -4.44 -25.53
CA LYS A 128 -45.44 -3.97 -26.89
C LYS A 128 -46.78 -3.45 -27.40
N THR A 129 -46.70 -2.64 -28.44
CA THR A 129 -47.89 -2.12 -29.13
C THR A 129 -47.80 -2.52 -30.59
N ASN A 130 -48.98 -2.68 -31.21
CA ASN A 130 -49.03 -3.15 -32.59
C ASN A 130 -48.17 -2.28 -33.49
N ASN A 131 -48.27 -0.96 -33.33
CA ASN A 131 -47.43 -0.06 -34.11
C ASN A 131 -45.96 -0.27 -33.77
N SER A 132 -45.11 -0.19 -34.78
CA SER A 132 -43.67 -0.38 -34.63
C SER A 132 -42.93 0.81 -35.23
N PHE A 133 -42.10 1.45 -34.44
CA PHE A 133 -41.22 2.52 -34.89
C PHE A 133 -39.81 1.94 -34.93
N VAL A 134 -39.48 1.30 -36.06
CA VAL A 134 -38.24 0.55 -36.16
C VAL A 134 -37.06 1.51 -36.23
N VAL A 135 -35.89 1.03 -35.82
CA VAL A 135 -34.64 1.78 -35.88
C VAL A 135 -33.58 0.86 -36.43
N ASP A 136 -33.08 1.17 -37.62
CA ASP A 136 -32.04 0.35 -38.26
C ASP A 136 -32.59 -1.08 -38.38
N GLY A 137 -31.73 -2.09 -38.28
CA GLY A 137 -32.16 -3.46 -38.36
C GLY A 137 -32.43 -3.89 -39.79
N ASP A 138 -32.71 -5.19 -39.93
CA ASP A 138 -33.02 -5.77 -41.24
C ASP A 138 -34.54 -5.79 -41.47
N THR A 139 -35.18 -4.65 -41.23
CA THR A 139 -36.61 -4.50 -41.42
C THR A 139 -36.95 -3.87 -42.77
N LEU A 140 -36.09 -4.09 -43.77
CA LEU A 140 -36.35 -3.53 -45.09
C LEU A 140 -37.68 -4.01 -45.64
N LYS A 141 -38.08 -5.23 -45.30
CA LYS A 141 -39.37 -5.75 -45.76
C LYS A 141 -40.53 -5.15 -44.97
N GLU A 142 -40.33 -4.87 -43.68
CA GLU A 142 -41.42 -4.28 -42.90
C GLU A 142 -41.83 -2.93 -43.47
N CYS A 143 -40.86 -2.10 -43.83
CA CYS A 143 -41.14 -0.80 -44.43
C CYS A 143 -40.12 -0.54 -45.53
N PRO A 144 -40.51 0.17 -46.59
CA PRO A 144 -39.53 0.53 -47.62
C PRO A 144 -38.51 1.53 -47.12
N LEU A 145 -37.60 1.93 -48.01
CA LEU A 145 -36.51 2.84 -47.63
C LEU A 145 -36.92 4.30 -47.68
N GLU A 146 -38.06 4.64 -48.29
CA GLU A 146 -38.43 6.02 -48.49
C GLU A 146 -39.21 6.62 -47.31
N HIS A 147 -39.63 5.80 -46.36
CA HIS A 147 -40.33 6.29 -45.18
C HIS A 147 -39.43 6.41 -43.96
N ARG A 148 -38.13 6.20 -44.13
CA ARG A 148 -37.19 6.20 -43.02
C ARG A 148 -36.47 7.54 -42.94
N ALA A 149 -36.27 8.02 -41.72
CA ALA A 149 -35.56 9.27 -41.48
C ALA A 149 -34.06 9.03 -41.57
N TRP A 150 -33.30 10.13 -41.59
CA TRP A 150 -31.86 10.04 -41.74
C TRP A 150 -31.21 11.38 -41.43
N ASN A 151 -30.13 11.37 -40.64
CA ASN A 151 -29.39 12.58 -40.28
C ASN A 151 -30.35 13.68 -39.82
N SER A 152 -31.03 13.38 -38.71
CA SER A 152 -31.96 14.31 -38.08
C SER A 152 -31.57 14.51 -36.61
N PHE A 153 -30.27 14.71 -36.38
CA PHE A 153 -29.76 14.97 -35.04
C PHE A 153 -28.55 15.87 -35.13
N LEU A 154 -28.21 16.50 -34.00
CA LEU A 154 -27.07 17.42 -33.93
C LEU A 154 -26.32 17.18 -32.64
N VAL A 155 -25.10 17.71 -32.59
CA VAL A 155 -24.28 17.72 -31.37
C VAL A 155 -24.02 19.17 -31.02
N GLU A 156 -24.47 19.58 -29.83
CA GLU A 156 -24.28 20.94 -29.35
C GLU A 156 -23.14 21.06 -28.35
N ASP A 157 -23.00 20.09 -27.45
CA ASP A 157 -21.96 20.15 -26.43
C ASP A 157 -21.65 18.74 -25.96
N HIS A 158 -20.36 18.46 -25.80
CA HIS A 158 -19.91 17.14 -25.40
C HIS A 158 -18.56 17.28 -24.71
N GLY A 159 -18.23 16.27 -23.90
CA GLY A 159 -17.01 16.32 -23.10
C GLY A 159 -17.27 16.78 -21.69
N PHE A 160 -16.86 15.98 -20.71
CA PHE A 160 -17.05 16.34 -19.31
C PHE A 160 -15.92 15.74 -18.48
N GLY A 161 -15.63 16.40 -17.37
CA GLY A 161 -14.65 15.89 -16.43
C GLY A 161 -15.27 14.93 -15.44
N VAL A 162 -15.95 13.91 -15.96
CA VAL A 162 -16.64 12.94 -15.12
C VAL A 162 -16.19 11.54 -15.50
N PHE A 163 -15.00 11.43 -16.10
CA PHE A 163 -14.42 10.19 -16.61
C PHE A 163 -15.18 9.63 -17.81
N HIS A 164 -16.31 10.24 -18.19
CA HIS A 164 -17.17 9.66 -19.22
C HIS A 164 -17.95 10.82 -19.85
N THR A 165 -17.51 11.25 -21.02
CA THR A 165 -18.11 12.41 -21.66
C THR A 165 -19.55 12.10 -22.03
N SER A 166 -20.46 13.02 -21.67
CA SER A 166 -21.87 12.91 -22.01
C SER A 166 -22.20 13.94 -23.07
N VAL A 167 -22.83 13.48 -24.15
CA VAL A 167 -23.01 14.26 -25.37
C VAL A 167 -24.47 14.66 -25.52
N TRP A 168 -24.71 15.95 -25.72
CA TRP A 168 -26.05 16.51 -25.86
C TRP A 168 -26.43 16.59 -27.33
N LEU A 169 -27.63 16.11 -27.66
CA LEU A 169 -28.11 16.06 -29.03
C LEU A 169 -29.62 16.28 -29.06
N LYS A 170 -30.12 16.75 -30.21
CA LYS A 170 -31.54 17.05 -30.38
C LYS A 170 -31.90 16.94 -31.86
N VAL A 171 -33.18 16.75 -32.13
CA VAL A 171 -33.63 16.51 -33.50
C VAL A 171 -33.42 17.76 -34.35
N ARG A 172 -32.97 17.54 -35.59
CA ARG A 172 -32.74 18.66 -36.49
C ARG A 172 -34.07 19.25 -36.97
N GLU A 173 -34.20 20.56 -36.82
CA GLU A 173 -35.24 21.30 -37.51
C GLU A 173 -34.86 21.64 -38.94
N ASP A 174 -33.63 21.33 -39.33
CA ASP A 174 -33.10 21.61 -40.67
C ASP A 174 -32.78 20.31 -41.38
N TYR A 175 -32.67 20.41 -42.71
CA TYR A 175 -32.35 19.29 -43.58
C TYR A 175 -30.94 19.45 -44.11
N SER A 176 -30.13 18.40 -44.03
CA SER A 176 -28.75 18.49 -44.45
C SER A 176 -28.23 17.12 -44.87
N LEU A 177 -27.30 17.14 -45.83
CA LEU A 177 -26.57 15.95 -46.25
C LEU A 177 -25.14 15.97 -45.75
N GLU A 178 -24.79 16.94 -44.90
CA GLU A 178 -23.42 17.16 -44.47
C GLU A 178 -23.16 16.45 -43.15
N CYS A 179 -21.94 15.98 -42.98
CA CYS A 179 -21.53 15.33 -41.76
C CYS A 179 -21.34 16.38 -40.65
N ASP A 180 -21.57 15.95 -39.42
CA ASP A 180 -21.54 16.86 -38.28
C ASP A 180 -20.13 17.38 -38.04
N PRO A 181 -19.90 18.70 -37.99
CA PRO A 181 -18.54 19.20 -37.80
C PRO A 181 -18.09 19.31 -36.34
N ALA A 182 -19.00 19.16 -35.37
CA ALA A 182 -18.61 19.32 -33.97
C ALA A 182 -17.57 18.28 -33.56
N VAL A 183 -17.43 17.21 -34.32
CA VAL A 183 -16.57 16.10 -33.95
C VAL A 183 -15.58 15.80 -35.07
N ILE A 184 -15.24 16.82 -35.85
CA ILE A 184 -14.32 16.67 -36.97
C ILE A 184 -13.20 17.68 -36.79
N GLY A 185 -12.03 17.37 -37.36
CA GLY A 185 -10.92 18.30 -37.28
C GLY A 185 -9.77 17.85 -38.15
N THR A 186 -8.98 18.83 -38.56
CA THR A 186 -7.69 18.61 -39.19
C THR A 186 -6.85 19.86 -38.99
N ALA A 187 -5.55 19.72 -39.21
CA ALA A 187 -4.64 20.85 -39.18
C ALA A 187 -3.31 20.42 -39.78
N VAL A 188 -2.46 21.38 -40.14
CA VAL A 188 -1.26 21.09 -40.90
C VAL A 188 -0.06 21.74 -40.23
N LYS A 189 1.08 21.06 -40.30
CA LYS A 189 2.36 21.60 -39.87
C LYS A 189 3.43 21.02 -40.77
N GLY A 190 4.22 21.89 -41.39
CA GLY A 190 5.29 21.43 -42.25
C GLY A 190 4.79 20.52 -43.34
N ARG A 191 5.09 19.23 -43.23
CA ARG A 191 4.74 18.24 -44.23
C ARG A 191 3.55 17.37 -43.83
N GLU A 192 2.98 17.57 -42.65
CA GLU A 192 1.98 16.65 -42.13
C GLU A 192 0.69 17.38 -41.78
N ALA A 193 -0.42 16.74 -42.14
CA ALA A 193 -1.75 17.14 -41.73
C ALA A 193 -2.62 15.89 -41.74
N ALA A 194 -3.74 15.94 -41.03
CA ALA A 194 -4.60 14.77 -41.00
C ALA A 194 -6.05 15.19 -40.82
N HIS A 195 -6.92 14.56 -41.57
CA HIS A 195 -8.36 14.75 -41.47
C HIS A 195 -8.89 13.72 -40.49
N SER A 196 -9.55 14.18 -39.43
CA SER A 196 -10.01 13.31 -38.35
C SER A 196 -11.51 13.42 -38.21
N ASP A 197 -12.17 12.27 -38.17
CA ASP A 197 -13.60 12.19 -37.88
C ASP A 197 -13.85 10.98 -36.99
N LEU A 198 -14.98 11.01 -36.28
CA LEU A 198 -15.28 9.95 -35.33
C LEU A 198 -15.22 8.56 -35.94
N GLY A 199 -15.75 8.39 -37.14
CA GLY A 199 -15.72 7.09 -37.79
C GLY A 199 -14.70 7.01 -38.90
N TYR A 200 -14.08 8.15 -39.21
CA TYR A 200 -13.12 8.24 -40.30
C TYR A 200 -11.90 8.99 -39.82
N TRP A 201 -10.73 8.35 -39.92
CA TRP A 201 -9.46 9.00 -39.69
C TRP A 201 -8.62 8.89 -40.95
N ILE A 202 -8.00 9.99 -41.35
CA ILE A 202 -7.26 10.07 -42.59
C ILE A 202 -5.91 10.71 -42.31
N GLU A 203 -4.86 10.10 -42.85
CA GLU A 203 -3.50 10.61 -42.74
C GLU A 203 -3.11 11.29 -44.04
N SER A 204 -2.67 12.54 -43.96
CA SER A 204 -2.20 13.27 -45.13
C SER A 204 -0.78 13.74 -44.89
N GLU A 205 0.08 13.49 -45.87
CA GLU A 205 1.48 13.82 -45.79
C GLU A 205 1.84 14.74 -46.96
N LYS A 206 3.09 15.16 -46.99
CA LYS A 206 3.63 15.90 -48.13
C LYS A 206 4.94 15.20 -48.52
N ASN A 207 4.81 14.14 -49.30
CA ASN A 207 5.93 13.49 -49.97
C ASN A 207 5.83 13.91 -51.42
N ASP A 208 6.76 14.76 -51.85
CA ASP A 208 6.58 15.53 -53.08
C ASP A 208 5.43 16.52 -52.85
N THR A 209 4.25 16.20 -53.36
CA THR A 209 3.08 17.04 -53.13
C THR A 209 2.28 16.54 -51.94
N TRP A 210 1.23 17.28 -51.60
CA TRP A 210 0.30 16.84 -50.57
C TRP A 210 -0.53 15.68 -51.10
N ARG A 211 -0.50 14.55 -50.38
CA ARG A 211 -1.11 13.32 -50.84
C ARG A 211 -1.81 12.66 -49.67
N LEU A 212 -2.21 11.40 -49.86
CA LEU A 212 -2.84 10.58 -48.84
C LEU A 212 -1.84 9.56 -48.33
N LYS A 213 -1.97 9.18 -47.06
CA LYS A 213 -1.11 8.17 -46.45
C LYS A 213 -1.86 6.93 -46.01
N ARG A 214 -2.92 7.09 -45.22
CA ARG A 214 -3.69 5.94 -44.77
C ARG A 214 -5.05 6.42 -44.29
N ALA A 215 -5.99 5.49 -44.16
CA ALA A 215 -7.31 5.80 -43.67
C ALA A 215 -7.91 4.56 -43.03
N HIS A 216 -8.67 4.78 -41.96
CA HIS A 216 -9.35 3.72 -41.23
C HIS A 216 -10.85 4.01 -41.19
N LEU A 217 -11.64 2.95 -41.33
CA LEU A 217 -13.10 3.07 -41.41
C LEU A 217 -13.72 2.08 -40.45
N ILE A 218 -14.37 2.60 -39.40
CA ILE A 218 -15.11 1.77 -38.46
C ILE A 218 -16.56 1.73 -38.91
N GLU A 219 -17.03 2.86 -39.43
CA GLU A 219 -18.40 3.01 -39.90
C GLU A 219 -18.37 3.58 -41.32
N MET A 220 -19.46 3.34 -42.04
CA MET A 220 -19.53 3.66 -43.46
C MET A 220 -20.75 4.55 -43.68
N LYS A 221 -20.52 5.86 -43.53
CA LYS A 221 -21.58 6.85 -43.58
C LYS A 221 -22.02 7.09 -45.02
N THR A 222 -22.90 8.08 -45.19
CA THR A 222 -23.35 8.50 -46.51
C THR A 222 -23.44 10.01 -46.63
N CYS A 223 -23.12 10.77 -45.57
CA CYS A 223 -23.14 12.22 -45.65
C CYS A 223 -21.95 12.70 -46.48
N GLU A 224 -21.76 14.02 -46.50
CA GLU A 224 -20.74 14.66 -47.30
C GLU A 224 -19.63 15.23 -46.41
N TRP A 225 -18.42 15.17 -46.91
CA TRP A 225 -17.31 15.78 -46.20
C TRP A 225 -17.33 17.29 -46.40
N PRO A 226 -17.04 18.08 -45.37
CA PRO A 226 -17.08 19.54 -45.53
C PRO A 226 -15.88 20.07 -46.28
N LYS A 227 -15.96 21.35 -46.64
CA LYS A 227 -14.83 22.08 -47.19
C LYS A 227 -14.25 23.07 -46.19
N SER A 228 -15.04 23.56 -45.24
CA SER A 228 -14.54 24.54 -44.27
C SER A 228 -13.48 23.94 -43.35
N HIS A 229 -13.59 22.66 -43.01
CA HIS A 229 -12.58 22.00 -42.20
C HIS A 229 -11.70 21.08 -43.05
N THR A 230 -11.67 21.34 -44.36
CA THR A 230 -10.87 20.59 -45.32
C THR A 230 -9.75 21.49 -45.83
N LEU A 231 -8.56 20.92 -45.94
CA LEU A 231 -7.39 21.69 -46.33
C LEU A 231 -7.24 21.72 -47.84
N TRP A 232 -6.89 22.89 -48.37
CA TRP A 232 -6.61 23.07 -49.78
C TRP A 232 -7.84 22.73 -50.62
N THR A 233 -8.96 23.32 -50.24
CA THR A 233 -10.22 23.13 -50.94
C THR A 233 -10.23 23.78 -52.31
N ASP A 234 -9.11 24.36 -52.74
CA ASP A 234 -9.00 25.00 -54.03
C ASP A 234 -8.30 24.07 -55.00
N GLY A 235 -8.97 23.76 -56.12
CA GLY A 235 -8.41 22.90 -57.13
C GLY A 235 -8.43 21.42 -56.79
N VAL A 236 -9.61 20.84 -56.62
CA VAL A 236 -9.76 19.42 -56.34
C VAL A 236 -11.14 18.97 -56.79
N GLU A 237 -11.24 17.72 -57.24
CA GLU A 237 -12.48 17.15 -57.77
C GLU A 237 -12.92 15.95 -56.94
N GLU A 238 -14.08 15.42 -57.31
CA GLU A 238 -14.71 14.31 -56.59
C GLU A 238 -14.23 12.94 -57.07
N SER A 239 -14.00 12.77 -58.37
CA SER A 239 -13.63 11.46 -58.89
C SER A 239 -12.31 10.96 -58.29
N ASP A 240 -11.31 11.83 -58.18
CA ASP A 240 -10.03 11.45 -57.60
C ASP A 240 -10.10 11.24 -56.09
N LEU A 241 -11.19 11.66 -55.45
CA LEU A 241 -11.39 11.33 -54.05
C LEU A 241 -11.56 9.82 -53.94
N ILE A 242 -10.49 9.14 -53.51
CA ILE A 242 -10.56 7.69 -53.39
C ILE A 242 -11.73 7.31 -52.51
N ILE A 243 -11.96 8.06 -51.44
CA ILE A 243 -13.18 7.96 -50.66
C ILE A 243 -14.28 8.62 -51.48
N PRO A 244 -15.36 7.92 -51.83
CA PRO A 244 -16.42 8.57 -52.59
C PRO A 244 -16.97 9.76 -51.85
N LYS A 245 -17.24 10.84 -52.59
CA LYS A 245 -17.82 12.02 -51.96
C LYS A 245 -19.16 11.68 -51.33
N SER A 246 -20.00 10.93 -52.05
CA SER A 246 -21.26 10.49 -51.49
C SER A 246 -21.05 9.73 -50.18
N LEU A 247 -19.90 9.05 -50.05
CA LEU A 247 -19.50 8.42 -48.81
C LEU A 247 -18.68 9.36 -47.93
N ALA A 248 -18.97 10.66 -48.00
CA ALA A 248 -18.28 11.67 -47.19
C ALA A 248 -16.78 11.68 -47.50
N GLY A 249 -16.47 11.93 -48.77
CA GLY A 249 -15.11 12.01 -49.22
C GLY A 249 -14.60 13.44 -49.21
N PRO A 250 -13.52 13.71 -48.45
CA PRO A 250 -13.02 15.08 -48.37
C PRO A 250 -12.58 15.64 -49.72
N LEU A 251 -12.85 16.93 -49.92
CA LEU A 251 -12.50 17.62 -51.14
C LEU A 251 -11.21 18.39 -50.89
N SER A 252 -10.10 17.66 -50.88
CA SER A 252 -8.80 18.24 -50.65
C SER A 252 -7.78 17.62 -51.58
N HIS A 253 -6.70 18.36 -51.83
CA HIS A 253 -5.51 17.79 -52.43
C HIS A 253 -4.98 16.66 -51.58
N HIS A 254 -5.33 16.64 -50.30
CA HIS A 254 -4.91 15.61 -49.35
C HIS A 254 -5.78 14.36 -49.42
N ASN A 255 -6.88 14.39 -50.19
CA ASN A 255 -7.74 13.23 -50.38
C ASN A 255 -7.67 12.70 -51.81
N THR A 256 -6.46 12.67 -52.36
CA THR A 256 -6.28 12.18 -53.73
C THR A 256 -4.99 11.38 -53.80
N ARG A 257 -5.00 10.36 -54.65
CA ARG A 257 -3.84 9.51 -54.87
C ARG A 257 -3.63 9.32 -56.36
N GLU A 258 -2.37 9.15 -56.75
CA GLU A 258 -2.02 9.01 -58.16
C GLU A 258 -2.30 7.59 -58.63
N GLY A 259 -2.80 7.47 -59.86
CA GLY A 259 -3.07 6.17 -60.43
C GLY A 259 -4.29 5.47 -59.88
N TYR A 260 -5.13 6.17 -59.11
CA TYR A 260 -6.33 5.57 -58.54
C TYR A 260 -7.44 6.61 -58.53
N ARG A 261 -8.67 6.12 -58.52
CA ARG A 261 -9.86 6.96 -58.60
C ARG A 261 -10.81 6.62 -57.46
N THR A 262 -11.94 7.33 -57.43
CA THR A 262 -12.96 7.05 -56.43
C THR A 262 -13.39 5.59 -56.50
N GLN A 263 -13.57 4.97 -55.35
CA GLN A 263 -13.96 3.56 -55.26
C GLN A 263 -15.38 3.52 -54.72
N VAL A 264 -16.35 3.33 -55.62
CA VAL A 264 -17.76 3.33 -55.26
C VAL A 264 -18.30 1.96 -54.90
N LYS A 265 -17.74 0.90 -55.47
CA LYS A 265 -18.19 -0.47 -55.24
C LYS A 265 -17.27 -1.20 -54.27
N GLY A 266 -16.44 -0.45 -53.53
CA GLY A 266 -15.56 -1.06 -52.57
C GLY A 266 -16.34 -1.82 -51.53
N PRO A 267 -15.62 -2.41 -50.58
CA PRO A 267 -16.30 -3.17 -49.53
C PRO A 267 -17.04 -2.27 -48.56
N TRP A 268 -17.96 -1.48 -49.09
CA TRP A 268 -18.75 -0.59 -48.26
C TRP A 268 -19.77 -1.34 -47.44
N HIS A 269 -19.84 -2.65 -47.61
CA HIS A 269 -20.67 -3.52 -46.78
C HIS A 269 -19.99 -3.96 -45.50
N SER A 270 -18.67 -4.11 -45.50
CA SER A 270 -17.97 -4.59 -44.33
C SER A 270 -18.24 -3.68 -43.14
N GLU A 271 -18.47 -4.31 -41.98
CA GLU A 271 -18.66 -3.53 -40.76
C GLU A 271 -17.43 -2.70 -40.44
N GLU A 272 -16.25 -3.28 -40.58
CA GLU A 272 -14.99 -2.60 -40.31
C GLU A 272 -14.11 -2.66 -41.55
N LEU A 273 -13.36 -1.60 -41.78
CA LEU A 273 -12.53 -1.50 -42.96
C LEU A 273 -11.36 -0.56 -42.70
N GLU A 274 -10.27 -0.77 -43.44
CA GLU A 274 -9.12 0.10 -43.39
C GLU A 274 -8.49 0.14 -44.76
N ILE A 275 -7.93 1.28 -45.13
CA ILE A 275 -7.30 1.48 -46.42
C ILE A 275 -5.80 1.60 -46.18
N ARG A 276 -5.07 0.51 -46.44
CA ARG A 276 -3.63 0.47 -46.22
C ARG A 276 -2.93 0.29 -47.55
N PHE A 277 -1.91 1.12 -47.79
CA PHE A 277 -1.14 1.07 -49.03
C PHE A 277 -0.02 0.04 -48.87
N GLU A 278 -0.44 -1.22 -48.74
CA GLU A 278 0.48 -2.34 -48.57
C GLU A 278 -0.06 -3.54 -49.34
N GLU A 279 0.82 -4.22 -50.06
CA GLU A 279 0.42 -5.48 -50.68
C GLU A 279 -0.03 -6.43 -49.59
N CYS A 280 -1.20 -7.02 -49.77
CA CYS A 280 -1.72 -7.98 -48.81
C CYS A 280 -0.89 -9.25 -48.92
N PRO A 281 -0.77 -10.02 -47.83
CA PRO A 281 0.13 -11.18 -47.87
C PRO A 281 -0.18 -12.10 -49.03
N GLY A 282 0.88 -12.56 -49.70
CA GLY A 282 0.72 -13.49 -50.81
C GLY A 282 0.11 -12.89 -52.06
N THR A 283 0.08 -11.56 -52.19
CA THR A 283 -0.50 -10.91 -53.35
C THR A 283 0.41 -9.80 -53.82
N LYS A 284 0.98 -9.97 -55.02
CA LYS A 284 1.80 -8.96 -55.67
C LYS A 284 1.00 -8.37 -56.84
N VAL A 285 0.87 -7.06 -56.86
CA VAL A 285 0.08 -6.37 -57.86
C VAL A 285 1.00 -5.83 -58.94
N TYR A 286 0.66 -6.08 -60.19
CA TYR A 286 1.41 -5.60 -61.33
C TYR A 286 0.68 -4.45 -62.02
N VAL A 287 1.41 -3.74 -62.87
CA VAL A 287 0.87 -2.66 -63.68
C VAL A 287 1.20 -2.97 -65.14
N GLU A 288 0.17 -3.18 -65.95
CA GLU A 288 0.37 -3.54 -67.35
C GLU A 288 -0.80 -3.02 -68.17
N GLU A 289 -0.49 -2.32 -69.26
CA GLU A 289 -1.55 -1.87 -70.16
C GLU A 289 -2.39 -3.03 -70.66
N THR A 290 -1.80 -4.22 -70.75
CA THR A 290 -2.55 -5.38 -71.22
C THR A 290 -3.62 -5.80 -70.23
N CYS A 291 -3.42 -5.52 -68.95
CA CYS A 291 -4.40 -5.93 -67.95
C CYS A 291 -5.76 -5.29 -68.22
N GLY A 292 -6.77 -5.82 -67.55
CA GLY A 292 -8.12 -5.33 -67.72
C GLY A 292 -8.35 -3.99 -67.07
N THR A 293 -9.50 -3.42 -67.38
CA THR A 293 -9.90 -2.13 -66.83
C THR A 293 -10.43 -2.33 -65.41
N ARG A 294 -11.05 -1.29 -64.86
CA ARG A 294 -11.52 -1.33 -63.50
C ARG A 294 -12.67 -2.33 -63.35
N GLY A 295 -12.93 -2.72 -62.10
CA GLY A 295 -14.05 -3.58 -61.79
C GLY A 295 -14.36 -3.54 -60.31
N PRO A 296 -15.48 -4.12 -59.90
CA PRO A 296 -15.86 -4.06 -58.48
C PRO A 296 -14.79 -4.72 -57.61
N SER A 297 -14.57 -4.15 -56.42
CA SER A 297 -13.56 -4.68 -55.52
C SER A 297 -13.80 -6.16 -55.26
N LEU A 298 -12.77 -6.96 -55.53
CA LEU A 298 -12.80 -8.40 -55.28
C LEU A 298 -11.91 -8.70 -54.09
N ARG A 299 -12.41 -9.53 -53.18
CA ARG A 299 -11.61 -9.89 -52.02
C ARG A 299 -10.38 -10.69 -52.45
N SER A 300 -9.29 -10.51 -51.70
CA SER A 300 -8.06 -11.22 -52.00
C SER A 300 -8.21 -12.72 -51.90
N THR A 301 -9.23 -13.19 -51.17
CA THR A 301 -9.43 -14.61 -50.92
C THR A 301 -10.63 -15.12 -51.70
N THR A 302 -10.46 -16.26 -52.37
CA THR A 302 -11.58 -16.94 -52.97
C THR A 302 -12.47 -17.55 -51.89
N ALA A 303 -13.72 -17.85 -52.26
CA ALA A 303 -14.63 -18.48 -51.32
C ALA A 303 -14.03 -19.73 -50.69
N SER A 304 -13.26 -20.49 -51.49
CA SER A 304 -12.57 -21.66 -50.97
C SER A 304 -11.41 -21.30 -50.06
N GLY A 305 -11.04 -20.02 -49.98
CA GLY A 305 -9.93 -19.58 -49.17
C GLY A 305 -8.63 -19.44 -49.91
N ARG A 306 -8.50 -20.06 -51.08
CA ARG A 306 -7.28 -19.92 -51.86
C ARG A 306 -7.01 -18.47 -52.19
N VAL A 307 -5.77 -18.05 -52.04
CA VAL A 307 -5.37 -16.69 -52.26
C VAL A 307 -4.92 -16.53 -53.71
N ILE A 308 -5.03 -15.32 -54.22
CA ILE A 308 -4.63 -14.99 -55.58
C ILE A 308 -3.40 -14.11 -55.50
N GLU A 309 -2.26 -14.65 -55.96
CA GLU A 309 -0.97 -13.99 -55.83
C GLU A 309 -0.62 -13.15 -57.06
N GLU A 310 -1.52 -13.05 -58.02
CA GLU A 310 -1.27 -12.30 -59.25
C GLU A 310 -2.44 -11.36 -59.50
N TRP A 311 -2.20 -10.06 -59.30
CA TRP A 311 -3.16 -9.02 -59.63
C TRP A 311 -2.48 -8.00 -60.54
N CYS A 312 -3.26 -7.46 -61.47
CA CYS A 312 -2.73 -6.51 -62.45
C CYS A 312 -3.72 -5.36 -62.62
N CYS A 313 -3.30 -4.41 -63.45
CA CYS A 313 -4.12 -3.27 -63.85
C CYS A 313 -3.32 -2.50 -64.89
N ARG A 314 -3.90 -1.39 -65.35
CA ARG A 314 -3.33 -0.62 -66.44
C ARG A 314 -2.58 0.61 -65.96
N GLU A 315 -3.23 1.45 -65.15
CA GLU A 315 -2.68 2.77 -64.83
C GLU A 315 -2.61 3.03 -63.32
N CYS A 316 -2.08 2.07 -62.56
CA CYS A 316 -2.00 2.19 -61.11
C CYS A 316 -0.57 2.51 -60.67
N THR A 317 -0.46 3.32 -59.62
CA THR A 317 0.80 3.52 -58.93
C THR A 317 1.03 2.31 -58.04
N MET A 318 1.97 1.46 -58.45
CA MET A 318 2.08 0.13 -57.87
C MET A 318 2.69 0.19 -56.47
N PRO A 319 2.60 -0.91 -55.72
CA PRO A 319 1.72 -2.06 -55.98
C PRO A 319 0.33 -2.07 -55.31
N PRO A 320 0.13 -1.59 -54.07
CA PRO A 320 -1.13 -1.93 -53.38
C PRO A 320 -2.22 -0.89 -53.47
N LEU A 321 -3.47 -1.37 -53.49
CA LEU A 321 -4.63 -0.60 -53.05
C LEU A 321 -5.64 -1.65 -52.54
N SER A 322 -5.58 -1.93 -51.25
CA SER A 322 -6.36 -2.99 -50.65
C SER A 322 -7.08 -2.48 -49.41
N PHE A 323 -8.35 -2.83 -49.28
CA PHE A 323 -9.14 -2.50 -48.11
C PHE A 323 -8.92 -3.58 -47.06
N ARG A 324 -8.55 -3.16 -45.85
CA ARG A 324 -8.34 -4.09 -44.74
C ARG A 324 -9.69 -4.31 -44.07
N ALA A 325 -10.44 -5.28 -44.60
CA ALA A 325 -11.72 -5.66 -44.04
C ALA A 325 -11.53 -6.78 -43.03
N LYS A 326 -12.59 -7.02 -42.24
CA LYS A 326 -12.58 -8.16 -41.33
C LYS A 326 -12.56 -9.47 -42.10
N ASP A 327 -13.25 -9.52 -43.23
CA ASP A 327 -13.33 -10.72 -44.05
C ASP A 327 -12.13 -10.90 -44.97
N GLY A 328 -11.23 -9.93 -45.03
CA GLY A 328 -10.03 -10.04 -45.83
C GLY A 328 -9.72 -8.72 -46.49
N CYS A 329 -8.90 -8.81 -47.54
CA CYS A 329 -8.49 -7.66 -48.33
C CYS A 329 -9.38 -7.54 -49.55
N TRP A 330 -9.95 -6.36 -49.77
CA TRP A 330 -10.63 -6.01 -51.00
C TRP A 330 -9.70 -5.11 -51.80
N TYR A 331 -9.55 -5.39 -53.09
CA TYR A 331 -8.65 -4.61 -53.92
C TYR A 331 -9.44 -3.54 -54.69
N GLY A 332 -8.72 -2.51 -55.11
CA GLY A 332 -9.34 -1.40 -55.78
C GLY A 332 -9.97 -1.82 -57.09
N MET A 333 -10.69 -0.87 -57.69
CA MET A 333 -11.36 -1.17 -58.95
C MET A 333 -10.35 -1.41 -60.06
N GLU A 334 -9.31 -0.57 -60.14
CA GLU A 334 -8.32 -0.74 -61.20
C GLU A 334 -7.63 -2.09 -61.09
N ILE A 335 -7.26 -2.50 -59.87
CA ILE A 335 -6.57 -3.77 -59.69
C ILE A 335 -7.56 -4.91 -59.87
N ARG A 336 -7.27 -5.78 -60.82
CA ARG A 336 -8.11 -6.93 -61.12
C ARG A 336 -7.18 -8.14 -61.26
N PRO A 337 -7.70 -9.33 -60.99
CA PRO A 337 -6.83 -10.53 -61.08
C PRO A 337 -6.27 -10.69 -62.48
N ARG A 338 -4.98 -11.05 -62.53
CA ARG A 338 -4.32 -11.25 -63.81
C ARG A 338 -4.78 -12.53 -64.49
N LYS A 339 -4.87 -13.63 -63.73
CA LYS A 339 -5.26 -14.93 -64.25
C LYS A 339 -6.58 -15.42 -63.69
N GLU A 340 -6.78 -15.29 -62.40
CA GLU A 340 -8.02 -15.78 -61.79
C GLU A 340 -9.21 -15.05 -62.41
N PRO A 341 -10.26 -15.76 -62.81
CA PRO A 341 -11.43 -15.06 -63.37
C PRO A 341 -12.01 -14.08 -62.37
N GLU A 342 -12.47 -12.94 -62.89
CA GLU A 342 -13.05 -11.90 -62.04
C GLU A 342 -14.39 -12.34 -61.44
N SER A 343 -15.02 -13.38 -61.98
CA SER A 343 -16.27 -13.90 -61.45
C SER A 343 -16.05 -14.92 -60.34
N ASN A 344 -14.83 -15.43 -60.17
CA ASN A 344 -14.52 -16.41 -59.14
C ASN A 344 -14.24 -15.78 -57.79
N LEU A 345 -13.66 -14.58 -57.76
CA LEU A 345 -13.29 -13.95 -56.51
C LEU A 345 -14.53 -13.40 -55.81
N VAL A 346 -14.37 -13.13 -54.52
CA VAL A 346 -15.47 -12.58 -53.72
C VAL A 346 -15.64 -11.12 -54.11
N ARG A 347 -16.65 -10.84 -54.92
CA ARG A 347 -16.91 -9.48 -55.36
C ARG A 347 -17.50 -8.64 -54.24
N SER A 348 -17.14 -7.35 -54.22
CA SER A 348 -17.66 -6.47 -53.19
C SER A 348 -19.15 -6.25 -53.37
N MET A 349 -19.84 -6.04 -52.27
CA MET A 349 -21.29 -5.86 -52.31
C MET A 349 -21.63 -4.60 -53.09
N VAL A 350 -22.80 -4.62 -53.74
CA VAL A 350 -23.23 -3.50 -54.57
C VAL A 350 -23.48 -2.31 -53.64
N THR A 351 -22.56 -1.34 -53.66
CA THR A 351 -22.66 -0.19 -52.79
C THR A 351 -22.30 1.10 -53.51
N ALA A 352 -22.36 1.11 -54.84
CA ALA A 352 -22.04 2.30 -55.62
C ALA A 352 -22.89 3.48 -55.17
N ASP B 1 4.94 13.76 -30.99
CA ASP B 1 3.54 14.12 -31.32
C ASP B 1 2.59 13.73 -30.19
N VAL B 2 3.13 13.53 -29.00
CA VAL B 2 2.33 13.19 -27.82
C VAL B 2 2.62 14.21 -26.73
N GLY B 3 1.59 14.97 -26.36
CA GLY B 3 1.65 15.97 -25.32
C GLY B 3 0.23 16.16 -24.80
N CYS B 4 0.09 17.12 -23.88
CA CYS B 4 -1.20 17.33 -23.23
C CYS B 4 -1.69 18.76 -23.45
N SER B 5 -2.78 19.06 -22.74
CA SER B 5 -3.41 20.38 -22.78
C SER B 5 -4.10 20.61 -21.45
N VAL B 6 -4.12 21.86 -21.02
CA VAL B 6 -4.82 22.28 -19.80
C VAL B 6 -5.61 23.53 -20.17
N ASP B 7 -6.91 23.37 -20.36
CA ASP B 7 -7.74 24.49 -20.80
C ASP B 7 -7.76 25.59 -19.74
N PHE B 8 -8.00 26.81 -20.21
CA PHE B 8 -8.09 27.95 -19.29
C PHE B 8 -9.48 28.06 -18.68
N SER B 9 -10.51 28.18 -19.52
CA SER B 9 -11.88 28.30 -19.01
C SER B 9 -12.31 27.07 -18.23
N LYS B 10 -11.71 25.92 -18.51
CA LYS B 10 -12.00 24.68 -17.79
C LYS B 10 -10.70 24.06 -17.34
N LYS B 11 -10.73 23.42 -16.18
CA LYS B 11 -9.52 22.79 -15.64
C LYS B 11 -9.33 21.37 -16.15
N GLU B 12 -10.22 20.88 -17.02
CA GLU B 12 -10.13 19.50 -17.49
C GLU B 12 -8.78 19.25 -18.15
N THR B 13 -8.20 18.09 -17.86
CA THR B 13 -6.93 17.67 -18.43
C THR B 13 -7.03 16.24 -18.92
N ARG B 14 -6.31 15.96 -20.01
CA ARG B 14 -6.30 14.68 -20.68
C ARG B 14 -5.31 14.81 -21.83
N CYS B 15 -4.75 13.68 -22.27
CA CYS B 15 -3.80 13.79 -23.36
C CYS B 15 -3.40 12.43 -23.92
N GLY B 16 -2.61 12.49 -24.99
CA GLY B 16 -2.23 11.35 -25.79
C GLY B 16 -1.46 11.85 -27.01
N THR B 17 -1.85 11.41 -28.19
CA THR B 17 -1.28 11.92 -29.43
C THR B 17 -1.89 13.28 -29.78
N GLY B 18 -1.22 13.98 -30.69
CA GLY B 18 -1.75 15.24 -31.17
C GLY B 18 -0.73 15.98 -32.01
N VAL B 19 -1.20 17.08 -32.59
CA VAL B 19 -0.37 18.00 -33.36
C VAL B 19 -0.37 19.34 -32.64
N PHE B 20 0.75 20.05 -32.71
CA PHE B 20 1.01 21.15 -31.79
C PHE B 20 1.61 22.33 -32.53
N ILE B 21 1.20 23.54 -32.15
CA ILE B 21 1.76 24.77 -32.68
C ILE B 21 2.16 25.66 -31.52
N TYR B 22 3.09 26.59 -31.79
CA TYR B 22 3.63 27.46 -30.76
C TYR B 22 3.73 28.88 -31.30
N ASN B 23 3.73 29.84 -30.38
CA ASN B 23 3.78 31.26 -30.72
C ASN B 23 5.18 31.80 -30.41
N ASP B 24 5.78 32.48 -31.40
CA ASP B 24 7.11 33.05 -31.25
C ASP B 24 7.17 34.45 -31.86
N VAL B 25 6.08 35.20 -31.78
CA VAL B 25 6.09 36.61 -32.15
C VAL B 25 6.32 37.50 -30.94
N GLU B 26 5.85 37.05 -29.77
CA GLU B 26 6.13 37.76 -28.53
C GLU B 26 7.62 37.74 -28.18
N ALA B 27 8.28 36.61 -28.40
CA ALA B 27 9.69 36.47 -28.07
C ALA B 27 10.60 36.90 -29.20
N TRP B 28 10.06 37.57 -30.22
CA TRP B 28 10.84 38.03 -31.38
C TRP B 28 11.81 36.95 -31.84
N ARG B 29 11.24 35.80 -32.22
CA ARG B 29 12.05 34.63 -32.57
C ARG B 29 12.87 34.28 -31.32
N ASP B 30 14.10 33.82 -31.50
CA ASP B 30 15.03 33.58 -30.40
C ASP B 30 16.43 33.53 -30.99
N ARG B 31 17.43 33.33 -30.13
CA ARG B 31 18.80 33.25 -30.60
C ARG B 31 18.96 32.03 -31.48
N TYR B 32 19.30 32.24 -32.75
CA TYR B 32 19.52 31.15 -33.69
C TYR B 32 20.82 31.40 -34.44
N LYS B 33 21.45 30.30 -34.84
CA LYS B 33 22.78 30.39 -35.44
C LYS B 33 22.78 31.20 -36.72
N TYR B 34 21.72 31.11 -37.53
CA TYR B 34 21.62 31.87 -38.77
C TYR B 34 22.76 31.50 -39.72
N HIS B 35 22.72 30.26 -40.19
CA HIS B 35 23.61 29.82 -41.25
C HIS B 35 22.97 30.09 -42.61
N PRO B 36 23.33 31.19 -43.29
CA PRO B 36 22.85 31.37 -44.67
C PRO B 36 23.64 30.54 -45.67
N ASP B 37 23.04 29.44 -46.13
CA ASP B 37 23.74 28.52 -47.03
C ASP B 37 25.15 28.28 -46.53
N SER B 38 26.14 28.91 -47.16
CA SER B 38 27.52 28.89 -46.68
C SER B 38 28.01 30.33 -46.62
N PRO B 39 28.65 30.75 -45.53
CA PRO B 39 29.09 32.15 -45.46
C PRO B 39 30.01 32.54 -46.61
N ARG B 40 30.83 31.62 -47.11
CA ARG B 40 31.65 31.92 -48.28
C ARG B 40 30.80 32.23 -49.50
N ARG B 41 29.73 31.44 -49.70
CA ARG B 41 28.82 31.71 -50.81
C ARG B 41 28.05 33.01 -50.59
N LEU B 42 27.68 33.32 -49.34
CA LEU B 42 27.02 34.58 -49.07
C LEU B 42 27.94 35.76 -49.40
N ALA B 43 29.22 35.65 -49.03
CA ALA B 43 30.19 36.69 -49.38
C ALA B 43 30.36 36.79 -50.89
N ALA B 44 30.46 35.64 -51.57
CA ALA B 44 30.55 35.64 -53.03
C ALA B 44 29.30 36.18 -53.70
N ALA B 45 28.19 36.26 -52.97
CA ALA B 45 27.00 36.90 -53.51
C ALA B 45 27.24 38.38 -53.79
N VAL B 46 27.90 39.08 -52.87
CA VAL B 46 27.99 40.54 -52.97
C VAL B 46 29.01 40.99 -54.02
N LYS B 47 30.04 40.17 -54.31
CA LYS B 47 31.00 40.57 -55.32
C LYS B 47 30.33 40.75 -56.68
N GLN B 48 29.43 39.84 -57.05
CA GLN B 48 28.70 39.95 -58.30
C GLN B 48 27.48 40.84 -58.18
N ALA B 49 26.80 40.83 -57.02
CA ALA B 49 25.73 41.78 -56.81
C ALA B 49 26.26 43.21 -56.84
N TRP B 50 27.37 43.45 -56.15
CA TRP B 50 28.00 44.77 -56.19
C TRP B 50 28.45 45.11 -57.61
N GLU B 51 28.96 44.11 -58.33
CA GLU B 51 29.45 44.36 -59.69
C GLU B 51 28.32 44.81 -60.62
N GLU B 52 27.12 44.27 -60.45
CA GLU B 52 26.01 44.54 -61.35
C GLU B 52 25.04 45.55 -60.75
N GLY B 53 25.59 46.53 -60.02
CA GLY B 53 24.83 47.67 -59.58
C GLY B 53 24.06 47.49 -58.29
N ILE B 54 24.29 46.41 -57.55
CA ILE B 54 23.64 46.23 -56.26
C ILE B 54 24.56 46.85 -55.22
N CYS B 55 24.28 48.09 -54.85
CA CYS B 55 25.07 48.80 -53.85
C CYS B 55 24.52 48.64 -52.44
N GLY B 56 23.38 47.97 -52.29
CA GLY B 56 22.79 47.82 -50.97
C GLY B 56 21.65 46.82 -51.02
N ILE B 57 20.97 46.71 -49.88
CA ILE B 57 19.86 45.78 -49.71
C ILE B 57 18.80 46.42 -48.82
N SER B 58 17.54 46.12 -49.12
CA SER B 58 16.41 46.48 -48.28
C SER B 58 15.90 45.18 -47.65
N SER B 59 16.19 44.98 -46.36
CA SER B 59 15.84 43.75 -45.70
C SER B 59 14.32 43.61 -45.57
N VAL B 60 13.81 42.43 -45.85
CA VAL B 60 12.36 42.21 -45.79
C VAL B 60 11.88 42.19 -44.34
N SER B 61 12.65 41.56 -43.45
CA SER B 61 12.22 41.37 -42.06
C SER B 61 13.37 41.67 -41.12
N ARG B 62 13.03 41.77 -39.83
CA ARG B 62 14.05 42.00 -38.81
C ARG B 62 14.98 40.82 -38.67
N MET B 63 14.46 39.60 -38.86
CA MET B 63 15.34 38.45 -38.87
C MET B 63 16.49 38.66 -39.84
N GLU B 64 16.19 39.09 -41.06
CA GLU B 64 17.22 39.25 -42.08
C GLU B 64 18.27 40.28 -41.64
N ASN B 65 17.84 41.37 -41.02
CA ASN B 65 18.79 42.36 -40.51
C ASN B 65 19.69 41.74 -39.46
N ILE B 66 19.11 41.00 -38.52
CA ILE B 66 19.90 40.26 -37.55
C ILE B 66 20.92 39.39 -38.26
N MET B 67 20.49 38.77 -39.36
CA MET B 67 21.28 37.75 -40.04
C MET B 67 22.49 38.38 -40.73
N TRP B 68 22.25 39.43 -41.50
CA TRP B 68 23.35 40.17 -42.14
C TRP B 68 24.24 40.82 -41.10
N LYS B 69 23.65 41.46 -40.10
CA LYS B 69 24.44 42.11 -39.07
C LYS B 69 25.28 41.10 -38.31
N SER B 70 24.70 39.94 -38.00
CA SER B 70 25.39 38.93 -37.20
C SER B 70 26.61 38.36 -37.90
N VAL B 71 26.74 38.55 -39.20
CA VAL B 71 27.87 38.00 -39.95
C VAL B 71 28.58 39.13 -40.67
N GLU B 72 28.14 40.37 -40.44
CA GLU B 72 28.68 41.51 -41.16
C GLU B 72 30.20 41.54 -41.08
N GLY B 73 30.74 41.45 -39.86
CA GLY B 73 32.19 41.50 -39.71
C GLY B 73 32.89 40.34 -40.39
N GLU B 74 32.34 39.14 -40.24
CA GLU B 74 32.95 37.97 -40.87
C GLU B 74 32.94 38.10 -42.39
N LEU B 75 31.87 38.66 -42.96
CA LEU B 75 31.79 38.82 -44.40
C LEU B 75 33.01 39.55 -44.94
N ASN B 76 33.55 40.49 -44.17
CA ASN B 76 34.72 41.24 -44.59
C ASN B 76 35.98 40.38 -44.66
N ALA B 77 36.04 39.29 -43.91
CA ALA B 77 37.24 38.47 -43.84
C ALA B 77 37.22 37.27 -44.79
N ILE B 78 36.06 36.86 -45.28
CA ILE B 78 36.01 35.72 -46.19
C ILE B 78 36.68 36.08 -47.51
N LEU B 79 36.54 37.34 -47.94
CA LEU B 79 37.01 37.78 -49.24
C LEU B 79 38.46 38.25 -49.22
N GLU B 80 39.16 38.13 -48.09
CA GLU B 80 40.55 38.57 -48.01
C GLU B 80 41.52 37.62 -48.70
N GLU B 81 41.13 36.35 -48.93
CA GLU B 81 42.01 35.42 -49.63
C GLU B 81 42.08 35.70 -51.13
N ASN B 82 41.03 36.25 -51.72
CA ASN B 82 40.98 36.53 -53.14
C ASN B 82 40.94 38.03 -53.36
N GLY B 83 41.22 38.44 -54.59
CA GLY B 83 41.32 39.85 -54.92
C GLY B 83 39.98 40.57 -54.95
N VAL B 84 39.28 40.56 -53.82
CA VAL B 84 37.98 41.21 -53.69
C VAL B 84 38.08 42.22 -52.55
N GLN B 85 37.59 43.43 -52.78
CA GLN B 85 37.71 44.54 -51.83
C GLN B 85 36.32 45.13 -51.61
N LEU B 86 35.60 44.58 -50.63
CA LEU B 86 34.28 45.07 -50.26
C LEU B 86 34.18 45.14 -48.74
N THR B 87 33.30 46.03 -48.27
CA THR B 87 33.03 46.21 -46.86
C THR B 87 31.52 46.31 -46.67
N VAL B 88 30.96 45.42 -45.87
CA VAL B 88 29.51 45.36 -45.69
C VAL B 88 29.12 46.20 -44.49
N VAL B 89 28.13 47.07 -44.68
CA VAL B 89 27.60 47.94 -43.63
C VAL B 89 26.12 47.63 -43.47
N VAL B 90 25.71 47.31 -42.25
CA VAL B 90 24.32 47.00 -41.93
C VAL B 90 23.81 48.08 -40.98
N GLY B 91 22.71 48.72 -41.36
CA GLY B 91 22.09 49.74 -40.55
C GLY B 91 20.73 49.29 -40.04
N SER B 92 20.21 50.08 -39.10
CA SER B 92 18.91 49.77 -38.50
C SER B 92 17.83 49.73 -39.58
N VAL B 93 16.91 48.79 -39.44
CA VAL B 93 15.83 48.65 -40.40
C VAL B 93 14.75 49.70 -40.14
N LYS B 94 14.43 50.48 -41.16
CA LYS B 94 13.32 51.41 -41.10
C LYS B 94 12.06 50.73 -41.58
N ASN B 95 10.95 51.03 -40.91
CA ASN B 95 9.68 50.41 -41.24
C ASN B 95 8.74 51.42 -41.89
N PRO B 96 7.81 50.94 -42.72
CA PRO B 96 7.64 49.54 -43.14
C PRO B 96 8.75 49.11 -44.06
N MET B 97 9.13 47.83 -44.02
CA MET B 97 10.25 47.37 -44.82
C MET B 97 9.87 47.39 -46.29
N TRP B 98 10.17 48.51 -46.95
CA TRP B 98 9.85 48.65 -48.35
C TRP B 98 10.57 47.56 -49.15
N ARG B 99 10.15 47.42 -50.41
CA ARG B 99 10.70 46.37 -51.25
C ARG B 99 11.96 46.87 -51.94
N GLY B 100 12.62 45.94 -52.62
CA GLY B 100 13.83 46.22 -53.34
C GLY B 100 13.78 45.57 -54.69
N PRO B 101 13.77 46.36 -55.77
CA PRO B 101 13.62 45.77 -57.10
C PRO B 101 14.71 44.79 -57.45
N GLN B 102 15.88 44.92 -56.85
CA GLN B 102 16.96 43.98 -57.07
C GLN B 102 16.76 42.74 -56.21
N ARG B 103 17.61 41.74 -56.47
CA ARG B 103 17.63 40.53 -55.68
C ARG B 103 19.07 40.07 -55.53
N LEU B 104 19.31 39.25 -54.52
CA LEU B 104 20.64 38.70 -54.32
C LEU B 104 20.86 37.53 -55.27
N PRO B 105 21.88 37.59 -56.13
CA PRO B 105 22.09 36.49 -57.08
C PRO B 105 22.56 35.21 -56.40
N VAL B 106 22.80 34.16 -57.19
CA VAL B 106 23.24 32.87 -56.71
C VAL B 106 24.55 32.51 -57.42
N PRO B 107 25.69 32.73 -56.77
CA PRO B 107 26.97 32.40 -57.42
C PRO B 107 27.03 30.93 -57.82
N VAL B 108 27.64 30.66 -58.99
CA VAL B 108 27.82 29.31 -59.48
C VAL B 108 29.21 28.75 -59.21
N ASN B 109 30.15 29.60 -58.81
CA ASN B 109 31.52 29.17 -58.55
C ASN B 109 31.95 29.63 -57.17
N GLU B 110 32.80 28.82 -56.54
CA GLU B 110 33.32 29.09 -55.21
C GLU B 110 34.72 29.67 -55.31
N LEU B 111 35.05 30.56 -54.38
CA LEU B 111 36.38 31.15 -54.32
C LEU B 111 37.32 30.17 -53.63
N PRO B 112 38.43 29.76 -54.25
CA PRO B 112 39.36 28.86 -53.57
C PRO B 112 40.06 29.55 -52.41
N HIS B 113 39.70 29.17 -51.18
CA HIS B 113 40.28 29.79 -49.99
C HIS B 113 39.98 28.91 -48.79
N GLY B 114 40.61 29.24 -47.67
CA GLY B 114 40.34 28.50 -46.44
C GLY B 114 38.88 28.61 -46.04
N TRP B 115 38.33 27.51 -45.54
CA TRP B 115 36.92 27.43 -45.18
C TRP B 115 36.66 27.82 -43.74
N LYS B 116 37.48 28.71 -43.17
CA LYS B 116 37.36 29.13 -41.79
C LYS B 116 36.22 30.11 -41.56
N ALA B 117 35.32 30.29 -42.53
CA ALA B 117 34.27 31.29 -42.40
C ALA B 117 33.42 31.04 -41.18
N TRP B 118 33.01 29.79 -40.97
CA TRP B 118 32.17 29.40 -39.85
C TRP B 118 32.99 28.67 -38.81
N GLY B 119 32.72 28.97 -37.53
CA GLY B 119 33.41 28.29 -36.46
C GLY B 119 34.85 28.73 -36.27
N LYS B 120 35.21 29.92 -36.74
CA LYS B 120 36.56 30.42 -36.53
C LYS B 120 36.81 30.69 -35.05
N SER B 121 38.06 30.52 -34.64
CA SER B 121 38.48 30.75 -33.27
C SER B 121 38.92 32.18 -33.02
N TYR B 122 38.38 33.14 -33.77
CA TYR B 122 38.72 34.55 -33.61
C TYR B 122 40.17 34.76 -34.05
N PHE B 123 40.75 35.92 -33.77
CA PHE B 123 42.11 36.22 -34.17
C PHE B 123 42.23 36.28 -35.69
N VAL B 124 41.43 37.14 -36.32
CA VAL B 124 41.47 37.34 -37.76
C VAL B 124 40.71 38.62 -38.07
N ARG B 125 41.16 39.33 -39.10
CA ARG B 125 40.59 40.61 -39.49
C ARG B 125 40.57 40.73 -41.00
N ALA B 126 40.12 41.89 -41.49
CA ALA B 126 40.03 42.15 -42.91
C ALA B 126 40.38 43.62 -43.16
N ALA B 127 40.67 43.92 -44.42
CA ALA B 127 41.04 45.27 -44.81
C ALA B 127 39.80 46.04 -45.26
N LYS B 128 39.54 47.17 -44.63
CA LYS B 128 38.42 48.02 -45.02
C LYS B 128 38.67 48.61 -46.40
N THR B 129 37.59 48.95 -47.09
CA THR B 129 37.66 49.48 -48.44
C THR B 129 36.70 50.65 -48.56
N ASN B 130 37.05 51.58 -49.47
CA ASN B 130 36.23 52.78 -49.65
C ASN B 130 34.83 52.42 -50.12
N ASN B 131 34.71 51.49 -51.06
CA ASN B 131 33.41 51.10 -51.56
C ASN B 131 32.62 50.38 -50.48
N SER B 132 31.36 50.77 -50.30
CA SER B 132 30.51 50.26 -49.24
C SER B 132 29.23 49.67 -49.83
N PHE B 133 28.94 48.44 -49.43
CA PHE B 133 27.67 47.77 -49.73
C PHE B 133 26.76 48.03 -48.53
N VAL B 134 25.83 48.96 -48.69
CA VAL B 134 25.06 49.47 -47.56
C VAL B 134 23.78 48.65 -47.40
N VAL B 135 23.60 48.07 -46.21
CA VAL B 135 22.43 47.26 -45.92
C VAL B 135 21.48 48.03 -45.01
N ASP B 136 20.48 48.67 -45.60
CA ASP B 136 19.49 49.40 -44.83
C ASP B 136 20.16 50.47 -43.97
N GLY B 137 19.37 51.11 -43.11
CA GLY B 137 19.89 52.18 -42.26
C GLY B 137 19.57 53.54 -42.86
N ASP B 138 20.58 54.39 -42.94
CA ASP B 138 20.46 55.73 -43.50
C ASP B 138 21.46 55.92 -44.64
N THR B 139 21.58 54.91 -45.48
CA THR B 139 22.48 54.91 -46.63
C THR B 139 21.70 55.07 -47.94
N LEU B 140 20.63 55.86 -47.90
CA LEU B 140 19.83 56.08 -49.10
C LEU B 140 20.66 56.69 -50.21
N LYS B 141 21.50 57.67 -49.88
CA LYS B 141 22.35 58.31 -50.88
C LYS B 141 23.51 57.42 -51.29
N GLU B 142 24.13 56.72 -50.34
CA GLU B 142 25.21 55.82 -50.70
C GLU B 142 24.70 54.70 -51.60
N CYS B 143 23.41 54.38 -51.52
CA CYS B 143 22.84 53.38 -52.42
C CYS B 143 21.39 53.70 -52.78
N PRO B 144 21.08 53.90 -54.06
CA PRO B 144 19.68 54.09 -54.45
C PRO B 144 18.86 52.84 -54.19
N LEU B 145 17.55 53.06 -53.96
CA LEU B 145 16.66 51.93 -53.72
C LEU B 145 16.63 50.99 -54.92
N GLU B 146 16.61 51.55 -56.13
CA GLU B 146 16.57 50.71 -57.32
C GLU B 146 17.75 49.75 -57.36
N HIS B 147 18.86 50.12 -56.73
CA HIS B 147 20.02 49.25 -56.63
C HIS B 147 20.00 48.37 -55.39
N ARG B 148 18.94 48.44 -54.58
CA ARG B 148 18.83 47.61 -53.40
C ARG B 148 17.97 46.38 -53.67
N ALA B 149 18.35 45.27 -53.05
CA ALA B 149 17.63 44.02 -53.18
C ALA B 149 16.69 43.83 -52.00
N TRP B 150 15.89 42.78 -52.06
CA TRP B 150 14.84 42.57 -51.07
C TRP B 150 14.18 41.21 -51.30
N ASN B 151 13.71 40.57 -50.24
CA ASN B 151 13.00 39.30 -50.34
C ASN B 151 13.70 38.37 -51.33
N SER B 152 14.99 38.15 -51.08
CA SER B 152 15.82 37.29 -51.91
C SER B 152 16.42 36.17 -51.07
N PHE B 153 15.64 35.67 -50.11
CA PHE B 153 16.08 34.61 -49.22
C PHE B 153 14.94 33.61 -49.04
N LEU B 154 15.30 32.37 -48.73
CA LEU B 154 14.33 31.31 -48.52
C LEU B 154 14.78 30.45 -47.35
N VAL B 155 13.86 30.13 -46.45
CA VAL B 155 14.19 29.30 -45.30
C VAL B 155 14.26 27.85 -45.73
N GLU B 156 15.25 27.14 -45.19
CA GLU B 156 15.42 25.71 -45.43
C GLU B 156 15.20 24.88 -44.18
N ASP B 157 15.89 25.19 -43.08
CA ASP B 157 15.70 24.49 -41.82
C ASP B 157 15.67 25.50 -40.69
N HIS B 158 14.76 25.29 -39.75
CA HIS B 158 14.63 26.14 -38.57
C HIS B 158 14.38 25.29 -37.33
N GLY B 159 14.94 24.08 -37.28
CA GLY B 159 14.74 23.17 -36.17
C GLY B 159 15.82 23.24 -35.11
N PHE B 160 16.22 22.08 -34.60
CA PHE B 160 17.22 22.00 -33.53
C PHE B 160 16.84 22.88 -32.36
N GLY B 161 15.56 22.83 -31.98
CA GLY B 161 15.08 23.62 -30.87
C GLY B 161 15.53 23.14 -29.50
N VAL B 162 16.27 22.04 -29.44
CA VAL B 162 16.75 21.51 -28.16
C VAL B 162 18.08 22.16 -27.82
N PHE B 163 19.07 21.96 -28.68
CA PHE B 163 20.45 22.32 -28.38
C PHE B 163 21.08 23.28 -29.38
N HIS B 164 20.88 23.07 -30.68
CA HIS B 164 21.63 23.86 -31.67
C HIS B 164 20.86 25.09 -32.13
N THR B 165 19.55 24.95 -32.36
CA THR B 165 18.67 26.09 -32.66
C THR B 165 19.24 26.96 -33.78
N SER B 166 19.48 26.34 -34.94
CA SER B 166 20.02 27.03 -36.09
C SER B 166 18.92 27.27 -37.12
N VAL B 167 18.76 28.52 -37.53
CA VAL B 167 17.85 28.88 -38.62
C VAL B 167 18.67 28.79 -39.90
N TRP B 168 18.81 27.58 -40.43
CA TRP B 168 19.53 27.38 -41.69
C TRP B 168 18.75 28.03 -42.83
N LEU B 169 19.48 28.54 -43.83
CA LEU B 169 18.90 29.37 -44.87
C LEU B 169 19.65 29.19 -46.18
N LYS B 170 19.03 29.69 -47.25
CA LYS B 170 19.62 29.75 -48.58
C LYS B 170 19.02 30.94 -49.32
N VAL B 171 19.86 31.69 -50.04
CA VAL B 171 19.35 32.73 -50.92
C VAL B 171 18.30 32.12 -51.83
N ARG B 172 17.09 32.67 -51.79
CA ARG B 172 16.04 32.15 -52.65
C ARG B 172 16.47 32.37 -54.09
N GLU B 173 16.68 31.28 -54.81
CA GLU B 173 17.04 31.38 -56.20
C GLU B 173 15.89 31.89 -57.06
N ASP B 174 14.70 32.01 -56.48
CA ASP B 174 13.50 32.39 -57.21
C ASP B 174 12.99 33.73 -56.71
N TYR B 175 12.79 34.65 -57.66
CA TYR B 175 12.25 35.97 -57.35
C TYR B 175 10.82 35.79 -56.84
N SER B 176 10.64 35.86 -55.53
CA SER B 176 9.33 35.65 -54.92
C SER B 176 8.90 36.90 -54.18
N LEU B 177 7.67 37.33 -54.46
CA LEU B 177 7.05 38.42 -53.72
C LEU B 177 6.25 37.93 -52.53
N GLU B 178 5.81 36.68 -52.54
CA GLU B 178 5.09 36.12 -51.41
C GLU B 178 6.05 35.84 -50.26
N CYS B 179 5.46 35.59 -49.10
CA CYS B 179 6.24 35.29 -47.92
C CYS B 179 6.60 33.80 -47.91
N ASP B 180 7.45 33.41 -46.96
CA ASP B 180 7.96 32.04 -46.90
C ASP B 180 7.05 31.18 -46.04
N PRO B 181 6.50 30.05 -46.54
CA PRO B 181 5.48 29.32 -45.78
C PRO B 181 6.01 28.48 -44.63
N ALA B 182 7.34 28.27 -44.54
CA ALA B 182 7.87 27.26 -43.63
C ALA B 182 7.57 27.59 -42.18
N VAL B 183 7.83 28.82 -41.76
CA VAL B 183 7.78 29.19 -40.34
C VAL B 183 6.37 29.58 -39.94
N ILE B 184 5.42 29.39 -40.82
CA ILE B 184 4.04 29.79 -40.55
C ILE B 184 3.37 28.71 -39.72
N GLY B 185 2.60 29.14 -38.74
CA GLY B 185 1.81 28.24 -37.95
C GLY B 185 0.34 28.62 -37.99
N THR B 186 -0.52 27.65 -38.23
CA THR B 186 -1.95 27.92 -38.26
C THR B 186 -2.73 26.63 -38.09
N ALA B 187 -3.95 26.77 -37.58
CA ALA B 187 -4.90 25.68 -37.50
C ALA B 187 -6.21 26.24 -36.98
N VAL B 188 -7.27 25.46 -37.15
CA VAL B 188 -8.62 25.89 -36.81
C VAL B 188 -9.31 24.77 -36.06
N LYS B 189 -10.04 25.12 -35.01
CA LYS B 189 -10.79 24.13 -34.23
C LYS B 189 -12.02 24.80 -33.68
N GLY B 190 -13.16 24.13 -33.75
CA GLY B 190 -14.37 24.63 -33.13
C GLY B 190 -14.72 26.02 -33.61
N ARG B 191 -14.55 27.00 -32.73
CA ARG B 191 -14.86 28.39 -33.02
C ARG B 191 -13.61 29.24 -33.13
N GLU B 192 -12.43 28.62 -33.25
CA GLU B 192 -11.18 29.36 -33.18
C GLU B 192 -10.21 28.91 -34.26
N ALA B 193 -9.44 29.88 -34.75
CA ALA B 193 -8.30 29.64 -35.62
C ALA B 193 -7.34 30.81 -35.47
N ALA B 194 -6.08 30.57 -35.83
CA ALA B 194 -5.06 31.59 -35.64
C ALA B 194 -3.86 31.26 -36.51
N HIS B 195 -3.48 32.22 -37.35
CA HIS B 195 -2.26 32.12 -38.13
C HIS B 195 -1.10 32.65 -37.31
N SER B 196 0.12 32.29 -37.70
CA SER B 196 1.29 32.70 -36.96
C SER B 196 2.52 32.54 -37.83
N ASP B 197 3.50 33.42 -37.62
CA ASP B 197 4.75 33.39 -38.36
C ASP B 197 5.84 33.95 -37.48
N LEU B 198 6.97 34.31 -38.08
CA LEU B 198 8.12 34.81 -37.33
C LEU B 198 7.98 36.27 -36.91
N GLY B 199 7.09 37.03 -37.55
CA GLY B 199 6.98 38.44 -37.24
C GLY B 199 5.56 38.87 -36.93
N TYR B 200 4.60 37.98 -37.15
CA TYR B 200 3.19 38.29 -37.01
C TYR B 200 2.48 37.18 -36.25
N TRP B 201 1.51 37.57 -35.45
CA TRP B 201 0.55 36.65 -34.87
C TRP B 201 -0.83 37.08 -35.31
N ILE B 202 -1.69 36.11 -35.62
CA ILE B 202 -3.05 36.38 -36.06
C ILE B 202 -4.01 35.49 -35.31
N GLU B 203 -5.18 36.04 -34.99
CA GLU B 203 -6.25 35.34 -34.30
C GLU B 203 -7.52 35.38 -35.15
N SER B 204 -8.30 34.32 -35.08
CA SER B 204 -9.58 34.27 -35.79
C SER B 204 -10.55 33.41 -34.99
N GLU B 205 -11.62 34.05 -34.54
CA GLU B 205 -12.68 33.42 -33.76
C GLU B 205 -13.94 33.37 -34.61
N LYS B 206 -14.70 32.30 -34.45
CA LYS B 206 -15.99 32.16 -35.11
C LYS B 206 -16.96 33.05 -34.34
N ASN B 207 -16.85 34.37 -34.55
CA ASN B 207 -17.79 35.29 -33.94
C ASN B 207 -19.11 35.25 -34.69
N ASP B 208 -19.08 35.54 -35.99
CA ASP B 208 -20.22 35.29 -36.86
C ASP B 208 -19.64 34.99 -38.24
N THR B 209 -19.51 33.70 -38.56
CA THR B 209 -18.78 33.21 -39.75
C THR B 209 -17.28 33.58 -39.73
N TRP B 210 -16.62 33.64 -38.56
CA TRP B 210 -15.23 34.08 -38.48
C TRP B 210 -15.06 35.56 -38.85
N ARG B 211 -14.01 36.16 -38.32
CA ARG B 211 -13.67 37.55 -38.58
C ARG B 211 -12.27 37.79 -38.03
N LEU B 212 -11.85 39.05 -38.00
CA LEU B 212 -10.55 39.43 -37.44
C LEU B 212 -10.69 39.70 -35.95
N LYS B 213 -9.82 39.06 -35.16
CA LYS B 213 -9.89 39.13 -33.70
C LYS B 213 -8.76 39.95 -33.10
N ARG B 214 -7.51 39.55 -33.33
CA ARG B 214 -6.39 40.32 -32.80
C ARG B 214 -5.09 39.77 -33.37
N ALA B 215 -4.14 40.66 -33.59
CA ALA B 215 -2.87 40.30 -34.20
C ALA B 215 -1.81 41.27 -33.68
N HIS B 216 -0.56 40.85 -33.78
CA HIS B 216 0.56 41.69 -33.41
C HIS B 216 1.61 41.73 -34.52
N LEU B 217 2.25 42.88 -34.65
CA LEU B 217 3.23 43.12 -35.71
C LEU B 217 4.51 43.59 -35.06
N ILE B 218 5.59 42.83 -35.22
CA ILE B 218 6.91 43.24 -34.77
C ILE B 218 7.78 43.68 -35.94
N GLU B 219 7.23 43.73 -37.14
CA GLU B 219 8.02 44.05 -38.32
C GLU B 219 7.08 44.13 -39.51
N MET B 220 7.23 45.20 -40.30
CA MET B 220 6.36 45.48 -41.44
C MET B 220 7.06 45.00 -42.70
N LYS B 221 6.86 43.73 -43.01
CA LYS B 221 7.31 43.17 -44.27
C LYS B 221 6.45 43.69 -45.41
N THR B 222 6.89 43.45 -46.64
CA THR B 222 6.14 43.87 -47.81
C THR B 222 5.98 42.71 -48.79
N CYS B 223 5.92 41.49 -48.27
CA CYS B 223 5.68 40.31 -49.08
C CYS B 223 4.17 40.05 -49.15
N GLU B 224 3.80 38.87 -49.64
CA GLU B 224 2.41 38.51 -49.83
C GLU B 224 2.11 37.16 -49.19
N TRP B 225 0.86 37.00 -48.81
CA TRP B 225 0.42 35.85 -48.04
C TRP B 225 -0.06 34.73 -48.96
N PRO B 226 0.55 33.54 -48.89
CA PRO B 226 0.06 32.42 -49.70
C PRO B 226 -1.32 31.95 -49.26
N LYS B 227 -2.07 31.45 -50.24
CA LYS B 227 -3.44 31.01 -50.04
C LYS B 227 -3.56 29.55 -49.60
N SER B 228 -2.69 28.66 -50.07
CA SER B 228 -2.84 27.25 -49.77
C SER B 228 -2.77 26.96 -48.28
N HIS B 229 -2.31 27.90 -47.47
CA HIS B 229 -2.20 27.71 -46.03
C HIS B 229 -3.21 28.56 -45.26
N THR B 230 -3.91 29.49 -45.91
CA THR B 230 -4.87 30.37 -45.26
C THR B 230 -6.29 29.84 -45.48
N LEU B 231 -7.14 29.97 -44.46
CA LEU B 231 -8.51 29.48 -44.55
C LEU B 231 -9.39 30.26 -45.51
N TRP B 232 -10.28 29.50 -46.18
CA TRP B 232 -11.18 30.06 -47.17
C TRP B 232 -10.44 30.98 -48.15
N THR B 233 -9.53 30.38 -48.92
CA THR B 233 -8.80 31.12 -49.95
C THR B 233 -9.77 31.85 -50.86
N ASP B 234 -10.73 31.11 -51.36
CA ASP B 234 -11.80 31.68 -52.15
C ASP B 234 -12.75 32.47 -51.25
N GLY B 235 -13.16 33.63 -51.72
CA GLY B 235 -14.22 34.39 -51.08
C GLY B 235 -13.81 35.62 -50.30
N VAL B 236 -12.71 36.30 -50.66
CA VAL B 236 -12.31 37.52 -49.99
C VAL B 236 -11.50 38.38 -50.97
N GLU B 237 -11.70 39.69 -50.88
CA GLU B 237 -10.95 40.65 -51.68
C GLU B 237 -9.74 41.16 -50.92
N GLU B 238 -8.81 41.74 -51.67
CA GLU B 238 -7.60 42.29 -51.07
C GLU B 238 -7.83 43.64 -50.40
N SER B 239 -8.88 44.36 -50.77
CA SER B 239 -9.15 45.66 -50.18
C SER B 239 -9.71 45.57 -48.77
N ASP B 240 -10.53 44.57 -48.48
CA ASP B 240 -11.09 44.40 -47.15
C ASP B 240 -10.15 43.68 -46.20
N LEU B 241 -9.03 43.16 -46.70
CA LEU B 241 -7.97 42.70 -45.81
C LEU B 241 -7.47 43.90 -45.04
N ILE B 242 -7.89 44.01 -43.78
CA ILE B 242 -7.53 45.18 -42.99
C ILE B 242 -6.02 45.39 -43.06
N ILE B 243 -5.27 44.32 -43.23
CA ILE B 243 -3.86 44.38 -43.56
C ILE B 243 -3.74 44.41 -45.08
N PRO B 244 -3.18 45.46 -45.68
CA PRO B 244 -2.93 45.41 -47.12
C PRO B 244 -2.11 44.19 -47.48
N LYS B 245 -2.51 43.51 -48.55
CA LYS B 245 -1.75 42.35 -48.99
C LYS B 245 -0.31 42.70 -49.29
N SER B 246 -0.07 43.95 -49.70
CA SER B 246 1.31 44.41 -49.90
C SER B 246 2.14 44.14 -48.66
N LEU B 247 1.58 44.37 -47.48
CA LEU B 247 2.21 44.04 -46.22
C LEU B 247 2.02 42.57 -45.84
N ALA B 248 1.76 41.72 -46.84
CA ALA B 248 1.55 40.28 -46.62
C ALA B 248 0.22 40.02 -45.94
N GLY B 249 -0.75 40.90 -46.20
CA GLY B 249 -2.09 40.72 -45.69
C GLY B 249 -2.64 39.37 -46.12
N PRO B 250 -3.06 38.53 -45.16
CA PRO B 250 -3.63 37.23 -45.54
C PRO B 250 -4.89 37.38 -46.36
N LEU B 251 -5.05 36.44 -47.30
CA LEU B 251 -6.22 36.39 -48.15
C LEU B 251 -7.15 35.32 -47.58
N SER B 252 -8.02 35.73 -46.67
CA SER B 252 -8.95 34.80 -46.04
C SER B 252 -10.09 35.62 -45.46
N HIS B 253 -11.27 35.01 -45.42
CA HIS B 253 -12.39 35.64 -44.74
C HIS B 253 -12.01 36.02 -43.32
N HIS B 254 -11.19 35.20 -42.68
CA HIS B 254 -10.77 35.48 -41.31
C HIS B 254 -9.98 36.78 -41.24
N ASN B 255 -9.38 37.21 -42.35
CA ASN B 255 -8.65 38.48 -42.40
C ASN B 255 -9.54 39.55 -43.05
N THR B 256 -10.37 40.17 -42.22
CA THR B 256 -11.17 41.31 -42.64
C THR B 256 -11.93 41.84 -41.43
N ARG B 257 -12.47 43.05 -41.57
CA ARG B 257 -13.29 43.64 -40.53
C ARG B 257 -14.43 44.40 -41.17
N GLU B 258 -15.60 44.29 -40.55
CA GLU B 258 -16.76 45.07 -40.96
C GLU B 258 -16.52 46.55 -40.69
N GLY B 259 -16.92 47.39 -41.64
CA GLY B 259 -16.76 48.82 -41.50
C GLY B 259 -15.34 49.32 -41.60
N TYR B 260 -14.37 48.43 -41.87
CA TYR B 260 -12.98 48.81 -42.00
C TYR B 260 -12.38 48.15 -43.23
N ARG B 261 -11.58 48.89 -43.95
CA ARG B 261 -10.94 48.45 -45.18
C ARG B 261 -9.44 48.26 -44.93
N THR B 262 -8.73 47.85 -45.97
CA THR B 262 -7.29 47.74 -45.87
C THR B 262 -6.70 49.07 -45.46
N GLN B 263 -5.80 49.04 -44.48
CA GLN B 263 -5.22 50.26 -43.91
C GLN B 263 -3.87 50.49 -44.58
N VAL B 264 -3.92 51.00 -45.81
CA VAL B 264 -2.69 51.26 -46.55
C VAL B 264 -1.90 52.40 -45.94
N LYS B 265 -2.57 53.35 -45.29
CA LYS B 265 -1.90 54.50 -44.68
C LYS B 265 -1.73 54.30 -43.18
N GLY B 266 -1.82 53.07 -42.72
CA GLY B 266 -1.66 52.79 -41.31
C GLY B 266 -0.24 53.05 -40.86
N PRO B 267 -0.05 52.98 -39.55
CA PRO B 267 1.27 53.28 -38.96
C PRO B 267 2.24 52.12 -39.18
N TRP B 268 2.52 51.82 -40.44
CA TRP B 268 3.45 50.76 -40.80
C TRP B 268 4.90 51.17 -40.61
N HIS B 269 5.12 52.31 -39.97
CA HIS B 269 6.44 52.79 -39.60
C HIS B 269 6.87 52.35 -38.21
N SER B 270 5.97 52.40 -37.24
CA SER B 270 6.32 52.04 -35.87
C SER B 270 6.86 50.61 -35.83
N GLU B 271 8.09 50.46 -35.35
CA GLU B 271 8.80 49.19 -35.52
C GLU B 271 7.96 48.02 -35.05
N GLU B 272 7.13 48.23 -34.04
CA GLU B 272 6.22 47.22 -33.54
C GLU B 272 4.81 47.78 -33.58
N LEU B 273 3.86 46.94 -33.99
CA LEU B 273 2.47 47.34 -34.05
C LEU B 273 1.60 46.19 -33.60
N GLU B 274 0.84 46.42 -32.54
CA GLU B 274 -0.13 45.45 -32.04
C GLU B 274 -1.52 45.89 -32.50
N ILE B 275 -2.22 44.98 -33.16
CA ILE B 275 -3.55 45.27 -33.67
C ILE B 275 -4.56 44.81 -32.64
N ARG B 276 -5.29 45.78 -32.07
CA ARG B 276 -6.31 45.51 -31.07
C ARG B 276 -7.56 46.29 -31.41
N PHE B 277 -8.72 45.64 -31.28
CA PHE B 277 -10.01 46.31 -31.46
C PHE B 277 -10.47 46.77 -30.09
N GLU B 278 -10.15 48.02 -29.77
CA GLU B 278 -10.52 48.61 -28.50
C GLU B 278 -10.26 50.11 -28.56
N GLU B 279 -11.16 50.88 -27.96
CA GLU B 279 -10.92 52.30 -27.81
C GLU B 279 -9.60 52.51 -27.09
N CYS B 280 -8.74 53.35 -27.65
CA CYS B 280 -7.52 53.71 -26.97
C CYS B 280 -7.84 54.56 -25.76
N PRO B 281 -6.94 54.62 -24.78
CA PRO B 281 -7.23 55.39 -23.57
C PRO B 281 -7.57 56.84 -23.90
N GLY B 282 -8.58 57.36 -23.22
CA GLY B 282 -8.95 58.76 -23.36
C GLY B 282 -9.40 59.16 -24.75
N THR B 283 -10.20 58.31 -25.40
CA THR B 283 -10.79 58.66 -26.69
C THR B 283 -12.17 58.02 -26.81
N LYS B 284 -13.12 58.78 -27.34
CA LYS B 284 -14.49 58.31 -27.55
C LYS B 284 -14.80 58.41 -29.03
N VAL B 285 -14.79 57.28 -29.72
CA VAL B 285 -15.03 57.24 -31.16
C VAL B 285 -16.53 57.26 -31.41
N TYR B 286 -16.97 58.17 -32.28
CA TYR B 286 -18.37 58.31 -32.62
C TYR B 286 -18.66 57.76 -34.02
N VAL B 287 -19.93 57.52 -34.27
CA VAL B 287 -20.41 57.09 -35.59
C VAL B 287 -21.45 58.12 -36.01
N GLU B 288 -21.01 59.11 -36.81
CA GLU B 288 -21.86 60.20 -37.23
C GLU B 288 -21.87 60.29 -38.75
N GLU B 289 -23.06 60.51 -39.31
CA GLU B 289 -23.18 60.64 -40.77
C GLU B 289 -22.48 61.88 -41.30
N THR B 290 -22.24 62.88 -40.45
CA THR B 290 -21.61 64.12 -40.86
C THR B 290 -20.10 64.14 -40.64
N CYS B 291 -19.52 63.04 -40.19
CA CYS B 291 -18.08 63.00 -39.95
C CYS B 291 -17.32 63.00 -41.27
N GLY B 292 -15.99 62.96 -41.18
CA GLY B 292 -15.13 63.06 -42.34
C GLY B 292 -14.91 61.71 -43.00
N THR B 293 -14.13 61.76 -44.08
CA THR B 293 -13.83 60.59 -44.89
C THR B 293 -12.56 59.90 -44.36
N ARG B 294 -12.03 58.96 -45.13
CA ARG B 294 -10.82 58.28 -44.72
C ARG B 294 -9.65 59.26 -44.66
N GLY B 295 -8.51 58.73 -44.25
CA GLY B 295 -7.27 59.49 -44.21
C GLY B 295 -6.19 58.67 -43.56
N PRO B 296 -4.95 59.11 -43.66
CA PRO B 296 -3.87 58.39 -42.97
C PRO B 296 -4.11 58.34 -41.47
N SER B 297 -3.75 57.20 -40.88
CA SER B 297 -3.92 57.04 -39.44
C SER B 297 -3.26 58.19 -38.70
N LEU B 298 -4.03 58.87 -37.87
CA LEU B 298 -3.52 59.94 -37.03
C LEU B 298 -3.31 59.38 -35.62
N ARG B 299 -2.09 59.47 -35.13
CA ARG B 299 -1.79 58.95 -33.80
C ARG B 299 -2.66 59.63 -32.76
N SER B 300 -3.14 58.85 -31.80
CA SER B 300 -3.98 59.39 -30.74
C SER B 300 -3.21 60.32 -29.81
N THR B 301 -1.89 60.35 -29.89
CA THR B 301 -1.04 61.18 -29.04
C THR B 301 -0.37 62.25 -29.89
N THR B 302 -0.47 63.50 -29.45
CA THR B 302 0.21 64.60 -30.10
C THR B 302 1.66 64.66 -29.65
N ALA B 303 2.47 65.41 -30.40
CA ALA B 303 3.86 65.59 -30.05
C ALA B 303 4.03 66.33 -28.72
N SER B 304 3.09 67.20 -28.37
CA SER B 304 3.16 67.99 -27.14
C SER B 304 2.52 67.28 -25.95
N GLY B 305 1.98 66.07 -26.14
CA GLY B 305 1.36 65.33 -25.09
C GLY B 305 -0.16 65.45 -25.02
N ARG B 306 -0.74 66.42 -25.70
CA ARG B 306 -2.20 66.54 -25.73
C ARG B 306 -2.78 65.42 -26.58
N VAL B 307 -3.96 64.95 -26.17
CA VAL B 307 -4.62 63.85 -26.85
C VAL B 307 -6.02 64.30 -27.27
N ILE B 308 -6.36 64.03 -28.52
CA ILE B 308 -7.68 64.30 -29.06
C ILE B 308 -8.59 63.15 -28.66
N GLU B 309 -9.61 63.44 -27.86
CA GLU B 309 -10.41 62.40 -27.23
C GLU B 309 -11.53 61.91 -28.14
N GLU B 310 -12.44 62.80 -28.51
CA GLU B 310 -13.67 62.42 -29.20
C GLU B 310 -13.40 62.38 -30.70
N TRP B 311 -13.43 61.19 -31.27
CA TRP B 311 -13.30 61.00 -32.71
C TRP B 311 -14.63 60.50 -33.26
N CYS B 312 -14.78 60.63 -34.58
CA CYS B 312 -15.97 60.16 -35.27
C CYS B 312 -15.54 59.46 -36.56
N CYS B 313 -16.55 59.02 -37.31
CA CYS B 313 -16.39 58.41 -38.63
C CYS B 313 -17.78 58.05 -39.10
N ARG B 314 -17.88 57.65 -40.37
CA ARG B 314 -19.18 57.40 -40.99
C ARG B 314 -19.50 55.94 -41.21
N GLU B 315 -18.49 55.07 -41.26
CA GLU B 315 -18.68 53.65 -41.60
C GLU B 315 -17.89 52.76 -40.65
N CYS B 316 -18.01 52.99 -39.34
CA CYS B 316 -17.27 52.23 -38.35
C CYS B 316 -18.18 51.25 -37.61
N THR B 317 -17.55 50.29 -36.95
CA THR B 317 -18.23 49.35 -36.07
C THR B 317 -17.43 49.17 -34.81
N MET B 318 -18.12 49.19 -33.66
CA MET B 318 -17.45 49.05 -32.38
C MET B 318 -17.01 47.59 -32.18
N PRO B 319 -15.87 47.37 -31.51
CA PRO B 319 -14.90 48.36 -30.99
C PRO B 319 -14.05 48.97 -32.10
N PRO B 320 -13.50 50.16 -31.89
CA PRO B 320 -12.69 50.78 -32.95
C PRO B 320 -11.35 50.08 -33.14
N LEU B 321 -10.84 50.20 -34.35
CA LEU B 321 -9.52 49.67 -34.70
C LEU B 321 -8.48 50.74 -34.42
N SER B 322 -7.58 50.47 -33.48
CA SER B 322 -6.50 51.39 -33.14
C SER B 322 -5.21 50.59 -33.03
N PHE B 323 -4.20 51.02 -33.78
CA PHE B 323 -2.91 50.35 -33.80
C PHE B 323 -2.14 50.74 -32.54
N ARG B 324 -1.95 49.77 -31.64
CA ARG B 324 -1.19 50.01 -30.42
C ARG B 324 0.29 49.91 -30.76
N ALA B 325 0.92 51.07 -30.93
CA ALA B 325 2.33 51.17 -31.25
C ALA B 325 3.08 51.66 -30.03
N LYS B 326 4.40 51.45 -30.03
CA LYS B 326 5.22 52.09 -29.01
C LYS B 326 5.16 53.59 -29.13
N ASP B 327 5.05 54.11 -30.35
CA ASP B 327 4.92 55.55 -30.56
C ASP B 327 3.68 56.08 -29.85
N GLY B 328 2.72 55.22 -29.58
CA GLY B 328 1.47 55.59 -28.95
C GLY B 328 0.35 54.77 -29.54
N CYS B 329 -0.81 55.40 -29.64
CA CYS B 329 -1.98 54.80 -30.26
C CYS B 329 -2.23 55.46 -31.61
N TRP B 330 -2.44 54.63 -32.63
CA TRP B 330 -2.83 55.10 -33.96
C TRP B 330 -4.18 54.48 -34.30
N TYR B 331 -5.11 55.32 -34.73
CA TYR B 331 -6.42 54.85 -35.16
C TYR B 331 -6.41 54.51 -36.64
N GLY B 332 -7.48 53.87 -37.09
CA GLY B 332 -7.60 53.50 -38.48
C GLY B 332 -7.78 54.71 -39.38
N MET B 333 -7.63 54.46 -40.67
CA MET B 333 -7.80 55.52 -41.64
C MET B 333 -9.21 56.11 -41.58
N GLU B 334 -10.21 55.25 -41.33
CA GLU B 334 -11.58 55.71 -41.35
C GLU B 334 -11.88 56.69 -40.22
N ILE B 335 -11.26 56.52 -39.07
CA ILE B 335 -11.58 57.30 -37.88
C ILE B 335 -10.69 58.55 -37.89
N ARG B 336 -11.31 59.71 -37.92
CA ARG B 336 -10.62 60.99 -37.95
C ARG B 336 -11.08 61.84 -36.77
N PRO B 337 -10.33 62.89 -36.44
CA PRO B 337 -10.77 63.79 -35.36
C PRO B 337 -12.13 64.40 -35.67
N ARG B 338 -12.94 64.56 -34.62
CA ARG B 338 -14.26 65.15 -34.81
C ARG B 338 -14.16 66.58 -35.32
N LYS B 339 -13.41 67.42 -34.61
CA LYS B 339 -13.25 68.81 -35.00
C LYS B 339 -11.83 69.32 -34.89
N GLU B 340 -10.93 68.65 -34.17
CA GLU B 340 -9.54 69.07 -34.15
C GLU B 340 -8.94 68.87 -35.53
N PRO B 341 -8.23 69.87 -36.07
CA PRO B 341 -7.66 69.73 -37.41
C PRO B 341 -6.75 68.50 -37.49
N GLU B 342 -6.83 67.80 -38.61
CA GLU B 342 -5.96 66.64 -38.81
C GLU B 342 -4.51 67.03 -38.98
N SER B 343 -4.25 68.27 -39.41
CA SER B 343 -2.87 68.72 -39.57
C SER B 343 -2.15 68.76 -38.23
N ASN B 344 -2.82 69.26 -37.19
CA ASN B 344 -2.16 69.43 -35.90
C ASN B 344 -1.74 68.08 -35.31
N LEU B 345 -2.54 67.03 -35.53
CA LEU B 345 -2.22 65.73 -34.98
C LEU B 345 -1.07 65.09 -35.75
N VAL B 346 -0.47 64.08 -35.13
CA VAL B 346 0.68 63.39 -35.74
C VAL B 346 0.17 62.42 -36.79
N ARG B 347 0.08 62.88 -38.03
CA ARG B 347 -0.42 62.08 -39.12
C ARG B 347 0.56 60.96 -39.45
N SER B 348 0.00 59.80 -39.82
CA SER B 348 0.82 58.70 -40.31
C SER B 348 1.14 58.93 -41.77
N MET B 349 2.41 59.17 -42.08
CA MET B 349 2.83 59.34 -43.46
C MET B 349 2.24 58.22 -44.31
N VAL B 350 1.90 58.54 -45.55
CA VAL B 350 1.30 57.57 -46.44
C VAL B 350 2.19 56.34 -46.48
N THR B 351 1.68 55.23 -45.98
CA THR B 351 2.44 54.00 -45.84
C THR B 351 2.09 52.98 -46.91
N ALA B 352 1.82 53.45 -48.12
CA ALA B 352 1.53 52.56 -49.25
C ALA B 352 2.80 51.86 -49.69
N ASP C 1 -7.44 13.91 -6.19
CA ASP C 1 -6.25 14.69 -6.67
C ASP C 1 -5.68 14.09 -7.94
N VAL C 2 -5.84 14.79 -9.05
CA VAL C 2 -5.33 14.34 -10.33
C VAL C 2 -4.10 15.16 -10.67
N GLY C 3 -3.32 14.67 -11.63
CA GLY C 3 -2.10 15.35 -11.97
C GLY C 3 -1.40 14.71 -13.14
N CYS C 4 -0.30 15.34 -13.55
CA CYS C 4 0.48 14.85 -14.66
C CYS C 4 1.26 13.60 -14.22
N SER C 5 2.11 13.11 -15.11
CA SER C 5 3.09 12.10 -14.74
C SER C 5 4.07 11.91 -15.87
N VAL C 6 5.36 11.80 -15.55
CA VAL C 6 6.40 11.58 -16.56
C VAL C 6 7.46 10.70 -15.91
N ASP C 7 7.56 9.46 -16.38
CA ASP C 7 8.59 8.53 -15.93
C ASP C 7 9.66 8.52 -17.01
N PHE C 8 10.71 9.32 -16.81
CA PHE C 8 11.75 9.45 -17.83
C PHE C 8 12.43 8.13 -18.13
N SER C 9 12.39 7.17 -17.20
CA SER C 9 13.00 5.87 -17.47
C SER C 9 12.32 5.18 -18.64
N LYS C 10 10.98 5.26 -18.71
CA LYS C 10 10.22 4.70 -19.81
C LYS C 10 9.44 5.77 -20.58
N LYS C 11 9.51 7.03 -20.15
CA LYS C 11 8.74 8.12 -20.76
C LYS C 11 7.24 7.88 -20.65
N GLU C 12 6.81 7.08 -19.68
CA GLU C 12 5.40 6.74 -19.55
C GLU C 12 4.65 7.88 -18.88
N THR C 13 3.79 8.54 -19.66
CA THR C 13 2.99 9.65 -19.18
C THR C 13 1.66 9.12 -18.67
N ARG C 14 1.25 9.58 -17.49
CA ARG C 14 0.09 9.04 -16.81
C ARG C 14 -0.67 10.15 -16.12
N CYS C 15 -1.98 9.93 -15.98
CA CYS C 15 -2.84 10.87 -15.27
C CYS C 15 -4.00 10.08 -14.67
N GLY C 16 -4.22 10.25 -13.38
CA GLY C 16 -5.32 9.58 -12.69
C GLY C 16 -5.66 10.33 -11.42
N THR C 17 -5.91 9.59 -10.35
CA THR C 17 -6.23 10.19 -9.06
C THR C 17 -5.49 9.45 -7.95
N GLY C 18 -4.79 10.21 -7.12
CA GLY C 18 -4.09 9.63 -5.98
C GLY C 18 -3.28 10.64 -5.19
N VAL C 19 -2.09 10.24 -4.75
CA VAL C 19 -1.23 11.05 -3.90
C VAL C 19 0.04 11.39 -4.67
N PHE C 20 0.60 12.56 -4.39
CA PHE C 20 1.74 13.09 -5.14
C PHE C 20 2.76 13.63 -4.15
N ILE C 21 3.90 12.96 -4.06
CA ILE C 21 5.01 13.41 -3.23
C ILE C 21 5.89 14.36 -4.03
N TYR C 22 6.76 15.10 -3.33
CA TYR C 22 7.69 16.03 -3.95
C TYR C 22 9.05 15.91 -3.28
N ASN C 23 10.10 16.19 -4.05
CA ASN C 23 11.47 16.20 -3.55
C ASN C 23 11.84 17.65 -3.24
N ASP C 24 11.67 18.06 -1.98
CA ASP C 24 11.91 19.42 -1.55
C ASP C 24 13.22 19.59 -0.79
N VAL C 25 14.10 18.60 -0.84
CA VAL C 25 15.36 18.70 -0.10
C VAL C 25 16.16 19.90 -0.58
N GLU C 26 16.25 20.10 -1.89
CA GLU C 26 17.00 21.24 -2.42
C GLU C 26 16.32 22.57 -2.09
N ALA C 27 15.03 22.54 -1.76
CA ALA C 27 14.25 23.76 -1.54
C ALA C 27 14.19 24.18 -0.07
N TRP C 28 14.99 23.56 0.80
CA TRP C 28 15.02 23.99 2.20
C TRP C 28 15.40 25.45 2.33
N ARG C 29 16.13 25.99 1.36
CA ARG C 29 16.61 27.36 1.45
C ARG C 29 15.47 28.32 1.73
N ASP C 30 14.40 28.23 0.95
CA ASP C 30 13.31 29.18 0.94
C ASP C 30 11.97 28.47 0.84
N ARG C 31 11.82 27.34 1.54
CA ARG C 31 10.57 26.59 1.46
C ARG C 31 9.43 27.30 2.16
N TYR C 32 9.70 27.95 3.30
CA TYR C 32 8.63 28.43 4.18
C TYR C 32 8.89 29.86 4.62
N LYS C 33 7.80 30.53 4.99
CA LYS C 33 7.85 31.82 5.67
C LYS C 33 6.62 31.92 6.54
N TYR C 34 6.81 32.19 7.83
CA TYR C 34 5.71 32.15 8.78
C TYR C 34 6.20 32.61 10.14
N HIS C 35 5.27 32.69 11.08
CA HIS C 35 5.53 32.89 12.50
C HIS C 35 4.61 31.96 13.26
N PRO C 36 4.97 31.57 14.48
CA PRO C 36 4.06 30.74 15.27
C PRO C 36 2.75 31.47 15.54
N ASP C 37 1.67 30.71 15.56
CA ASP C 37 0.36 31.29 15.82
C ASP C 37 0.32 31.91 17.21
N SER C 38 -0.28 33.10 17.30
CA SER C 38 -0.38 33.83 18.56
C SER C 38 0.99 33.97 19.21
N PRO C 39 1.87 34.82 18.66
CA PRO C 39 3.19 35.00 19.26
C PRO C 39 3.12 35.47 20.70
N ARG C 40 1.97 36.04 21.09
CA ARG C 40 1.76 36.40 22.49
C ARG C 40 1.83 35.17 23.38
N ARG C 41 1.18 34.08 22.97
CA ARG C 41 1.23 32.86 23.77
C ARG C 41 2.62 32.26 23.80
N LEU C 42 3.36 32.36 22.69
CA LEU C 42 4.75 31.88 22.69
C LEU C 42 5.61 32.72 23.63
N ALA C 43 5.37 34.04 23.67
CA ALA C 43 6.10 34.89 24.61
C ALA C 43 5.76 34.52 26.05
N ALA C 44 4.49 34.25 26.32
CA ALA C 44 4.10 33.79 27.65
C ALA C 44 4.79 32.48 27.99
N ALA C 45 4.85 31.56 27.03
CA ALA C 45 5.52 30.28 27.23
C ALA C 45 7.00 30.49 27.51
N VAL C 46 7.64 31.40 26.77
CA VAL C 46 9.06 31.67 26.96
C VAL C 46 9.31 32.27 28.33
N LYS C 47 8.46 33.22 28.75
CA LYS C 47 8.60 33.79 30.08
C LYS C 47 8.42 32.73 31.15
N GLN C 48 7.41 31.86 31.00
CA GLN C 48 7.20 30.81 31.97
C GLN C 48 8.38 29.84 32.01
N ALA C 49 8.92 29.51 30.83
CA ALA C 49 10.08 28.64 30.76
C ALA C 49 11.28 29.27 31.47
N TRP C 50 11.52 30.55 31.21
CA TRP C 50 12.63 31.24 31.85
C TRP C 50 12.45 31.29 33.36
N GLU C 51 11.23 31.57 33.81
CA GLU C 51 10.93 31.49 35.23
C GLU C 51 11.18 30.09 35.76
N GLU C 52 11.02 29.08 34.91
CA GLU C 52 11.22 27.68 35.28
C GLU C 52 12.65 27.22 35.08
N GLY C 53 13.51 28.03 34.47
CA GLY C 53 14.91 27.68 34.34
C GLY C 53 15.30 27.13 32.98
N ILE C 54 14.77 27.70 31.91
CA ILE C 54 15.14 27.33 30.55
C ILE C 54 16.04 28.44 30.03
N CYS C 55 17.35 28.26 30.18
CA CYS C 55 18.31 29.27 29.73
C CYS C 55 18.31 29.44 28.23
N GLY C 56 18.00 28.39 27.48
CA GLY C 56 18.03 28.48 26.03
C GLY C 56 17.33 27.30 25.41
N ILE C 57 17.28 27.32 24.07
CA ILE C 57 16.64 26.27 23.28
C ILE C 57 17.65 25.77 22.27
N SER C 58 17.91 24.45 22.29
CA SER C 58 18.77 23.81 21.32
C SER C 58 17.92 23.46 20.10
N SER C 59 18.11 24.19 19.01
CA SER C 59 17.32 23.95 17.80
C SER C 59 17.53 22.52 17.33
N VAL C 60 16.42 21.84 17.05
CA VAL C 60 16.49 20.46 16.57
C VAL C 60 16.63 20.40 15.05
N SER C 61 15.94 21.28 14.32
CA SER C 61 15.96 21.30 12.87
C SER C 61 16.25 22.71 12.40
N ARG C 62 16.92 22.79 11.24
CA ARG C 62 17.22 24.09 10.67
C ARG C 62 15.94 24.86 10.34
N MET C 63 14.84 24.16 10.09
CA MET C 63 13.55 24.82 9.96
C MET C 63 13.17 25.54 11.26
N GLU C 64 13.38 24.87 12.39
CA GLU C 64 13.09 25.49 13.68
C GLU C 64 13.98 26.70 13.91
N ASN C 65 15.26 26.60 13.54
CA ASN C 65 16.17 27.74 13.65
C ASN C 65 15.70 28.88 12.78
N ILE C 66 15.26 28.58 11.56
CA ILE C 66 14.76 29.63 10.67
C ILE C 66 13.55 30.33 11.28
N MET C 67 12.61 29.55 11.81
CA MET C 67 11.43 30.15 12.42
C MET C 67 11.82 31.03 13.62
N TRP C 68 12.71 30.53 14.47
CA TRP C 68 13.12 31.30 15.64
C TRP C 68 13.80 32.60 15.24
N LYS C 69 14.70 32.52 14.26
CA LYS C 69 15.38 33.72 13.78
C LYS C 69 14.38 34.72 13.21
N SER C 70 13.41 34.24 12.44
CA SER C 70 12.42 35.13 11.84
C SER C 70 11.58 35.80 12.91
N VAL C 71 11.19 35.06 13.95
CA VAL C 71 10.25 35.57 14.94
C VAL C 71 10.96 36.23 16.12
N GLU C 72 12.29 36.28 16.12
CA GLU C 72 13.03 36.88 17.23
C GLU C 72 12.53 38.28 17.57
N GLY C 73 12.38 39.14 16.56
CA GLY C 73 12.00 40.52 16.83
C GLY C 73 10.63 40.65 17.45
N GLU C 74 9.64 39.93 16.89
CA GLU C 74 8.29 40.00 17.45
C GLU C 74 8.28 39.50 18.89
N LEU C 75 8.99 38.40 19.16
CA LEU C 75 9.05 37.89 20.51
C LEU C 75 9.71 38.88 21.46
N ASN C 76 10.80 39.52 21.02
CA ASN C 76 11.46 40.51 21.87
C ASN C 76 10.53 41.67 22.18
N ALA C 77 9.80 42.16 21.18
CA ALA C 77 8.90 43.28 21.41
C ALA C 77 7.72 42.87 22.29
N ILE C 78 7.23 41.65 22.14
CA ILE C 78 6.18 41.19 23.05
C ILE C 78 6.70 41.14 24.47
N LEU C 79 7.94 40.67 24.64
CA LEU C 79 8.55 40.62 25.97
C LEU C 79 8.65 42.01 26.56
N GLU C 80 9.05 42.99 25.76
CA GLU C 80 9.33 44.33 26.27
C GLU C 80 8.09 45.23 26.26
N GLU C 81 6.99 44.73 25.72
CA GLU C 81 5.73 45.45 25.76
C GLU C 81 5.04 45.19 27.09
N ASN C 82 5.05 43.94 27.52
CA ASN C 82 4.56 43.57 28.84
C ASN C 82 5.56 43.93 29.94
N GLY C 83 6.78 44.28 29.58
CA GLY C 83 7.82 44.60 30.54
C GLY C 83 8.77 43.47 30.82
N VAL C 84 8.64 42.33 30.15
CA VAL C 84 9.50 41.19 30.44
C VAL C 84 10.95 41.54 30.15
N GLN C 85 11.83 41.17 31.07
CA GLN C 85 13.27 41.36 30.92
C GLN C 85 13.82 40.07 30.33
N LEU C 86 13.71 39.94 29.01
CA LEU C 86 14.24 38.79 28.30
C LEU C 86 14.58 39.20 26.87
N THR C 87 15.77 38.81 26.42
CA THR C 87 16.19 38.97 25.03
C THR C 87 16.37 37.59 24.42
N VAL C 88 15.69 37.35 23.31
CA VAL C 88 15.79 36.09 22.59
C VAL C 88 16.85 36.26 21.50
N VAL C 89 17.99 35.61 21.65
CA VAL C 89 19.07 35.67 20.69
C VAL C 89 19.18 34.31 20.00
N VAL C 90 19.18 34.33 18.67
CA VAL C 90 19.22 33.12 17.86
C VAL C 90 20.57 33.06 17.18
N GLY C 91 21.33 32.00 17.46
CA GLY C 91 22.67 31.83 16.94
C GLY C 91 22.70 31.06 15.64
N SER C 92 23.84 30.43 15.39
CA SER C 92 24.08 29.69 14.15
C SER C 92 23.59 28.26 14.27
N VAL C 93 23.88 27.46 13.24
CA VAL C 93 23.49 26.05 13.17
C VAL C 93 24.77 25.23 13.17
N LYS C 94 24.92 24.36 14.16
CA LYS C 94 26.10 23.50 14.31
C LYS C 94 25.67 22.05 14.20
N ASN C 95 26.37 21.29 13.33
CA ASN C 95 26.07 19.88 13.20
C ASN C 95 27.08 19.04 13.99
N PRO C 96 26.62 17.94 14.62
CA PRO C 96 25.24 17.49 14.73
C PRO C 96 24.49 18.25 15.82
N MET C 97 23.20 18.53 15.63
CA MET C 97 22.40 19.11 16.71
C MET C 97 22.32 18.11 17.86
N TRP C 98 22.33 18.63 19.08
CA TRP C 98 22.31 17.77 20.25
C TRP C 98 21.09 18.05 21.12
N ARG C 99 20.65 17.00 21.80
CA ARG C 99 19.36 17.00 22.48
C ARG C 99 19.37 17.97 23.66
N GLY C 100 18.17 18.43 24.00
CA GLY C 100 17.97 19.32 25.12
C GLY C 100 16.95 18.73 26.08
N PRO C 101 17.37 18.43 27.31
CA PRO C 101 16.45 17.73 28.23
C PRO C 101 15.13 18.45 28.44
N GLN C 102 15.15 19.78 28.52
CA GLN C 102 13.96 20.53 28.92
C GLN C 102 13.05 20.79 27.72
N ARG C 103 11.87 21.33 28.01
CA ARG C 103 10.84 21.58 27.02
C ARG C 103 10.19 22.93 27.31
N LEU C 104 9.55 23.48 26.29
CA LEU C 104 8.84 24.74 26.44
C LEU C 104 7.47 24.48 27.05
N PRO C 105 7.18 24.98 28.24
CA PRO C 105 5.86 24.74 28.83
C PRO C 105 4.76 25.45 28.05
N VAL C 106 3.58 24.84 28.05
CA VAL C 106 2.40 25.48 27.48
C VAL C 106 1.87 26.49 28.50
N PRO C 107 1.74 27.76 28.16
CA PRO C 107 1.29 28.74 29.16
C PRO C 107 -0.18 28.56 29.46
N VAL C 108 -0.53 28.63 30.75
CA VAL C 108 -1.92 28.47 31.15
C VAL C 108 -2.77 29.56 30.50
N ASN C 109 -2.30 30.81 30.55
CA ASN C 109 -2.96 31.91 29.88
C ASN C 109 -1.93 32.75 29.14
N GLU C 110 -2.37 33.40 28.08
CA GLU C 110 -1.52 34.31 27.34
C GLU C 110 -1.21 35.53 28.19
N LEU C 111 -0.33 36.37 27.68
CA LEU C 111 -0.02 37.62 28.36
C LEU C 111 -1.27 38.49 28.41
N PRO C 112 -1.39 39.36 29.42
CA PRO C 112 -2.63 40.16 29.54
C PRO C 112 -2.98 40.93 28.29
N HIS C 113 -1.98 41.47 27.59
CA HIS C 113 -2.23 42.20 26.36
C HIS C 113 -0.95 42.29 25.55
N GLY C 114 -1.02 41.84 24.30
CA GLY C 114 0.10 41.96 23.38
C GLY C 114 -0.35 42.33 21.98
N TRP C 115 -1.45 43.07 21.89
CA TRP C 115 -2.02 43.38 20.58
C TRP C 115 -1.05 44.16 19.71
N LYS C 116 -0.18 44.96 20.32
CA LYS C 116 0.80 45.72 19.54
C LYS C 116 1.64 44.80 18.67
N ALA C 117 1.84 43.55 19.10
CA ALA C 117 2.55 42.59 18.26
C ALA C 117 1.69 42.16 17.08
N TRP C 118 0.37 42.18 17.21
CA TRP C 118 -0.50 41.79 16.11
C TRP C 118 -0.20 42.67 14.89
N GLY C 119 -0.01 42.03 13.74
CA GLY C 119 0.39 42.74 12.55
C GLY C 119 1.78 43.32 12.61
N LYS C 120 2.54 43.04 13.66
CA LYS C 120 3.89 43.56 13.85
C LYS C 120 4.76 42.36 14.20
N SER C 121 5.22 41.65 13.16
CA SER C 121 5.90 40.37 13.32
C SER C 121 7.37 40.42 12.97
N TYR C 122 7.71 40.93 11.78
CA TYR C 122 9.11 40.99 11.36
C TYR C 122 9.72 42.36 11.64
N PHE C 123 9.15 43.41 11.06
CA PHE C 123 9.60 44.78 11.32
C PHE C 123 9.04 45.19 12.69
N VAL C 124 9.76 44.78 13.73
CA VAL C 124 9.31 44.94 15.10
C VAL C 124 10.41 45.62 15.90
N ARG C 125 10.04 46.63 16.67
CA ARG C 125 10.99 47.43 17.43
C ARG C 125 10.83 47.17 18.92
N ALA C 126 11.96 47.07 19.60
CA ALA C 126 12.01 46.86 21.04
C ALA C 126 13.40 47.23 21.52
N ALA C 127 13.70 46.91 22.78
CA ALA C 127 15.02 47.14 23.36
C ALA C 127 15.57 45.80 23.85
N LYS C 128 16.75 45.85 24.44
CA LYS C 128 17.42 44.67 24.96
C LYS C 128 17.31 44.63 26.47
N THR C 129 17.56 43.44 27.03
CA THR C 129 17.49 43.21 28.46
C THR C 129 18.62 42.27 28.86
N ASN C 130 18.91 42.25 30.16
CA ASN C 130 20.02 41.44 30.65
C ASN C 130 19.80 39.97 30.36
N ASN C 131 18.58 39.47 30.57
CA ASN C 131 18.32 38.05 30.38
C ASN C 131 18.37 37.70 28.90
N SER C 132 19.08 36.63 28.57
CA SER C 132 19.24 36.17 27.19
C SER C 132 18.55 34.81 27.05
N PHE C 133 17.40 34.79 26.39
CA PHE C 133 16.71 33.54 26.08
C PHE C 133 17.31 32.98 24.79
N VAL C 134 18.59 32.59 24.90
CA VAL C 134 19.35 32.17 23.73
C VAL C 134 18.64 31.03 23.02
N VAL C 135 18.87 30.95 21.71
CA VAL C 135 18.31 29.90 20.87
C VAL C 135 19.49 29.26 20.15
N ASP C 136 19.99 28.15 20.67
CA ASP C 136 21.15 27.45 20.10
C ASP C 136 22.33 28.41 20.15
N GLY C 137 23.09 28.59 19.08
CA GLY C 137 24.23 29.47 19.09
C GLY C 137 25.43 28.86 19.79
N ASP C 138 26.53 29.60 19.73
CA ASP C 138 27.78 29.17 20.37
C ASP C 138 27.83 29.71 21.81
N THR C 139 26.80 29.34 22.58
CA THR C 139 26.64 29.76 23.96
C THR C 139 26.55 28.55 24.88
N LEU C 140 27.39 27.54 24.64
CA LEU C 140 27.40 26.37 25.51
C LEU C 140 27.82 26.75 26.93
N LYS C 141 28.81 27.63 27.05
CA LYS C 141 29.23 28.08 28.38
C LYS C 141 28.10 28.80 29.10
N GLU C 142 27.37 29.65 28.37
CA GLU C 142 26.29 30.41 29.00
C GLU C 142 25.13 29.51 29.39
N CYS C 143 24.56 28.82 28.41
CA CYS C 143 23.42 27.92 28.65
C CYS C 143 23.84 26.51 28.27
N PRO C 144 24.27 25.68 29.22
CA PRO C 144 24.79 24.35 28.88
C PRO C 144 23.77 23.52 28.12
N LEU C 145 24.27 22.41 27.57
CA LEU C 145 23.42 21.51 26.79
C LEU C 145 22.28 20.96 27.63
N GLU C 146 22.59 20.51 28.84
CA GLU C 146 21.58 19.90 29.69
C GLU C 146 20.47 20.87 30.06
N HIS C 147 20.73 22.17 30.00
CA HIS C 147 19.76 23.19 30.40
C HIS C 147 19.06 23.83 29.19
N ARG C 148 19.22 23.25 28.01
CA ARG C 148 18.56 23.73 26.81
C ARG C 148 17.28 22.95 26.55
N ALA C 149 16.25 23.67 26.13
CA ALA C 149 15.01 23.06 25.68
C ALA C 149 15.17 22.62 24.23
N TRP C 150 14.51 21.52 23.89
CA TRP C 150 14.73 20.88 22.60
C TRP C 150 13.47 20.12 22.21
N ASN C 151 13.19 20.12 20.91
CA ASN C 151 12.07 19.39 20.32
C ASN C 151 10.84 19.45 21.25
N SER C 152 10.39 20.68 21.49
CA SER C 152 9.18 20.94 22.25
C SER C 152 8.18 21.72 21.42
N PHE C 153 8.06 21.38 20.14
CA PHE C 153 7.22 22.10 19.21
C PHE C 153 6.47 21.11 18.32
N LEU C 154 5.48 21.62 17.60
CA LEU C 154 4.70 20.82 16.67
C LEU C 154 4.37 21.68 15.46
N VAL C 155 3.77 21.06 14.44
CA VAL C 155 3.34 21.74 13.22
C VAL C 155 1.85 21.49 13.04
N GLU C 156 1.09 22.56 12.82
CA GLU C 156 -0.35 22.47 12.62
C GLU C 156 -0.71 22.42 11.14
N ASP C 157 -0.33 23.45 10.39
CA ASP C 157 -0.71 23.59 9.00
C ASP C 157 0.53 23.97 8.20
N HIS C 158 0.70 23.34 7.03
CA HIS C 158 1.81 23.66 6.14
C HIS C 158 1.41 23.28 4.72
N GLY C 159 1.99 23.99 3.76
CA GLY C 159 1.62 23.80 2.36
C GLY C 159 0.49 24.73 1.94
N PHE C 160 0.65 25.38 0.80
CA PHE C 160 -0.30 26.37 0.33
C PHE C 160 -0.02 26.67 -1.13
N GLY C 161 -0.95 27.38 -1.76
CA GLY C 161 -0.74 27.85 -3.12
C GLY C 161 0.22 29.02 -3.16
N VAL C 162 1.40 28.84 -2.57
CA VAL C 162 2.43 29.87 -2.50
C VAL C 162 3.77 29.17 -2.32
N PHE C 163 4.82 29.83 -2.80
CA PHE C 163 6.16 29.28 -2.64
C PHE C 163 6.53 29.12 -1.18
N HIS C 164 6.28 30.16 -0.37
CA HIS C 164 6.52 30.11 1.06
C HIS C 164 5.19 29.84 1.74
N THR C 165 4.86 28.56 1.86
CA THR C 165 3.60 28.14 2.45
C THR C 165 3.68 28.34 3.95
N SER C 166 2.82 29.20 4.48
CA SER C 166 2.87 29.53 5.89
C SER C 166 2.69 28.29 6.74
N VAL C 167 3.60 28.10 7.70
CA VAL C 167 3.55 26.97 8.62
C VAL C 167 3.13 27.51 9.98
N TRP C 168 2.14 26.88 10.60
CA TRP C 168 1.69 27.24 11.94
C TRP C 168 2.08 26.12 12.90
N LEU C 169 2.83 26.47 13.94
CA LEU C 169 3.32 25.51 14.91
C LEU C 169 2.52 25.62 16.21
N LYS C 170 2.92 24.82 17.19
CA LYS C 170 2.27 24.83 18.50
C LYS C 170 3.25 24.31 19.53
N VAL C 171 3.32 25.00 20.68
CA VAL C 171 4.14 24.52 21.78
C VAL C 171 3.70 23.11 22.10
N ARG C 172 4.61 22.15 21.95
CA ARG C 172 4.25 20.75 22.18
C ARG C 172 3.63 20.60 23.56
N GLU C 173 2.42 20.03 23.58
CA GLU C 173 1.72 19.85 24.84
C GLU C 173 2.47 18.91 25.77
N ASP C 174 3.38 18.09 25.23
CA ASP C 174 4.04 17.06 25.98
C ASP C 174 5.45 16.85 25.45
N TYR C 175 6.17 15.93 26.09
CA TYR C 175 7.51 15.55 25.68
C TYR C 175 7.49 14.93 24.28
N SER C 176 8.67 14.79 23.69
CA SER C 176 8.82 14.05 22.45
C SER C 176 10.29 13.93 22.12
N LEU C 177 10.65 12.80 21.50
CA LEU C 177 11.98 12.56 20.98
C LEU C 177 11.99 12.24 19.49
N GLU C 178 10.92 11.66 18.96
CA GLU C 178 10.87 11.35 17.55
C GLU C 178 10.91 12.63 16.72
N CYS C 179 10.89 12.46 15.41
CA CYS C 179 10.85 13.58 14.48
C CYS C 179 9.39 13.84 14.07
N ASP C 180 9.19 14.87 13.25
CA ASP C 180 7.84 15.28 12.88
C ASP C 180 7.29 14.40 11.76
N PRO C 181 6.15 13.70 11.97
CA PRO C 181 5.60 12.88 10.89
C PRO C 181 4.91 13.68 9.80
N ALA C 182 4.35 14.86 10.12
CA ALA C 182 3.49 15.55 9.17
C ALA C 182 4.22 15.91 7.89
N VAL C 183 5.52 16.20 7.97
CA VAL C 183 6.30 16.59 6.81
C VAL C 183 7.00 15.37 6.19
N ILE C 184 6.51 14.17 6.46
CA ILE C 184 7.09 12.93 5.96
C ILE C 184 6.13 12.30 4.97
N GLY C 185 6.68 11.83 3.85
CA GLY C 185 5.93 11.04 2.89
C GLY C 185 6.80 9.93 2.35
N THR C 186 6.24 8.74 2.16
CA THR C 186 7.04 7.63 1.65
C THR C 186 6.10 6.56 1.08
N ALA C 187 6.67 5.71 0.22
CA ALA C 187 5.96 4.58 -0.37
C ALA C 187 6.97 3.79 -1.18
N VAL C 188 6.57 2.60 -1.60
CA VAL C 188 7.44 1.70 -2.35
C VAL C 188 6.70 1.22 -3.58
N LYS C 189 7.46 1.04 -4.67
CA LYS C 189 6.89 0.69 -5.97
C LYS C 189 7.94 -0.11 -6.73
N GLY C 190 7.81 -1.43 -6.73
CA GLY C 190 8.70 -2.26 -7.50
C GLY C 190 10.08 -2.39 -6.89
N ARG C 191 11.07 -1.75 -7.51
CA ARG C 191 12.48 -1.91 -7.12
C ARG C 191 13.07 -0.62 -6.56
N GLU C 192 12.26 0.25 -5.98
CA GLU C 192 12.77 1.51 -5.47
C GLU C 192 11.95 1.97 -4.27
N ALA C 193 12.65 2.21 -3.16
CA ALA C 193 12.07 2.82 -1.98
C ALA C 193 12.99 3.92 -1.50
N ALA C 194 12.42 5.09 -1.22
CA ALA C 194 13.19 6.26 -0.85
C ALA C 194 12.63 6.85 0.44
N HIS C 195 13.53 7.19 1.35
CA HIS C 195 13.16 7.81 2.62
C HIS C 195 13.59 9.28 2.56
N SER C 196 12.62 10.18 2.67
CA SER C 196 12.88 11.60 2.46
C SER C 196 12.08 12.43 3.43
N ASP C 197 12.62 13.59 3.78
CA ASP C 197 11.99 14.51 4.73
C ASP C 197 12.43 15.93 4.36
N LEU C 198 12.26 16.86 5.31
CA LEU C 198 12.61 18.25 5.05
C LEU C 198 14.10 18.43 4.76
N GLY C 199 14.96 17.59 5.33
CA GLY C 199 16.39 17.81 5.23
C GLY C 199 17.19 16.65 4.69
N TYR C 200 16.62 15.46 4.67
CA TYR C 200 17.33 14.25 4.27
C TYR C 200 16.70 13.65 3.02
N TRP C 201 17.48 12.79 2.36
CA TRP C 201 17.04 12.12 1.14
C TRP C 201 17.82 10.81 1.03
N ILE C 202 17.15 9.70 1.30
CA ILE C 202 17.77 8.38 1.32
C ILE C 202 17.13 7.51 0.24
N GLU C 203 17.95 6.72 -0.44
CA GLU C 203 17.53 5.90 -1.57
C GLU C 203 17.77 4.43 -1.26
N SER C 204 17.03 3.56 -1.94
CA SER C 204 17.21 2.13 -1.79
C SER C 204 16.58 1.41 -2.98
N GLU C 205 17.14 0.25 -3.32
CA GLU C 205 16.60 -0.58 -4.39
C GLU C 205 16.98 -2.03 -4.13
N LYS C 206 16.33 -2.92 -4.87
CA LYS C 206 16.58 -4.35 -4.76
C LYS C 206 17.45 -4.76 -5.95
N ASN C 207 18.76 -4.76 -5.74
CA ASN C 207 19.72 -5.37 -6.65
C ASN C 207 20.06 -6.73 -6.04
N ASP C 208 19.22 -7.72 -6.34
CA ASP C 208 19.19 -9.10 -5.85
C ASP C 208 19.06 -9.06 -4.32
N THR C 209 18.92 -7.85 -3.74
CA THR C 209 18.75 -7.59 -2.32
C THR C 209 18.39 -6.12 -2.16
N TRP C 210 17.52 -5.83 -1.19
CA TRP C 210 17.15 -4.45 -0.87
C TRP C 210 18.30 -3.83 -0.07
N ARG C 211 19.13 -3.04 -0.74
CA ARG C 211 20.32 -2.47 -0.15
C ARG C 211 20.22 -0.95 -0.17
N LEU C 212 21.27 -0.30 0.35
CA LEU C 212 21.34 1.16 0.37
C LEU C 212 22.10 1.64 -0.86
N LYS C 213 21.61 2.74 -1.44
CA LYS C 213 22.17 3.28 -2.67
C LYS C 213 22.79 4.66 -2.46
N ARG C 214 22.03 5.62 -1.94
CA ARG C 214 22.54 6.97 -1.76
C ARG C 214 21.67 7.69 -0.73
N ALA C 215 22.32 8.49 0.12
CA ALA C 215 21.63 9.28 1.13
C ALA C 215 22.21 10.69 1.15
N HIS C 216 21.35 11.69 1.08
CA HIS C 216 21.76 13.08 1.13
C HIS C 216 21.32 13.65 2.48
N LEU C 217 22.28 14.24 3.21
CA LEU C 217 22.06 14.72 4.56
C LEU C 217 22.43 16.19 4.62
N ILE C 218 21.44 17.07 4.40
CA ILE C 218 21.70 18.49 4.45
C ILE C 218 22.06 18.92 5.87
N GLU C 219 21.49 18.26 6.88
CA GLU C 219 21.72 18.58 8.27
C GLU C 219 22.09 17.32 9.03
N MET C 220 22.14 17.41 10.35
CA MET C 220 22.52 16.28 11.22
C MET C 220 21.75 16.43 12.54
N LYS C 221 20.63 15.70 12.64
CA LYS C 221 19.75 15.78 13.79
C LYS C 221 20.03 14.61 14.74
N THR C 222 19.18 14.46 15.77
CA THR C 222 19.28 13.32 16.67
C THR C 222 17.95 12.71 17.06
N CYS C 223 16.83 13.19 16.53
CA CYS C 223 15.54 12.61 16.86
C CYS C 223 15.47 11.19 16.28
N GLU C 224 14.34 10.52 16.46
CA GLU C 224 14.17 9.13 16.04
C GLU C 224 13.15 9.02 14.93
N TRP C 225 13.40 8.12 14.00
CA TRP C 225 12.53 7.93 12.84
C TRP C 225 11.30 7.13 13.23
N PRO C 226 10.09 7.66 13.02
CA PRO C 226 8.88 6.92 13.41
C PRO C 226 8.67 5.66 12.60
N LYS C 227 8.04 4.67 13.24
CA LYS C 227 7.75 3.41 12.57
C LYS C 227 6.51 3.53 11.68
N SER C 228 5.57 4.39 12.06
CA SER C 228 4.30 4.47 11.34
C SER C 228 4.49 4.84 9.87
N HIS C 229 5.64 5.41 9.53
CA HIS C 229 5.93 5.87 8.18
C HIS C 229 7.25 5.31 7.67
N THR C 230 7.47 4.01 7.84
CA THR C 230 8.72 3.37 7.44
C THR C 230 8.42 2.07 6.71
N LEU C 231 9.35 1.64 5.87
CA LEU C 231 9.21 0.43 5.08
C LEU C 231 10.07 -0.69 5.66
N TRP C 232 9.48 -1.87 5.76
CA TRP C 232 10.22 -3.09 6.10
C TRP C 232 11.08 -2.88 7.34
N THR C 233 10.41 -2.49 8.42
CA THR C 233 11.05 -2.25 9.70
C THR C 233 11.22 -3.52 10.51
N ASP C 234 11.06 -4.68 9.90
CA ASP C 234 11.06 -5.95 10.61
C ASP C 234 12.39 -6.65 10.35
N GLY C 235 13.13 -6.91 11.42
CA GLY C 235 14.39 -7.60 11.33
C GLY C 235 15.52 -6.80 10.71
N VAL C 236 16.01 -5.79 11.43
CA VAL C 236 17.13 -4.97 10.98
C VAL C 236 17.96 -4.59 12.22
N GLU C 237 19.28 -4.65 12.08
CA GLU C 237 20.19 -4.41 13.20
C GLU C 237 20.82 -3.04 13.14
N GLU C 238 21.01 -2.44 14.32
CA GLU C 238 21.59 -1.10 14.41
C GLU C 238 23.01 -1.05 13.85
N SER C 239 23.84 -2.04 14.18
CA SER C 239 25.24 -2.01 13.76
C SER C 239 25.39 -2.02 12.24
N ASP C 240 24.45 -2.65 11.52
CA ASP C 240 24.51 -2.67 10.07
C ASP C 240 23.83 -1.47 9.44
N LEU C 241 23.16 -0.63 10.21
CA LEU C 241 22.61 0.61 9.66
C LEU C 241 23.74 1.58 9.40
N ILE C 242 24.03 1.83 8.12
CA ILE C 242 25.13 2.73 7.78
C ILE C 242 24.91 4.09 8.42
N ILE C 243 23.65 4.45 8.65
CA ILE C 243 23.28 5.67 9.37
C ILE C 243 22.82 5.26 10.76
N PRO C 244 23.54 5.59 11.83
CA PRO C 244 23.12 5.16 13.16
C PRO C 244 21.77 5.76 13.56
N LYS C 245 21.07 5.04 14.43
CA LYS C 245 19.79 5.53 14.92
C LYS C 245 19.96 6.81 15.74
N SER C 246 21.08 6.95 16.43
CA SER C 246 21.30 8.14 17.26
C SER C 246 21.26 9.42 16.43
N LEU C 247 21.62 9.35 15.15
CA LEU C 247 21.50 10.48 14.23
C LEU C 247 20.21 10.42 13.42
N ALA C 248 19.14 9.92 14.02
CA ALA C 248 17.86 9.76 13.33
C ALA C 248 17.99 8.84 12.12
N GLY C 249 18.41 7.61 12.40
CA GLY C 249 18.56 6.61 11.39
C GLY C 249 17.31 5.75 11.27
N PRO C 250 16.73 5.67 10.06
CA PRO C 250 15.55 4.81 9.89
C PRO C 250 15.86 3.36 10.21
N LEU C 251 14.89 2.69 10.82
CA LEU C 251 15.03 1.28 11.19
C LEU C 251 14.33 0.45 10.12
N SER C 252 15.09 0.07 9.09
CA SER C 252 14.54 -0.68 7.98
C SER C 252 15.63 -1.52 7.33
N HIS C 253 15.20 -2.59 6.66
CA HIS C 253 16.13 -3.37 5.84
C HIS C 253 16.78 -2.51 4.78
N HIS C 254 16.07 -1.53 4.26
CA HIS C 254 16.58 -0.69 3.19
C HIS C 254 17.67 0.27 3.68
N ASN C 255 17.87 0.37 4.99
CA ASN C 255 18.84 1.28 5.59
C ASN C 255 20.11 0.55 6.04
N THR C 256 20.52 -0.49 5.33
CA THR C 256 21.72 -1.24 5.71
C THR C 256 22.39 -1.79 4.46
N ARG C 257 23.68 -2.07 4.60
CA ARG C 257 24.48 -2.65 3.53
C ARG C 257 25.37 -3.74 4.10
N GLU C 258 25.81 -4.64 3.22
CA GLU C 258 26.56 -5.82 3.62
C GLU C 258 28.05 -5.54 3.55
N GLY C 259 28.79 -6.09 4.51
CA GLY C 259 30.21 -5.83 4.62
C GLY C 259 30.56 -4.49 5.22
N TYR C 260 29.56 -3.74 5.68
CA TYR C 260 29.75 -2.40 6.24
C TYR C 260 28.98 -2.30 7.53
N ARG C 261 29.61 -1.74 8.55
CA ARG C 261 28.96 -1.55 9.84
C ARG C 261 28.37 -0.15 9.94
N THR C 262 27.70 0.13 11.04
CA THR C 262 27.06 1.43 11.23
C THR C 262 28.14 2.51 11.35
N GLN C 263 27.84 3.68 10.80
CA GLN C 263 28.79 4.78 10.73
C GLN C 263 28.46 5.76 11.86
N VAL C 264 29.05 5.49 13.03
CA VAL C 264 28.90 6.40 14.17
C VAL C 264 30.09 7.36 14.30
N LYS C 265 31.18 7.13 13.56
CA LYS C 265 32.35 7.99 13.59
C LYS C 265 32.66 8.58 12.22
N GLY C 266 31.64 8.78 11.40
CA GLY C 266 31.82 9.43 10.12
C GLY C 266 31.94 10.92 10.27
N PRO C 267 32.09 11.61 9.13
CA PRO C 267 32.18 13.07 9.17
C PRO C 267 30.85 13.71 9.54
N TRP C 268 30.38 13.41 10.75
CA TRP C 268 29.15 13.97 11.29
C TRP C 268 29.35 15.41 11.78
N HIS C 269 30.50 15.99 11.49
CA HIS C 269 30.70 17.43 11.61
C HIS C 269 30.36 18.16 10.33
N SER C 270 30.16 17.44 9.23
CA SER C 270 29.86 18.08 7.96
C SER C 270 28.51 18.77 8.03
N GLU C 271 28.46 20.01 7.53
CA GLU C 271 27.20 20.72 7.46
C GLU C 271 26.24 20.03 6.50
N GLU C 272 26.70 19.77 5.28
CA GLU C 272 25.96 18.99 4.30
C GLU C 272 26.72 17.70 4.04
N LEU C 273 26.07 16.56 4.27
CA LEU C 273 26.67 15.26 4.04
C LEU C 273 25.81 14.46 3.08
N GLU C 274 26.41 14.09 1.95
CA GLU C 274 25.78 13.20 0.99
C GLU C 274 26.57 11.90 0.96
N ILE C 275 25.84 10.78 0.99
CA ILE C 275 26.44 9.45 1.10
C ILE C 275 26.23 8.71 -0.21
N ARG C 276 27.32 8.20 -0.77
CA ARG C 276 27.29 7.48 -2.03
C ARG C 276 28.24 6.29 -1.94
N PHE C 277 27.98 5.28 -2.76
CA PHE C 277 28.82 4.09 -2.84
C PHE C 277 29.51 4.09 -4.20
N GLU C 278 30.63 4.78 -4.29
CA GLU C 278 31.44 4.82 -5.49
C GLU C 278 32.87 5.16 -5.10
N GLU C 279 33.82 4.61 -5.86
CA GLU C 279 35.22 4.77 -5.51
C GLU C 279 35.59 6.24 -5.40
N CYS C 280 36.29 6.59 -4.33
CA CYS C 280 36.68 7.98 -4.13
C CYS C 280 37.64 8.41 -5.24
N PRO C 281 37.49 9.63 -5.76
CA PRO C 281 38.39 10.05 -6.85
C PRO C 281 39.85 10.00 -6.42
N GLY C 282 40.71 9.57 -7.33
CA GLY C 282 42.14 9.56 -7.10
C GLY C 282 42.62 8.53 -6.11
N THR C 283 41.83 7.49 -5.84
CA THR C 283 42.19 6.47 -4.86
C THR C 283 41.62 5.13 -5.30
N LYS C 284 41.92 4.09 -4.52
CA LYS C 284 41.41 2.76 -4.78
C LYS C 284 41.43 1.96 -3.49
N VAL C 285 40.51 1.00 -3.38
CA VAL C 285 40.34 0.20 -2.18
C VAL C 285 40.42 -1.27 -2.55
N TYR C 286 41.25 -2.01 -1.82
CA TYR C 286 41.39 -3.44 -1.98
C TYR C 286 40.62 -4.18 -0.88
N VAL C 287 40.20 -5.39 -1.21
CA VAL C 287 39.58 -6.29 -0.24
C VAL C 287 40.72 -7.07 0.39
N GLU C 288 41.36 -6.46 1.39
CA GLU C 288 42.48 -7.07 2.09
C GLU C 288 42.10 -7.28 3.54
N GLU C 289 42.08 -8.54 3.97
CA GLU C 289 41.81 -8.85 5.36
C GLU C 289 42.95 -8.45 6.29
N THR C 290 44.10 -8.04 5.73
CA THR C 290 45.20 -7.51 6.51
C THR C 290 45.08 -6.02 6.75
N CYS C 291 43.99 -5.40 6.28
CA CYS C 291 43.83 -3.96 6.38
C CYS C 291 43.58 -3.59 7.85
N GLY C 292 43.34 -2.31 8.09
CA GLY C 292 43.07 -1.86 9.44
C GLY C 292 41.71 -2.30 9.94
N THR C 293 41.55 -2.19 11.25
CA THR C 293 40.32 -2.60 11.91
C THR C 293 39.33 -1.43 11.94
N ARG C 294 38.27 -1.58 12.72
CA ARG C 294 37.23 -0.55 12.79
C ARG C 294 37.72 0.65 13.58
N GLY C 295 37.11 1.81 13.29
CA GLY C 295 37.41 3.03 14.02
C GLY C 295 36.85 4.26 13.32
N PRO C 296 37.43 5.42 13.60
CA PRO C 296 36.91 6.65 12.98
C PRO C 296 37.09 6.66 11.47
N SER C 297 36.18 7.34 10.79
CA SER C 297 36.30 7.56 9.36
C SER C 297 37.44 8.54 9.08
N LEU C 298 38.00 8.44 7.86
CA LEU C 298 39.13 9.27 7.48
C LEU C 298 38.81 9.99 6.17
N ARG C 299 39.43 11.15 6.01
CA ARG C 299 39.36 11.88 4.75
C ARG C 299 40.35 11.26 3.76
N SER C 300 39.97 11.25 2.49
CA SER C 300 40.82 10.62 1.47
C SER C 300 42.19 11.27 1.43
N THR C 301 42.23 12.60 1.48
CA THR C 301 43.47 13.34 1.41
C THR C 301 44.03 13.60 2.81
N THR C 302 45.23 14.19 2.84
CA THR C 302 45.85 14.60 4.09
C THR C 302 45.44 16.02 4.42
N ALA C 303 46.08 16.61 5.43
CA ALA C 303 45.80 18.01 5.77
C ALA C 303 46.19 18.94 4.62
N SER C 304 47.33 18.68 3.99
CA SER C 304 47.82 19.51 2.89
C SER C 304 47.16 19.17 1.55
N GLY C 305 46.21 18.25 1.54
CA GLY C 305 45.54 17.87 0.31
C GLY C 305 46.19 16.72 -0.43
N ARG C 306 47.32 16.21 0.03
CA ARG C 306 47.95 15.07 -0.62
C ARG C 306 46.98 13.91 -0.69
N VAL C 307 46.85 13.34 -1.87
CA VAL C 307 45.86 12.28 -2.12
C VAL C 307 46.46 10.95 -1.68
N ILE C 308 45.93 10.40 -0.59
CA ILE C 308 46.31 9.07 -0.14
C ILE C 308 45.63 8.08 -1.07
N GLU C 309 46.41 7.44 -1.95
CA GLU C 309 45.87 6.59 -3.00
C GLU C 309 45.78 5.13 -2.59
N GLU C 310 46.50 4.72 -1.55
CA GLU C 310 46.55 3.32 -1.13
C GLU C 310 45.55 3.12 0.01
N TRP C 311 44.53 2.31 -0.23
CA TRP C 311 43.56 1.96 0.78
C TRP C 311 43.18 0.50 0.64
N CYS C 312 42.59 -0.02 1.70
CA CYS C 312 42.25 -1.43 1.77
C CYS C 312 41.01 -1.55 2.64
N CYS C 313 40.52 -2.79 2.75
CA CYS C 313 39.39 -3.06 3.61
C CYS C 313 39.41 -4.53 3.99
N ARG C 314 39.01 -4.81 5.23
CA ARG C 314 39.04 -6.17 5.72
C ARG C 314 38.08 -7.06 4.93
N GLU C 315 36.81 -6.64 4.83
CA GLU C 315 35.82 -7.46 4.16
C GLU C 315 34.80 -6.63 3.37
N CYS C 316 35.18 -5.45 2.91
CA CYS C 316 34.21 -4.64 2.19
C CYS C 316 33.92 -5.25 0.83
N THR C 317 32.73 -4.95 0.32
CA THR C 317 32.32 -5.36 -1.02
C THR C 317 32.46 -4.18 -1.95
N MET C 318 33.35 -4.29 -2.93
CA MET C 318 33.56 -3.19 -3.84
C MET C 318 32.25 -2.89 -4.58
N PRO C 319 31.91 -1.63 -4.82
CA PRO C 319 32.66 -0.39 -4.50
C PRO C 319 32.73 -0.11 -3.01
N PRO C 320 33.69 0.74 -2.62
CA PRO C 320 33.85 1.06 -1.20
C PRO C 320 32.78 1.99 -0.67
N LEU C 321 32.91 2.41 0.59
CA LEU C 321 31.99 3.36 1.21
C LEU C 321 32.77 4.63 1.55
N SER C 322 32.21 5.78 1.16
CA SER C 322 32.81 7.07 1.46
C SER C 322 31.71 8.09 1.70
N PHE C 323 32.05 9.15 2.42
CA PHE C 323 31.14 10.26 2.70
C PHE C 323 31.54 11.43 1.86
N ARG C 324 30.58 12.03 1.16
CA ARG C 324 30.80 13.23 0.37
C ARG C 324 30.27 14.43 1.16
N ALA C 325 31.19 15.31 1.57
CA ALA C 325 30.88 16.48 2.36
C ALA C 325 31.52 17.70 1.70
N LYS C 326 31.24 18.88 2.27
CA LYS C 326 31.97 20.07 1.86
C LYS C 326 33.45 19.94 2.21
N ASP C 327 33.76 19.26 3.31
CA ASP C 327 35.15 19.09 3.71
C ASP C 327 35.94 18.30 2.67
N GLY C 328 35.34 17.26 2.12
CA GLY C 328 35.98 16.48 1.08
C GLY C 328 35.47 15.06 1.10
N CYS C 329 36.28 14.17 0.54
CA CYS C 329 35.92 12.75 0.44
C CYS C 329 36.40 12.03 1.68
N TRP C 330 35.45 11.56 2.49
CA TRP C 330 35.75 10.78 3.69
C TRP C 330 35.38 9.33 3.45
N TYR C 331 36.22 8.43 3.95
CA TYR C 331 36.00 7.01 3.76
C TYR C 331 35.18 6.43 4.89
N GLY C 332 34.70 5.20 4.68
CA GLY C 332 34.10 4.45 5.76
C GLY C 332 35.15 3.93 6.72
N MET C 333 34.69 3.57 7.92
CA MET C 333 35.60 3.06 8.95
C MET C 333 36.24 1.75 8.51
N GLU C 334 35.48 0.87 7.86
CA GLU C 334 36.02 -0.42 7.46
C GLU C 334 37.16 -0.30 6.46
N ILE C 335 37.32 0.85 5.82
CA ILE C 335 38.39 1.09 4.86
C ILE C 335 39.50 1.87 5.56
N ARG C 336 40.73 1.42 5.40
CA ARG C 336 41.88 2.05 6.00
C ARG C 336 43.01 2.14 4.98
N PRO C 337 43.90 3.12 5.12
CA PRO C 337 45.02 3.23 4.18
C PRO C 337 45.98 2.07 4.35
N ARG C 338 46.39 1.49 3.22
CA ARG C 338 47.37 0.40 3.28
C ARG C 338 48.68 0.88 3.86
N LYS C 339 49.15 2.06 3.45
CA LYS C 339 50.41 2.62 3.93
C LYS C 339 50.20 4.13 4.11
N GLU C 340 49.83 4.52 5.31
CA GLU C 340 49.70 5.93 5.68
C GLU C 340 49.66 6.04 7.20
N PRO C 341 50.56 6.81 7.81
CA PRO C 341 50.50 6.98 9.27
C PRO C 341 49.17 7.62 9.69
N GLU C 342 48.69 7.21 10.87
CA GLU C 342 47.46 7.80 11.38
C GLU C 342 47.59 9.30 11.58
N SER C 343 48.82 9.82 11.69
CA SER C 343 49.00 11.26 11.80
C SER C 343 48.59 11.98 10.52
N ASN C 344 48.78 11.35 9.36
CA ASN C 344 48.43 11.94 8.08
C ASN C 344 46.97 11.76 7.72
N LEU C 345 46.18 11.11 8.58
CA LEU C 345 44.78 10.82 8.31
C LEU C 345 43.91 11.72 9.19
N VAL C 346 42.99 12.44 8.57
CA VAL C 346 42.10 13.33 9.30
C VAL C 346 40.94 12.51 9.86
N ARG C 347 40.83 12.48 11.18
CA ARG C 347 39.82 11.67 11.85
C ARG C 347 38.53 12.46 11.96
N SER C 348 37.41 11.80 11.64
CA SER C 348 36.12 12.46 11.69
C SER C 348 35.73 12.73 13.13
N MET C 349 35.36 13.97 13.42
CA MET C 349 34.93 14.31 14.78
C MET C 349 33.69 13.52 15.14
N VAL C 350 33.72 12.92 16.33
CA VAL C 350 32.67 12.03 16.82
C VAL C 350 32.07 12.66 18.07
N THR C 351 30.75 12.81 18.09
CA THR C 351 30.04 13.41 19.20
C THR C 351 28.97 12.46 19.71
N ALA C 352 28.83 12.38 21.02
CA ALA C 352 27.86 11.49 21.66
C ALA C 352 26.76 12.30 22.34
N ASP D 1 9.57 10.85 -10.89
CA ASP D 1 8.43 10.97 -11.86
C ASP D 1 7.87 12.38 -11.81
N VAL D 2 7.85 13.06 -12.95
CA VAL D 2 7.38 14.44 -13.02
C VAL D 2 5.88 14.44 -13.32
N GLY D 3 5.10 14.96 -12.39
CA GLY D 3 3.66 14.99 -12.54
C GLY D 3 3.09 16.34 -12.15
N CYS D 4 1.82 16.37 -11.74
CA CYS D 4 1.20 17.59 -11.26
C CYS D 4 0.19 17.22 -10.17
N SER D 5 -0.55 18.23 -9.73
CA SER D 5 -1.57 18.03 -8.72
C SER D 5 -2.48 19.25 -8.65
N VAL D 6 -3.79 19.02 -8.72
CA VAL D 6 -4.78 20.09 -8.61
C VAL D 6 -5.74 19.71 -7.50
N ASP D 7 -5.93 20.61 -6.54
CA ASP D 7 -6.78 20.35 -5.40
C ASP D 7 -8.25 20.47 -5.79
N PHE D 8 -9.11 19.81 -5.00
CA PHE D 8 -10.55 19.86 -5.19
C PHE D 8 -11.24 20.82 -4.23
N SER D 9 -11.02 20.66 -2.92
CA SER D 9 -11.57 21.63 -1.97
C SER D 9 -11.01 23.02 -2.24
N LYS D 10 -9.72 23.10 -2.51
CA LYS D 10 -9.08 24.30 -3.01
C LYS D 10 -8.72 24.11 -4.49
N LYS D 11 -8.08 25.11 -5.09
CA LYS D 11 -7.72 25.06 -6.51
C LYS D 11 -6.21 25.17 -6.70
N GLU D 12 -5.43 24.80 -5.70
CA GLU D 12 -3.98 24.86 -5.82
C GLU D 12 -3.49 23.89 -6.88
N THR D 13 -2.59 24.37 -7.74
CA THR D 13 -2.05 23.58 -8.83
C THR D 13 -0.53 23.67 -8.82
N ARG D 14 0.12 22.60 -9.26
CA ARG D 14 1.58 22.54 -9.23
C ARG D 14 2.03 21.27 -9.94
N CYS D 15 3.23 21.34 -10.54
CA CYS D 15 3.84 20.22 -11.23
C CYS D 15 5.26 20.03 -10.72
N GLY D 16 5.64 18.78 -10.49
CA GLY D 16 6.96 18.49 -9.97
C GLY D 16 7.21 17.00 -9.91
N THR D 17 8.38 16.65 -9.38
CA THR D 17 8.79 15.25 -9.30
C THR D 17 8.04 14.54 -8.18
N GLY D 18 8.22 13.21 -8.14
CA GLY D 18 7.64 12.41 -7.08
C GLY D 18 7.13 11.07 -7.56
N VAL D 19 6.09 10.57 -6.90
CA VAL D 19 5.45 9.30 -7.25
C VAL D 19 3.95 9.50 -7.19
N PHE D 20 3.21 8.72 -7.97
CA PHE D 20 1.79 8.96 -8.18
C PHE D 20 0.99 7.68 -8.01
N ILE D 21 -0.09 7.77 -7.23
CA ILE D 21 -1.03 6.67 -7.05
C ILE D 21 -2.22 6.93 -7.96
N TYR D 22 -2.87 5.85 -8.41
CA TYR D 22 -4.02 5.96 -9.30
C TYR D 22 -5.09 4.97 -8.87
N ASN D 23 -6.32 5.46 -8.73
CA ASN D 23 -7.46 4.62 -8.33
C ASN D 23 -8.10 4.04 -9.58
N ASP D 24 -8.12 2.72 -9.69
CA ASP D 24 -8.68 2.02 -10.83
C ASP D 24 -9.96 1.27 -10.49
N VAL D 25 -10.52 1.48 -9.30
CA VAL D 25 -11.75 0.78 -8.92
C VAL D 25 -12.95 1.39 -9.67
N GLU D 26 -13.22 2.67 -9.44
CA GLU D 26 -14.29 3.34 -10.18
C GLU D 26 -13.89 3.70 -11.60
N ALA D 27 -12.61 4.05 -11.81
CA ALA D 27 -12.14 4.37 -13.16
C ALA D 27 -12.21 3.16 -14.09
N TRP D 28 -12.32 1.96 -13.54
CA TRP D 28 -12.45 0.75 -14.33
C TRP D 28 -11.21 0.49 -15.18
N ARG D 29 -10.06 0.95 -14.69
CA ARG D 29 -8.75 0.63 -15.23
C ARG D 29 -8.76 0.65 -16.77
N ASP D 30 -8.02 -0.27 -17.38
CA ASP D 30 -8.01 -0.44 -18.82
C ASP D 30 -7.96 -1.94 -19.08
N ARG D 31 -7.95 -2.31 -20.36
CA ARG D 31 -7.84 -3.72 -20.71
C ARG D 31 -6.43 -4.23 -20.42
N TYR D 32 -6.34 -5.48 -19.98
CA TYR D 32 -5.06 -6.08 -19.63
C TYR D 32 -4.95 -7.46 -20.25
N LYS D 33 -3.71 -7.88 -20.47
CA LYS D 33 -3.41 -9.08 -21.25
C LYS D 33 -3.32 -10.33 -20.37
N TYR D 34 -2.72 -10.21 -19.18
CA TYR D 34 -2.61 -11.32 -18.24
C TYR D 34 -1.88 -12.51 -18.86
N HIS D 35 -0.62 -12.27 -19.20
CA HIS D 35 0.22 -13.31 -19.78
C HIS D 35 0.77 -14.21 -18.67
N PRO D 36 0.48 -15.52 -18.69
CA PRO D 36 0.96 -16.42 -17.62
C PRO D 36 2.33 -17.03 -17.94
N ASP D 37 3.35 -16.18 -17.95
CA ASP D 37 4.74 -16.67 -18.12
C ASP D 37 4.82 -17.33 -19.50
N SER D 38 5.55 -18.43 -19.63
CA SER D 38 5.56 -19.19 -20.88
C SER D 38 4.30 -20.04 -20.95
N PRO D 39 3.50 -19.93 -22.02
CA PRO D 39 2.28 -20.75 -22.09
C PRO D 39 2.55 -22.24 -21.93
N ARG D 40 3.65 -22.73 -22.50
CA ARG D 40 3.99 -24.14 -22.36
C ARG D 40 4.48 -24.48 -20.96
N ARG D 41 5.11 -23.55 -20.26
CA ARG D 41 5.40 -23.78 -18.84
C ARG D 41 4.11 -23.90 -18.05
N LEU D 42 3.11 -23.08 -18.37
CA LEU D 42 1.80 -23.24 -17.72
C LEU D 42 1.18 -24.58 -18.07
N ALA D 43 1.28 -25.00 -19.33
CA ALA D 43 0.75 -26.29 -19.72
C ALA D 43 1.42 -27.43 -18.96
N ALA D 44 2.75 -27.38 -18.85
CA ALA D 44 3.48 -28.39 -18.09
C ALA D 44 3.09 -28.35 -16.62
N ALA D 45 2.90 -27.15 -16.07
CA ALA D 45 2.53 -27.04 -14.67
C ALA D 45 1.16 -27.66 -14.41
N VAL D 46 0.20 -27.38 -15.28
CA VAL D 46 -1.14 -27.93 -15.10
C VAL D 46 -1.13 -29.44 -15.33
N LYS D 47 -0.35 -29.90 -16.31
CA LYS D 47 -0.23 -31.34 -16.54
C LYS D 47 0.37 -32.04 -15.33
N GLN D 48 1.42 -31.45 -14.76
CA GLN D 48 2.07 -32.06 -13.59
C GLN D 48 1.17 -31.99 -12.38
N ALA D 49 0.38 -30.92 -12.25
CA ALA D 49 -0.59 -30.83 -11.16
C ALA D 49 -1.67 -31.89 -11.30
N TRP D 50 -2.16 -32.10 -12.53
CA TRP D 50 -3.15 -33.14 -12.76
C TRP D 50 -2.57 -34.52 -12.46
N GLU D 51 -1.34 -34.77 -12.91
CA GLU D 51 -0.66 -36.01 -12.57
C GLU D 51 -0.59 -36.18 -11.06
N GLU D 52 -0.26 -35.09 -10.35
CA GLU D 52 -0.31 -35.10 -8.90
C GLU D 52 -1.74 -35.31 -8.40
N GLY D 53 -2.72 -34.74 -9.11
CA GLY D 53 -4.10 -34.94 -8.78
C GLY D 53 -4.87 -33.66 -8.51
N ILE D 54 -4.37 -32.54 -9.03
CA ILE D 54 -5.05 -31.26 -8.89
C ILE D 54 -6.18 -31.22 -9.91
N CYS D 55 -7.42 -31.24 -9.42
CA CYS D 55 -8.58 -31.26 -10.30
C CYS D 55 -8.92 -29.90 -10.88
N GLY D 56 -8.45 -28.82 -10.27
CA GLY D 56 -8.82 -27.51 -10.74
C GLY D 56 -8.08 -26.42 -9.99
N ILE D 57 -8.54 -25.19 -10.19
CA ILE D 57 -7.92 -23.99 -9.62
C ILE D 57 -9.02 -23.08 -9.10
N SER D 58 -8.77 -22.47 -7.94
CA SER D 58 -9.67 -21.46 -7.38
C SER D 58 -9.07 -20.08 -7.65
N SER D 59 -9.66 -19.35 -8.58
CA SER D 59 -9.23 -17.99 -8.87
C SER D 59 -9.46 -17.11 -7.65
N VAL D 60 -8.36 -16.69 -7.01
CA VAL D 60 -8.48 -15.90 -5.79
C VAL D 60 -9.23 -14.60 -6.05
N SER D 61 -8.92 -13.92 -7.16
CA SER D 61 -9.48 -12.62 -7.49
C SER D 61 -10.09 -12.66 -8.89
N ARG D 62 -10.76 -11.56 -9.25
CA ARG D 62 -11.33 -11.41 -10.58
C ARG D 62 -10.26 -11.24 -11.64
N MET D 63 -9.12 -10.66 -11.31
CA MET D 63 -8.04 -10.54 -12.28
C MET D 63 -7.52 -11.91 -12.71
N GLU D 64 -7.32 -12.82 -11.75
CA GLU D 64 -6.83 -14.15 -12.10
C GLU D 64 -7.91 -14.96 -12.81
N ASN D 65 -9.17 -14.78 -12.42
CA ASN D 65 -10.25 -15.47 -13.13
C ASN D 65 -10.32 -15.00 -14.58
N ILE D 66 -10.16 -13.70 -14.81
CA ILE D 66 -10.13 -13.18 -16.17
C ILE D 66 -8.90 -13.68 -16.90
N MET D 67 -7.77 -13.81 -16.21
CA MET D 67 -6.57 -14.40 -16.80
C MET D 67 -6.84 -15.80 -17.31
N TRP D 68 -7.48 -16.63 -16.48
CA TRP D 68 -7.78 -18.00 -16.91
C TRP D 68 -8.83 -18.02 -18.02
N LYS D 69 -9.80 -17.11 -17.96
CA LYS D 69 -10.75 -17.00 -19.06
C LYS D 69 -10.07 -16.61 -20.37
N SER D 70 -8.99 -15.83 -20.29
CA SER D 70 -8.26 -15.42 -21.49
C SER D 70 -7.26 -16.46 -21.94
N VAL D 71 -6.82 -17.34 -21.05
CA VAL D 71 -5.78 -18.32 -21.35
C VAL D 71 -6.33 -19.72 -21.59
N GLU D 72 -7.63 -19.95 -21.37
CA GLU D 72 -8.19 -21.28 -21.46
C GLU D 72 -7.93 -21.92 -22.82
N GLY D 73 -8.46 -21.32 -23.88
CA GLY D 73 -8.48 -22.00 -25.17
C GLY D 73 -7.10 -22.35 -25.68
N GLU D 74 -6.17 -21.39 -25.64
CA GLU D 74 -4.84 -21.65 -26.20
C GLU D 74 -4.12 -22.70 -25.37
N LEU D 75 -4.34 -22.73 -24.06
CA LEU D 75 -3.76 -23.78 -23.23
C LEU D 75 -4.28 -25.14 -23.65
N ASN D 76 -5.59 -25.24 -23.92
CA ASN D 76 -6.16 -26.52 -24.37
C ASN D 76 -5.58 -26.93 -25.72
N ALA D 77 -5.43 -25.97 -26.63
CA ALA D 77 -4.84 -26.28 -27.93
C ALA D 77 -3.41 -26.77 -27.78
N ILE D 78 -2.64 -26.13 -26.91
CA ILE D 78 -1.26 -26.55 -26.67
C ILE D 78 -1.24 -27.95 -26.08
N LEU D 79 -2.13 -28.23 -25.12
CA LEU D 79 -2.17 -29.55 -24.51
C LEU D 79 -2.48 -30.63 -25.54
N GLU D 80 -3.45 -30.38 -26.42
CA GLU D 80 -3.80 -31.40 -27.41
C GLU D 80 -2.69 -31.54 -28.45
N GLU D 81 -2.02 -30.44 -28.80
CA GLU D 81 -0.93 -30.53 -29.77
C GLU D 81 0.19 -31.41 -29.25
N ASN D 82 0.56 -31.24 -27.98
CA ASN D 82 1.48 -32.15 -27.32
C ASN D 82 0.76 -33.44 -26.93
N GLY D 83 1.54 -34.43 -26.50
CA GLY D 83 0.96 -35.68 -26.04
C GLY D 83 0.27 -35.52 -24.70
N VAL D 84 -0.69 -34.60 -24.62
CA VAL D 84 -1.40 -34.31 -23.38
C VAL D 84 -2.88 -34.17 -23.69
N GLN D 85 -3.72 -34.76 -22.84
CA GLN D 85 -5.18 -34.72 -23.01
C GLN D 85 -5.78 -34.23 -21.70
N LEU D 86 -5.96 -32.91 -21.59
CA LEU D 86 -6.58 -32.32 -20.42
C LEU D 86 -7.21 -31.00 -20.85
N THR D 87 -8.46 -30.78 -20.44
CA THR D 87 -9.22 -29.61 -20.84
C THR D 87 -9.43 -28.68 -19.65
N VAL D 88 -9.33 -27.38 -19.90
CA VAL D 88 -9.55 -26.35 -18.90
C VAL D 88 -10.88 -25.67 -19.20
N VAL D 89 -11.75 -25.59 -18.20
CA VAL D 89 -13.06 -24.98 -18.34
C VAL D 89 -13.24 -23.96 -17.22
N VAL D 90 -13.69 -22.77 -17.58
CA VAL D 90 -13.84 -21.67 -16.62
C VAL D 90 -15.33 -21.31 -16.49
N GLY D 91 -15.62 -20.38 -15.58
CA GLY D 91 -16.99 -19.96 -15.36
C GLY D 91 -17.08 -18.61 -14.68
N SER D 92 -17.98 -18.48 -13.70
CA SER D 92 -18.25 -17.22 -13.02
C SER D 92 -17.70 -17.24 -11.60
N VAL D 93 -17.25 -16.08 -11.16
CA VAL D 93 -16.72 -15.92 -9.80
C VAL D 93 -17.90 -15.81 -8.83
N LYS D 94 -17.84 -16.58 -7.75
CA LYS D 94 -18.89 -16.58 -6.74
C LYS D 94 -18.35 -15.95 -5.46
N ASN D 95 -19.11 -15.02 -4.89
CA ASN D 95 -18.64 -14.31 -3.71
C ASN D 95 -19.24 -14.93 -2.45
N PRO D 96 -18.43 -15.06 -1.38
CA PRO D 96 -17.01 -14.71 -1.29
C PRO D 96 -16.14 -15.76 -1.97
N MET D 97 -15.10 -15.32 -2.69
CA MET D 97 -14.21 -16.25 -3.36
C MET D 97 -13.49 -17.11 -2.32
N TRP D 98 -13.58 -18.42 -2.47
CA TRP D 98 -13.06 -19.32 -1.46
C TRP D 98 -11.59 -19.65 -1.70
N ARG D 99 -10.93 -20.07 -0.63
CA ARG D 99 -9.52 -20.40 -0.65
C ARG D 99 -9.29 -21.79 -1.20
N GLY D 100 -8.05 -22.07 -1.59
CA GLY D 100 -7.62 -23.37 -2.01
C GLY D 100 -6.27 -23.70 -1.42
N PRO D 101 -6.05 -24.98 -1.06
CA PRO D 101 -4.79 -25.34 -0.41
C PRO D 101 -3.66 -25.74 -1.35
N GLN D 102 -3.90 -25.81 -2.65
CA GLN D 102 -2.92 -26.34 -3.59
C GLN D 102 -2.25 -25.22 -4.37
N ARG D 103 -1.06 -25.53 -4.89
CA ARG D 103 -0.29 -24.63 -5.72
C ARG D 103 0.18 -25.41 -6.96
N LEU D 104 0.29 -24.70 -8.07
CA LEU D 104 0.71 -25.34 -9.31
C LEU D 104 2.21 -25.63 -9.25
N PRO D 105 2.64 -26.89 -9.39
CA PRO D 105 4.08 -27.16 -9.33
C PRO D 105 4.81 -26.50 -10.48
N VAL D 106 6.01 -26.01 -10.20
CA VAL D 106 6.85 -25.41 -11.23
C VAL D 106 7.40 -26.53 -12.09
N PRO D 107 7.14 -26.56 -13.39
CA PRO D 107 7.64 -27.66 -14.22
C PRO D 107 9.16 -27.72 -14.19
N VAL D 108 9.69 -28.95 -14.15
CA VAL D 108 11.13 -29.13 -14.24
C VAL D 108 11.62 -28.79 -15.64
N ASN D 109 10.91 -29.25 -16.66
CA ASN D 109 11.26 -28.97 -18.04
C ASN D 109 9.98 -28.71 -18.83
N GLU D 110 10.12 -27.90 -19.88
CA GLU D 110 8.99 -27.54 -20.73
C GLU D 110 8.57 -28.74 -21.58
N LEU D 111 7.29 -28.75 -21.95
CA LEU D 111 6.76 -29.85 -22.73
C LEU D 111 7.46 -29.91 -24.08
N PRO D 112 7.73 -31.11 -24.61
CA PRO D 112 8.51 -31.22 -25.87
C PRO D 112 7.68 -31.00 -27.13
N HIS D 113 7.50 -29.73 -27.50
CA HIS D 113 6.88 -29.40 -28.77
C HIS D 113 7.23 -27.97 -29.14
N GLY D 114 6.88 -27.59 -30.36
CA GLY D 114 7.26 -26.29 -30.87
C GLY D 114 6.70 -25.16 -30.03
N TRP D 115 7.38 -24.02 -30.09
CA TRP D 115 7.00 -22.81 -29.35
C TRP D 115 6.46 -21.79 -30.34
N LYS D 116 5.13 -21.59 -30.31
CA LYS D 116 4.50 -20.65 -31.23
C LYS D 116 3.34 -19.89 -30.60
N ALA D 117 3.19 -19.88 -29.27
CA ALA D 117 1.96 -19.39 -28.66
C ALA D 117 2.21 -18.38 -27.54
N TRP D 118 3.28 -17.60 -27.62
CA TRP D 118 3.50 -16.52 -26.66
C TRP D 118 2.32 -15.57 -26.64
N GLY D 119 1.60 -15.54 -25.53
CA GLY D 119 0.42 -14.70 -25.42
C GLY D 119 -0.63 -15.03 -26.45
N LYS D 120 -0.81 -16.32 -26.77
CA LYS D 120 -1.80 -16.75 -27.74
C LYS D 120 -3.20 -16.39 -27.25
N SER D 121 -3.91 -15.53 -27.96
CA SER D 121 -5.22 -15.05 -27.53
C SER D 121 -6.32 -15.82 -28.28
N TYR D 122 -6.55 -17.05 -27.84
CA TYR D 122 -7.68 -17.83 -28.33
C TYR D 122 -7.60 -18.01 -29.85
N PHE D 123 -8.75 -18.30 -30.48
CA PHE D 123 -8.84 -18.50 -31.93
C PHE D 123 -8.12 -19.79 -32.33
N VAL D 124 -8.23 -20.79 -31.47
CA VAL D 124 -7.75 -22.14 -31.75
C VAL D 124 -8.57 -23.10 -30.91
N ARG D 125 -9.11 -24.12 -31.57
CA ARG D 125 -9.99 -25.09 -30.92
C ARG D 125 -9.22 -26.35 -30.54
N ALA D 126 -9.87 -27.20 -29.76
CA ALA D 126 -9.26 -28.45 -29.33
C ALA D 126 -10.36 -29.47 -29.07
N ALA D 127 -9.97 -30.74 -29.08
CA ALA D 127 -10.89 -31.82 -28.81
C ALA D 127 -11.16 -31.93 -27.31
N LYS D 128 -12.44 -32.04 -26.95
CA LYS D 128 -12.81 -32.15 -25.55
C LYS D 128 -12.27 -33.44 -24.96
N THR D 129 -12.01 -33.41 -23.65
CA THR D 129 -11.59 -34.58 -22.91
C THR D 129 -12.46 -34.72 -21.67
N ASN D 130 -12.74 -35.97 -21.29
CA ASN D 130 -13.55 -36.22 -20.11
C ASN D 130 -12.90 -35.62 -18.86
N ASN D 131 -11.58 -35.79 -18.74
CA ASN D 131 -10.83 -35.15 -17.66
C ASN D 131 -10.83 -33.64 -17.89
N SER D 132 -11.13 -32.89 -16.85
CA SER D 132 -11.22 -31.43 -16.94
C SER D 132 -10.49 -30.80 -15.76
N PHE D 133 -9.57 -29.88 -16.08
CA PHE D 133 -8.85 -29.12 -15.07
C PHE D 133 -9.65 -27.84 -14.83
N VAL D 134 -10.80 -28.00 -14.17
CA VAL D 134 -11.76 -26.91 -14.06
C VAL D 134 -11.14 -25.74 -13.33
N VAL D 135 -11.52 -24.53 -13.73
CA VAL D 135 -11.05 -23.30 -13.11
C VAL D 135 -12.26 -22.51 -12.64
N ASP D 136 -12.35 -22.27 -11.33
CA ASP D 136 -13.43 -21.48 -10.73
C ASP D 136 -14.75 -22.02 -11.28
N GLY D 137 -15.64 -21.18 -11.79
CA GLY D 137 -16.88 -21.67 -12.33
C GLY D 137 -17.75 -22.27 -11.23
N ASP D 138 -18.61 -23.20 -11.65
CA ASP D 138 -19.52 -23.89 -10.75
C ASP D 138 -19.34 -25.41 -10.81
N THR D 139 -18.12 -25.85 -11.10
CA THR D 139 -17.79 -27.28 -11.09
C THR D 139 -17.24 -27.72 -9.75
N LEU D 140 -17.98 -27.43 -8.68
CA LEU D 140 -17.55 -27.83 -7.35
C LEU D 140 -17.53 -29.35 -7.21
N LYS D 141 -18.59 -30.01 -7.70
CA LYS D 141 -18.64 -31.47 -7.62
C LYS D 141 -17.55 -32.11 -8.45
N GLU D 142 -17.31 -31.60 -9.66
CA GLU D 142 -16.28 -32.18 -10.51
C GLU D 142 -14.90 -32.05 -9.87
N CYS D 143 -14.62 -30.90 -9.28
CA CYS D 143 -13.34 -30.65 -8.60
C CYS D 143 -13.63 -30.07 -7.22
N PRO D 144 -13.53 -30.87 -6.16
CA PRO D 144 -13.79 -30.32 -4.82
C PRO D 144 -12.75 -29.27 -4.45
N LEU D 145 -13.16 -28.34 -3.59
CA LEU D 145 -12.27 -27.26 -3.17
C LEU D 145 -11.01 -27.79 -2.51
N GLU D 146 -11.05 -29.03 -2.00
CA GLU D 146 -9.87 -29.60 -1.35
C GLU D 146 -8.67 -29.62 -2.29
N HIS D 147 -8.88 -30.10 -3.52
CA HIS D 147 -7.82 -30.20 -4.51
C HIS D 147 -7.81 -29.02 -5.48
N ARG D 148 -8.37 -27.88 -5.06
CA ARG D 148 -8.38 -26.67 -5.86
C ARG D 148 -7.22 -25.79 -5.44
N ALA D 149 -6.44 -25.33 -6.41
CA ALA D 149 -5.31 -24.48 -6.10
C ALA D 149 -5.76 -23.05 -5.82
N TRP D 150 -4.83 -22.25 -5.32
CA TRP D 150 -5.15 -20.90 -4.89
C TRP D 150 -3.86 -20.09 -4.78
N ASN D 151 -3.83 -18.91 -5.40
CA ASN D 151 -2.64 -18.08 -5.42
C ASN D 151 -1.45 -18.90 -5.94
N SER D 152 -1.57 -19.32 -7.20
CA SER D 152 -0.51 -20.06 -7.89
C SER D 152 0.24 -19.19 -8.89
N PHE D 153 0.07 -17.87 -8.82
CA PHE D 153 0.71 -16.94 -9.74
C PHE D 153 1.23 -15.71 -8.98
N LEU D 154 2.25 -15.08 -9.53
CA LEU D 154 2.80 -13.85 -8.99
C LEU D 154 3.10 -12.90 -10.15
N VAL D 155 2.84 -11.61 -9.94
CA VAL D 155 3.10 -10.62 -10.98
C VAL D 155 4.60 -10.36 -11.05
N GLU D 156 5.16 -10.45 -12.25
CA GLU D 156 6.60 -10.27 -12.48
C GLU D 156 6.92 -8.85 -12.94
N ASP D 157 6.36 -8.44 -14.07
CA ASP D 157 6.67 -7.13 -14.64
C ASP D 157 5.44 -6.64 -15.39
N HIS D 158 5.35 -5.32 -15.53
CA HIS D 158 4.21 -4.66 -16.13
C HIS D 158 4.62 -3.94 -17.41
N GLY D 159 5.45 -4.60 -18.23
CA GLY D 159 6.01 -3.97 -19.40
C GLY D 159 4.96 -3.35 -20.32
N PHE D 160 5.20 -2.11 -20.75
CA PHE D 160 4.30 -1.40 -21.64
C PHE D 160 2.95 -1.17 -20.98
N GLY D 161 2.99 -0.68 -19.73
CA GLY D 161 1.80 -0.58 -18.91
C GLY D 161 0.93 0.63 -19.15
N VAL D 162 1.28 1.48 -20.11
CA VAL D 162 0.48 2.67 -20.40
C VAL D 162 -0.58 2.36 -21.46
N PHE D 163 -0.20 1.70 -22.55
CA PHE D 163 -1.11 1.38 -23.64
C PHE D 163 -1.28 -0.13 -23.81
N HIS D 164 -0.19 -0.87 -23.97
CA HIS D 164 -0.29 -2.32 -24.06
C HIS D 164 -0.92 -2.89 -22.80
N THR D 165 -0.56 -2.35 -21.64
CA THR D 165 -1.22 -2.65 -20.38
C THR D 165 -1.33 -4.16 -20.18
N SER D 166 -0.18 -4.81 -20.12
CA SER D 166 -0.10 -6.26 -19.95
C SER D 166 0.57 -6.59 -18.63
N VAL D 167 -0.05 -7.51 -17.88
CA VAL D 167 0.46 -7.95 -16.60
C VAL D 167 0.93 -9.39 -16.77
N TRP D 168 2.23 -9.60 -16.60
CA TRP D 168 2.85 -10.90 -16.79
C TRP D 168 3.04 -11.59 -15.45
N LEU D 169 2.59 -12.84 -15.37
CA LEU D 169 2.65 -13.60 -14.13
C LEU D 169 3.40 -14.90 -14.37
N LYS D 170 3.85 -15.51 -13.27
CA LYS D 170 4.54 -16.78 -13.33
C LYS D 170 4.12 -17.63 -12.15
N VAL D 171 4.31 -18.94 -12.29
CA VAL D 171 3.93 -19.88 -11.23
C VAL D 171 4.90 -19.74 -10.07
N ARG D 172 4.37 -19.46 -8.89
CA ARG D 172 5.23 -19.26 -7.73
C ARG D 172 5.89 -20.56 -7.30
N GLU D 173 7.18 -20.48 -6.98
CA GLU D 173 7.92 -21.64 -6.50
C GLU D 173 7.52 -21.99 -5.07
N ASP D 174 7.31 -20.99 -4.22
CA ASP D 174 7.00 -21.20 -2.82
C ASP D 174 5.54 -20.86 -2.55
N TYR D 175 4.99 -21.49 -1.52
CA TYR D 175 3.62 -21.22 -1.10
C TYR D 175 3.51 -19.82 -0.52
N SER D 176 2.35 -19.19 -0.74
CA SER D 176 2.09 -17.89 -0.14
C SER D 176 0.61 -17.55 -0.16
N LEU D 177 0.03 -17.35 1.01
CA LEU D 177 -1.34 -16.85 1.13
C LEU D 177 -1.43 -15.35 0.95
N GLU D 178 -0.31 -14.64 1.01
CA GLU D 178 -0.31 -13.20 0.94
C GLU D 178 -0.87 -12.72 -0.40
N CYS D 179 -1.48 -11.54 -0.38
CA CYS D 179 -1.91 -10.92 -1.62
C CYS D 179 -0.68 -10.43 -2.39
N ASP D 180 -0.91 -9.75 -3.51
CA ASP D 180 0.19 -9.27 -4.35
C ASP D 180 0.52 -7.84 -4.00
N PRO D 181 1.73 -7.54 -3.52
CA PRO D 181 2.03 -6.16 -3.09
C PRO D 181 2.27 -5.20 -4.24
N ALA D 182 2.78 -5.68 -5.38
CA ALA D 182 3.13 -4.78 -6.47
C ALA D 182 1.94 -3.97 -6.95
N VAL D 183 0.72 -4.45 -6.69
CA VAL D 183 -0.49 -3.80 -7.18
C VAL D 183 -1.21 -3.13 -6.01
N ILE D 184 -0.44 -2.71 -5.00
CA ILE D 184 -0.99 -2.09 -3.81
C ILE D 184 -0.31 -0.75 -3.61
N GLY D 185 -1.10 0.28 -3.33
CA GLY D 185 -0.57 1.58 -3.02
C GLY D 185 -1.12 2.12 -1.72
N THR D 186 -0.35 2.97 -1.04
CA THR D 186 -0.84 3.59 0.18
C THR D 186 0.21 4.55 0.72
N ALA D 187 -0.28 5.57 1.43
CA ALA D 187 0.54 6.54 2.13
C ALA D 187 -0.42 7.40 2.94
N VAL D 188 0.12 8.39 3.64
CA VAL D 188 -0.69 9.27 4.47
C VAL D 188 -0.18 10.70 4.36
N LYS D 189 -1.11 11.65 4.36
CA LYS D 189 -0.79 13.07 4.30
C LYS D 189 -1.82 13.79 5.15
N GLY D 190 -1.37 14.43 6.23
CA GLY D 190 -2.28 15.18 7.06
C GLY D 190 -3.23 14.29 7.85
N ARG D 191 -4.51 14.30 7.49
CA ARG D 191 -5.55 13.61 8.25
C ARG D 191 -6.28 12.55 7.42
N GLU D 192 -5.66 12.06 6.35
CA GLU D 192 -6.29 11.03 5.52
C GLU D 192 -5.28 9.95 5.18
N ALA D 193 -5.71 8.70 5.36
CA ALA D 193 -4.92 7.53 4.99
C ALA D 193 -5.82 6.58 4.21
N ALA D 194 -5.28 5.99 3.14
CA ALA D 194 -6.09 5.20 2.22
C ALA D 194 -5.37 3.90 1.91
N HIS D 195 -6.11 2.81 1.92
CA HIS D 195 -5.61 1.49 1.61
C HIS D 195 -6.34 0.95 0.39
N SER D 196 -5.59 0.46 -0.59
CA SER D 196 -6.22 0.01 -1.82
C SER D 196 -5.29 -0.95 -2.56
N ASP D 197 -5.90 -1.74 -3.44
CA ASP D 197 -5.20 -2.69 -4.29
C ASP D 197 -5.99 -2.80 -5.60
N LEU D 198 -5.72 -3.85 -6.37
CA LEU D 198 -6.42 -4.02 -7.65
C LEU D 198 -7.91 -4.24 -7.49
N GLY D 199 -8.38 -4.60 -6.30
CA GLY D 199 -9.79 -4.90 -6.13
C GLY D 199 -10.50 -4.08 -5.07
N TYR D 200 -9.74 -3.53 -4.12
CA TYR D 200 -10.32 -2.94 -2.93
C TYR D 200 -9.91 -1.47 -2.80
N TRP D 201 -10.78 -0.69 -2.18
CA TRP D 201 -10.61 0.75 -2.01
C TRP D 201 -11.10 1.11 -0.63
N ILE D 202 -10.20 1.55 0.25
CA ILE D 202 -10.52 1.85 1.64
C ILE D 202 -10.10 3.28 1.94
N GLU D 203 -11.01 4.05 2.54
CA GLU D 203 -10.77 5.43 2.90
C GLU D 203 -10.80 5.57 4.42
N SER D 204 -9.73 6.13 4.98
CA SER D 204 -9.66 6.40 6.41
C SER D 204 -9.49 7.89 6.65
N GLU D 205 -10.37 8.44 7.49
CA GLU D 205 -10.32 9.85 7.85
C GLU D 205 -9.92 9.97 9.31
N LYS D 206 -9.15 11.01 9.61
CA LYS D 206 -8.78 11.31 10.99
C LYS D 206 -9.78 12.32 11.54
N ASN D 207 -10.71 11.84 12.37
CA ASN D 207 -11.73 12.66 13.01
C ASN D 207 -11.58 12.47 14.51
N ASP D 208 -10.64 13.21 15.10
CA ASP D 208 -10.28 13.10 16.51
C ASP D 208 -9.48 11.82 16.78
N THR D 209 -9.40 10.96 15.76
CA THR D 209 -8.63 9.71 15.73
C THR D 209 -8.67 9.26 14.28
N TRP D 210 -7.77 8.37 13.91
CA TRP D 210 -7.75 7.82 12.56
C TRP D 210 -8.90 6.84 12.41
N ARG D 211 -9.93 7.23 11.66
CA ARG D 211 -11.14 6.44 11.54
C ARG D 211 -11.47 6.19 10.07
N LEU D 212 -12.11 5.06 9.82
CA LEU D 212 -12.61 4.78 8.48
C LEU D 212 -13.68 5.79 8.09
N LYS D 213 -13.71 6.11 6.82
CA LYS D 213 -14.69 7.03 6.26
C LYS D 213 -15.62 6.37 5.26
N ARG D 214 -15.14 5.34 4.56
CA ARG D 214 -15.91 4.67 3.52
C ARG D 214 -15.12 3.47 3.03
N ALA D 215 -15.82 2.44 2.59
CA ALA D 215 -15.18 1.24 2.07
C ALA D 215 -16.03 0.65 0.97
N HIS D 216 -15.48 0.61 -0.25
CA HIS D 216 -16.16 0.06 -1.41
C HIS D 216 -15.43 -1.20 -1.88
N LEU D 217 -16.22 -2.19 -2.29
CA LEU D 217 -15.69 -3.47 -2.73
C LEU D 217 -16.37 -3.91 -4.01
N ILE D 218 -15.58 -4.30 -5.00
CA ILE D 218 -16.09 -4.82 -6.27
C ILE D 218 -15.96 -6.33 -6.34
N GLU D 219 -15.36 -6.96 -5.32
CA GLU D 219 -15.15 -8.39 -5.30
C GLU D 219 -14.93 -8.80 -3.85
N MET D 220 -14.85 -10.12 -3.62
CA MET D 220 -14.73 -10.68 -2.28
C MET D 220 -13.68 -11.79 -2.32
N LYS D 221 -12.45 -11.45 -1.96
CA LYS D 221 -11.33 -12.38 -1.96
C LYS D 221 -11.15 -12.99 -0.56
N THR D 222 -10.05 -13.73 -0.39
CA THR D 222 -9.72 -14.29 0.91
C THR D 222 -8.24 -14.23 1.25
N CYS D 223 -7.42 -13.52 0.48
CA CYS D 223 -6.00 -13.41 0.81
C CYS D 223 -5.86 -12.43 1.97
N GLU D 224 -4.62 -12.06 2.31
CA GLU D 224 -4.34 -11.33 3.53
C GLU D 224 -3.57 -10.06 3.24
N TRP D 225 -3.89 -9.00 3.99
CA TRP D 225 -3.30 -7.69 3.75
C TRP D 225 -1.87 -7.63 4.26
N PRO D 226 -0.87 -7.36 3.41
CA PRO D 226 0.50 -7.23 3.90
C PRO D 226 0.65 -6.08 4.88
N LYS D 227 1.52 -6.29 5.88
CA LYS D 227 1.75 -5.28 6.90
C LYS D 227 2.66 -4.17 6.38
N SER D 228 3.68 -4.52 5.60
CA SER D 228 4.64 -3.52 5.13
C SER D 228 3.97 -2.43 4.32
N HIS D 229 2.78 -2.71 3.78
CA HIS D 229 2.07 -1.78 2.90
C HIS D 229 0.83 -1.21 3.58
N THR D 230 0.90 -0.93 4.88
CA THR D 230 -0.18 -0.28 5.59
C THR D 230 0.36 0.46 6.80
N LEU D 231 -0.52 1.26 7.41
CA LEU D 231 -0.14 2.26 8.38
C LEU D 231 -0.68 1.96 9.76
N TRP D 232 -0.01 2.51 10.77
CA TRP D 232 -0.39 2.33 12.17
C TRP D 232 -0.69 0.86 12.45
N THR D 233 0.38 0.07 12.30
CA THR D 233 0.32 -1.39 12.32
C THR D 233 0.42 -1.94 13.74
N ASP D 234 0.24 -1.08 14.74
CA ASP D 234 0.40 -1.47 16.14
C ASP D 234 -0.80 -0.97 16.94
N GLY D 235 -1.14 -1.74 17.97
CA GLY D 235 -2.29 -1.41 18.81
C GLY D 235 -3.61 -1.50 18.08
N VAL D 236 -3.81 -2.56 17.30
CA VAL D 236 -5.04 -2.78 16.55
C VAL D 236 -5.54 -4.19 16.83
N GLU D 237 -6.85 -4.31 17.10
CA GLU D 237 -7.49 -5.60 17.36
C GLU D 237 -8.39 -5.97 16.20
N GLU D 238 -8.47 -7.28 15.91
CA GLU D 238 -9.29 -7.75 14.80
C GLU D 238 -10.77 -7.50 15.06
N SER D 239 -11.24 -7.69 16.29
CA SER D 239 -12.66 -7.55 16.58
C SER D 239 -13.19 -6.21 16.13
N ASP D 240 -12.42 -5.14 16.33
CA ASP D 240 -12.80 -3.82 15.86
C ASP D 240 -12.49 -3.60 14.39
N LEU D 241 -11.68 -4.47 13.77
CA LEU D 241 -11.55 -4.42 12.32
C LEU D 241 -12.90 -4.73 11.70
N ILE D 242 -13.57 -3.72 11.18
CA ILE D 242 -14.90 -3.93 10.63
C ILE D 242 -14.84 -4.98 9.53
N ILE D 243 -13.87 -4.85 8.63
CA ILE D 243 -13.62 -5.88 7.62
C ILE D 243 -12.87 -7.01 8.32
N PRO D 244 -13.38 -8.24 8.30
CA PRO D 244 -12.61 -9.35 8.89
C PRO D 244 -11.29 -9.53 8.15
N LYS D 245 -10.25 -9.86 8.91
CA LYS D 245 -8.97 -10.16 8.28
C LYS D 245 -9.10 -11.31 7.31
N SER D 246 -10.03 -12.24 7.56
CA SER D 246 -10.29 -13.31 6.60
C SER D 246 -10.66 -12.75 5.23
N LEU D 247 -11.19 -11.53 5.19
CA LEU D 247 -11.43 -10.81 3.95
C LEU D 247 -10.27 -9.88 3.61
N ALA D 248 -9.05 -10.27 3.95
CA ALA D 248 -7.87 -9.46 3.72
C ALA D 248 -7.97 -8.13 4.45
N GLY D 249 -8.67 -8.13 5.58
CA GLY D 249 -8.90 -6.94 6.34
C GLY D 249 -7.58 -6.31 6.76
N PRO D 250 -7.33 -5.07 6.33
CA PRO D 250 -6.04 -4.44 6.66
C PRO D 250 -5.85 -4.34 8.17
N LEU D 251 -4.62 -4.59 8.60
CA LEU D 251 -4.26 -4.45 10.02
C LEU D 251 -3.74 -3.03 10.24
N SER D 252 -4.63 -2.18 10.72
CA SER D 252 -4.31 -0.79 11.03
C SER D 252 -5.39 -0.22 11.93
N HIS D 253 -4.99 0.74 12.78
CA HIS D 253 -6.00 1.48 13.54
C HIS D 253 -6.99 2.13 12.62
N HIS D 254 -6.59 2.40 11.38
CA HIS D 254 -7.48 2.97 10.37
C HIS D 254 -8.57 2.00 9.95
N ASN D 255 -8.45 0.71 10.29
CA ASN D 255 -9.43 -0.30 9.92
C ASN D 255 -10.42 -0.60 11.05
N THR D 256 -10.44 0.23 12.10
CA THR D 256 -11.30 0.01 13.24
C THR D 256 -12.09 1.27 13.56
N ARG D 257 -13.31 1.08 14.06
CA ARG D 257 -14.17 2.17 14.50
C ARG D 257 -14.82 1.77 15.83
N GLU D 258 -15.01 2.76 16.69
CA GLU D 258 -15.59 2.51 18.01
C GLU D 258 -17.08 2.23 17.90
N GLY D 259 -17.61 1.55 18.91
CA GLY D 259 -19.03 1.21 18.95
C GLY D 259 -19.44 0.11 18.00
N TYR D 260 -18.49 -0.44 17.24
CA TYR D 260 -18.76 -1.52 16.29
C TYR D 260 -17.71 -2.59 16.45
N ARG D 261 -17.92 -3.70 15.76
CA ARG D 261 -17.03 -4.85 15.83
C ARG D 261 -16.92 -5.46 14.44
N THR D 262 -16.08 -6.49 14.32
CA THR D 262 -15.87 -7.12 13.02
C THR D 262 -17.18 -7.66 12.47
N GLN D 263 -17.36 -7.49 11.16
CA GLN D 263 -18.53 -7.98 10.43
C GLN D 263 -18.07 -9.18 9.61
N VAL D 264 -18.09 -10.36 10.21
CA VAL D 264 -17.66 -11.58 9.53
C VAL D 264 -18.84 -12.36 8.96
N LYS D 265 -20.02 -11.77 8.91
CA LYS D 265 -21.20 -12.47 8.42
C LYS D 265 -22.09 -11.57 7.57
N GLY D 266 -21.55 -10.46 7.06
CA GLY D 266 -22.32 -9.50 6.31
C GLY D 266 -22.61 -9.96 4.89
N PRO D 267 -23.28 -9.11 4.11
CA PRO D 267 -23.63 -9.48 2.74
C PRO D 267 -22.41 -9.56 1.84
N TRP D 268 -21.54 -10.52 2.13
CA TRP D 268 -20.32 -10.72 1.34
C TRP D 268 -20.58 -11.53 0.07
N HIS D 269 -21.79 -12.05 -0.11
CA HIS D 269 -22.16 -12.66 -1.37
C HIS D 269 -22.30 -11.63 -2.49
N SER D 270 -22.49 -10.36 -2.15
CA SER D 270 -22.72 -9.34 -3.16
C SER D 270 -21.53 -9.24 -4.10
N GLU D 271 -21.83 -9.14 -5.40
CA GLU D 271 -20.77 -8.93 -6.38
C GLU D 271 -20.14 -7.55 -6.21
N GLU D 272 -20.95 -6.55 -5.89
CA GLU D 272 -20.46 -5.21 -5.57
C GLU D 272 -21.03 -4.81 -4.22
N LEU D 273 -20.17 -4.43 -3.29
CA LEU D 273 -20.56 -4.04 -1.95
C LEU D 273 -19.89 -2.71 -1.62
N GLU D 274 -20.70 -1.68 -1.38
CA GLU D 274 -20.20 -0.37 -0.96
C GLU D 274 -20.67 -0.12 0.46
N ILE D 275 -19.73 0.12 1.36
CA ILE D 275 -20.00 0.32 2.78
C ILE D 275 -20.08 1.82 3.02
N ARG D 276 -21.22 2.27 3.54
CA ARG D 276 -21.42 3.68 3.87
C ARG D 276 -22.01 3.77 5.27
N PHE D 277 -21.39 4.62 6.11
CA PHE D 277 -21.85 4.83 7.48
C PHE D 277 -23.06 5.76 7.42
N GLU D 278 -24.22 5.16 7.21
CA GLU D 278 -25.43 5.94 7.01
C GLU D 278 -26.64 5.04 7.21
N GLU D 279 -27.76 5.65 7.60
CA GLU D 279 -29.01 4.93 7.72
C GLU D 279 -29.43 4.39 6.36
N CYS D 280 -30.01 3.20 6.35
CA CYS D 280 -30.52 2.65 5.12
C CYS D 280 -31.78 3.42 4.69
N PRO D 281 -32.04 3.50 3.39
CA PRO D 281 -33.18 4.30 2.92
C PRO D 281 -34.48 3.86 3.57
N GLY D 282 -35.28 4.84 3.98
CA GLY D 282 -36.55 4.57 4.62
C GLY D 282 -36.45 3.89 5.97
N THR D 283 -35.28 3.93 6.59
CA THR D 283 -35.05 3.23 7.84
C THR D 283 -34.49 4.20 8.89
N LYS D 284 -34.91 4.01 10.13
CA LYS D 284 -34.45 4.80 11.27
C LYS D 284 -33.70 3.89 12.23
N VAL D 285 -32.50 4.31 12.62
CA VAL D 285 -31.66 3.57 13.55
C VAL D 285 -31.56 4.37 14.84
N TYR D 286 -31.73 3.69 15.96
CA TYR D 286 -31.61 4.31 17.28
C TYR D 286 -30.69 3.47 18.14
N VAL D 287 -30.27 4.07 19.26
CA VAL D 287 -29.39 3.40 20.22
C VAL D 287 -30.24 2.99 21.40
N GLU D 288 -30.60 1.71 21.46
CA GLU D 288 -31.32 1.15 22.60
C GLU D 288 -30.54 -0.04 23.15
N GLU D 289 -30.26 0.01 24.46
CA GLU D 289 -29.57 -1.10 25.10
C GLU D 289 -30.39 -2.37 25.10
N THR D 290 -31.72 -2.26 25.09
CA THR D 290 -32.60 -3.41 25.01
C THR D 290 -32.63 -4.04 23.63
N CYS D 291 -32.01 -3.39 22.64
CA CYS D 291 -32.01 -3.92 21.29
C CYS D 291 -31.39 -5.30 21.25
N GLY D 292 -31.70 -6.03 20.17
CA GLY D 292 -31.13 -7.34 19.99
C GLY D 292 -29.63 -7.28 19.87
N THR D 293 -28.98 -8.35 20.31
CA THR D 293 -27.53 -8.43 20.29
C THR D 293 -27.06 -8.53 18.84
N ARG D 294 -25.75 -8.66 18.67
CA ARG D 294 -25.19 -8.71 17.33
C ARG D 294 -25.65 -9.97 16.62
N GLY D 295 -26.11 -9.81 15.37
CA GLY D 295 -26.58 -10.92 14.59
C GLY D 295 -26.28 -10.72 13.11
N PRO D 296 -26.61 -11.71 12.29
CA PRO D 296 -26.26 -11.62 10.87
C PRO D 296 -26.79 -10.35 10.23
N SER D 297 -26.00 -9.78 9.33
CA SER D 297 -26.41 -8.56 8.66
C SER D 297 -27.74 -8.78 7.96
N LEU D 298 -28.64 -7.81 8.11
CA LEU D 298 -29.98 -7.88 7.56
C LEU D 298 -30.17 -6.78 6.55
N ARG D 299 -30.66 -7.13 5.37
CA ARG D 299 -31.01 -6.11 4.39
C ARG D 299 -32.10 -5.21 4.97
N SER D 300 -31.92 -3.90 4.77
CA SER D 300 -32.88 -2.94 5.31
C SER D 300 -34.30 -3.29 4.88
N THR D 301 -34.45 -3.80 3.66
CA THR D 301 -35.76 -4.13 3.11
C THR D 301 -36.08 -5.61 3.35
N THR D 302 -37.30 -5.97 2.98
CA THR D 302 -37.76 -7.35 3.07
C THR D 302 -37.62 -8.03 1.71
N ALA D 303 -38.03 -9.30 1.65
CA ALA D 303 -37.96 -10.03 0.39
C ALA D 303 -38.86 -9.39 -0.66
N SER D 304 -40.08 -9.00 -0.27
CA SER D 304 -40.98 -8.30 -1.18
C SER D 304 -40.55 -6.86 -1.42
N GLY D 305 -39.55 -6.37 -0.69
CA GLY D 305 -39.10 -5.00 -0.82
C GLY D 305 -39.58 -4.05 0.24
N ARG D 306 -40.38 -4.52 1.19
CA ARG D 306 -40.87 -3.64 2.25
C ARG D 306 -39.71 -3.12 3.07
N VAL D 307 -39.84 -1.87 3.52
CA VAL D 307 -38.77 -1.15 4.19
C VAL D 307 -39.03 -1.14 5.68
N ILE D 308 -38.01 -1.45 6.47
CA ILE D 308 -38.13 -1.42 7.92
C ILE D 308 -37.78 -0.03 8.41
N GLU D 309 -38.75 0.62 9.06
CA GLU D 309 -38.60 2.02 9.44
C GLU D 309 -37.81 2.23 10.72
N GLU D 310 -37.99 1.35 11.71
CA GLU D 310 -37.35 1.51 13.01
C GLU D 310 -36.24 0.47 13.15
N TRP D 311 -35.05 0.94 13.52
CA TRP D 311 -33.92 0.07 13.81
C TRP D 311 -33.27 0.54 15.11
N CYS D 312 -32.69 -0.43 15.82
CA CYS D 312 -32.07 -0.18 17.11
C CYS D 312 -30.68 -0.79 17.12
N CYS D 313 -29.89 -0.37 18.10
CA CYS D 313 -28.54 -0.90 18.28
C CYS D 313 -28.17 -0.83 19.75
N ARG D 314 -27.24 -1.68 20.16
CA ARG D 314 -26.82 -1.73 21.55
C ARG D 314 -25.69 -0.75 21.82
N GLU D 315 -24.71 -0.68 20.90
CA GLU D 315 -23.53 0.14 21.11
C GLU D 315 -23.14 0.93 19.86
N CYS D 316 -23.97 0.96 18.83
CA CYS D 316 -23.60 1.63 17.60
C CYS D 316 -23.52 3.14 17.83
N THR D 317 -22.64 3.78 17.05
CA THR D 317 -22.48 5.23 17.06
C THR D 317 -22.89 5.77 15.71
N MET D 318 -23.73 6.80 15.71
CA MET D 318 -24.26 7.31 14.46
C MET D 318 -23.17 8.05 13.69
N PRO D 319 -23.23 8.03 12.36
CA PRO D 319 -24.25 7.38 11.51
C PRO D 319 -24.09 5.87 11.47
N PRO D 320 -25.18 5.12 11.29
CA PRO D 320 -25.09 3.67 11.35
C PRO D 320 -24.38 3.12 10.12
N LEU D 321 -23.90 1.89 10.25
CA LEU D 321 -23.21 1.20 9.19
C LEU D 321 -24.21 0.45 8.33
N SER D 322 -24.01 0.47 7.02
CA SER D 322 -24.88 -0.23 6.09
C SER D 322 -24.09 -0.65 4.87
N PHE D 323 -24.35 -1.86 4.38
CA PHE D 323 -23.71 -2.36 3.17
C PHE D 323 -24.59 -2.01 1.98
N ARG D 324 -24.04 -1.24 1.05
CA ARG D 324 -24.76 -0.76 -0.11
C ARG D 324 -24.33 -1.58 -1.32
N ALA D 325 -25.15 -2.56 -1.68
CA ALA D 325 -24.92 -3.41 -2.84
C ALA D 325 -26.16 -3.41 -3.70
N LYS D 326 -26.05 -4.02 -4.89
CA LYS D 326 -27.21 -4.10 -5.77
C LYS D 326 -28.34 -4.89 -5.14
N ASP D 327 -28.01 -5.80 -4.22
CA ASP D 327 -29.04 -6.52 -3.49
C ASP D 327 -29.90 -5.57 -2.67
N GLY D 328 -29.28 -4.58 -2.06
CA GLY D 328 -29.99 -3.57 -1.30
C GLY D 328 -29.11 -3.04 -0.19
N CYS D 329 -29.71 -2.21 0.66
CA CYS D 329 -29.03 -1.64 1.81
C CYS D 329 -29.17 -2.58 2.99
N TRP D 330 -28.06 -2.84 3.68
CA TRP D 330 -28.01 -3.77 4.79
C TRP D 330 -27.66 -3.03 6.07
N TYR D 331 -27.60 -3.79 7.16
CA TYR D 331 -27.21 -3.24 8.45
C TYR D 331 -26.23 -4.18 9.12
N GLY D 332 -25.39 -3.61 9.98
CA GLY D 332 -24.34 -4.36 10.62
C GLY D 332 -24.88 -5.32 11.66
N MET D 333 -23.94 -5.96 12.36
CA MET D 333 -24.32 -6.93 13.37
C MET D 333 -25.01 -6.26 14.55
N GLU D 334 -24.43 -5.16 15.06
CA GLU D 334 -24.99 -4.49 16.22
C GLU D 334 -26.35 -3.87 15.94
N ILE D 335 -26.63 -3.46 14.72
CA ILE D 335 -27.89 -2.81 14.37
C ILE D 335 -28.91 -3.89 14.06
N ARG D 336 -29.91 -4.03 14.92
CA ARG D 336 -31.02 -4.92 14.70
C ARG D 336 -32.30 -4.09 14.54
N PRO D 337 -33.28 -4.57 13.78
CA PRO D 337 -34.52 -3.81 13.65
C PRO D 337 -35.19 -3.63 15.00
N ARG D 338 -35.77 -2.45 15.20
CA ARG D 338 -36.41 -2.15 16.48
C ARG D 338 -37.55 -3.12 16.76
N LYS D 339 -38.46 -3.26 15.81
CA LYS D 339 -39.58 -4.20 15.93
C LYS D 339 -39.93 -4.66 14.52
N GLU D 340 -39.45 -5.85 14.16
CA GLU D 340 -39.71 -6.41 12.84
C GLU D 340 -39.60 -7.92 12.93
N PRO D 341 -40.51 -8.68 12.31
CA PRO D 341 -40.35 -10.13 12.31
C PRO D 341 -39.03 -10.53 11.66
N GLU D 342 -38.39 -11.56 12.22
CA GLU D 342 -37.11 -12.01 11.69
C GLU D 342 -37.25 -12.72 10.35
N SER D 343 -38.46 -13.17 9.99
CA SER D 343 -38.65 -13.86 8.72
C SER D 343 -38.37 -12.94 7.54
N ASN D 344 -38.85 -11.70 7.61
CA ASN D 344 -38.71 -10.77 6.49
C ASN D 344 -37.34 -10.12 6.44
N LEU D 345 -36.47 -10.40 7.41
CA LEU D 345 -35.12 -9.86 7.39
C LEU D 345 -34.23 -10.74 6.53
N VAL D 346 -33.68 -10.16 5.46
CA VAL D 346 -32.81 -10.90 4.55
C VAL D 346 -31.44 -10.97 5.23
N ARG D 347 -31.22 -12.05 5.97
CA ARG D 347 -29.91 -12.27 6.56
C ARG D 347 -28.87 -12.44 5.47
N SER D 348 -27.66 -12.00 5.77
CA SER D 348 -26.52 -12.31 4.92
C SER D 348 -26.03 -13.70 5.26
N MET D 349 -26.05 -14.60 4.28
CA MET D 349 -25.63 -15.97 4.52
C MET D 349 -24.23 -15.99 5.12
N VAL D 350 -24.05 -16.86 6.12
CA VAL D 350 -22.77 -16.92 6.83
C VAL D 350 -21.66 -17.18 5.83
N THR D 351 -20.63 -16.33 5.88
CA THR D 351 -19.48 -16.44 5.00
C THR D 351 -18.33 -17.03 5.80
N ALA D 352 -18.24 -18.36 5.81
CA ALA D 352 -17.19 -19.05 6.55
C ALA D 352 -16.07 -19.48 5.62
N ASP E 1 10.64 -31.35 44.59
CA ASP E 1 9.27 -31.20 44.03
C ASP E 1 8.23 -31.75 45.00
N VAL E 2 8.57 -32.84 45.68
CA VAL E 2 7.78 -33.35 46.80
C VAL E 2 7.97 -32.39 47.96
N GLY E 3 7.17 -32.50 49.00
CA GLY E 3 7.38 -31.64 50.16
C GLY E 3 6.22 -31.64 51.13
N CYS E 4 6.45 -30.96 52.25
CA CYS E 4 5.40 -30.68 53.21
C CYS E 4 4.30 -29.87 52.56
N SER E 5 3.09 -29.94 53.13
CA SER E 5 2.00 -29.08 52.69
C SER E 5 0.99 -28.98 53.83
N VAL E 6 0.95 -27.82 54.48
CA VAL E 6 0.03 -27.57 55.58
C VAL E 6 -0.46 -26.13 55.41
N ASP E 7 -1.68 -25.98 54.90
CA ASP E 7 -2.28 -24.66 54.72
C ASP E 7 -2.31 -23.91 56.04
N PHE E 8 -1.62 -22.77 56.09
CA PHE E 8 -1.63 -21.96 57.32
C PHE E 8 -3.02 -21.47 57.64
N SER E 9 -3.80 -21.08 56.63
CA SER E 9 -5.14 -20.56 56.89
C SER E 9 -6.10 -21.67 57.33
N LYS E 10 -5.97 -22.87 56.75
CA LYS E 10 -6.92 -23.95 56.98
C LYS E 10 -6.33 -25.18 57.63
N LYS E 11 -5.00 -25.32 57.66
CA LYS E 11 -4.34 -26.46 58.30
C LYS E 11 -4.73 -27.77 57.61
N GLU E 12 -4.40 -27.86 56.32
CA GLU E 12 -4.70 -29.01 55.50
C GLU E 12 -3.40 -29.75 55.19
N THR E 13 -3.22 -30.91 55.81
CA THR E 13 -2.03 -31.71 55.56
C THR E 13 -2.12 -32.37 54.19
N ARG E 14 -1.02 -32.31 53.44
CA ARG E 14 -1.02 -32.83 52.08
C ARG E 14 0.43 -33.04 51.63
N CYS E 15 0.56 -33.67 50.47
CA CYS E 15 1.86 -33.86 49.84
C CYS E 15 1.65 -34.13 48.35
N GLY E 16 2.70 -33.93 47.57
CA GLY E 16 2.60 -34.10 46.13
C GLY E 16 3.92 -33.97 45.39
N THR E 17 3.90 -33.21 44.29
CA THR E 17 5.08 -33.06 43.44
C THR E 17 4.90 -31.83 42.56
N GLY E 18 5.79 -30.84 42.73
CA GLY E 18 5.68 -29.60 41.99
C GLY E 18 6.91 -28.71 42.08
N VAL E 19 6.69 -27.41 42.17
CA VAL E 19 7.75 -26.42 42.24
C VAL E 19 7.52 -25.53 43.46
N PHE E 20 8.59 -24.88 43.92
CA PHE E 20 8.56 -24.09 45.14
C PHE E 20 9.27 -22.76 44.91
N ILE E 21 8.69 -21.68 45.44
CA ILE E 21 9.33 -20.37 45.48
C ILE E 21 9.48 -19.96 46.94
N TYR E 22 10.69 -19.55 47.31
CA TYR E 22 11.02 -19.23 48.69
C TYR E 22 11.36 -17.74 48.79
N ASN E 23 10.75 -17.06 49.75
CA ASN E 23 10.97 -15.63 49.98
C ASN E 23 12.34 -15.49 50.65
N ASP E 24 13.37 -15.38 49.84
CA ASP E 24 14.74 -15.32 50.33
C ASP E 24 15.21 -13.89 50.62
N VAL E 25 14.38 -12.88 50.36
CA VAL E 25 14.79 -11.51 50.63
C VAL E 25 15.09 -11.32 52.12
N GLU E 26 14.20 -11.82 52.97
CA GLU E 26 14.39 -11.68 54.41
C GLU E 26 15.33 -12.77 54.96
N ALA E 27 15.37 -13.94 54.32
CA ALA E 27 16.21 -15.05 54.75
C ALA E 27 17.50 -15.14 53.95
N TRP E 28 18.04 -14.00 53.53
CA TRP E 28 19.23 -13.97 52.68
C TRP E 28 20.53 -13.93 53.46
N ARG E 29 20.52 -13.40 54.68
CA ARG E 29 21.78 -13.18 55.39
C ARG E 29 22.49 -14.50 55.71
N ASP E 30 21.73 -15.54 56.06
CA ASP E 30 22.28 -16.80 56.52
C ASP E 30 22.04 -17.93 55.53
N ARG E 31 21.98 -17.61 54.24
CA ARG E 31 21.71 -18.63 53.22
C ARG E 31 22.70 -18.55 52.06
N TYR E 32 23.24 -17.37 51.78
CA TYR E 32 24.00 -17.12 50.57
C TYR E 32 25.43 -16.72 50.90
N LYS E 33 26.38 -17.30 50.17
CA LYS E 33 27.77 -16.86 50.17
C LYS E 33 28.19 -16.62 48.73
N TYR E 34 29.09 -15.65 48.56
CA TYR E 34 29.46 -15.17 47.23
C TYR E 34 30.96 -15.27 47.04
N HIS E 35 31.36 -15.47 45.78
CA HIS E 35 32.75 -15.49 45.38
C HIS E 35 32.83 -15.49 43.85
N PRO E 36 33.84 -14.85 43.25
CA PRO E 36 33.98 -14.94 41.78
C PRO E 36 34.52 -16.30 41.35
N ASP E 37 34.79 -16.45 40.06
CA ASP E 37 35.23 -17.72 39.49
C ASP E 37 36.64 -17.56 38.94
N SER E 38 37.51 -18.53 39.26
CA SER E 38 38.90 -18.53 38.79
C SER E 38 39.57 -17.21 39.13
N PRO E 39 39.92 -16.99 40.40
CA PRO E 39 40.49 -15.68 40.79
C PRO E 39 41.69 -15.27 39.95
N ARG E 40 42.38 -16.23 39.34
CA ARG E 40 43.48 -15.87 38.43
C ARG E 40 42.95 -15.20 37.17
N ARG E 41 41.89 -15.76 36.59
CA ARG E 41 41.27 -15.11 35.43
C ARG E 41 40.68 -13.77 35.81
N LEU E 42 40.13 -13.65 37.01
CA LEU E 42 39.62 -12.36 37.46
C LEU E 42 40.75 -11.35 37.63
N ALA E 43 41.91 -11.80 38.13
CA ALA E 43 43.06 -10.92 38.22
C ALA E 43 43.52 -10.48 36.84
N ALA E 44 43.54 -11.39 35.87
CA ALA E 44 43.87 -11.02 34.51
C ALA E 44 42.85 -10.00 33.97
N ALA E 45 41.58 -10.19 34.29
CA ALA E 45 40.54 -9.28 33.83
C ALA E 45 40.75 -7.89 34.39
N VAL E 46 41.00 -7.78 35.70
CA VAL E 46 41.20 -6.47 36.30
C VAL E 46 42.47 -5.82 35.80
N LYS E 47 43.52 -6.62 35.57
CA LYS E 47 44.76 -6.07 35.03
C LYS E 47 44.54 -5.52 33.62
N GLN E 48 43.90 -6.30 32.76
CA GLN E 48 43.67 -5.85 31.38
C GLN E 48 42.71 -4.68 31.34
N ALA E 49 41.76 -4.62 32.28
CA ALA E 49 40.83 -3.50 32.34
C ALA E 49 41.54 -2.20 32.68
N TRP E 50 42.59 -2.27 33.51
CA TRP E 50 43.32 -1.07 33.88
C TRP E 50 44.02 -0.46 32.68
N GLU E 51 44.53 -1.28 31.76
CA GLU E 51 45.21 -0.75 30.59
C GLU E 51 44.28 0.09 29.72
N GLU E 52 42.98 -0.15 29.80
CA GLU E 52 41.99 0.63 29.08
C GLU E 52 41.54 1.87 29.85
N GLY E 53 42.11 2.11 31.03
CA GLY E 53 41.74 3.26 31.83
C GLY E 53 40.39 3.10 32.50
N ILE E 54 40.28 2.14 33.41
CA ILE E 54 39.05 1.89 34.15
C ILE E 54 39.30 2.28 35.60
N CYS E 55 38.52 3.23 36.11
CA CYS E 55 38.66 3.65 37.50
C CYS E 55 38.31 2.51 38.45
N GLY E 56 37.23 1.79 38.15
CA GLY E 56 36.78 0.73 39.02
C GLY E 56 35.42 0.18 38.64
N ILE E 57 34.62 -0.17 39.64
CA ILE E 57 33.31 -0.78 39.42
C ILE E 57 32.31 -0.13 40.36
N SER E 58 31.14 0.19 39.82
CA SER E 58 30.01 0.65 40.61
C SER E 58 29.00 -0.49 40.65
N SER E 59 29.06 -1.29 41.71
CA SER E 59 28.25 -2.50 41.79
C SER E 59 26.77 -2.14 41.75
N VAL E 60 26.02 -2.82 40.88
CA VAL E 60 24.59 -2.53 40.75
C VAL E 60 23.84 -2.93 42.00
N SER E 61 24.18 -4.09 42.57
CA SER E 61 23.42 -4.68 43.66
C SER E 61 24.33 -4.99 44.84
N ARG E 62 23.71 -5.09 46.02
CA ARG E 62 24.48 -5.40 47.23
C ARG E 62 25.12 -6.78 47.14
N MET E 63 24.50 -7.72 46.43
CA MET E 63 25.11 -9.03 46.24
C MET E 63 26.51 -8.88 45.65
N GLU E 64 26.61 -8.14 44.55
CA GLU E 64 27.90 -8.00 43.88
C GLU E 64 28.91 -7.30 44.76
N ASN E 65 28.49 -6.25 45.46
CA ASN E 65 29.41 -5.52 46.33
C ASN E 65 29.94 -6.41 47.44
N ILE E 66 29.06 -7.15 48.11
CA ILE E 66 29.49 -8.06 49.17
C ILE E 66 30.41 -9.12 48.60
N MET E 67 30.14 -9.59 47.39
CA MET E 67 31.03 -10.55 46.74
C MET E 67 32.41 -9.95 46.53
N TRP E 68 32.46 -8.69 46.09
CA TRP E 68 33.74 -8.06 45.80
C TRP E 68 34.57 -7.87 47.07
N LYS E 69 33.91 -7.72 48.21
CA LYS E 69 34.61 -7.64 49.50
C LYS E 69 34.73 -9.05 50.10
N SER E 70 35.19 -9.98 49.28
CA SER E 70 35.44 -11.35 49.70
C SER E 70 36.80 -11.86 49.26
N VAL E 71 37.27 -11.47 48.08
CA VAL E 71 38.54 -11.94 47.52
C VAL E 71 39.50 -10.80 47.22
N GLU E 72 39.29 -9.64 47.84
CA GLU E 72 40.19 -8.51 47.59
C GLU E 72 41.63 -8.88 47.93
N GLY E 73 41.83 -9.52 49.09
CA GLY E 73 43.17 -9.93 49.45
C GLY E 73 43.76 -10.94 48.49
N GLU E 74 42.95 -11.92 48.07
CA GLU E 74 43.43 -12.91 47.11
C GLU E 74 43.77 -12.26 45.77
N LEU E 75 42.92 -11.33 45.31
CA LEU E 75 43.21 -10.65 44.05
C LEU E 75 44.50 -9.85 44.14
N ASN E 76 44.69 -9.14 45.26
CA ASN E 76 45.92 -8.38 45.43
C ASN E 76 47.14 -9.31 45.47
N ALA E 77 47.01 -10.44 46.15
CA ALA E 77 48.11 -11.40 46.21
C ALA E 77 48.45 -11.93 44.82
N ILE E 78 47.43 -12.26 44.02
CA ILE E 78 47.68 -12.75 42.67
C ILE E 78 48.32 -11.66 41.83
N LEU E 79 47.87 -10.42 41.99
CA LEU E 79 48.44 -9.32 41.22
C LEU E 79 49.91 -9.13 41.54
N GLU E 80 50.28 -9.19 42.82
CA GLU E 80 51.68 -9.03 43.19
C GLU E 80 52.49 -10.26 42.80
N GLU E 81 51.85 -11.43 42.71
CA GLU E 81 52.57 -12.64 42.32
C GLU E 81 53.11 -12.52 40.89
N ASN E 82 52.31 -11.95 39.99
CA ASN E 82 52.74 -11.69 38.62
C ASN E 82 53.41 -10.33 38.47
N GLY E 83 53.61 -9.60 39.57
CA GLY E 83 54.25 -8.31 39.51
C GLY E 83 53.33 -7.15 39.16
N VAL E 84 52.03 -7.41 39.03
CA VAL E 84 51.11 -6.34 38.64
C VAL E 84 50.92 -5.39 39.81
N GLN E 85 51.12 -4.10 39.56
CA GLN E 85 50.99 -3.06 40.58
C GLN E 85 49.58 -2.50 40.49
N LEU E 86 48.70 -2.97 41.37
CA LEU E 86 47.33 -2.47 41.43
C LEU E 86 46.71 -2.92 42.73
N THR E 87 46.21 -1.96 43.51
CA THR E 87 45.55 -2.22 44.78
C THR E 87 44.06 -1.97 44.61
N VAL E 88 43.25 -2.94 45.02
CA VAL E 88 41.80 -2.87 44.90
C VAL E 88 41.24 -2.31 46.20
N VAL E 89 40.37 -1.31 46.10
CA VAL E 89 39.71 -0.70 47.25
C VAL E 89 38.21 -0.84 47.05
N VAL E 90 37.53 -1.39 48.04
CA VAL E 90 36.08 -1.58 47.99
C VAL E 90 35.46 -0.80 49.14
N GLY E 91 34.57 0.13 48.79
CA GLY E 91 33.93 0.97 49.79
C GLY E 91 32.49 0.59 50.03
N SER E 92 31.71 1.53 50.57
CA SER E 92 30.31 1.30 50.89
C SER E 92 29.43 1.76 49.73
N VAL E 93 28.38 1.01 49.47
CA VAL E 93 27.46 1.35 48.39
C VAL E 93 26.47 2.41 48.88
N LYS E 94 26.09 3.31 47.98
CA LYS E 94 25.11 4.34 48.25
C LYS E 94 23.99 4.28 47.23
N ASN E 95 22.78 4.49 47.70
CA ASN E 95 21.60 4.39 46.87
C ASN E 95 21.13 5.78 46.44
N PRO E 96 20.38 5.87 45.35
CA PRO E 96 20.03 4.79 44.44
C PRO E 96 21.25 4.42 43.60
N MET E 97 21.52 3.14 43.40
CA MET E 97 22.73 2.74 42.71
C MET E 97 22.63 3.14 41.24
N TRP E 98 23.45 4.10 40.85
CA TRP E 98 23.38 4.66 39.51
C TRP E 98 23.95 3.67 38.50
N ARG E 99 24.03 4.11 37.25
CA ARG E 99 24.41 3.27 36.13
C ARG E 99 25.84 3.63 35.72
N GLY E 100 26.68 2.61 35.58
CA GLY E 100 28.04 2.80 35.16
C GLY E 100 28.25 2.39 33.73
N PRO E 101 28.61 3.34 32.86
CA PRO E 101 28.68 3.01 31.42
C PRO E 101 29.76 2.00 31.09
N GLN E 102 30.84 1.94 31.86
CA GLN E 102 31.94 1.05 31.54
C GLN E 102 31.58 -0.41 31.86
N ARG E 103 32.32 -1.32 31.24
CA ARG E 103 32.14 -2.75 31.44
C ARG E 103 33.51 -3.40 31.57
N LEU E 104 33.58 -4.48 32.36
CA LEU E 104 34.84 -5.18 32.56
C LEU E 104 35.18 -6.02 31.33
N PRO E 105 36.39 -5.88 30.77
CA PRO E 105 36.79 -6.78 29.68
C PRO E 105 36.94 -8.22 30.15
N VAL E 106 36.89 -9.15 29.22
CA VAL E 106 36.97 -10.59 29.52
C VAL E 106 38.34 -11.08 29.06
N PRO E 107 39.17 -11.63 29.94
CA PRO E 107 40.47 -12.15 29.50
C PRO E 107 40.32 -13.24 28.46
N VAL E 108 41.22 -13.24 27.49
CA VAL E 108 41.33 -14.36 26.57
C VAL E 108 42.23 -15.46 27.12
N ASN E 109 43.05 -15.14 28.13
CA ASN E 109 43.93 -16.12 28.75
C ASN E 109 44.14 -15.72 30.21
N GLU E 110 44.54 -16.69 31.02
CA GLU E 110 44.86 -16.43 32.41
C GLU E 110 46.29 -15.91 32.53
N LEU E 111 46.70 -15.59 33.74
CA LEU E 111 48.04 -15.10 33.97
C LEU E 111 49.06 -16.20 33.64
N PRO E 112 50.27 -15.82 33.24
CA PRO E 112 51.25 -16.84 32.82
C PRO E 112 51.54 -17.86 33.91
N HIS E 113 51.52 -17.47 35.18
CA HIS E 113 51.81 -18.38 36.26
C HIS E 113 51.13 -17.89 37.52
N GLY E 114 50.95 -18.81 38.47
CA GLY E 114 50.34 -18.50 39.74
C GLY E 114 49.35 -19.56 40.18
N TRP E 115 49.54 -20.10 41.40
CA TRP E 115 48.66 -21.13 41.93
C TRP E 115 48.37 -20.90 43.40
N LYS E 116 48.32 -19.64 43.83
CA LYS E 116 48.09 -19.34 45.25
C LYS E 116 46.70 -19.77 45.70
N ALA E 117 45.80 -20.10 44.79
CA ALA E 117 44.46 -20.54 45.19
C ALA E 117 44.53 -21.75 46.11
N TRP E 118 45.60 -22.54 46.04
CA TRP E 118 45.74 -23.68 46.95
C TRP E 118 46.00 -23.20 48.37
N GLY E 119 45.21 -23.71 49.30
CA GLY E 119 45.48 -23.53 50.72
C GLY E 119 45.00 -22.21 51.31
N LYS E 120 45.74 -21.14 51.04
CA LYS E 120 45.56 -19.87 51.75
C LYS E 120 45.24 -18.77 50.74
N SER E 121 44.07 -18.14 50.90
CA SER E 121 43.67 -17.05 50.03
C SER E 121 43.16 -15.86 50.81
N TYR E 122 42.67 -16.08 52.04
CA TYR E 122 42.03 -15.02 52.80
C TYR E 122 43.04 -14.14 53.54
N PHE E 123 43.78 -14.73 54.48
CA PHE E 123 44.70 -13.95 55.31
C PHE E 123 45.93 -13.57 54.48
N VAL E 124 45.72 -12.64 53.56
CA VAL E 124 46.78 -12.07 52.75
C VAL E 124 46.65 -10.56 52.78
N ARG E 125 47.76 -9.88 53.09
CA ARG E 125 47.80 -8.43 53.11
C ARG E 125 49.06 -7.96 52.40
N ALA E 126 48.95 -6.83 51.72
CA ALA E 126 50.08 -6.28 50.98
C ALA E 126 50.02 -4.76 51.05
N ALA E 127 51.17 -4.14 50.86
CA ALA E 127 51.27 -2.69 50.95
C ALA E 127 50.47 -2.04 49.83
N LYS E 128 49.95 -0.85 50.12
CA LYS E 128 49.20 -0.10 49.13
C LYS E 128 50.11 0.41 48.03
N THR E 129 49.56 0.54 46.83
CA THR E 129 50.29 0.99 45.66
C THR E 129 49.58 2.18 45.03
N ASN E 130 50.30 2.87 44.15
CA ASN E 130 49.74 4.05 43.49
C ASN E 130 48.52 3.69 42.65
N ASN E 131 48.60 2.60 41.90
CA ASN E 131 47.49 2.20 41.05
C ASN E 131 46.37 1.63 41.92
N SER E 132 45.22 2.30 41.90
CA SER E 132 44.09 1.94 42.74
C SER E 132 42.90 1.55 41.88
N PHE E 133 42.30 0.40 42.18
CA PHE E 133 41.10 -0.08 41.51
C PHE E 133 39.96 -0.04 42.52
N VAL E 134 39.30 1.12 42.61
CA VAL E 134 38.25 1.29 43.61
C VAL E 134 36.99 0.53 43.19
N VAL E 135 36.16 0.20 44.18
CA VAL E 135 34.89 -0.48 43.95
C VAL E 135 33.86 0.20 44.83
N ASP E 136 32.89 0.88 44.21
CA ASP E 136 31.82 1.55 44.96
C ASP E 136 32.48 2.59 45.89
N GLY E 137 31.83 2.89 47.01
CA GLY E 137 32.41 3.79 47.99
C GLY E 137 32.21 5.25 47.64
N ASP E 138 32.59 6.11 48.59
CA ASP E 138 32.54 7.56 48.40
C ASP E 138 33.81 8.05 47.71
N THR E 139 33.91 7.71 46.42
CA THR E 139 35.06 8.06 45.59
C THR E 139 34.65 8.78 44.31
N LEU E 140 33.57 9.56 44.37
CA LEU E 140 33.15 10.32 43.20
C LEU E 140 34.13 11.45 42.89
N LYS E 141 34.79 12.01 43.91
CA LYS E 141 35.72 13.11 43.68
C LYS E 141 36.97 12.64 42.94
N GLU E 142 37.54 11.51 43.34
CA GLU E 142 38.80 11.07 42.74
C GLU E 142 38.61 10.78 41.26
N CYS E 143 37.48 10.15 40.90
CA CYS E 143 37.20 9.81 39.51
C CYS E 143 35.75 10.13 39.19
N PRO E 144 35.46 10.63 37.99
CA PRO E 144 34.06 10.93 37.63
C PRO E 144 33.19 9.67 37.57
N LEU E 145 31.90 9.86 37.31
CA LEU E 145 30.96 8.74 37.27
C LEU E 145 30.98 7.98 35.95
N GLU E 146 31.58 8.54 34.90
CA GLU E 146 31.53 7.91 33.59
C GLU E 146 32.58 6.82 33.42
N HIS E 147 33.47 6.63 34.39
CA HIS E 147 34.56 5.68 34.26
C HIS E 147 34.38 4.44 35.14
N ARG E 148 33.19 4.23 35.70
CA ARG E 148 32.93 3.09 36.56
C ARG E 148 32.18 2.00 35.80
N ALA E 149 32.33 0.77 36.28
CA ALA E 149 31.70 -0.40 35.68
C ALA E 149 30.37 -0.69 36.38
N TRP E 150 29.57 -1.52 35.71
CA TRP E 150 28.20 -1.77 36.16
C TRP E 150 27.62 -2.99 35.45
N ASN E 151 27.05 -3.92 36.21
CA ASN E 151 26.42 -5.11 35.65
C ASN E 151 27.38 -5.84 34.71
N SER E 152 28.45 -6.34 35.30
CA SER E 152 29.46 -7.12 34.57
C SER E 152 29.67 -8.48 35.25
N PHE E 153 28.57 -9.09 35.71
CA PHE E 153 28.65 -10.42 36.31
C PHE E 153 27.33 -11.13 36.11
N LEU E 154 27.40 -12.46 36.00
CA LEU E 154 26.23 -13.33 35.89
C LEU E 154 26.26 -14.36 37.00
N VAL E 155 25.09 -14.94 37.26
CA VAL E 155 24.95 -16.05 38.20
C VAL E 155 24.65 -17.30 37.39
N GLU E 156 25.57 -18.25 37.43
CA GLU E 156 25.43 -19.53 36.72
C GLU E 156 24.77 -20.59 37.58
N ASP E 157 25.30 -20.83 38.77
CA ASP E 157 24.80 -21.86 39.66
C ASP E 157 24.88 -21.38 41.10
N HIS E 158 23.94 -21.84 41.91
CA HIS E 158 23.91 -21.50 43.33
C HIS E 158 23.07 -22.53 44.06
N GLY E 159 23.30 -22.64 45.37
CA GLY E 159 22.61 -23.62 46.18
C GLY E 159 23.38 -24.91 46.34
N PHE E 160 23.71 -25.25 47.59
CA PHE E 160 24.46 -26.47 47.86
C PHE E 160 24.02 -27.02 49.21
N GLY E 161 24.18 -28.34 49.36
CA GLY E 161 23.79 -29.02 50.58
C GLY E 161 24.89 -29.06 51.62
N VAL E 162 25.56 -27.93 51.82
CA VAL E 162 26.61 -27.78 52.81
C VAL E 162 26.24 -26.74 53.86
N PHE E 163 24.95 -26.48 54.04
CA PHE E 163 24.40 -25.49 54.97
C PHE E 163 24.68 -24.06 54.52
N HIS E 164 25.33 -23.87 53.38
CA HIS E 164 25.64 -22.52 52.88
C HIS E 164 25.71 -22.58 51.37
N THR E 165 24.95 -21.72 50.70
CA THR E 165 24.88 -21.73 49.24
C THR E 165 25.96 -20.83 48.66
N SER E 166 26.80 -21.40 47.80
CA SER E 166 27.87 -20.68 47.12
C SER E 166 27.48 -20.45 45.66
N VAL E 167 27.60 -19.21 45.21
CA VAL E 167 27.20 -18.81 43.87
C VAL E 167 28.44 -18.63 43.02
N TRP E 168 28.44 -19.22 41.83
CA TRP E 168 29.55 -19.11 40.90
C TRP E 168 29.24 -18.04 39.87
N LEU E 169 30.12 -17.04 39.77
CA LEU E 169 29.92 -15.92 38.86
C LEU E 169 31.21 -15.63 38.12
N LYS E 170 31.07 -15.06 36.93
CA LYS E 170 32.20 -14.71 36.09
C LYS E 170 31.89 -13.41 35.37
N VAL E 171 32.96 -12.74 34.93
CA VAL E 171 32.79 -11.45 34.27
C VAL E 171 32.00 -11.65 32.98
N ARG E 172 31.13 -10.70 32.68
CA ARG E 172 30.30 -10.80 31.48
C ARG E 172 31.11 -10.49 30.23
N GLU E 173 30.99 -11.35 29.24
CA GLU E 173 31.44 -11.06 27.89
C GLU E 173 30.35 -10.40 27.05
N ASP E 174 29.15 -10.23 27.60
CA ASP E 174 28.03 -9.62 26.92
C ASP E 174 27.60 -8.35 27.64
N TYR E 175 26.86 -7.52 26.93
CA TYR E 175 26.32 -6.27 27.45
C TYR E 175 24.81 -6.39 27.57
N SER E 176 24.27 -6.12 28.75
CA SER E 176 22.84 -6.16 28.96
C SER E 176 22.45 -5.17 30.04
N LEU E 177 21.18 -4.76 30.01
CA LEU E 177 20.64 -3.81 30.96
C LEU E 177 19.66 -4.45 31.93
N GLU E 178 19.22 -5.67 31.65
CA GLU E 178 18.23 -6.34 32.49
C GLU E 178 18.90 -6.95 33.72
N CYS E 179 18.09 -7.20 34.74
CA CYS E 179 18.57 -7.80 35.96
C CYS E 179 18.78 -9.30 35.75
N ASP E 180 19.22 -9.97 36.81
CA ASP E 180 19.58 -11.39 36.72
C ASP E 180 18.33 -12.26 36.69
N PRO E 181 18.12 -13.09 35.66
CA PRO E 181 16.95 -13.97 35.65
C PRO E 181 17.12 -15.26 36.44
N ALA E 182 18.34 -15.62 36.84
CA ALA E 182 18.56 -16.87 37.55
C ALA E 182 18.08 -16.79 38.99
N VAL E 183 18.16 -15.62 39.61
CA VAL E 183 17.82 -15.47 41.03
C VAL E 183 16.52 -14.68 41.16
N ILE E 184 15.67 -14.76 40.15
CA ILE E 184 14.37 -14.10 40.16
C ILE E 184 13.31 -15.16 39.87
N GLY E 185 12.25 -15.15 40.66
CA GLY E 185 11.19 -16.13 40.49
C GLY E 185 9.84 -15.51 40.79
N THR E 186 8.81 -16.22 40.37
CA THR E 186 7.43 -15.80 40.60
C THR E 186 6.51 -16.90 40.10
N ALA E 187 5.23 -16.76 40.43
CA ALA E 187 4.20 -17.68 39.97
C ALA E 187 2.86 -17.16 40.46
N VAL E 188 1.80 -17.73 39.91
CA VAL E 188 0.43 -17.37 40.28
C VAL E 188 -0.35 -18.64 40.56
N LYS E 189 -1.15 -18.61 41.61
CA LYS E 189 -1.97 -19.75 42.01
C LYS E 189 -3.22 -19.23 42.70
N GLY E 190 -4.36 -19.86 42.42
CA GLY E 190 -5.59 -19.47 43.06
C GLY E 190 -5.90 -18.01 42.85
N ARG E 191 -5.74 -17.20 43.90
CA ARG E 191 -5.98 -15.76 43.84
C ARG E 191 -4.74 -14.95 44.18
N GLU E 192 -3.55 -15.55 44.14
CA GLU E 192 -2.34 -14.87 44.56
C GLU E 192 -1.21 -15.07 43.57
N ALA E 193 -0.37 -14.04 43.45
CA ALA E 193 0.85 -14.09 42.66
C ALA E 193 1.85 -13.13 43.30
N ALA E 194 3.13 -13.37 43.04
CA ALA E 194 4.17 -12.56 43.65
C ALA E 194 5.41 -12.56 42.78
N HIS E 195 5.98 -11.38 42.59
CA HIS E 195 7.24 -11.20 41.88
C HIS E 195 8.36 -11.24 42.91
N SER E 196 9.26 -12.21 42.77
CA SER E 196 10.30 -12.45 43.77
C SER E 196 11.67 -12.15 43.17
N ASP E 197 12.42 -11.28 43.83
CA ASP E 197 13.81 -11.03 43.49
C ASP E 197 14.63 -11.01 44.78
N LEU E 198 15.95 -11.11 44.63
CA LEU E 198 16.82 -11.17 45.81
C LEU E 198 16.70 -9.91 46.66
N GLY E 199 16.71 -8.75 46.04
CA GLY E 199 16.60 -7.50 46.78
C GLY E 199 15.21 -6.91 46.70
N TYR E 200 14.35 -7.52 45.89
CA TYR E 200 12.99 -7.03 45.69
C TYR E 200 12.01 -8.17 45.93
N TRP E 201 11.02 -7.91 46.79
CA TRP E 201 9.90 -8.82 47.01
C TRP E 201 8.61 -8.02 46.84
N ILE E 202 7.91 -8.26 45.73
CA ILE E 202 6.70 -7.53 45.39
C ILE E 202 5.52 -8.49 45.48
N GLU E 203 4.52 -8.11 46.25
CA GLU E 203 3.32 -8.91 46.46
C GLU E 203 2.18 -8.35 45.61
N SER E 204 1.45 -9.23 44.95
CA SER E 204 0.36 -8.84 44.06
C SER E 204 -0.89 -9.63 44.39
N GLU E 205 -2.04 -9.04 44.10
CA GLU E 205 -3.33 -9.61 44.46
C GLU E 205 -4.31 -9.40 43.32
N LYS E 206 -5.37 -10.19 43.32
CA LYS E 206 -6.45 -10.07 42.34
C LYS E 206 -7.74 -9.73 43.07
N ASN E 207 -8.11 -8.45 43.04
CA ASN E 207 -9.47 -8.02 43.31
C ASN E 207 -9.84 -7.02 42.24
N ASP E 208 -11.10 -7.05 41.80
CA ASP E 208 -11.45 -6.35 40.58
C ASP E 208 -10.53 -6.91 39.50
N THR E 209 -9.32 -6.37 39.41
CA THR E 209 -8.28 -6.91 38.56
C THR E 209 -6.96 -6.92 39.33
N TRP E 210 -5.97 -7.64 38.80
CA TRP E 210 -4.67 -7.72 39.45
C TRP E 210 -4.10 -6.32 39.66
N ARG E 211 -3.52 -6.10 40.84
CA ARG E 211 -2.95 -4.81 41.18
C ARG E 211 -1.75 -5.04 42.09
N LEU E 212 -1.24 -3.96 42.66
CA LEU E 212 -0.09 -4.01 43.57
C LEU E 212 -0.57 -3.96 45.01
N LYS E 213 0.03 -4.80 45.85
CA LYS E 213 -0.32 -4.91 47.26
C LYS E 213 0.77 -4.38 48.18
N ARG E 214 1.99 -4.89 48.05
CA ARG E 214 3.08 -4.46 48.92
C ARG E 214 4.40 -4.86 48.29
N ALA E 215 5.43 -4.08 48.57
CA ALA E 215 6.77 -4.35 48.03
C ALA E 215 7.80 -4.00 49.09
N HIS E 216 8.73 -4.93 49.32
CA HIS E 216 9.81 -4.75 50.28
C HIS E 216 11.11 -4.57 49.53
N LEU E 217 11.86 -3.54 49.90
CA LEU E 217 13.06 -3.14 49.16
C LEU E 217 14.23 -3.03 50.14
N ILE E 218 15.31 -3.74 49.85
CA ILE E 218 16.55 -3.59 50.60
C ILE E 218 17.67 -3.00 49.74
N GLU E 219 17.52 -3.00 48.41
CA GLU E 219 18.48 -2.40 47.52
C GLU E 219 17.74 -1.66 46.42
N MET E 220 18.41 -0.67 45.84
CA MET E 220 17.85 0.15 44.77
C MET E 220 18.66 -0.08 43.50
N LYS E 221 18.27 -1.09 42.73
CA LYS E 221 18.93 -1.40 41.48
C LYS E 221 18.60 -0.36 40.42
N THR E 222 19.28 -0.45 39.29
CA THR E 222 19.01 0.39 38.13
C THR E 222 18.82 -0.41 36.85
N CYS E 223 18.98 -1.75 36.90
CA CYS E 223 18.73 -2.58 35.74
C CYS E 223 17.25 -2.54 35.36
N GLU E 224 16.88 -3.23 34.29
CA GLU E 224 15.52 -3.23 33.78
C GLU E 224 14.91 -4.61 33.95
N TRP E 225 13.62 -4.64 34.25
CA TRP E 225 12.97 -5.91 34.53
C TRP E 225 12.83 -6.73 33.25
N PRO E 226 13.24 -7.99 33.25
CA PRO E 226 13.08 -8.81 32.05
C PRO E 226 11.62 -9.08 31.75
N LYS E 227 11.35 -9.37 30.48
CA LYS E 227 9.98 -9.61 30.03
C LYS E 227 9.56 -11.06 30.20
N SER E 228 10.40 -12.01 29.78
CA SER E 228 9.99 -13.42 29.78
C SER E 228 9.58 -13.88 31.17
N HIS E 229 10.13 -13.25 32.22
CA HIS E 229 9.83 -13.60 33.60
C HIS E 229 8.82 -12.63 34.23
N THR E 230 7.88 -12.13 33.44
CA THR E 230 6.85 -11.22 33.91
C THR E 230 5.49 -11.78 33.51
N LEU E 231 4.54 -11.72 34.44
CA LEU E 231 3.18 -12.17 34.18
C LEU E 231 2.37 -11.05 33.56
N TRP E 232 1.38 -11.44 32.76
CA TRP E 232 0.47 -10.49 32.11
C TRP E 232 1.27 -9.35 31.51
N THR E 233 2.13 -9.70 30.56
CA THR E 233 3.00 -8.75 29.88
C THR E 233 2.33 -8.12 28.68
N ASP E 234 1.01 -7.96 28.73
CA ASP E 234 0.24 -7.37 27.63
C ASP E 234 -0.55 -6.19 28.19
N GLY E 235 -0.35 -5.02 27.60
CA GLY E 235 -1.13 -3.84 27.95
C GLY E 235 -0.80 -3.22 29.29
N VAL E 236 0.44 -2.79 29.48
CA VAL E 236 0.84 -2.05 30.68
C VAL E 236 1.90 -1.03 30.30
N GLU E 237 1.80 0.16 30.87
CA GLU E 237 2.71 1.25 30.58
C GLU E 237 3.68 1.46 31.74
N GLU E 238 4.80 2.12 31.44
CA GLU E 238 5.80 2.43 32.45
C GLU E 238 5.36 3.55 33.38
N SER E 239 4.49 4.44 32.93
CA SER E 239 4.05 5.56 33.75
C SER E 239 3.25 5.13 34.97
N ASP E 240 2.45 4.08 34.85
CA ASP E 240 1.62 3.61 35.94
C ASP E 240 2.34 2.59 36.82
N LEU E 241 3.57 2.23 36.50
CA LEU E 241 4.39 1.40 37.39
C LEU E 241 4.89 2.26 38.53
N ILE E 242 4.41 1.98 39.74
CA ILE E 242 4.80 2.80 40.89
C ILE E 242 6.31 2.75 41.08
N ILE E 243 6.90 1.56 40.96
CA ILE E 243 8.35 1.40 40.98
C ILE E 243 8.87 1.72 39.58
N PRO E 244 9.77 2.69 39.41
CA PRO E 244 10.26 3.00 38.07
C PRO E 244 10.90 1.79 37.42
N LYS E 245 10.65 1.62 36.12
CA LYS E 245 11.31 0.55 35.38
C LYS E 245 12.82 0.76 35.38
N SER E 246 13.26 2.01 35.20
CA SER E 246 14.69 2.30 35.28
C SER E 246 15.29 1.85 36.60
N LEU E 247 14.47 1.83 37.66
CA LEU E 247 14.88 1.27 38.94
C LEU E 247 14.50 -0.22 39.05
N ALA E 248 14.49 -0.92 37.93
CA ALA E 248 14.20 -2.35 37.88
C ALA E 248 12.79 -2.64 38.41
N GLY E 249 11.81 -2.05 37.74
CA GLY E 249 10.42 -2.26 38.06
C GLY E 249 9.73 -3.14 37.04
N PRO E 250 9.00 -4.16 37.50
CA PRO E 250 8.35 -5.06 36.55
C PRO E 250 7.23 -4.39 35.77
N LEU E 251 7.04 -4.88 34.55
CA LEU E 251 6.04 -4.34 33.63
C LEU E 251 4.84 -5.28 33.62
N SER E 252 3.98 -5.12 34.62
CA SER E 252 2.78 -5.94 34.72
C SER E 252 1.75 -5.22 35.57
N HIS E 253 0.49 -5.66 35.43
CA HIS E 253 -0.59 -5.09 36.23
C HIS E 253 -0.34 -5.31 37.71
N HIS E 254 0.51 -6.29 38.05
CA HIS E 254 0.89 -6.52 39.42
C HIS E 254 1.69 -5.37 40.00
N ASN E 255 2.33 -4.56 39.16
CA ASN E 255 3.22 -3.49 39.57
C ASN E 255 2.56 -2.12 39.48
N THR E 256 1.26 -2.04 39.75
CA THR E 256 0.50 -0.84 39.48
C THR E 256 -0.52 -0.62 40.60
N ARG E 257 -0.97 0.62 40.70
CA ARG E 257 -2.05 0.99 41.61
C ARG E 257 -2.86 2.12 41.00
N GLU E 258 -4.18 1.95 41.06
CA GLU E 258 -5.09 2.95 40.51
C GLU E 258 -4.94 4.27 41.24
N GLY E 259 -5.04 5.36 40.48
CA GLY E 259 -4.92 6.69 41.04
C GLY E 259 -3.52 7.17 41.29
N TYR E 260 -2.51 6.35 40.99
CA TYR E 260 -1.12 6.70 41.26
C TYR E 260 -0.30 6.49 40.00
N ARG E 261 0.80 7.22 39.90
CA ARG E 261 1.69 7.17 38.75
C ARG E 261 3.09 6.75 39.22
N THR E 262 4.03 6.72 38.27
CA THR E 262 5.40 6.33 38.59
C THR E 262 6.01 7.33 39.56
N GLN E 263 6.89 6.83 40.43
CA GLN E 263 7.54 7.64 41.45
C GLN E 263 9.04 7.66 41.13
N VAL E 264 9.50 8.75 40.51
CA VAL E 264 10.90 8.88 40.13
C VAL E 264 11.73 9.59 41.18
N LYS E 265 11.10 10.28 42.13
CA LYS E 265 11.80 11.06 43.16
C LYS E 265 11.45 10.56 44.55
N GLY E 266 11.10 9.29 44.68
CA GLY E 266 10.88 8.70 45.96
C GLY E 266 12.19 8.49 46.71
N PRO E 267 12.08 7.95 47.91
CA PRO E 267 13.29 7.74 48.72
C PRO E 267 14.18 6.64 48.17
N TRP E 268 14.62 6.79 46.93
CA TRP E 268 15.47 5.80 46.29
C TRP E 268 16.89 5.85 46.82
N HIS E 269 17.21 6.85 47.65
CA HIS E 269 18.48 6.90 48.35
C HIS E 269 18.45 6.13 49.66
N SER E 270 17.28 5.71 50.12
CA SER E 270 17.19 4.93 51.34
C SER E 270 17.81 3.55 51.13
N GLU E 271 18.63 3.13 52.09
CA GLU E 271 19.20 1.78 52.03
C GLU E 271 18.10 0.73 52.09
N GLU E 272 17.13 0.92 52.99
CA GLU E 272 15.97 0.05 53.10
C GLU E 272 14.73 0.84 52.72
N LEU E 273 13.77 0.16 52.12
CA LEU E 273 12.49 0.77 51.77
C LEU E 273 11.43 -0.32 51.65
N GLU E 274 10.21 0.04 52.01
CA GLU E 274 9.09 -0.88 51.90
C GLU E 274 7.85 -0.09 51.50
N ILE E 275 7.22 -0.51 50.41
CA ILE E 275 6.06 0.17 49.87
C ILE E 275 4.81 -0.45 50.48
N ARG E 276 4.19 0.26 51.43
CA ARG E 276 2.98 -0.19 52.10
C ARG E 276 1.89 0.82 51.84
N PHE E 277 0.74 0.34 51.34
CA PHE E 277 -0.40 1.21 51.04
C PHE E 277 -1.25 1.39 52.29
N GLU E 278 -0.64 2.03 53.29
CA GLU E 278 -1.30 2.28 54.56
C GLU E 278 -0.88 3.65 55.06
N GLU E 279 -1.84 4.38 55.65
CA GLU E 279 -1.52 5.68 56.22
C GLU E 279 -0.41 5.52 57.25
N CYS E 280 0.62 6.35 57.11
CA CYS E 280 1.71 6.32 58.07
C CYS E 280 1.27 6.95 59.38
N PRO E 281 1.93 6.61 60.49
CA PRO E 281 1.44 7.07 61.80
C PRO E 281 1.32 8.58 61.85
N GLY E 282 0.22 9.04 62.44
CA GLY E 282 -0.01 10.47 62.63
C GLY E 282 -0.29 11.25 61.37
N THR E 283 -0.70 10.58 60.29
CA THR E 283 -0.97 11.25 59.03
C THR E 283 -2.18 10.62 58.36
N LYS E 284 -3.11 11.47 57.90
CA LYS E 284 -4.25 11.04 57.11
C LYS E 284 -4.20 11.80 55.79
N VAL E 285 -4.37 11.09 54.69
CA VAL E 285 -4.24 11.65 53.35
C VAL E 285 -5.62 11.83 52.74
N TYR E 286 -5.90 13.03 52.27
CA TYR E 286 -7.15 13.35 51.60
C TYR E 286 -6.94 13.39 50.09
N VAL E 287 -8.06 13.41 49.36
CA VAL E 287 -8.06 13.56 47.91
C VAL E 287 -8.94 14.75 47.57
N GLU E 288 -8.37 15.74 46.89
CA GLU E 288 -9.11 16.93 46.51
C GLU E 288 -8.47 17.53 45.27
N GLU E 289 -9.31 17.96 44.32
CA GLU E 289 -8.79 18.60 43.10
C GLU E 289 -8.03 19.87 43.44
N THR E 290 -8.47 20.61 44.45
CA THR E 290 -7.80 21.85 44.82
C THR E 290 -6.35 21.63 45.20
N CYS E 291 -5.98 20.41 45.60
CA CYS E 291 -4.61 20.15 45.97
C CYS E 291 -3.68 20.33 44.78
N GLY E 292 -2.45 20.73 45.08
CA GLY E 292 -1.48 21.00 44.05
C GLY E 292 -1.09 19.76 43.27
N THR E 293 -0.25 19.97 42.28
CA THR E 293 0.16 18.90 41.38
C THR E 293 1.23 18.04 42.06
N ARG E 294 1.86 17.16 41.30
CA ARG E 294 2.84 16.25 41.85
C ARG E 294 4.07 17.02 42.33
N GLY E 295 4.87 16.34 43.14
CA GLY E 295 6.11 16.88 43.64
C GLY E 295 6.97 15.81 44.30
N PRO E 296 8.23 16.14 44.59
CA PRO E 296 9.13 15.14 45.16
C PRO E 296 8.59 14.60 46.47
N SER E 297 8.84 13.31 46.71
CA SER E 297 8.38 12.67 47.92
C SER E 297 8.91 13.41 49.15
N LEU E 298 8.00 13.79 50.05
CA LEU E 298 8.35 14.51 51.26
C LEU E 298 8.20 13.58 52.46
N ARG E 299 9.16 13.65 53.37
CA ARG E 299 9.12 12.81 54.55
C ARG E 299 7.97 13.22 55.45
N SER E 300 7.37 12.23 56.11
CA SER E 300 6.31 12.47 57.08
C SER E 300 6.82 13.21 58.31
N THR E 301 8.13 13.25 58.52
CA THR E 301 8.74 13.87 59.69
C THR E 301 9.56 15.07 59.26
N THR E 302 9.33 16.21 59.90
CA THR E 302 10.14 17.38 59.66
C THR E 302 11.51 17.23 60.30
N ALA E 303 12.45 18.07 59.85
CA ALA E 303 13.79 18.05 60.44
C ALA E 303 13.73 18.24 61.95
N SER E 304 12.76 19.02 62.43
CA SER E 304 12.57 19.23 63.86
C SER E 304 11.89 18.05 64.54
N GLY E 305 11.44 17.05 63.77
CA GLY E 305 10.73 15.91 64.32
C GLY E 305 9.22 16.03 64.25
N ARG E 306 8.69 17.21 63.94
CA ARG E 306 7.25 17.39 63.85
C ARG E 306 6.69 16.60 62.68
N VAL E 307 5.46 16.11 62.85
CA VAL E 307 4.78 15.32 61.84
C VAL E 307 3.67 16.16 61.24
N ILE E 308 3.34 15.86 59.98
CA ILE E 308 2.34 16.59 59.22
C ILE E 308 1.14 15.69 59.04
N GLU E 309 0.01 16.08 59.62
CA GLU E 309 -1.20 15.26 59.65
C GLU E 309 -2.15 15.56 58.50
N GLU E 310 -1.80 16.47 57.61
CA GLU E 310 -2.67 16.86 56.50
C GLU E 310 -1.89 16.75 55.20
N TRP E 311 -2.18 15.71 54.42
CA TRP E 311 -1.62 15.54 53.09
C TRP E 311 -2.75 15.35 52.10
N CYS E 312 -2.64 15.98 50.94
CA CYS E 312 -3.68 15.92 49.92
C CYS E 312 -3.06 15.56 48.58
N CYS E 313 -3.93 15.38 47.59
CA CYS E 313 -3.55 15.14 46.21
C CYS E 313 -4.81 15.17 45.36
N ARG E 314 -4.63 15.11 44.05
CA ARG E 314 -5.74 15.33 43.13
C ARG E 314 -6.41 14.03 42.69
N GLU E 315 -5.64 13.11 42.10
CA GLU E 315 -6.19 11.95 41.40
C GLU E 315 -5.75 10.64 42.05
N CYS E 316 -5.73 10.59 43.37
CA CYS E 316 -5.29 9.40 44.09
C CYS E 316 -6.47 8.51 44.42
N THR E 317 -6.18 7.23 44.66
CA THR E 317 -7.10 6.33 45.35
C THR E 317 -6.71 6.38 46.82
N MET E 318 -7.56 7.02 47.63
CA MET E 318 -7.18 7.44 48.97
C MET E 318 -7.07 6.23 49.90
N PRO E 319 -6.43 6.42 51.07
CA PRO E 319 -5.57 7.56 51.41
C PRO E 319 -4.07 7.41 51.15
N PRO E 320 -3.42 6.25 51.33
CA PRO E 320 -1.95 6.25 51.37
C PRO E 320 -1.26 5.94 50.05
N LEU E 321 -0.07 6.53 49.89
CA LEU E 321 0.96 6.03 48.99
C LEU E 321 2.29 6.44 49.62
N SER E 322 2.85 5.54 50.41
CA SER E 322 3.99 5.86 51.26
C SER E 322 5.07 4.80 51.11
N PHE E 323 6.29 5.20 51.42
CA PHE E 323 7.44 4.31 51.46
C PHE E 323 7.92 4.19 52.90
N ARG E 324 8.05 2.96 53.38
CA ARG E 324 8.50 2.69 54.74
C ARG E 324 10.02 2.70 54.73
N ALA E 325 10.59 3.86 55.07
CA ALA E 325 12.03 4.04 55.13
C ALA E 325 12.50 3.94 56.57
N LYS E 326 13.81 3.78 56.74
CA LYS E 326 14.38 3.69 58.08
C LYS E 326 14.30 5.01 58.83
N ASP E 327 14.34 6.14 58.12
CA ASP E 327 14.28 7.45 58.74
C ASP E 327 12.86 7.97 58.91
N GLY E 328 11.87 7.23 58.45
CA GLY E 328 10.49 7.64 58.56
C GLY E 328 9.70 7.17 57.36
N CYS E 329 8.69 7.96 57.01
CA CYS E 329 7.80 7.67 55.90
C CYS E 329 7.98 8.69 54.80
N TRP E 330 8.01 8.22 53.55
CA TRP E 330 8.04 9.05 52.37
C TRP E 330 6.77 8.83 51.58
N TYR E 331 6.10 9.91 51.21
CA TYR E 331 4.83 9.81 50.50
C TYR E 331 5.06 9.90 49.00
N GLY E 332 4.01 9.58 48.25
CA GLY E 332 4.12 9.54 46.80
C GLY E 332 4.19 10.93 46.19
N MET E 333 4.48 10.94 44.88
CA MET E 333 4.57 12.21 44.16
C MET E 333 3.25 12.94 44.19
N GLU E 334 2.14 12.20 44.03
CA GLU E 334 0.83 12.83 44.09
C GLU E 334 0.55 13.42 45.45
N ILE E 335 0.90 12.72 46.52
CA ILE E 335 0.60 13.16 47.88
C ILE E 335 1.54 14.28 48.27
N ARG E 336 0.98 15.39 48.72
CA ARG E 336 1.73 16.55 49.18
C ARG E 336 1.10 17.06 50.46
N PRO E 337 1.85 17.77 51.29
CA PRO E 337 1.26 18.33 52.51
C PRO E 337 0.13 19.30 52.18
N ARG E 338 -0.94 19.23 52.98
CA ARG E 338 -2.09 20.09 52.75
C ARG E 338 -1.78 21.54 53.08
N LYS E 339 -1.17 21.79 54.24
CA LYS E 339 -0.87 23.13 54.71
C LYS E 339 0.62 23.36 54.93
N GLU E 340 1.34 22.37 55.44
CA GLU E 340 2.76 22.56 55.69
C GLU E 340 3.48 22.87 54.38
N PRO E 341 4.28 23.93 54.32
CA PRO E 341 4.93 24.29 53.04
C PRO E 341 5.82 23.16 52.55
N GLU E 342 5.82 22.97 51.23
CA GLU E 342 6.64 21.93 50.63
C GLU E 342 8.12 22.21 50.74
N SER E 343 8.50 23.45 51.03
CA SER E 343 9.90 23.84 51.15
C SER E 343 10.46 23.70 52.57
N ASN E 344 9.62 23.30 53.53
CA ASN E 344 10.05 23.13 54.91
C ASN E 344 10.29 21.67 55.29
N LEU E 345 9.65 20.73 54.61
CA LEU E 345 9.81 19.33 54.93
C LEU E 345 11.09 18.79 54.28
N VAL E 346 11.47 17.59 54.69
CA VAL E 346 12.66 16.93 54.16
C VAL E 346 12.34 16.41 52.76
N ARG E 347 12.75 17.16 51.75
CA ARG E 347 12.49 16.75 50.37
C ARG E 347 13.33 15.54 50.01
N SER E 348 12.76 14.69 49.15
CA SER E 348 13.48 13.49 48.71
C SER E 348 14.75 13.88 47.97
N MET E 349 15.80 13.09 48.17
CA MET E 349 17.07 13.36 47.52
C MET E 349 16.93 13.24 46.01
N VAL E 350 17.80 13.94 45.30
CA VAL E 350 17.73 13.97 43.84
C VAL E 350 18.02 12.56 43.33
N THR E 351 16.96 11.87 42.89
CA THR E 351 17.08 10.48 42.47
C THR E 351 16.28 10.18 41.22
N ALA E 352 15.89 11.22 40.46
CA ALA E 352 15.10 11.04 39.25
C ALA E 352 15.80 10.08 38.29
N ASP F 1 0.76 -23.30 53.98
CA ASP F 1 1.62 -22.66 52.95
C ASP F 1 3.08 -23.04 53.13
N VAL F 2 3.42 -23.59 54.29
CA VAL F 2 4.78 -24.01 54.60
C VAL F 2 4.99 -25.40 54.00
N GLY F 3 5.96 -25.50 53.07
CA GLY F 3 6.16 -26.72 52.33
C GLY F 3 7.64 -26.97 52.09
N CYS F 4 7.96 -28.26 51.95
CA CYS F 4 9.35 -28.72 51.95
C CYS F 4 9.71 -29.40 50.63
N SER F 5 10.88 -30.03 50.61
CA SER F 5 11.35 -30.71 49.42
C SER F 5 12.47 -31.67 49.77
N VAL F 6 12.36 -32.89 49.26
CA VAL F 6 13.42 -33.88 49.30
C VAL F 6 13.85 -34.09 47.86
N ASP F 7 14.87 -33.36 47.43
CA ASP F 7 15.27 -33.40 46.03
C ASP F 7 15.67 -34.81 45.63
N PHE F 8 15.32 -35.18 44.40
CA PHE F 8 15.73 -36.47 43.88
C PHE F 8 17.21 -36.48 43.52
N SER F 9 17.71 -35.36 42.99
CA SER F 9 19.10 -35.27 42.60
C SER F 9 20.03 -34.97 43.77
N LYS F 10 19.48 -34.54 44.91
CA LYS F 10 20.29 -34.25 46.09
C LYS F 10 19.49 -34.56 47.34
N LYS F 11 20.20 -34.95 48.40
CA LYS F 11 19.57 -35.32 49.66
C LYS F 11 19.23 -34.11 50.52
N GLU F 12 19.49 -32.90 50.04
CA GLU F 12 19.27 -31.70 50.84
C GLU F 12 17.83 -31.62 51.32
N THR F 13 17.67 -31.29 52.61
CA THR F 13 16.35 -31.10 53.21
C THR F 13 16.31 -29.71 53.83
N ARG F 14 15.26 -28.95 53.49
CA ARG F 14 15.11 -27.58 53.93
C ARG F 14 13.72 -27.11 53.53
N CYS F 15 13.10 -26.28 54.36
CA CYS F 15 11.82 -25.77 53.93
C CYS F 15 11.35 -24.59 54.76
N GLY F 16 10.61 -23.71 54.09
CA GLY F 16 9.91 -22.58 54.67
C GLY F 16 8.54 -22.48 54.04
N THR F 17 8.21 -21.31 53.49
CA THR F 17 6.94 -21.09 52.81
C THR F 17 7.13 -21.15 51.29
N GLY F 18 6.08 -21.55 50.60
CA GLY F 18 6.15 -21.66 49.14
C GLY F 18 4.79 -21.97 48.55
N VAL F 19 4.80 -22.22 47.24
CA VAL F 19 3.59 -22.50 46.47
C VAL F 19 3.69 -23.93 45.94
N PHE F 20 2.52 -24.53 45.67
CA PHE F 20 2.44 -25.95 45.36
C PHE F 20 1.60 -26.20 44.12
N ILE F 21 2.06 -27.15 43.30
CA ILE F 21 1.28 -27.70 42.19
C ILE F 21 1.49 -29.20 42.19
N TYR F 22 0.41 -29.95 42.03
CA TYR F 22 0.44 -31.41 42.14
C TYR F 22 0.00 -32.05 40.84
N ASN F 23 0.45 -33.30 40.64
CA ASN F 23 0.10 -34.09 39.47
C ASN F 23 -0.87 -35.19 39.89
N ASP F 24 -1.99 -35.29 39.19
CA ASP F 24 -3.01 -36.31 39.44
C ASP F 24 -3.45 -36.95 38.14
N VAL F 25 -2.47 -37.32 37.30
CA VAL F 25 -2.73 -37.92 36.00
C VAL F 25 -2.57 -39.44 36.05
N GLU F 26 -1.51 -39.92 36.71
CA GLU F 26 -1.27 -41.36 36.75
C GLU F 26 -2.39 -42.09 37.48
N ALA F 27 -2.93 -41.50 38.55
CA ALA F 27 -3.98 -42.13 39.33
C ALA F 27 -5.37 -41.92 38.75
N TRP F 28 -5.49 -41.18 37.65
CA TRP F 28 -6.78 -40.89 37.04
C TRP F 28 -7.74 -40.34 38.08
N ARG F 29 -7.27 -39.34 38.83
CA ARG F 29 -8.05 -38.79 39.94
C ARG F 29 -8.25 -39.91 40.96
N ASP F 30 -9.38 -39.94 41.65
CA ASP F 30 -9.72 -41.00 42.59
C ASP F 30 -11.20 -40.83 42.93
N ARG F 31 -11.68 -41.63 43.89
CA ARG F 31 -13.08 -41.53 44.28
C ARG F 31 -13.37 -40.14 44.82
N TYR F 32 -14.37 -39.49 44.24
CA TYR F 32 -14.87 -38.21 44.73
C TYR F 32 -16.38 -38.32 44.88
N LYS F 33 -16.89 -37.66 45.92
CA LYS F 33 -18.34 -37.64 46.12
C LYS F 33 -19.05 -37.08 44.89
N TYR F 34 -18.38 -36.20 44.15
CA TYR F 34 -18.84 -35.76 42.83
C TYR F 34 -20.28 -35.25 42.89
N HIS F 35 -20.44 -34.14 43.60
CA HIS F 35 -21.75 -33.48 43.70
C HIS F 35 -21.87 -32.43 42.61
N PRO F 36 -22.63 -32.68 41.54
CA PRO F 36 -22.85 -31.63 40.52
C PRO F 36 -23.98 -30.72 40.96
N ASP F 37 -23.63 -29.50 41.37
CA ASP F 37 -24.61 -28.54 41.87
C ASP F 37 -25.61 -29.25 42.79
N SER F 38 -26.84 -29.42 42.32
CA SER F 38 -27.82 -30.26 43.00
C SER F 38 -28.35 -31.26 41.98
N PRO F 39 -28.33 -32.58 42.26
CA PRO F 39 -28.75 -33.54 41.24
C PRO F 39 -30.17 -33.31 40.74
N ARG F 40 -31.02 -32.65 41.52
CA ARG F 40 -32.37 -32.34 41.05
C ARG F 40 -32.32 -31.45 39.82
N ARG F 41 -31.47 -30.41 39.84
CA ARG F 41 -31.36 -29.54 38.68
C ARG F 41 -30.74 -30.28 37.49
N LEU F 42 -29.78 -31.17 37.75
CA LEU F 42 -29.21 -31.96 36.66
C LEU F 42 -30.28 -32.84 36.01
N ALA F 43 -31.13 -33.47 36.82
CA ALA F 43 -32.21 -34.28 36.26
C ALA F 43 -33.20 -33.42 35.50
N ALA F 44 -33.53 -32.24 36.03
CA ALA F 44 -34.47 -31.35 35.35
C ALA F 44 -33.90 -30.77 34.07
N ALA F 45 -32.57 -30.67 33.95
CA ALA F 45 -31.97 -30.07 32.76
C ALA F 45 -32.34 -30.85 31.50
N VAL F 46 -32.28 -32.18 31.57
CA VAL F 46 -32.59 -32.99 30.40
C VAL F 46 -34.03 -32.79 29.94
N LYS F 47 -34.93 -32.42 30.87
CA LYS F 47 -36.32 -32.18 30.48
C LYS F 47 -36.40 -31.07 29.43
N GLN F 48 -35.68 -29.97 29.65
CA GLN F 48 -35.62 -28.91 28.65
C GLN F 48 -34.74 -29.32 27.47
N ALA F 49 -33.60 -29.97 27.75
CA ALA F 49 -32.70 -30.37 26.67
C ALA F 49 -33.37 -31.35 25.73
N TRP F 50 -33.96 -32.42 26.29
CA TRP F 50 -34.67 -33.37 25.43
C TRP F 50 -35.84 -32.73 24.72
N GLU F 51 -36.48 -31.75 25.35
CA GLU F 51 -37.59 -31.05 24.73
C GLU F 51 -37.15 -30.24 23.52
N GLU F 52 -35.85 -30.00 23.36
CA GLU F 52 -35.32 -29.21 22.25
C GLU F 52 -34.38 -30.02 21.38
N GLY F 53 -34.62 -31.33 21.30
CA GLY F 53 -33.88 -32.18 20.38
C GLY F 53 -32.54 -32.69 20.88
N ILE F 54 -32.24 -32.53 22.17
CA ILE F 54 -31.00 -33.05 22.73
C ILE F 54 -31.24 -34.50 23.13
N CYS F 55 -30.53 -35.43 22.47
CA CYS F 55 -30.73 -36.85 22.70
C CYS F 55 -29.50 -37.56 23.26
N GLY F 56 -28.37 -36.87 23.39
CA GLY F 56 -27.18 -37.52 23.91
C GLY F 56 -26.12 -36.51 24.28
N ILE F 57 -25.06 -37.02 24.89
CA ILE F 57 -23.95 -36.20 25.36
C ILE F 57 -22.65 -36.92 25.04
N SER F 58 -21.66 -36.17 24.55
CA SER F 58 -20.31 -36.67 24.33
C SER F 58 -19.42 -36.00 25.37
N SER F 59 -19.14 -36.71 26.46
CA SER F 59 -18.43 -36.11 27.58
C SER F 59 -17.09 -35.56 27.15
N VAL F 60 -16.77 -34.36 27.63
CA VAL F 60 -15.51 -33.71 27.28
C VAL F 60 -14.34 -34.51 27.81
N SER F 61 -14.45 -35.04 29.03
CA SER F 61 -13.36 -35.75 29.67
C SER F 61 -13.92 -36.98 30.37
N ARG F 62 -13.01 -37.76 30.98
CA ARG F 62 -13.42 -38.99 31.65
C ARG F 62 -14.08 -38.72 32.99
N MET F 63 -13.75 -37.61 33.65
CA MET F 63 -14.42 -37.28 34.91
C MET F 63 -15.90 -37.05 34.68
N GLU F 64 -16.25 -36.40 33.56
CA GLU F 64 -17.66 -36.18 33.25
C GLU F 64 -18.39 -37.50 33.03
N ASN F 65 -17.74 -38.44 32.32
CA ASN F 65 -18.33 -39.77 32.17
C ASN F 65 -18.49 -40.46 33.52
N ILE F 66 -17.50 -40.29 34.40
CA ILE F 66 -17.59 -40.88 35.74
C ILE F 66 -18.79 -40.31 36.47
N MET F 67 -18.98 -39.00 36.42
CA MET F 67 -20.13 -38.38 37.06
C MET F 67 -21.43 -38.92 36.49
N TRP F 68 -21.53 -38.97 35.16
CA TRP F 68 -22.77 -39.44 34.54
C TRP F 68 -23.08 -40.87 34.94
N LYS F 69 -22.08 -41.75 34.89
CA LYS F 69 -22.32 -43.14 35.24
C LYS F 69 -22.62 -43.30 36.72
N SER F 70 -21.97 -42.52 37.58
CA SER F 70 -22.18 -42.62 39.02
C SER F 70 -23.52 -42.08 39.46
N VAL F 71 -24.11 -41.14 38.71
CA VAL F 71 -25.37 -40.53 39.10
C VAL F 71 -26.53 -41.00 38.22
N GLU F 72 -26.27 -41.83 37.20
CA GLU F 72 -27.35 -42.32 36.35
C GLU F 72 -28.46 -42.97 37.14
N GLY F 73 -28.10 -43.76 38.16
CA GLY F 73 -29.12 -44.45 38.94
C GLY F 73 -30.08 -43.50 39.62
N GLU F 74 -29.57 -42.39 40.14
CA GLU F 74 -30.39 -41.49 40.94
C GLU F 74 -31.33 -40.65 40.10
N LEU F 75 -30.88 -40.18 38.93
CA LEU F 75 -31.68 -39.28 38.11
C LEU F 75 -33.08 -39.84 37.87
N ASN F 76 -33.18 -41.12 37.52
CA ASN F 76 -34.49 -41.67 37.17
C ASN F 76 -35.48 -41.51 38.31
N ALA F 77 -35.05 -41.72 39.54
CA ALA F 77 -35.94 -41.60 40.68
C ALA F 77 -36.28 -40.15 41.04
N ILE F 78 -35.54 -39.18 40.49
CA ILE F 78 -35.85 -37.79 40.78
C ILE F 78 -37.15 -37.37 40.12
N LEU F 79 -37.38 -37.80 38.88
CA LEU F 79 -38.49 -37.32 38.07
C LEU F 79 -39.71 -38.23 38.12
N GLU F 80 -39.74 -39.20 39.05
CA GLU F 80 -40.89 -40.07 39.19
C GLU F 80 -42.05 -39.39 39.91
N GLU F 81 -41.83 -38.21 40.51
CA GLU F 81 -42.88 -37.50 41.23
C GLU F 81 -43.63 -36.50 40.36
N ASN F 82 -43.28 -36.40 39.07
CA ASN F 82 -43.93 -35.48 38.16
C ASN F 82 -44.13 -36.16 36.81
N GLY F 83 -44.78 -35.45 35.89
CA GLY F 83 -45.07 -35.99 34.58
C GLY F 83 -43.90 -35.91 33.62
N VAL F 84 -42.78 -36.54 33.97
CA VAL F 84 -41.61 -36.60 33.11
C VAL F 84 -41.19 -38.05 32.98
N GLN F 85 -41.02 -38.51 31.74
CA GLN F 85 -40.73 -39.91 31.44
C GLN F 85 -39.50 -39.97 30.53
N LEU F 86 -38.33 -40.17 31.14
CA LEU F 86 -37.08 -40.29 30.40
C LEU F 86 -36.16 -41.26 31.14
N THR F 87 -35.23 -41.86 30.38
CA THR F 87 -34.26 -42.80 30.93
C THR F 87 -32.87 -42.41 30.43
N VAL F 88 -31.87 -42.60 31.28
CA VAL F 88 -30.49 -42.22 30.97
C VAL F 88 -29.66 -43.47 30.79
N VAL F 89 -28.95 -43.54 29.66
CA VAL F 89 -28.05 -44.65 29.35
C VAL F 89 -26.66 -44.06 29.14
N VAL F 90 -25.70 -44.49 29.95
CA VAL F 90 -24.33 -44.00 29.90
C VAL F 90 -23.43 -45.16 29.48
N GLY F 91 -22.56 -44.89 28.50
CA GLY F 91 -21.63 -45.89 28.01
C GLY F 91 -20.18 -45.42 28.20
N SER F 92 -19.27 -46.30 27.81
CA SER F 92 -17.84 -46.01 27.91
C SER F 92 -17.45 -45.05 26.79
N VAL F 93 -16.73 -43.99 27.15
CA VAL F 93 -16.37 -42.98 26.17
C VAL F 93 -15.39 -43.56 25.16
N LYS F 94 -15.52 -43.12 23.91
CA LYS F 94 -14.62 -43.52 22.84
C LYS F 94 -13.68 -42.36 22.52
N ASN F 95 -12.39 -42.69 22.47
CA ASN F 95 -11.43 -41.63 22.21
C ASN F 95 -11.26 -41.41 20.71
N PRO F 96 -10.98 -40.18 20.29
CA PRO F 96 -10.96 -38.96 21.10
C PRO F 96 -12.39 -38.51 21.37
N MET F 97 -12.66 -37.87 22.50
CA MET F 97 -14.02 -37.41 22.81
C MET F 97 -14.36 -36.27 21.85
N TRP F 98 -15.09 -36.61 20.79
CA TRP F 98 -15.44 -35.61 19.78
C TRP F 98 -16.35 -34.54 20.36
N ARG F 99 -16.37 -33.41 19.67
CA ARG F 99 -17.14 -32.26 20.13
C ARG F 99 -18.59 -32.39 19.68
N GLY F 100 -19.46 -31.65 20.36
CA GLY F 100 -20.86 -31.64 20.05
C GLY F 100 -21.37 -30.21 19.93
N PRO F 101 -22.17 -29.94 18.91
CA PRO F 101 -22.65 -28.57 18.69
C PRO F 101 -23.77 -28.13 19.63
N GLN F 102 -24.05 -28.90 20.67
CA GLN F 102 -25.11 -28.59 21.62
C GLN F 102 -24.51 -28.34 23.00
N ARG F 103 -25.32 -27.73 23.87
CA ARG F 103 -24.92 -27.47 25.25
C ARG F 103 -26.13 -27.66 26.15
N LEU F 104 -25.87 -28.02 27.41
CA LEU F 104 -26.95 -28.26 28.35
C LEU F 104 -27.52 -26.94 28.86
N PRO F 105 -28.82 -26.69 28.72
CA PRO F 105 -29.37 -25.42 29.19
C PRO F 105 -29.44 -25.36 30.71
N VAL F 106 -29.64 -24.14 31.21
CA VAL F 106 -29.70 -23.87 32.64
C VAL F 106 -31.15 -23.53 33.00
N PRO F 107 -31.86 -24.42 33.69
CA PRO F 107 -33.24 -24.10 34.09
C PRO F 107 -33.29 -22.91 35.03
N VAL F 108 -34.37 -22.13 34.92
CA VAL F 108 -34.58 -20.97 35.78
C VAL F 108 -35.50 -21.27 36.96
N ASN F 109 -36.29 -22.35 36.89
CA ASN F 109 -37.21 -22.72 37.94
C ASN F 109 -36.82 -24.07 38.51
N GLU F 110 -37.41 -24.40 39.65
CA GLU F 110 -37.16 -25.67 40.32
C GLU F 110 -38.41 -26.54 40.29
N LEU F 111 -38.21 -27.84 40.12
CA LEU F 111 -39.32 -28.79 40.10
C LEU F 111 -39.73 -29.13 41.53
N PRO F 112 -40.97 -28.86 41.95
CA PRO F 112 -41.38 -29.25 43.30
C PRO F 112 -41.40 -30.76 43.50
N HIS F 113 -40.50 -31.28 44.33
CA HIS F 113 -40.45 -32.71 44.62
C HIS F 113 -39.44 -32.92 45.74
N GLY F 114 -39.36 -34.16 46.20
CA GLY F 114 -38.49 -34.47 47.32
C GLY F 114 -37.03 -34.22 46.97
N TRP F 115 -36.25 -33.82 47.99
CA TRP F 115 -34.83 -33.54 47.84
C TRP F 115 -33.95 -34.71 48.25
N LYS F 116 -34.46 -35.94 48.14
CA LYS F 116 -33.71 -37.14 48.48
C LYS F 116 -32.73 -37.57 47.38
N ALA F 117 -32.41 -36.67 46.44
CA ALA F 117 -31.53 -37.05 45.36
C ALA F 117 -30.14 -37.45 45.88
N TRP F 118 -29.63 -36.71 46.85
CA TRP F 118 -28.29 -36.92 47.37
C TRP F 118 -28.35 -37.55 48.77
N GLY F 119 -27.42 -38.44 49.05
CA GLY F 119 -27.37 -39.08 50.35
C GLY F 119 -28.53 -40.00 50.65
N LYS F 120 -29.18 -40.53 49.62
CA LYS F 120 -30.33 -41.40 49.82
C LYS F 120 -29.92 -42.70 50.48
N SER F 121 -30.87 -43.29 51.22
CA SER F 121 -30.64 -44.55 51.93
C SER F 121 -31.13 -45.76 51.16
N TYR F 122 -31.04 -45.74 49.83
CA TYR F 122 -31.41 -46.89 49.01
C TYR F 122 -32.92 -47.14 49.11
N PHE F 123 -33.39 -48.25 48.56
CA PHE F 123 -34.80 -48.64 48.62
C PHE F 123 -35.69 -47.64 47.89
N VAL F 124 -35.41 -47.49 46.59
CA VAL F 124 -36.29 -46.76 45.68
C VAL F 124 -35.92 -47.19 44.27
N ARG F 125 -36.86 -47.06 43.35
CA ARG F 125 -36.64 -47.47 41.97
C ARG F 125 -37.37 -46.49 41.06
N ALA F 126 -37.36 -46.79 39.76
CA ALA F 126 -38.03 -45.97 38.76
C ALA F 126 -38.50 -46.86 37.63
N ALA F 127 -39.45 -46.35 36.85
CA ALA F 127 -40.09 -47.11 35.78
C ALA F 127 -39.38 -46.83 34.46
N LYS F 128 -39.05 -47.91 33.74
CA LYS F 128 -38.38 -47.77 32.45
C LYS F 128 -39.31 -47.16 31.42
N THR F 129 -38.73 -46.44 30.46
CA THR F 129 -39.48 -45.80 29.39
C THR F 129 -38.79 -46.10 28.06
N ASN F 130 -39.59 -46.05 26.98
CA ASN F 130 -39.07 -46.36 25.66
C ASN F 130 -37.95 -45.40 25.27
N ASN F 131 -38.16 -44.11 25.51
CA ASN F 131 -37.16 -43.11 25.16
C ASN F 131 -35.97 -43.19 26.11
N SER F 132 -34.77 -43.05 25.55
CA SER F 132 -33.53 -43.15 26.31
C SER F 132 -32.64 -41.94 26.01
N PHE F 133 -31.79 -41.61 26.98
CA PHE F 133 -30.82 -40.52 26.86
C PHE F 133 -29.44 -41.15 26.81
N VAL F 134 -28.89 -41.26 25.61
CA VAL F 134 -27.64 -41.96 25.39
C VAL F 134 -26.47 -41.00 25.59
N VAL F 135 -25.63 -41.29 26.57
CA VAL F 135 -24.47 -40.47 26.86
C VAL F 135 -23.23 -41.14 26.28
N ASP F 136 -22.85 -40.74 25.06
CA ASP F 136 -21.69 -41.32 24.40
C ASP F 136 -21.91 -42.81 24.15
N GLY F 137 -20.91 -43.46 23.57
CA GLY F 137 -20.98 -44.89 23.31
C GLY F 137 -21.27 -45.22 21.87
N ASP F 138 -21.90 -46.38 21.64
CA ASP F 138 -22.25 -46.84 20.30
C ASP F 138 -23.71 -46.52 19.97
N THR F 139 -24.22 -45.41 20.49
CA THR F 139 -25.57 -44.95 20.23
C THR F 139 -25.60 -43.86 19.15
N LEU F 140 -24.72 -43.96 18.16
CA LEU F 140 -24.69 -42.97 17.10
C LEU F 140 -26.01 -42.92 16.35
N LYS F 141 -26.54 -44.09 15.97
CA LYS F 141 -27.81 -44.11 15.26
C LYS F 141 -28.95 -43.58 16.11
N GLU F 142 -28.99 -43.97 17.40
CA GLU F 142 -30.06 -43.50 18.27
C GLU F 142 -30.02 -41.99 18.43
N CYS F 143 -28.82 -41.42 18.50
CA CYS F 143 -28.68 -39.98 18.67
C CYS F 143 -27.58 -39.44 17.76
N PRO F 144 -27.91 -38.65 16.75
CA PRO F 144 -26.87 -38.06 15.91
C PRO F 144 -25.95 -37.14 16.71
N LEU F 145 -24.71 -37.04 16.25
CA LEU F 145 -23.73 -36.19 16.95
C LEU F 145 -24.19 -34.75 16.98
N GLU F 146 -24.81 -34.27 15.91
CA GLU F 146 -25.29 -32.89 15.88
C GLU F 146 -26.29 -32.62 17.00
N HIS F 147 -26.98 -33.65 17.49
CA HIS F 147 -27.94 -33.50 18.57
C HIS F 147 -27.31 -33.70 19.94
N ARG F 148 -26.00 -33.93 20.00
CA ARG F 148 -25.31 -34.17 21.26
C ARG F 148 -24.59 -32.91 21.74
N ALA F 149 -24.46 -32.80 23.06
CA ALA F 149 -23.79 -31.68 23.68
C ALA F 149 -22.33 -32.03 23.96
N TRP F 150 -21.59 -31.05 24.47
CA TRP F 150 -20.17 -31.23 24.75
C TRP F 150 -19.67 -30.04 25.55
N ASN F 151 -18.82 -30.30 26.54
CA ASN F 151 -18.20 -29.26 27.35
C ASN F 151 -19.26 -28.26 27.84
N SER F 152 -20.20 -28.77 28.62
CA SER F 152 -21.29 -27.99 29.18
C SER F 152 -21.25 -28.00 30.70
N PHE F 153 -20.05 -27.85 31.27
CA PHE F 153 -19.88 -27.89 32.72
C PHE F 153 -18.66 -27.07 33.10
N LEU F 154 -18.61 -26.66 34.36
CA LEU F 154 -17.52 -25.86 34.88
C LEU F 154 -17.28 -26.21 36.34
N VAL F 155 -16.03 -26.53 36.68
CA VAL F 155 -15.70 -26.88 38.05
C VAL F 155 -15.88 -25.67 38.95
N GLU F 156 -16.33 -25.91 40.17
CA GLU F 156 -16.51 -24.86 41.17
C GLU F 156 -15.55 -24.99 42.34
N ASP F 157 -15.54 -26.14 43.02
CA ASP F 157 -14.73 -26.31 44.22
C ASP F 157 -14.30 -27.77 44.31
N HIS F 158 -13.04 -27.99 44.66
CA HIS F 158 -12.48 -29.34 44.74
C HIS F 158 -11.55 -29.51 45.93
N GLY F 159 -11.80 -28.79 47.02
CA GLY F 159 -10.99 -28.92 48.21
C GLY F 159 -11.40 -30.12 49.04
N PHE F 160 -11.49 -29.94 50.36
CA PHE F 160 -11.92 -31.00 51.27
C PHE F 160 -11.06 -32.26 51.09
N GLY F 161 -9.75 -32.07 51.05
CA GLY F 161 -8.82 -33.16 50.84
C GLY F 161 -8.48 -33.97 52.06
N VAL F 162 -9.10 -33.68 53.21
CA VAL F 162 -8.79 -34.39 54.44
C VAL F 162 -9.74 -35.58 54.60
N PHE F 163 -11.04 -35.29 54.66
CA PHE F 163 -12.03 -36.32 54.95
C PHE F 163 -13.17 -36.40 53.94
N HIS F 164 -13.63 -35.26 53.41
CA HIS F 164 -14.81 -35.29 52.55
C HIS F 164 -14.47 -35.60 51.09
N THR F 165 -13.38 -35.03 50.57
CA THR F 165 -12.93 -35.29 49.21
C THR F 165 -14.07 -35.09 48.21
N SER F 166 -14.71 -33.93 48.28
CA SER F 166 -15.86 -33.60 47.45
C SER F 166 -15.47 -32.57 46.39
N VAL F 167 -15.91 -32.82 45.16
CA VAL F 167 -15.73 -31.89 44.06
C VAL F 167 -17.11 -31.34 43.72
N TRP F 168 -17.24 -30.02 43.71
CA TRP F 168 -18.50 -29.33 43.50
C TRP F 168 -18.52 -28.74 42.10
N LEU F 169 -19.56 -29.07 41.34
CA LEU F 169 -19.69 -28.62 39.96
C LEU F 169 -21.05 -27.97 39.76
N LYS F 170 -21.12 -27.12 38.73
CA LYS F 170 -22.39 -26.52 38.34
C LYS F 170 -22.43 -26.40 36.82
N VAL F 171 -23.64 -26.40 36.28
CA VAL F 171 -23.81 -26.22 34.85
C VAL F 171 -23.24 -24.87 34.47
N ARG F 172 -22.29 -24.87 33.53
CA ARG F 172 -21.68 -23.62 33.11
C ARG F 172 -22.71 -22.77 32.39
N GLU F 173 -22.81 -21.51 32.81
CA GLU F 173 -23.83 -20.60 32.30
C GLU F 173 -23.43 -19.96 30.98
N ASP F 174 -22.21 -20.16 30.51
CA ASP F 174 -21.75 -19.58 29.27
C ASP F 174 -21.07 -20.63 28.41
N TYR F 175 -21.27 -20.51 27.10
CA TYR F 175 -20.67 -21.42 26.13
C TYR F 175 -19.15 -21.27 26.17
N SER F 176 -18.44 -22.39 26.13
CA SER F 176 -16.99 -22.36 26.17
C SER F 176 -16.41 -23.43 25.26
N LEU F 177 -15.18 -23.20 24.81
CA LEU F 177 -14.44 -24.17 24.02
C LEU F 177 -13.09 -24.52 24.64
N GLU F 178 -12.63 -23.75 25.62
CA GLU F 178 -11.38 -24.02 26.31
C GLU F 178 -11.60 -24.96 27.47
N CYS F 179 -10.51 -25.55 27.93
CA CYS F 179 -10.58 -26.48 29.05
C CYS F 179 -10.88 -25.70 30.33
N ASP F 180 -10.96 -26.42 31.45
CA ASP F 180 -11.34 -25.80 32.71
C ASP F 180 -10.12 -25.17 33.36
N PRO F 181 -10.09 -23.84 33.55
CA PRO F 181 -8.90 -23.23 34.17
C PRO F 181 -8.64 -23.70 35.59
N ALA F 182 -9.69 -24.02 36.35
CA ALA F 182 -9.53 -24.32 37.77
C ALA F 182 -8.68 -25.57 38.00
N VAL F 183 -8.59 -26.45 37.02
CA VAL F 183 -7.92 -27.74 37.20
C VAL F 183 -6.59 -27.73 36.44
N ILE F 184 -6.01 -26.56 36.26
CA ILE F 184 -4.77 -26.39 35.51
C ILE F 184 -3.72 -25.80 36.43
N GLY F 185 -2.54 -26.43 36.46
CA GLY F 185 -1.43 -25.94 37.25
C GLY F 185 -0.17 -25.77 36.43
N THR F 186 0.54 -24.65 36.63
CA THR F 186 1.70 -24.34 35.83
C THR F 186 2.57 -23.32 36.55
N ALA F 187 3.86 -23.40 36.31
CA ALA F 187 4.84 -22.43 36.80
C ALA F 187 6.20 -22.83 36.24
N VAL F 188 7.19 -21.98 36.47
CA VAL F 188 8.54 -22.22 35.99
C VAL F 188 9.52 -21.83 37.09
N LYS F 189 10.62 -22.57 37.17
CA LYS F 189 11.67 -22.30 38.15
C LYS F 189 13.01 -22.59 37.48
N GLY F 190 13.66 -21.56 36.96
CA GLY F 190 14.95 -21.74 36.34
C GLY F 190 14.87 -22.51 35.03
N ARG F 191 15.31 -23.77 35.04
CA ARG F 191 15.47 -24.54 33.82
C ARG F 191 14.28 -25.44 33.49
N GLU F 192 13.23 -25.44 34.30
CA GLU F 192 12.13 -26.37 34.09
C GLU F 192 10.79 -25.67 34.26
N ALA F 193 9.81 -26.13 33.47
CA ALA F 193 8.44 -25.67 33.56
C ALA F 193 7.54 -26.78 33.06
N ALA F 194 6.33 -26.86 33.61
CA ALA F 194 5.44 -27.95 33.28
C ALA F 194 4.01 -27.45 33.21
N HIS F 195 3.22 -28.08 32.34
CA HIS F 195 1.81 -27.80 32.17
C HIS F 195 1.02 -29.07 32.40
N SER F 196 -0.12 -28.96 33.05
CA SER F 196 -0.91 -30.15 33.35
C SER F 196 -2.33 -29.75 33.72
N ASP F 197 -3.21 -30.74 33.63
CA ASP F 197 -4.57 -30.61 34.11
C ASP F 197 -5.03 -31.98 34.59
N LEU F 198 -6.34 -32.15 34.76
CA LEU F 198 -6.85 -33.41 35.28
C LEU F 198 -6.69 -34.56 34.31
N GLY F 199 -6.38 -34.30 33.04
CA GLY F 199 -6.21 -35.36 32.07
C GLY F 199 -4.85 -35.32 31.39
N TYR F 200 -4.21 -34.16 31.39
CA TYR F 200 -2.96 -33.96 30.69
C TYR F 200 -1.86 -33.56 31.66
N TRP F 201 -0.70 -34.15 31.47
CA TRP F 201 0.53 -33.73 32.13
C TRP F 201 1.54 -33.42 31.05
N ILE F 202 2.18 -32.26 31.14
CA ILE F 202 3.13 -31.80 30.13
C ILE F 202 4.36 -31.26 30.84
N GLU F 203 5.53 -31.60 30.30
CA GLU F 203 6.81 -31.19 30.86
C GLU F 203 7.57 -30.39 29.82
N SER F 204 8.28 -29.36 30.28
CA SER F 204 9.10 -28.55 29.39
C SER F 204 10.44 -28.28 30.06
N GLU F 205 11.51 -28.40 29.28
CA GLU F 205 12.87 -28.38 29.79
C GLU F 205 13.66 -27.29 29.10
N LYS F 206 14.47 -26.58 29.89
CA LYS F 206 15.32 -25.50 29.38
C LYS F 206 16.58 -26.15 28.81
N ASN F 207 16.45 -26.70 27.60
CA ASN F 207 17.60 -27.19 26.86
C ASN F 207 18.17 -26.11 25.97
N ASP F 208 17.33 -25.47 25.17
CA ASP F 208 17.71 -24.27 24.43
C ASP F 208 16.43 -23.53 24.07
N THR F 209 16.18 -22.40 24.74
CA THR F 209 14.96 -21.64 24.57
C THR F 209 13.73 -22.44 24.99
N TRP F 210 13.92 -23.42 25.88
CA TRP F 210 12.83 -24.28 26.34
C TRP F 210 12.29 -25.13 25.21
N ARG F 211 11.69 -26.26 25.56
CA ARG F 211 11.09 -27.18 24.59
C ARG F 211 10.16 -28.11 25.34
N LEU F 212 9.60 -29.09 24.63
CA LEU F 212 8.79 -30.11 25.23
C LEU F 212 9.65 -31.29 25.67
N LYS F 213 9.52 -31.67 26.94
CA LYS F 213 10.26 -32.80 27.50
C LYS F 213 9.45 -34.09 27.44
N ARG F 214 8.22 -34.07 27.91
CA ARG F 214 7.37 -35.25 27.92
C ARG F 214 5.93 -34.82 28.19
N ALA F 215 5.00 -35.73 27.92
CA ALA F 215 3.60 -35.48 28.20
C ALA F 215 2.85 -36.80 28.25
N HIS F 216 1.83 -36.87 29.10
CA HIS F 216 0.99 -38.04 29.24
C HIS F 216 -0.46 -37.65 29.04
N LEU F 217 -1.19 -38.49 28.31
CA LEU F 217 -2.58 -38.24 27.96
C LEU F 217 -3.41 -39.47 28.36
N ILE F 218 -4.03 -39.41 29.52
CA ILE F 218 -4.88 -40.51 29.97
C ILE F 218 -6.21 -40.42 29.24
N GLU F 219 -6.42 -39.33 28.52
CA GLU F 219 -7.63 -39.08 27.76
C GLU F 219 -7.27 -38.10 26.65
N MET F 220 -8.04 -38.14 25.56
CA MET F 220 -7.77 -37.30 24.40
C MET F 220 -8.87 -36.24 24.37
N LYS F 221 -8.65 -35.16 25.11
CA LYS F 221 -9.63 -34.09 25.20
C LYS F 221 -9.67 -33.31 23.88
N THR F 222 -10.77 -32.59 23.69
CA THR F 222 -10.97 -31.79 22.48
C THR F 222 -11.24 -30.33 22.84
N CYS F 223 -10.81 -29.90 24.02
CA CYS F 223 -10.94 -28.52 24.43
C CYS F 223 -9.70 -27.74 23.98
N GLU F 224 -9.53 -26.53 24.50
CA GLU F 224 -8.42 -25.67 24.13
C GLU F 224 -7.76 -25.14 25.40
N TRP F 225 -6.46 -25.34 25.52
CA TRP F 225 -5.75 -24.94 26.72
C TRP F 225 -5.67 -23.41 26.81
N PRO F 226 -6.09 -22.81 27.92
CA PRO F 226 -6.04 -21.35 28.02
C PRO F 226 -4.60 -20.83 27.98
N LYS F 227 -4.43 -19.63 27.43
CA LYS F 227 -3.13 -19.00 27.39
C LYS F 227 -2.77 -18.29 28.69
N SER F 228 -3.75 -18.07 29.57
CA SER F 228 -3.47 -17.52 30.89
C SER F 228 -2.77 -18.52 31.80
N HIS F 229 -2.72 -19.79 31.41
CA HIS F 229 -2.07 -20.83 32.20
C HIS F 229 -0.86 -21.42 31.48
N THR F 230 -0.45 -20.83 30.35
CA THR F 230 0.67 -21.33 29.58
C THR F 230 1.75 -20.27 29.53
N LEU F 231 2.99 -20.73 29.39
CA LEU F 231 4.16 -19.90 29.55
C LEU F 231 4.66 -19.39 28.21
N TRP F 232 5.36 -18.27 28.25
CA TRP F 232 6.05 -17.75 27.08
C TRP F 232 5.11 -17.75 25.88
N THR F 233 3.89 -17.28 26.11
CA THR F 233 2.83 -17.38 25.12
C THR F 233 3.30 -16.89 23.76
N ASP F 234 3.94 -15.72 23.75
CA ASP F 234 4.45 -15.15 22.51
C ASP F 234 5.49 -16.08 21.88
N GLY F 235 5.49 -16.12 20.55
CA GLY F 235 6.49 -16.86 19.82
C GLY F 235 6.23 -18.34 19.67
N VAL F 236 4.97 -18.77 19.75
CA VAL F 236 4.58 -20.15 19.50
C VAL F 236 3.33 -20.14 18.65
N GLU F 237 3.33 -20.97 17.60
CA GLU F 237 2.18 -21.07 16.71
C GLU F 237 1.41 -22.36 16.99
N GLU F 238 0.30 -22.53 16.27
CA GLU F 238 -0.51 -23.74 16.44
C GLU F 238 0.18 -24.96 15.85
N SER F 239 0.82 -24.81 14.69
CA SER F 239 1.39 -25.96 14.00
C SER F 239 2.47 -26.66 14.81
N ASP F 240 3.37 -25.90 15.44
CA ASP F 240 4.44 -26.50 16.20
C ASP F 240 3.95 -27.14 17.51
N LEU F 241 2.77 -26.74 17.98
CA LEU F 241 2.23 -27.39 19.17
C LEU F 241 2.10 -28.87 18.88
N ILE F 242 2.94 -29.69 19.51
CA ILE F 242 2.95 -31.11 19.21
C ILE F 242 1.56 -31.69 19.43
N ILE F 243 0.89 -31.27 20.49
CA ILE F 243 -0.53 -31.56 20.70
C ILE F 243 -1.32 -30.44 20.03
N PRO F 244 -2.18 -30.74 19.05
CA PRO F 244 -2.98 -29.68 18.45
C PRO F 244 -3.86 -28.98 19.48
N LYS F 245 -4.07 -27.68 19.26
CA LYS F 245 -4.98 -26.93 20.12
C LYS F 245 -6.40 -27.49 20.05
N SER F 246 -6.76 -28.09 18.91
CA SER F 246 -8.03 -28.79 18.83
C SER F 246 -8.12 -29.86 19.92
N LEU F 247 -7.00 -30.50 20.23
CA LEU F 247 -6.90 -31.43 21.34
C LEU F 247 -6.37 -30.77 22.61
N ALA F 248 -6.64 -29.47 22.78
CA ALA F 248 -6.25 -28.73 23.99
C ALA F 248 -4.73 -28.59 24.09
N GLY F 249 -4.08 -28.44 22.94
CA GLY F 249 -2.67 -28.15 22.89
C GLY F 249 -2.38 -26.74 23.38
N PRO F 250 -1.59 -26.61 24.45
CA PRO F 250 -1.22 -25.26 24.91
C PRO F 250 -0.37 -24.52 23.90
N LEU F 251 -0.48 -23.20 23.96
CA LEU F 251 0.24 -22.31 23.04
C LEU F 251 1.39 -21.70 23.81
N SER F 252 2.56 -22.32 23.72
CA SER F 252 3.75 -21.87 24.43
C SER F 252 4.98 -22.35 23.71
N HIS F 253 6.09 -21.63 23.89
CA HIS F 253 7.37 -22.15 23.45
C HIS F 253 7.64 -23.51 24.04
N HIS F 254 7.02 -23.79 25.18
CA HIS F 254 7.19 -25.05 25.88
C HIS F 254 6.42 -26.19 25.22
N ASN F 255 5.32 -25.89 24.52
CA ASN F 255 4.57 -26.89 23.78
C ASN F 255 5.00 -26.82 22.32
N THR F 256 6.12 -27.45 22.03
CA THR F 256 6.65 -27.53 20.67
C THR F 256 7.86 -28.44 20.68
N ARG F 257 8.12 -29.05 19.51
CA ARG F 257 9.33 -29.83 19.32
C ARG F 257 9.95 -29.45 17.99
N GLU F 258 11.28 -29.47 17.94
CA GLU F 258 11.99 -29.12 16.72
C GLU F 258 11.86 -30.24 15.70
N GLY F 259 11.39 -29.90 14.50
CA GLY F 259 11.20 -30.86 13.44
C GLY F 259 9.84 -31.53 13.42
N TYR F 260 9.01 -31.33 14.44
CA TYR F 260 7.69 -31.93 14.50
C TYR F 260 6.63 -30.83 14.54
N ARG F 261 5.51 -31.11 13.89
CA ARG F 261 4.41 -30.17 13.76
C ARG F 261 3.23 -30.64 14.60
N THR F 262 2.10 -29.94 14.47
CA THR F 262 0.91 -30.32 15.22
C THR F 262 0.50 -31.74 14.87
N GLN F 263 0.25 -32.55 15.90
CA GLN F 263 -0.06 -33.96 15.73
C GLN F 263 -1.57 -34.11 15.63
N VAL F 264 -2.09 -33.88 14.43
CA VAL F 264 -3.53 -33.90 14.19
C VAL F 264 -4.05 -35.29 13.85
N LYS F 265 -3.25 -36.12 13.18
CA LYS F 265 -3.63 -37.49 12.84
C LYS F 265 -2.99 -38.49 13.79
N GLY F 266 -2.68 -38.06 15.00
CA GLY F 266 -2.07 -38.94 15.97
C GLY F 266 -3.04 -39.98 16.46
N PRO F 267 -2.54 -40.88 17.30
CA PRO F 267 -3.34 -41.98 17.85
C PRO F 267 -4.28 -41.53 18.96
N TRP F 268 -5.05 -40.48 18.69
CA TRP F 268 -5.96 -39.92 19.68
C TRP F 268 -7.23 -40.74 19.81
N HIS F 269 -7.25 -41.94 19.25
CA HIS F 269 -8.30 -42.91 19.54
C HIS F 269 -7.94 -43.84 20.69
N SER F 270 -6.65 -43.90 21.04
CA SER F 270 -6.23 -44.71 22.18
C SER F 270 -6.82 -44.14 23.47
N GLU F 271 -7.30 -45.04 24.33
CA GLU F 271 -7.82 -44.59 25.62
C GLU F 271 -6.73 -43.89 26.42
N GLU F 272 -5.52 -44.42 26.40
CA GLU F 272 -4.36 -43.81 27.02
C GLU F 272 -3.34 -43.47 25.95
N LEU F 273 -2.51 -42.47 26.23
CA LEU F 273 -1.42 -42.13 25.34
C LEU F 273 -0.37 -41.34 26.12
N GLU F 274 0.83 -41.89 26.20
CA GLU F 274 1.97 -41.23 26.82
C GLU F 274 2.87 -40.70 25.73
N ILE F 275 3.07 -39.38 25.71
CA ILE F 275 3.92 -38.74 24.73
C ILE F 275 5.36 -38.82 25.22
N ARG F 276 6.14 -39.74 24.63
CA ARG F 276 7.53 -39.91 24.97
C ARG F 276 8.38 -39.66 23.73
N PHE F 277 9.41 -38.83 23.89
CA PHE F 277 10.36 -38.56 22.81
C PHE F 277 11.48 -39.59 22.92
N GLU F 278 11.22 -40.77 22.37
CA GLU F 278 12.17 -41.87 22.44
C GLU F 278 11.77 -42.91 21.40
N GLU F 279 12.77 -43.62 20.90
CA GLU F 279 12.53 -44.71 19.96
C GLU F 279 11.86 -45.87 20.68
N CYS F 280 10.80 -46.40 20.09
CA CYS F 280 10.12 -47.53 20.67
C CYS F 280 10.97 -48.80 20.50
N PRO F 281 10.69 -49.84 21.30
CA PRO F 281 11.53 -51.04 21.23
C PRO F 281 11.55 -51.64 19.84
N GLY F 282 12.73 -52.14 19.45
CA GLY F 282 12.87 -52.83 18.19
C GLY F 282 12.51 -52.00 16.98
N THR F 283 12.93 -50.73 16.97
CA THR F 283 12.70 -49.88 15.82
C THR F 283 13.84 -48.87 15.71
N LYS F 284 14.21 -48.56 14.47
CA LYS F 284 15.25 -47.57 14.17
C LYS F 284 14.67 -46.51 13.26
N VAL F 285 14.73 -45.25 13.69
CA VAL F 285 14.23 -44.12 12.94
C VAL F 285 15.41 -43.42 12.30
N TYR F 286 15.48 -43.44 10.96
CA TYR F 286 16.57 -42.87 10.20
C TYR F 286 16.17 -41.51 9.62
N VAL F 287 17.14 -40.85 9.01
CA VAL F 287 16.95 -39.56 8.36
C VAL F 287 17.49 -39.68 6.93
N GLU F 288 16.63 -39.37 5.95
CA GLU F 288 17.00 -39.48 4.54
C GLU F 288 16.31 -38.37 3.75
N GLU F 289 17.05 -37.78 2.81
CA GLU F 289 16.45 -36.82 1.90
C GLU F 289 15.43 -37.46 0.98
N THR F 290 15.50 -38.79 0.81
CA THR F 290 14.64 -39.51 -0.11
C THR F 290 13.45 -40.17 0.57
N CYS F 291 13.25 -39.96 1.87
CA CYS F 291 12.13 -40.58 2.57
C CYS F 291 10.80 -40.00 2.11
N GLY F 292 9.71 -40.49 2.70
CA GLY F 292 8.38 -40.11 2.30
C GLY F 292 7.88 -38.86 2.99
N THR F 293 6.60 -38.59 2.77
CA THR F 293 5.93 -37.39 3.28
C THR F 293 5.03 -37.77 4.46
N ARG F 294 4.55 -36.74 5.17
CA ARG F 294 3.70 -36.95 6.34
C ARG F 294 2.56 -37.91 6.05
N GLY F 295 2.11 -38.61 7.09
CA GLY F 295 0.97 -39.50 6.99
C GLY F 295 0.51 -39.90 8.38
N PRO F 296 -0.73 -40.38 8.49
CA PRO F 296 -1.29 -40.65 9.81
C PRO F 296 -0.42 -41.62 10.60
N SER F 297 -0.35 -41.41 11.91
CA SER F 297 0.52 -42.20 12.75
C SER F 297 0.20 -43.68 12.56
N LEU F 298 1.23 -44.46 12.27
CA LEU F 298 1.08 -45.89 12.06
C LEU F 298 1.58 -46.62 13.30
N ARG F 299 0.76 -47.51 13.83
CA ARG F 299 1.15 -48.28 15.00
C ARG F 299 2.36 -49.14 14.66
N SER F 300 3.35 -49.13 15.54
CA SER F 300 4.53 -49.97 15.33
C SER F 300 4.20 -51.45 15.34
N THR F 301 3.04 -51.83 15.87
CA THR F 301 2.61 -53.22 15.93
C THR F 301 1.49 -53.44 14.92
N THR F 302 1.60 -54.52 14.16
CA THR F 302 0.57 -54.88 13.19
C THR F 302 -0.48 -55.78 13.85
N ALA F 303 -1.62 -55.91 13.17
CA ALA F 303 -2.69 -56.76 13.69
C ALA F 303 -2.27 -58.21 13.83
N SER F 304 -1.26 -58.65 13.08
CA SER F 304 -0.78 -60.02 13.11
C SER F 304 0.33 -60.24 14.13
N GLY F 305 0.65 -59.22 14.93
CA GLY F 305 1.72 -59.32 15.89
C GLY F 305 3.09 -58.94 15.37
N ARG F 306 3.22 -58.63 14.08
CA ARG F 306 4.49 -58.22 13.50
C ARG F 306 4.68 -56.72 13.67
N VAL F 307 5.95 -56.34 13.80
CA VAL F 307 6.33 -54.94 13.95
C VAL F 307 7.36 -54.61 12.88
N ILE F 308 7.45 -53.32 12.56
CA ILE F 308 8.37 -52.82 11.54
C ILE F 308 9.47 -52.06 12.24
N GLU F 309 10.72 -52.39 11.92
CA GLU F 309 11.86 -51.88 12.65
C GLU F 309 12.36 -50.55 12.10
N GLU F 310 12.73 -50.52 10.83
CA GLU F 310 13.40 -49.38 10.24
C GLU F 310 12.38 -48.43 9.62
N TRP F 311 12.31 -47.21 10.15
CA TRP F 311 11.48 -46.14 9.62
C TRP F 311 12.38 -44.95 9.31
N CYS F 312 11.95 -44.10 8.38
CA CYS F 312 12.69 -42.90 8.02
C CYS F 312 11.78 -41.68 8.13
N CYS F 313 12.39 -40.51 7.91
CA CYS F 313 11.73 -39.22 7.90
C CYS F 313 12.78 -38.18 7.53
N ARG F 314 12.33 -37.11 6.89
CA ARG F 314 13.24 -36.16 6.26
C ARG F 314 13.68 -35.03 7.16
N GLU F 315 12.86 -34.61 8.12
CA GLU F 315 13.12 -33.43 8.94
C GLU F 315 12.88 -33.72 10.41
N CYS F 316 13.45 -34.82 10.90
CA CYS F 316 13.30 -35.21 12.30
C CYS F 316 14.49 -34.74 13.13
N THR F 317 14.27 -34.69 14.44
CA THR F 317 15.33 -34.42 15.40
C THR F 317 15.27 -35.48 16.48
N MET F 318 16.37 -36.20 16.65
CA MET F 318 16.40 -37.33 17.56
C MET F 318 16.28 -36.82 19.00
N PRO F 319 15.59 -37.56 19.88
CA PRO F 319 14.84 -38.82 19.66
C PRO F 319 13.50 -38.59 18.94
N PRO F 320 12.87 -39.63 18.42
CA PRO F 320 11.59 -39.45 17.74
C PRO F 320 10.44 -39.19 18.70
N LEU F 321 9.40 -38.56 18.17
CA LEU F 321 8.15 -38.39 18.91
C LEU F 321 7.32 -39.66 18.75
N SER F 322 7.30 -40.48 19.79
CA SER F 322 6.56 -41.73 19.78
C SER F 322 5.53 -41.71 20.90
N PHE F 323 4.31 -42.08 20.57
CA PHE F 323 3.20 -42.12 21.51
C PHE F 323 3.06 -43.54 22.05
N ARG F 324 3.21 -43.69 23.36
CA ARG F 324 3.10 -44.98 24.01
C ARG F 324 1.66 -45.18 24.45
N ALA F 325 1.04 -46.27 23.98
CA ALA F 325 -0.33 -46.62 24.32
C ALA F 325 -0.39 -48.08 24.70
N LYS F 326 -1.39 -48.43 25.50
CA LYS F 326 -1.59 -49.82 25.87
C LYS F 326 -1.75 -50.69 24.63
N ASP F 327 -2.34 -50.15 23.56
CA ASP F 327 -2.44 -50.89 22.31
C ASP F 327 -1.06 -51.18 21.75
N GLY F 328 -0.16 -50.21 21.82
CA GLY F 328 1.19 -50.40 21.30
C GLY F 328 1.90 -49.07 21.15
N CYS F 329 2.88 -49.05 20.24
CA CYS F 329 3.62 -47.84 19.94
C CYS F 329 3.04 -47.17 18.71
N TRP F 330 2.77 -45.88 18.80
CA TRP F 330 2.38 -45.06 17.67
C TRP F 330 3.39 -43.92 17.55
N TYR F 331 4.05 -43.85 16.40
CA TYR F 331 5.00 -42.77 16.15
C TYR F 331 4.26 -41.50 15.75
N GLY F 332 5.03 -40.44 15.54
CA GLY F 332 4.48 -39.24 14.96
C GLY F 332 4.21 -39.41 13.48
N MET F 333 3.29 -38.59 12.97
CA MET F 333 2.96 -38.66 11.55
C MET F 333 4.16 -38.28 10.69
N GLU F 334 5.16 -37.64 11.29
CA GLU F 334 6.39 -37.29 10.60
C GLU F 334 7.33 -38.47 10.42
N ILE F 335 7.05 -39.62 11.03
CA ILE F 335 7.88 -40.81 10.91
C ILE F 335 7.07 -41.86 10.16
N ARG F 336 7.54 -42.25 8.99
CA ARG F 336 6.89 -43.24 8.15
C ARG F 336 7.85 -44.39 7.85
N PRO F 337 7.33 -45.55 7.46
CA PRO F 337 8.22 -46.68 7.15
C PRO F 337 9.14 -46.37 5.98
N ARG F 338 10.34 -46.93 6.04
CA ARG F 338 11.29 -46.75 4.95
C ARG F 338 10.77 -47.33 3.65
N LYS F 339 10.37 -48.61 3.68
CA LYS F 339 9.84 -49.27 2.50
C LYS F 339 8.60 -50.11 2.78
N GLU F 340 8.27 -50.38 4.04
CA GLU F 340 7.12 -51.21 4.34
C GLU F 340 5.84 -50.50 3.90
N PRO F 341 4.95 -51.16 3.15
CA PRO F 341 3.72 -50.49 2.71
C PRO F 341 2.91 -49.99 3.90
N GLU F 342 2.32 -48.80 3.73
CA GLU F 342 1.56 -48.19 4.81
C GLU F 342 0.16 -48.77 4.94
N SER F 343 -0.33 -49.50 3.94
CA SER F 343 -1.70 -50.00 3.97
C SER F 343 -1.84 -51.14 4.98
N ASN F 344 -0.90 -52.08 4.98
CA ASN F 344 -1.04 -53.26 5.83
C ASN F 344 -1.00 -52.90 7.31
N LEU F 345 -0.11 -51.98 7.68
CA LEU F 345 0.06 -51.66 9.08
C LEU F 345 -1.21 -51.05 9.67
N VAL F 346 -1.31 -51.09 11.00
CA VAL F 346 -2.49 -50.60 11.70
C VAL F 346 -2.43 -49.08 11.75
N ARG F 347 -3.03 -48.44 10.75
CA ARG F 347 -3.00 -47.00 10.64
C ARG F 347 -3.85 -46.35 11.72
N SER F 348 -3.46 -45.13 12.11
CA SER F 348 -4.27 -44.33 13.02
C SER F 348 -5.35 -43.62 12.22
N MET F 349 -6.61 -43.85 12.60
CA MET F 349 -7.70 -43.20 11.92
C MET F 349 -7.55 -41.68 12.02
N VAL F 350 -7.98 -40.99 10.97
CA VAL F 350 -7.78 -39.54 10.90
C VAL F 350 -8.46 -38.90 12.10
N THR F 351 -7.66 -38.30 12.98
CA THR F 351 -8.14 -37.64 14.19
C THR F 351 -8.27 -36.14 14.02
N ALA F 352 -8.54 -35.68 12.80
CA ALA F 352 -8.72 -34.26 12.53
C ALA F 352 -9.87 -33.71 13.37
N ASP G 1 18.29 -37.81 61.70
CA ASP G 1 16.90 -38.34 61.56
C ASP G 1 15.88 -37.23 61.71
N VAL G 2 15.58 -36.56 60.60
CA VAL G 2 14.62 -35.47 60.59
C VAL G 2 13.22 -36.06 60.62
N GLY G 3 12.28 -35.31 61.19
CA GLY G 3 10.97 -35.87 61.43
C GLY G 3 9.87 -34.93 61.01
N CYS G 4 8.83 -35.52 60.43
CA CYS G 4 7.61 -34.79 60.11
C CYS G 4 6.75 -34.73 61.37
N SER G 5 5.64 -33.99 61.31
CA SER G 5 4.83 -33.88 62.51
C SER G 5 3.41 -33.36 62.28
N VAL G 6 2.44 -34.03 62.89
CA VAL G 6 1.06 -33.59 62.88
C VAL G 6 0.39 -34.05 64.18
N ASP G 7 -0.24 -33.13 64.89
CA ASP G 7 -0.96 -33.42 66.13
C ASP G 7 -2.43 -33.08 65.93
N PHE G 8 -3.30 -34.08 66.09
CA PHE G 8 -4.72 -33.85 65.85
C PHE G 8 -5.37 -33.03 66.96
N SER G 9 -4.83 -33.10 68.18
CA SER G 9 -5.42 -32.33 69.28
C SER G 9 -5.33 -30.83 69.01
N LYS G 10 -4.18 -30.38 68.49
CA LYS G 10 -3.96 -28.97 68.23
C LYS G 10 -3.71 -28.65 66.75
N LYS G 11 -3.60 -29.65 65.89
CA LYS G 11 -3.31 -29.43 64.46
C LYS G 11 -1.97 -28.72 64.27
N GLU G 12 -0.98 -29.09 65.09
CA GLU G 12 0.33 -28.45 65.05
C GLU G 12 1.28 -29.25 64.17
N THR G 13 2.01 -28.54 63.31
CA THR G 13 2.99 -29.13 62.42
C THR G 13 4.37 -28.66 62.85
N ARG G 14 5.34 -29.57 62.79
CA ARG G 14 6.69 -29.28 63.23
C ARG G 14 7.68 -30.01 62.33
N CYS G 15 8.91 -29.50 62.29
CA CYS G 15 9.97 -30.11 61.51
C CYS G 15 11.30 -29.89 62.21
N GLY G 16 11.97 -30.99 62.54
CA GLY G 16 13.24 -30.93 63.25
C GLY G 16 13.98 -32.24 63.19
N THR G 17 14.57 -32.66 64.30
CA THR G 17 15.34 -33.89 64.39
C THR G 17 15.19 -34.47 65.80
N GLY G 18 15.42 -35.76 65.93
CA GLY G 18 15.44 -36.39 67.26
C GLY G 18 15.26 -37.90 67.16
N VAL G 19 14.91 -38.49 68.30
CA VAL G 19 14.67 -39.93 68.41
C VAL G 19 13.21 -40.19 68.05
N PHE G 20 12.93 -41.42 67.60
CA PHE G 20 11.59 -41.80 67.19
C PHE G 20 11.18 -43.08 67.91
N ILE G 21 9.99 -43.06 68.52
CA ILE G 21 9.37 -44.24 69.09
C ILE G 21 8.22 -44.65 68.19
N TYR G 22 7.79 -45.91 68.30
CA TYR G 22 6.70 -46.42 67.48
C TYR G 22 5.80 -47.34 68.30
N ASN G 23 4.52 -47.33 67.95
CA ASN G 23 3.52 -48.20 68.56
C ASN G 23 3.29 -49.38 67.62
N ASP G 24 3.95 -50.51 67.90
CA ASP G 24 3.84 -51.71 67.06
C ASP G 24 2.95 -52.76 67.70
N VAL G 25 2.09 -52.38 68.64
CA VAL G 25 1.19 -53.33 69.27
C VAL G 25 0.26 -53.96 68.25
N GLU G 26 -0.28 -53.14 67.35
CA GLU G 26 -1.23 -53.64 66.35
C GLU G 26 -0.54 -54.44 65.26
N ALA G 27 0.68 -54.06 64.89
CA ALA G 27 1.41 -54.72 63.80
C ALA G 27 2.13 -55.99 64.25
N TRP G 28 1.81 -56.52 65.43
CA TRP G 28 2.46 -57.73 65.91
C TRP G 28 2.22 -58.92 64.98
N ARG G 29 1.19 -58.85 64.15
CA ARG G 29 0.83 -60.00 63.31
C ARG G 29 2.02 -60.48 62.50
N ASP G 30 2.55 -59.62 61.63
CA ASP G 30 3.66 -59.95 60.73
C ASP G 30 4.71 -58.86 60.76
N ARG G 31 5.12 -58.46 61.97
CA ARG G 31 6.09 -57.39 62.10
C ARG G 31 7.47 -57.81 61.62
N TYR G 32 7.80 -59.10 61.72
CA TYR G 32 9.16 -59.56 61.49
C TYR G 32 9.16 -60.87 60.73
N LYS G 33 10.29 -61.14 60.08
CA LYS G 33 10.54 -62.43 59.43
C LYS G 33 12.05 -62.60 59.34
N TYR G 34 12.58 -63.64 59.94
CA TYR G 34 14.03 -63.81 60.08
C TYR G 34 14.30 -65.21 60.61
N HIS G 35 15.57 -65.49 60.90
CA HIS G 35 15.99 -66.73 61.53
C HIS G 35 17.14 -66.42 62.46
N PRO G 36 17.38 -67.24 63.49
CA PRO G 36 18.49 -66.98 64.40
C PRO G 36 19.82 -67.04 63.67
N ASP G 37 20.77 -66.24 64.15
CA ASP G 37 22.10 -66.21 63.54
C ASP G 37 22.74 -67.60 63.60
N SER G 38 23.27 -68.05 62.47
CA SER G 38 23.96 -69.32 62.39
C SER G 38 23.11 -70.43 62.99
N PRO G 39 22.03 -70.86 62.32
CA PRO G 39 21.20 -71.93 62.86
C PRO G 39 21.97 -73.22 63.13
N ARG G 40 23.14 -73.41 62.51
CA ARG G 40 23.98 -74.53 62.87
C ARG G 40 24.44 -74.43 64.33
N ARG G 41 24.80 -73.22 64.75
CA ARG G 41 25.14 -73.00 66.15
C ARG G 41 23.94 -73.26 67.06
N LEU G 42 22.75 -72.88 66.62
CA LEU G 42 21.55 -73.19 67.40
C LEU G 42 21.37 -74.69 67.53
N ALA G 43 21.60 -75.43 66.44
CA ALA G 43 21.49 -76.89 66.50
C ALA G 43 22.53 -77.47 67.44
N ALA G 44 23.77 -76.95 67.40
CA ALA G 44 24.80 -77.42 68.33
C ALA G 44 24.41 -77.14 69.77
N ALA G 45 23.86 -75.95 70.02
CA ALA G 45 23.42 -75.61 71.38
C ALA G 45 22.30 -76.54 71.83
N VAL G 46 21.36 -76.84 70.94
CA VAL G 46 20.25 -77.73 71.30
C VAL G 46 20.78 -79.13 71.60
N LYS G 47 21.73 -79.61 70.80
CA LYS G 47 22.31 -80.92 71.05
C LYS G 47 23.06 -80.95 72.37
N GLN G 48 23.84 -79.91 72.67
CA GLN G 48 24.55 -79.86 73.94
C GLN G 48 23.58 -79.80 75.10
N ALA G 49 22.49 -79.04 74.95
CA ALA G 49 21.47 -78.99 75.99
C ALA G 49 20.84 -80.36 76.21
N TRP G 50 20.49 -81.06 75.12
CA TRP G 50 19.90 -82.38 75.25
C TRP G 50 20.86 -83.35 75.92
N GLU G 51 22.14 -83.30 75.53
CA GLU G 51 23.16 -84.07 76.24
C GLU G 51 23.22 -83.64 77.70
N GLU G 52 22.87 -82.39 77.98
CA GLU G 52 22.82 -81.86 79.34
C GLU G 52 21.46 -82.08 79.99
N GLY G 53 20.48 -82.61 79.26
CA GLY G 53 19.20 -82.94 79.84
C GLY G 53 18.17 -81.83 79.75
N ILE G 54 17.91 -81.34 78.55
CA ILE G 54 16.93 -80.29 78.32
C ILE G 54 15.89 -80.84 77.33
N CYS G 55 14.66 -81.01 77.79
CA CYS G 55 13.62 -81.59 76.97
C CYS G 55 12.93 -80.58 76.06
N GLY G 56 12.90 -79.30 76.45
CA GLY G 56 12.21 -78.33 75.62
C GLY G 56 12.47 -76.92 76.08
N ILE G 57 11.85 -75.98 75.38
CA ILE G 57 12.01 -74.54 75.60
C ILE G 57 10.65 -73.90 75.74
N SER G 58 10.50 -73.03 76.73
CA SER G 58 9.28 -72.25 76.92
C SER G 58 9.50 -70.86 76.36
N SER G 59 8.66 -70.45 75.41
CA SER G 59 8.79 -69.14 74.80
C SER G 59 8.43 -68.05 75.82
N VAL G 60 9.22 -66.98 75.83
CA VAL G 60 8.95 -65.86 76.71
C VAL G 60 7.99 -64.86 76.07
N SER G 61 8.01 -64.75 74.74
CA SER G 61 7.11 -63.86 74.02
C SER G 61 6.62 -64.57 72.76
N ARG G 62 5.49 -64.09 72.24
CA ARG G 62 4.93 -64.67 71.02
C ARG G 62 5.93 -64.56 69.87
N MET G 63 6.82 -63.57 69.92
CA MET G 63 7.86 -63.45 68.90
C MET G 63 8.75 -64.67 68.92
N GLU G 64 9.12 -65.15 70.11
CA GLU G 64 9.99 -66.31 70.20
C GLU G 64 9.31 -67.57 69.67
N ASN G 65 8.01 -67.74 70.00
CA ASN G 65 7.28 -68.89 69.48
C ASN G 65 7.18 -68.85 67.97
N ILE G 66 6.92 -67.65 67.41
CA ILE G 66 6.84 -67.51 65.97
C ILE G 66 8.19 -67.80 65.33
N MET G 67 9.28 -67.33 65.96
CA MET G 67 10.62 -67.63 65.49
C MET G 67 10.87 -69.14 65.46
N TRP G 68 10.51 -69.83 66.55
CA TRP G 68 10.73 -71.27 66.61
C TRP G 68 9.92 -72.00 65.55
N LYS G 69 8.67 -71.60 65.37
CA LYS G 69 7.84 -72.23 64.34
C LYS G 69 8.44 -72.00 62.95
N SER G 70 8.92 -70.79 62.68
CA SER G 70 9.53 -70.51 61.39
C SER G 70 10.78 -71.35 61.17
N VAL G 71 11.60 -71.50 62.22
CA VAL G 71 12.90 -72.14 62.08
C VAL G 71 12.84 -73.65 62.28
N GLU G 72 11.66 -74.21 62.58
CA GLU G 72 11.54 -75.63 62.86
C GLU G 72 12.16 -76.49 61.77
N GLY G 73 11.80 -76.24 60.51
CA GLY G 73 12.31 -77.06 59.43
C GLY G 73 13.82 -76.99 59.28
N GLU G 74 14.36 -75.77 59.30
CA GLU G 74 15.80 -75.61 59.14
C GLU G 74 16.55 -76.31 60.26
N LEU G 75 16.10 -76.13 61.51
CA LEU G 75 16.78 -76.74 62.64
C LEU G 75 16.69 -78.27 62.58
N ASN G 76 15.52 -78.79 62.20
CA ASN G 76 15.38 -80.24 62.08
C ASN G 76 16.31 -80.80 61.01
N ALA G 77 16.40 -80.12 59.86
CA ALA G 77 17.31 -80.57 58.82
C ALA G 77 18.76 -80.50 59.29
N ILE G 78 19.12 -79.44 60.01
CA ILE G 78 20.49 -79.35 60.54
C ILE G 78 20.77 -80.50 61.49
N LEU G 79 19.82 -80.80 62.36
CA LEU G 79 20.00 -81.89 63.32
C LEU G 79 20.20 -83.22 62.61
N GLU G 80 19.38 -83.49 61.59
CA GLU G 80 19.42 -84.79 60.93
C GLU G 80 20.50 -84.84 59.85
N GLU G 81 21.15 -83.70 59.60
CA GLU G 81 22.26 -83.65 58.66
C GLU G 81 23.54 -84.11 59.34
N ASN G 82 23.70 -83.73 60.60
CA ASN G 82 24.85 -84.17 61.38
C ASN G 82 24.68 -85.59 61.90
N GLY G 83 23.45 -86.08 61.93
CA GLY G 83 23.14 -87.36 62.54
C GLY G 83 22.50 -87.25 63.90
N VAL G 84 22.21 -86.04 64.38
CA VAL G 84 21.55 -85.87 65.65
C VAL G 84 20.13 -86.44 65.58
N GLN G 85 19.77 -87.21 66.61
CA GLN G 85 18.43 -87.77 66.73
C GLN G 85 17.66 -86.88 67.69
N LEU G 86 17.00 -85.85 67.15
CA LEU G 86 16.19 -84.94 67.93
C LEU G 86 15.12 -84.35 67.04
N THR G 87 13.91 -84.24 67.58
CA THR G 87 12.78 -83.65 66.86
C THR G 87 12.40 -82.34 67.53
N VAL G 88 12.27 -81.29 66.73
CA VAL G 88 11.89 -79.96 67.22
C VAL G 88 10.44 -79.74 66.82
N VAL G 89 9.57 -79.58 67.81
CA VAL G 89 8.15 -79.38 67.59
C VAL G 89 7.74 -78.07 68.26
N VAL G 90 6.98 -77.25 67.54
CA VAL G 90 6.54 -75.94 68.01
C VAL G 90 5.03 -75.99 68.19
N GLY G 91 4.57 -75.67 69.39
CA GLY G 91 3.17 -75.65 69.73
C GLY G 91 2.60 -74.25 69.75
N SER G 92 1.42 -74.13 70.36
CA SER G 92 0.73 -72.86 70.46
C SER G 92 1.25 -72.06 71.66
N VAL G 93 0.73 -70.86 71.83
CA VAL G 93 1.11 -69.96 72.92
C VAL G 93 -0.04 -69.94 73.91
N LYS G 94 0.24 -70.30 75.16
CA LYS G 94 -0.77 -70.36 76.21
C LYS G 94 -0.54 -69.22 77.20
N ASN G 95 -1.59 -68.45 77.47
CA ASN G 95 -1.49 -67.28 78.34
C ASN G 95 -1.96 -67.63 79.75
N PRO G 96 -1.22 -67.21 80.79
CA PRO G 96 0.08 -66.53 80.76
C PRO G 96 1.22 -67.51 80.48
N MET G 97 2.22 -67.11 79.69
CA MET G 97 3.43 -67.90 79.53
C MET G 97 4.24 -67.90 80.81
N TRP G 98 4.82 -69.03 81.15
CA TRP G 98 5.54 -69.19 82.40
C TRP G 98 7.05 -69.35 82.16
N ARG G 99 7.80 -69.37 83.25
CA ARG G 99 9.26 -69.30 83.21
C ARG G 99 9.86 -70.70 83.02
N GLY G 100 11.19 -70.72 82.90
CA GLY G 100 11.94 -71.96 82.80
C GLY G 100 13.24 -71.87 83.57
N PRO G 101 13.46 -72.78 84.53
CA PRO G 101 14.65 -72.63 85.40
C PRO G 101 15.97 -72.61 84.65
N GLN G 102 16.13 -73.41 83.60
CA GLN G 102 17.41 -73.57 82.96
C GLN G 102 17.57 -72.60 81.78
N ARG G 103 18.82 -72.40 81.38
CA ARG G 103 19.17 -71.60 80.21
C ARG G 103 19.84 -72.48 79.19
N LEU G 104 19.70 -72.11 77.93
CA LEU G 104 20.34 -72.87 76.87
C LEU G 104 21.85 -72.72 76.98
N PRO G 105 22.62 -73.79 77.18
CA PRO G 105 24.08 -73.65 77.25
C PRO G 105 24.63 -73.12 75.93
N VAL G 106 25.63 -72.27 76.03
CA VAL G 106 26.31 -71.76 74.84
C VAL G 106 27.25 -72.86 74.36
N PRO G 107 27.11 -73.35 73.13
CA PRO G 107 27.97 -74.44 72.67
C PRO G 107 29.41 -73.96 72.52
N VAL G 108 30.35 -74.84 72.88
CA VAL G 108 31.76 -74.50 72.74
C VAL G 108 32.10 -74.32 71.27
N ASN G 109 31.50 -75.13 70.40
CA ASN G 109 31.70 -75.01 68.97
C ASN G 109 30.44 -75.44 68.24
N GLU G 110 30.32 -74.99 67.00
CA GLU G 110 29.19 -75.36 66.16
C GLU G 110 29.30 -76.83 65.77
N LEU G 111 28.27 -77.34 65.11
CA LEU G 111 28.30 -78.70 64.62
C LEU G 111 29.40 -78.84 63.58
N PRO G 112 30.00 -80.04 63.46
CA PRO G 112 31.09 -80.20 62.49
C PRO G 112 30.71 -79.86 61.07
N HIS G 113 29.46 -80.11 60.67
CA HIS G 113 29.04 -79.81 59.31
C HIS G 113 27.54 -79.56 59.28
N GLY G 114 27.15 -78.33 58.95
CA GLY G 114 25.76 -77.97 58.81
C GLY G 114 25.54 -76.99 57.67
N TRP G 115 26.44 -77.00 56.68
CA TRP G 115 26.39 -76.02 55.61
C TRP G 115 25.12 -76.13 54.76
N LYS G 116 24.50 -77.31 54.72
CA LYS G 116 23.32 -77.49 53.87
C LYS G 116 22.18 -76.57 54.26
N ALA G 117 22.18 -76.06 55.49
CA ALA G 117 21.11 -75.17 55.93
C ALA G 117 21.12 -73.86 55.16
N TRP G 118 22.30 -73.40 54.74
CA TRP G 118 22.40 -72.13 54.03
C TRP G 118 21.57 -72.18 52.76
N GLY G 119 20.81 -71.10 52.51
CA GLY G 119 19.90 -71.05 51.39
C GLY G 119 18.70 -71.96 51.51
N LYS G 120 18.52 -72.61 52.66
CA LYS G 120 17.43 -73.58 52.87
C LYS G 120 16.98 -73.39 54.33
N SER G 121 16.06 -72.44 54.54
CA SER G 121 15.64 -72.06 55.87
C SER G 121 14.18 -72.41 56.15
N TYR G 122 13.26 -72.04 55.26
CA TYR G 122 11.85 -72.31 55.44
C TYR G 122 11.42 -73.59 54.74
N PHE G 123 11.56 -73.66 53.42
CA PHE G 123 11.24 -74.87 52.66
C PHE G 123 12.38 -75.85 52.89
N VAL G 124 12.25 -76.67 53.94
CA VAL G 124 13.30 -77.56 54.39
C VAL G 124 12.72 -78.96 54.53
N ARG G 125 13.52 -79.97 54.23
CA ARG G 125 13.11 -81.37 54.36
C ARG G 125 14.00 -82.09 55.37
N ALA G 126 13.41 -83.04 56.07
CA ALA G 126 14.13 -83.85 57.04
C ALA G 126 13.22 -84.99 57.47
N ALA G 127 13.66 -85.78 58.44
CA ALA G 127 12.88 -86.86 59.01
C ALA G 127 12.70 -86.62 60.50
N LYS G 128 11.98 -87.52 61.14
CA LYS G 128 11.70 -87.44 62.58
C LYS G 128 12.45 -88.53 63.32
N THR G 129 12.73 -88.27 64.60
CA THR G 129 13.47 -89.19 65.44
C THR G 129 12.74 -89.31 66.78
N ASN G 130 13.12 -90.33 67.55
CA ASN G 130 12.44 -90.60 68.82
C ASN G 130 12.55 -89.41 69.76
N ASN G 131 13.73 -88.85 69.90
CA ASN G 131 13.93 -87.72 70.80
C ASN G 131 13.21 -86.49 70.26
N SER G 132 12.50 -85.80 71.14
CA SER G 132 11.72 -84.61 70.78
C SER G 132 12.14 -83.46 71.69
N PHE G 133 12.64 -82.38 71.09
CA PHE G 133 13.01 -81.18 71.83
C PHE G 133 11.86 -80.18 71.70
N VAL G 134 10.83 -80.39 72.52
CA VAL G 134 9.60 -79.61 72.40
C VAL G 134 9.90 -78.12 72.63
N VAL G 135 9.01 -77.27 72.11
CA VAL G 135 9.09 -75.83 72.30
C VAL G 135 7.69 -75.35 72.63
N ASP G 136 7.48 -74.96 73.88
CA ASP G 136 6.18 -74.46 74.36
C ASP G 136 5.17 -75.59 74.14
N GLY G 137 3.99 -75.31 73.60
CA GLY G 137 3.01 -76.35 73.32
C GLY G 137 2.33 -76.85 74.57
N ASP G 138 1.34 -77.72 74.35
CA ASP G 138 0.60 -78.35 75.42
C ASP G 138 1.19 -79.72 75.75
N THR G 139 2.45 -79.70 76.18
CA THR G 139 3.22 -80.90 76.47
C THR G 139 3.80 -80.84 77.88
N LEU G 140 2.97 -80.46 78.85
CA LEU G 140 3.43 -80.40 80.24
C LEU G 140 3.83 -81.77 80.74
N LYS G 141 3.05 -82.80 80.41
CA LYS G 141 3.36 -84.15 80.88
C LYS G 141 4.70 -84.63 80.35
N GLU G 142 4.99 -84.36 79.07
CA GLU G 142 6.23 -84.83 78.46
C GLU G 142 7.43 -84.11 79.05
N CYS G 143 7.49 -82.79 78.88
CA CYS G 143 8.62 -81.99 79.32
C CYS G 143 8.11 -80.99 80.34
N PRO G 144 8.12 -81.34 81.63
CA PRO G 144 7.56 -80.44 82.65
C PRO G 144 8.22 -79.08 82.64
N LEU G 145 7.62 -78.17 83.43
CA LEU G 145 8.05 -76.77 83.41
C LEU G 145 9.50 -76.62 83.88
N GLU G 146 9.90 -77.38 84.91
CA GLU G 146 11.17 -77.10 85.56
C GLU G 146 12.39 -77.56 84.76
N HIS G 147 12.22 -78.50 83.82
CA HIS G 147 13.33 -78.93 82.97
C HIS G 147 13.45 -78.12 81.68
N ARG G 148 12.61 -77.12 81.47
CA ARG G 148 12.63 -76.35 80.25
C ARG G 148 13.67 -75.23 80.33
N ALA G 149 13.91 -74.61 79.18
CA ALA G 149 14.74 -73.43 79.08
C ALA G 149 13.88 -72.24 78.67
N TRP G 150 14.17 -71.08 79.24
CA TRP G 150 13.31 -69.92 79.06
C TRP G 150 14.15 -68.65 79.14
N ASN G 151 13.79 -67.66 78.32
CA ASN G 151 14.48 -66.38 78.27
C ASN G 151 15.98 -66.59 78.14
N SER G 152 16.37 -67.25 77.05
CA SER G 152 17.77 -67.49 76.72
C SER G 152 18.10 -66.94 75.34
N PHE G 153 17.45 -65.84 74.96
CA PHE G 153 17.63 -65.23 73.66
C PHE G 153 17.75 -63.72 73.83
N LEU G 154 18.43 -63.09 72.87
CA LEU G 154 18.61 -61.65 72.84
C LEU G 154 18.50 -61.16 71.39
N VAL G 155 18.55 -59.84 71.21
CA VAL G 155 18.44 -59.22 69.89
C VAL G 155 19.65 -58.31 69.69
N GLU G 156 20.28 -58.43 68.52
CA GLU G 156 21.43 -57.60 68.16
C GLU G 156 21.00 -56.40 67.32
N ASP G 157 20.35 -56.66 66.18
CA ASP G 157 19.93 -55.62 65.25
C ASP G 157 18.48 -55.85 64.87
N HIS G 158 17.77 -54.76 64.61
CA HIS G 158 16.37 -54.81 64.24
C HIS G 158 16.02 -53.55 63.45
N GLY G 159 14.94 -53.64 62.68
CA GLY G 159 14.50 -52.53 61.86
C GLY G 159 15.12 -52.54 60.48
N PHE G 160 14.29 -52.40 59.46
CA PHE G 160 14.76 -52.42 58.07
C PHE G 160 13.72 -51.74 57.20
N GLY G 161 14.15 -51.38 55.99
CA GLY G 161 13.24 -50.83 55.00
C GLY G 161 12.41 -51.93 54.35
N VAL G 162 11.61 -52.63 55.15
CA VAL G 162 10.80 -53.74 54.66
C VAL G 162 9.73 -54.02 55.69
N PHE G 163 8.61 -54.58 55.23
CA PHE G 163 7.51 -54.89 56.14
C PHE G 163 7.95 -55.88 57.21
N HIS G 164 8.63 -56.95 56.81
CA HIS G 164 9.19 -57.92 57.74
C HIS G 164 10.66 -57.60 57.91
N THR G 165 10.97 -56.68 58.81
CA THR G 165 12.35 -56.29 59.07
C THR G 165 13.06 -57.44 59.77
N SER G 166 14.14 -57.92 59.16
CA SER G 166 14.85 -59.07 59.71
C SER G 166 15.53 -58.71 61.02
N VAL G 167 15.41 -59.59 62.00
CA VAL G 167 16.01 -59.41 63.33
C VAL G 167 16.97 -60.55 63.57
N TRP G 168 18.15 -60.23 64.09
CA TRP G 168 19.19 -61.22 64.36
C TRP G 168 19.28 -61.43 65.87
N LEU G 169 19.10 -62.68 66.31
CA LEU G 169 19.16 -63.03 67.71
C LEU G 169 20.43 -63.82 68.01
N LYS G 170 20.63 -64.11 69.29
CA LYS G 170 21.82 -64.82 69.75
C LYS G 170 21.49 -65.52 71.06
N VAL G 171 22.24 -66.59 71.34
CA VAL G 171 22.03 -67.33 72.58
C VAL G 171 22.60 -66.54 73.74
N ARG G 172 21.77 -66.31 74.76
CA ARG G 172 22.19 -65.50 75.89
C ARG G 172 23.42 -66.13 76.55
N GLU G 173 24.44 -65.32 76.76
CA GLU G 173 25.68 -65.82 77.35
C GLU G 173 25.54 -66.04 78.85
N ASP G 174 24.79 -65.17 79.53
CA ASP G 174 24.62 -65.24 80.97
C ASP G 174 23.13 -65.28 81.30
N TYR G 175 22.83 -65.69 82.52
CA TYR G 175 21.45 -65.77 82.97
C TYR G 175 20.83 -64.38 83.03
N SER G 176 19.52 -64.32 82.84
CA SER G 176 18.81 -63.05 82.92
C SER G 176 17.34 -63.31 83.20
N LEU G 177 16.66 -62.29 83.73
CA LEU G 177 15.24 -62.35 84.03
C LEU G 177 14.45 -61.17 83.49
N GLU G 178 15.08 -60.05 83.17
CA GLU G 178 14.37 -58.89 82.69
C GLU G 178 13.91 -59.11 81.25
N CYS G 179 13.09 -58.18 80.76
CA CYS G 179 12.68 -58.17 79.38
C CYS G 179 13.82 -57.64 78.50
N ASP G 180 13.53 -57.44 77.22
CA ASP G 180 14.55 -56.98 76.27
C ASP G 180 14.59 -55.46 76.24
N PRO G 181 15.67 -54.83 76.72
CA PRO G 181 15.72 -53.35 76.66
C PRO G 181 15.70 -52.80 75.25
N ALA G 182 16.24 -53.54 74.28
CA ALA G 182 16.39 -53.01 72.92
C ALA G 182 15.06 -52.81 72.22
N VAL G 183 13.98 -53.41 72.71
CA VAL G 183 12.68 -53.34 72.03
C VAL G 183 11.67 -52.64 72.92
N ILE G 184 12.13 -51.72 73.77
CA ILE G 184 11.26 -51.00 74.69
C ILE G 184 11.36 -49.51 74.38
N GLY G 185 10.21 -48.86 74.25
CA GLY G 185 10.15 -47.43 73.99
C GLY G 185 9.26 -46.71 74.97
N THR G 186 9.84 -45.78 75.74
CA THR G 186 9.13 -45.04 76.76
C THR G 186 9.45 -43.55 76.63
N ALA G 187 8.48 -42.73 77.02
CA ALA G 187 8.67 -41.28 76.98
C ALA G 187 7.58 -40.62 77.83
N VAL G 188 7.93 -39.47 78.41
CA VAL G 188 6.98 -38.63 79.14
C VAL G 188 7.07 -37.23 78.56
N LYS G 189 5.91 -36.63 78.29
CA LYS G 189 5.84 -35.30 77.67
C LYS G 189 4.69 -34.54 78.34
N GLY G 190 5.04 -33.78 79.38
CA GLY G 190 4.05 -33.01 80.11
C GLY G 190 3.16 -33.87 81.00
N ARG G 191 1.86 -33.92 80.69
CA ARG G 191 0.89 -34.67 81.47
C ARG G 191 0.58 -36.02 80.83
N GLU G 192 1.56 -36.62 80.16
CA GLU G 192 1.34 -37.89 79.48
C GLU G 192 2.62 -38.70 79.50
N ALA G 193 2.52 -39.95 79.95
CA ALA G 193 3.61 -40.91 79.88
C ALA G 193 3.07 -42.21 79.31
N ALA G 194 3.83 -42.79 78.38
CA ALA G 194 3.39 -43.99 77.67
C ALA G 194 4.53 -45.00 77.67
N HIS G 195 4.39 -46.04 78.48
CA HIS G 195 5.32 -47.16 78.48
C HIS G 195 4.79 -48.21 77.51
N SER G 196 5.63 -48.57 76.53
CA SER G 196 5.18 -49.47 75.47
C SER G 196 6.31 -50.36 75.02
N ASP G 197 5.94 -51.52 74.49
CA ASP G 197 6.89 -52.47 73.92
C ASP G 197 6.15 -53.26 72.84
N LEU G 198 6.72 -54.40 72.45
CA LEU G 198 6.13 -55.21 71.39
C LEU G 198 4.75 -55.75 71.75
N GLY G 199 4.45 -55.91 73.04
CA GLY G 199 3.22 -56.55 73.46
C GLY G 199 2.37 -55.75 74.44
N TYR G 200 2.96 -54.75 75.08
CA TYR G 200 2.28 -53.93 76.07
C TYR G 200 2.15 -52.50 75.59
N TRP G 201 1.05 -51.86 76.00
CA TRP G 201 0.78 -50.46 75.67
C TRP G 201 0.04 -49.86 76.87
N ILE G 202 0.77 -49.11 77.69
CA ILE G 202 0.23 -48.53 78.92
C ILE G 202 0.17 -47.01 78.75
N GLU G 203 -0.97 -46.44 79.10
CA GLU G 203 -1.22 -45.01 78.95
C GLU G 203 -1.43 -44.39 80.32
N SER G 204 -0.75 -43.28 80.57
CA SER G 204 -0.85 -42.58 81.84
C SER G 204 -0.82 -41.09 81.58
N GLU G 205 -1.45 -40.33 82.48
CA GLU G 205 -1.52 -38.89 82.34
C GLU G 205 -1.56 -38.24 83.71
N LYS G 206 -1.21 -36.95 83.76
CA LYS G 206 -1.31 -36.15 84.97
C LYS G 206 -2.67 -35.47 85.01
N ASN G 207 -3.57 -35.98 85.86
CA ASN G 207 -4.89 -35.40 86.08
C ASN G 207 -5.06 -35.26 87.59
N ASP G 208 -4.48 -34.21 88.15
CA ASP G 208 -4.36 -33.94 89.58
C ASP G 208 -3.40 -34.94 90.24
N THR G 209 -2.96 -35.94 89.47
CA THR G 209 -2.06 -37.02 89.90
C THR G 209 -1.67 -37.80 88.66
N TRP G 210 -0.62 -38.60 88.80
CA TRP G 210 -0.20 -39.51 87.74
C TRP G 210 -0.89 -40.85 87.97
N ARG G 211 -2.06 -41.02 87.36
CA ARG G 211 -2.88 -42.21 87.53
C ARG G 211 -2.91 -42.98 86.21
N LEU G 212 -3.39 -44.21 86.29
CA LEU G 212 -3.47 -45.09 85.13
C LEU G 212 -4.75 -44.83 84.35
N LYS G 213 -4.65 -44.99 83.03
CA LYS G 213 -5.77 -44.71 82.13
C LYS G 213 -6.21 -45.94 81.36
N ARG G 214 -5.30 -46.62 80.66
CA ARG G 214 -5.66 -47.77 79.85
C ARG G 214 -4.41 -48.59 79.60
N ALA G 215 -4.58 -49.92 79.58
CA ALA G 215 -3.50 -50.84 79.27
C ALA G 215 -4.00 -51.87 78.28
N HIS G 216 -3.26 -52.06 77.20
CA HIS G 216 -3.56 -53.08 76.20
C HIS G 216 -2.56 -54.21 76.37
N LEU G 217 -3.05 -55.38 76.74
CA LEU G 217 -2.22 -56.55 77.00
C LEU G 217 -2.58 -57.63 76.00
N ILE G 218 -1.96 -57.59 74.82
CA ILE G 218 -2.15 -58.65 73.84
C ILE G 218 -1.62 -59.97 74.39
N GLU G 219 -0.68 -59.90 75.33
CA GLU G 219 -0.11 -61.09 75.94
C GLU G 219 0.11 -60.81 77.42
N MET G 220 0.57 -61.82 78.14
CA MET G 220 0.76 -61.74 79.59
C MET G 220 2.13 -62.32 79.91
N LYS G 221 3.16 -61.47 79.93
CA LYS G 221 4.53 -61.93 80.10
C LYS G 221 4.87 -62.03 81.58
N THR G 222 6.12 -62.44 81.85
CA THR G 222 6.63 -62.51 83.21
C THR G 222 8.03 -61.93 83.37
N CYS G 223 8.69 -61.50 82.29
CA CYS G 223 9.98 -60.86 82.44
C CYS G 223 9.81 -59.51 83.12
N GLU G 224 10.84 -59.12 83.87
CA GLU G 224 10.79 -57.91 84.69
C GLU G 224 11.18 -56.69 83.88
N TRP G 225 10.44 -55.61 84.08
CA TRP G 225 10.65 -54.40 83.29
C TRP G 225 11.99 -53.77 83.65
N PRO G 226 12.84 -53.46 82.67
CA PRO G 226 14.16 -52.88 83.00
C PRO G 226 14.01 -51.57 83.74
N LYS G 227 14.97 -51.31 84.65
CA LYS G 227 14.87 -50.12 85.49
C LYS G 227 15.13 -48.85 84.69
N SER G 228 16.09 -48.90 83.76
CA SER G 228 16.51 -47.73 83.02
C SER G 228 15.43 -47.22 82.06
N HIS G 229 14.36 -47.98 81.85
CA HIS G 229 13.34 -47.64 80.87
C HIS G 229 11.98 -47.46 81.53
N THR G 230 11.96 -46.80 82.69
CA THR G 230 10.71 -46.50 83.39
C THR G 230 10.80 -45.08 83.94
N LEU G 231 9.63 -44.48 84.17
CA LEU G 231 9.52 -43.09 84.56
C LEU G 231 8.97 -42.98 85.98
N TRP G 232 9.60 -42.12 86.77
CA TRP G 232 9.16 -41.81 88.14
C TRP G 232 8.96 -43.09 88.95
N THR G 233 10.07 -43.80 89.18
CA THR G 233 10.05 -45.08 89.87
C THR G 233 10.43 -44.95 91.35
N ASP G 234 10.02 -43.87 91.99
CA ASP G 234 10.36 -43.61 93.40
C ASP G 234 9.13 -43.72 94.28
N GLY G 235 9.24 -44.51 95.35
CA GLY G 235 8.18 -44.62 96.33
C GLY G 235 6.88 -45.20 95.81
N VAL G 236 6.95 -46.33 95.11
CA VAL G 236 5.78 -47.00 94.56
C VAL G 236 5.73 -48.42 95.12
N GLU G 237 4.55 -48.82 95.60
CA GLU G 237 4.36 -50.11 96.23
C GLU G 237 3.80 -51.12 95.24
N GLU G 238 4.20 -52.38 95.40
CA GLU G 238 3.76 -53.43 94.47
C GLU G 238 2.25 -53.66 94.56
N SER G 239 1.70 -53.70 95.78
CA SER G 239 0.31 -54.09 95.95
C SER G 239 -0.66 -53.14 95.28
N ASP G 240 -0.27 -51.89 95.05
CA ASP G 240 -1.12 -50.93 94.37
C ASP G 240 -0.89 -50.91 92.86
N LEU G 241 0.16 -51.55 92.36
CA LEU G 241 0.34 -51.67 90.92
C LEU G 241 -0.84 -52.44 90.34
N ILE G 242 -1.67 -51.77 89.55
CA ILE G 242 -2.84 -52.42 88.99
C ILE G 242 -2.42 -53.68 88.23
N ILE G 243 -1.37 -53.58 87.43
CA ILE G 243 -0.75 -54.75 86.83
C ILE G 243 0.19 -55.36 87.87
N PRO G 244 -0.01 -56.61 88.29
CA PRO G 244 0.89 -57.21 89.28
C PRO G 244 2.33 -57.20 88.80
N LYS G 245 3.24 -57.47 89.74
CA LYS G 245 4.65 -57.55 89.42
C LYS G 245 4.95 -58.77 88.55
N SER G 246 4.22 -59.86 88.74
CA SER G 246 4.44 -61.07 87.97
C SER G 246 4.06 -60.92 86.50
N LEU G 247 3.31 -59.87 86.14
CA LEU G 247 2.88 -59.65 84.77
C LEU G 247 3.63 -58.49 84.13
N ALA G 248 4.88 -58.28 84.53
CA ALA G 248 5.73 -57.23 83.96
C ALA G 248 5.06 -55.87 84.10
N GLY G 249 4.85 -55.47 85.36
CA GLY G 249 4.26 -54.19 85.66
C GLY G 249 5.32 -53.15 85.96
N PRO G 250 5.25 -51.99 85.31
CA PRO G 250 6.25 -50.95 85.56
C PRO G 250 6.25 -50.53 87.03
N LEU G 251 7.45 -50.26 87.55
CA LEU G 251 7.60 -49.90 88.97
C LEU G 251 7.59 -48.37 89.11
N SER G 252 6.46 -47.80 88.71
CA SER G 252 6.26 -46.36 88.67
C SER G 252 4.94 -46.01 89.34
N HIS G 253 4.87 -44.78 89.87
CA HIS G 253 3.60 -44.25 90.36
C HIS G 253 2.56 -44.19 89.26
N HIS G 254 3.00 -44.21 88.00
CA HIS G 254 2.09 -44.23 86.86
C HIS G 254 1.44 -45.60 86.69
N ASN G 255 1.89 -46.61 87.42
CA ASN G 255 1.40 -47.97 87.32
C ASN G 255 0.40 -48.32 88.42
N THR G 256 -0.04 -47.32 89.18
CA THR G 256 -0.94 -47.57 90.30
C THR G 256 -2.09 -46.57 90.26
N ARG G 257 -3.23 -46.99 90.81
CA ARG G 257 -4.39 -46.15 90.95
C ARG G 257 -4.89 -46.22 92.38
N GLU G 258 -5.54 -45.14 92.81
CA GLU G 258 -6.03 -45.02 94.16
C GLU G 258 -7.31 -45.85 94.33
N GLY G 259 -7.44 -46.49 95.48
CA GLY G 259 -8.62 -47.27 95.77
C GLY G 259 -8.64 -48.67 95.20
N TYR G 260 -7.56 -49.09 94.54
CA TYR G 260 -7.48 -50.42 93.95
C TYR G 260 -6.13 -51.04 94.29
N ARG G 261 -6.16 -52.29 94.72
CA ARG G 261 -4.94 -53.03 95.01
C ARG G 261 -4.43 -53.68 93.74
N THR G 262 -3.34 -54.44 93.86
CA THR G 262 -2.77 -55.12 92.71
C THR G 262 -3.77 -56.16 92.19
N GLN G 263 -3.97 -56.15 90.88
CA GLN G 263 -4.98 -57.02 90.26
C GLN G 263 -4.32 -58.35 89.92
N VAL G 264 -4.05 -59.12 90.96
CA VAL G 264 -3.40 -60.41 90.78
C VAL G 264 -4.38 -61.50 90.33
N LYS G 265 -5.63 -61.40 90.74
CA LYS G 265 -6.65 -62.38 90.35
C LYS G 265 -7.55 -61.82 89.26
N GLY G 266 -6.99 -61.00 88.38
CA GLY G 266 -7.72 -60.51 87.24
C GLY G 266 -7.87 -61.56 86.17
N PRO G 267 -8.59 -61.22 85.12
CA PRO G 267 -8.78 -62.17 84.00
C PRO G 267 -7.54 -62.27 83.13
N TRP G 268 -6.42 -62.65 83.74
CA TRP G 268 -5.16 -62.80 83.01
C TRP G 268 -5.18 -63.99 82.07
N HIS G 269 -6.20 -64.84 82.18
CA HIS G 269 -6.42 -65.92 81.23
C HIS G 269 -6.65 -65.43 79.82
N SER G 270 -7.06 -64.18 79.66
CA SER G 270 -7.46 -63.67 78.37
C SER G 270 -6.28 -63.69 77.40
N GLU G 271 -6.51 -64.22 76.20
CA GLU G 271 -5.48 -64.19 75.18
C GLU G 271 -5.11 -62.75 74.86
N GLU G 272 -6.11 -61.88 74.71
CA GLU G 272 -5.91 -60.44 74.68
C GLU G 272 -6.71 -59.83 75.81
N LEU G 273 -6.10 -58.85 76.47
CA LEU G 273 -6.77 -58.10 77.54
C LEU G 273 -6.58 -56.62 77.30
N GLU G 274 -7.68 -55.89 77.28
CA GLU G 274 -7.66 -54.43 77.25
C GLU G 274 -8.27 -53.93 78.56
N ILE G 275 -7.52 -53.11 79.28
CA ILE G 275 -7.91 -52.63 80.60
C ILE G 275 -8.38 -51.19 80.45
N ARG G 276 -9.62 -50.93 80.86
CA ARG G 276 -10.21 -49.61 80.76
C ARG G 276 -10.96 -49.30 82.04
N PHE G 277 -11.07 -48.01 82.35
CA PHE G 277 -11.75 -47.54 83.56
C PHE G 277 -13.09 -46.93 83.15
N GLU G 278 -14.12 -47.77 83.15
CA GLU G 278 -15.46 -47.36 82.79
C GLU G 278 -16.43 -48.42 83.28
N GLU G 279 -17.63 -47.97 83.68
CA GLU G 279 -18.66 -48.93 84.08
C GLU G 279 -18.96 -49.87 82.93
N CYS G 280 -18.98 -51.16 83.23
CA CYS G 280 -19.15 -52.16 82.19
C CYS G 280 -20.54 -52.04 81.57
N PRO G 281 -20.68 -52.30 80.27
CA PRO G 281 -22.01 -52.20 79.65
C PRO G 281 -23.00 -53.13 80.31
N GLY G 282 -24.24 -52.66 80.41
CA GLY G 282 -25.31 -53.45 80.99
C GLY G 282 -25.19 -53.69 82.47
N THR G 283 -24.24 -53.05 83.15
CA THR G 283 -24.08 -53.20 84.58
C THR G 283 -23.61 -51.88 85.18
N LYS G 284 -23.83 -51.74 86.49
CA LYS G 284 -23.42 -50.56 87.22
C LYS G 284 -22.76 -51.00 88.52
N VAL G 285 -21.91 -50.12 89.04
CA VAL G 285 -21.16 -50.39 90.25
C VAL G 285 -21.47 -49.31 91.27
N TYR G 286 -21.53 -49.70 92.54
CA TYR G 286 -21.65 -48.77 93.65
C TYR G 286 -20.40 -48.85 94.51
N VAL G 287 -20.32 -47.91 95.45
CA VAL G 287 -19.23 -47.90 96.43
C VAL G 287 -19.81 -48.29 97.77
N GLU G 288 -19.81 -49.59 98.08
CA GLU G 288 -20.44 -50.10 99.29
C GLU G 288 -19.40 -50.79 100.16
N GLU G 289 -19.26 -50.30 101.40
CA GLU G 289 -18.32 -50.87 102.35
C GLU G 289 -18.75 -52.24 102.88
N THR G 290 -20.01 -52.63 102.67
CA THR G 290 -20.50 -53.94 103.06
C THR G 290 -20.48 -54.93 101.91
N CYS G 291 -19.94 -54.56 100.77
CA CYS G 291 -19.93 -55.43 99.60
C CYS G 291 -18.89 -56.54 99.80
N GLY G 292 -18.77 -57.41 98.80
CA GLY G 292 -17.80 -58.47 98.89
C GLY G 292 -16.37 -57.95 98.87
N THR G 293 -15.52 -58.67 99.60
CA THR G 293 -14.15 -58.22 99.83
C THR G 293 -13.27 -58.60 98.63
N ARG G 294 -11.96 -58.50 98.82
CA ARG G 294 -11.02 -58.84 97.76
C ARG G 294 -11.03 -60.35 97.52
N GLY G 295 -10.59 -60.73 96.31
CA GLY G 295 -10.54 -62.11 95.92
C GLY G 295 -10.46 -62.26 94.42
N PRO G 296 -10.89 -63.40 93.89
CA PRO G 296 -10.93 -63.56 92.43
C PRO G 296 -11.89 -62.58 91.79
N SER G 297 -11.48 -62.04 90.65
CA SER G 297 -12.37 -61.16 89.90
C SER G 297 -13.40 -62.00 89.14
N LEU G 298 -14.51 -61.35 88.80
CA LEU G 298 -15.66 -62.03 88.22
C LEU G 298 -15.98 -61.47 86.85
N ARG G 299 -16.64 -62.28 86.03
CA ARG G 299 -17.09 -61.86 84.72
C ARG G 299 -18.42 -61.12 84.83
N SER G 300 -18.63 -60.17 83.92
CA SER G 300 -19.88 -59.40 83.93
C SER G 300 -21.08 -60.30 83.71
N THR G 301 -20.99 -61.22 82.75
CA THR G 301 -22.08 -62.10 82.41
C THR G 301 -21.84 -63.49 82.99
N THR G 302 -22.93 -64.19 83.29
CA THR G 302 -22.86 -65.53 83.84
C THR G 302 -22.51 -66.51 82.74
N ALA G 303 -22.61 -67.81 83.04
CA ALA G 303 -22.32 -68.82 82.03
C ALA G 303 -23.29 -68.73 80.85
N SER G 304 -24.57 -68.50 81.14
CA SER G 304 -25.58 -68.41 80.09
C SER G 304 -25.65 -67.02 79.46
N GLY G 305 -24.82 -66.09 79.91
CA GLY G 305 -24.83 -64.73 79.39
C GLY G 305 -25.67 -63.76 80.16
N ARG G 306 -26.35 -64.19 81.23
CA ARG G 306 -27.18 -63.29 82.00
C ARG G 306 -26.35 -62.12 82.52
N VAL G 307 -26.88 -60.91 82.36
CA VAL G 307 -26.17 -59.70 82.74
C VAL G 307 -26.53 -59.35 84.16
N ILE G 308 -25.57 -59.46 85.07
CA ILE G 308 -25.75 -59.08 86.46
C ILE G 308 -25.57 -57.56 86.54
N GLU G 309 -26.68 -56.86 86.79
CA GLU G 309 -26.68 -55.40 86.75
C GLU G 309 -26.41 -54.77 88.11
N GLU G 310 -26.16 -55.57 89.14
CA GLU G 310 -25.88 -55.06 90.48
C GLU G 310 -24.45 -55.42 90.83
N TRP G 311 -23.64 -54.40 91.15
CA TRP G 311 -22.26 -54.63 91.53
C TRP G 311 -21.83 -53.56 92.53
N CYS G 312 -20.82 -53.90 93.31
CA CYS G 312 -20.41 -53.07 94.43
C CYS G 312 -18.98 -53.39 94.80
N CYS G 313 -18.40 -52.52 95.62
CA CYS G 313 -17.04 -52.69 96.11
C CYS G 313 -16.85 -51.77 97.30
N ARG G 314 -15.72 -51.94 97.99
CA ARG G 314 -15.52 -51.28 99.27
C ARG G 314 -15.09 -49.83 99.12
N GLU G 315 -13.93 -49.59 98.51
CA GLU G 315 -13.32 -48.27 98.49
C GLU G 315 -12.83 -47.92 97.08
N CYS G 316 -13.69 -48.10 96.09
CA CYS G 316 -13.34 -47.74 94.72
C CYS G 316 -13.60 -46.26 94.48
N THR G 317 -13.20 -45.80 93.30
CA THR G 317 -13.49 -44.45 92.83
C THR G 317 -14.07 -44.53 91.43
N MET G 318 -15.20 -43.88 91.22
CA MET G 318 -15.84 -43.93 89.91
C MET G 318 -14.95 -43.26 88.88
N PRO G 319 -14.86 -43.80 87.66
CA PRO G 319 -15.49 -45.03 87.15
C PRO G 319 -14.84 -46.28 87.70
N PRO G 320 -15.46 -47.44 87.57
CA PRO G 320 -14.87 -48.68 88.08
C PRO G 320 -13.80 -49.20 87.12
N LEU G 321 -13.20 -50.33 87.50
CA LEU G 321 -12.20 -51.01 86.71
C LEU G 321 -12.84 -52.18 85.99
N SER G 322 -12.66 -52.24 84.66
CA SER G 322 -13.25 -53.28 83.84
C SER G 322 -12.20 -53.83 82.90
N PHE G 323 -11.81 -55.08 83.10
CA PHE G 323 -10.95 -55.77 82.15
C PHE G 323 -11.77 -56.21 80.95
N ARG G 324 -11.33 -55.82 79.76
CA ARG G 324 -12.01 -56.16 78.52
C ARG G 324 -11.20 -57.24 77.82
N ALA G 325 -11.74 -58.45 77.80
CA ALA G 325 -11.06 -59.64 77.30
C ALA G 325 -11.83 -60.20 76.11
N LYS G 326 -11.24 -61.22 75.48
CA LYS G 326 -11.97 -61.94 74.44
C LYS G 326 -13.14 -62.71 75.04
N ASP G 327 -12.98 -63.22 76.26
CA ASP G 327 -14.10 -63.89 76.92
C ASP G 327 -15.26 -62.93 77.13
N GLY G 328 -14.95 -61.69 77.49
CA GLY G 328 -15.97 -60.68 77.67
C GLY G 328 -15.48 -59.61 78.62
N CYS G 329 -16.44 -58.95 79.25
CA CYS G 329 -16.17 -57.89 80.20
C CYS G 329 -15.95 -58.49 81.59
N TRP G 330 -14.82 -58.15 82.21
CA TRP G 330 -14.47 -58.63 83.54
C TRP G 330 -14.18 -57.45 84.45
N TYR G 331 -14.43 -57.64 85.74
CA TYR G 331 -14.32 -56.57 86.71
C TYR G 331 -13.07 -56.76 87.58
N GLY G 332 -12.87 -55.84 88.52
CA GLY G 332 -11.81 -55.99 89.49
C GLY G 332 -12.22 -56.89 90.64
N MET G 333 -11.22 -57.36 91.39
CA MET G 333 -11.52 -58.15 92.57
C MET G 333 -12.37 -57.38 93.57
N GLU G 334 -12.02 -56.12 93.83
CA GLU G 334 -12.78 -55.34 94.80
C GLU G 334 -14.25 -55.25 94.41
N ILE G 335 -14.57 -55.35 93.13
CA ILE G 335 -15.95 -55.30 92.65
C ILE G 335 -16.59 -56.66 92.80
N ARG G 336 -17.68 -56.71 93.56
CA ARG G 336 -18.43 -57.92 93.83
C ARG G 336 -19.91 -57.65 93.62
N PRO G 337 -20.68 -58.68 93.29
CA PRO G 337 -22.12 -58.45 93.06
C PRO G 337 -22.84 -58.12 94.36
N ARG G 338 -23.86 -57.29 94.25
CA ARG G 338 -24.67 -56.96 95.43
C ARG G 338 -25.49 -58.16 95.88
N LYS G 339 -26.19 -58.79 94.93
CA LYS G 339 -26.98 -59.99 95.20
C LYS G 339 -26.67 -61.01 94.11
N GLU G 340 -25.78 -61.94 94.41
CA GLU G 340 -25.57 -63.07 93.52
C GLU G 340 -24.82 -64.16 94.27
N PRO G 341 -25.32 -65.38 94.30
CA PRO G 341 -24.54 -66.47 94.90
C PRO G 341 -23.20 -66.60 94.18
N GLU G 342 -22.16 -66.86 94.96
CA GLU G 342 -20.82 -66.95 94.37
C GLU G 342 -20.76 -68.03 93.30
N SER G 343 -21.66 -69.02 93.36
CA SER G 343 -21.70 -70.04 92.32
C SER G 343 -22.05 -69.43 90.97
N ASN G 344 -22.99 -68.49 90.94
CA ASN G 344 -23.42 -67.86 89.70
C ASN G 344 -22.40 -66.89 89.14
N LEU G 345 -21.21 -66.81 89.73
CA LEU G 345 -20.18 -65.86 89.31
C LEU G 345 -18.99 -66.62 88.74
N VAL G 346 -18.58 -66.25 87.52
CA VAL G 346 -17.41 -66.85 86.90
C VAL G 346 -16.17 -66.14 87.40
N ARG G 347 -15.46 -66.77 88.33
CA ARG G 347 -14.25 -66.20 88.92
C ARG G 347 -13.09 -66.27 87.95
N SER G 348 -12.28 -65.22 87.94
CA SER G 348 -11.15 -65.15 87.03
C SER G 348 -10.06 -66.14 87.43
N MET G 349 -9.49 -66.82 86.44
CA MET G 349 -8.45 -67.79 86.71
C MET G 349 -7.20 -67.11 87.25
N VAL G 350 -6.47 -67.81 88.11
CA VAL G 350 -5.30 -67.29 88.79
C VAL G 350 -4.20 -68.32 88.71
N THR G 351 -2.96 -67.87 88.47
CA THR G 351 -1.79 -68.74 88.44
C THR G 351 -0.72 -68.16 89.36
N ALA G 352 -0.07 -69.04 90.12
CA ALA G 352 0.96 -68.63 91.06
C ALA G 352 2.30 -69.28 90.73
N ASP H 1 2.63 -37.63 67.83
CA ASP H 1 3.21 -36.84 66.70
C ASP H 1 3.63 -37.78 65.56
N VAL H 2 3.01 -37.62 64.40
CA VAL H 2 3.31 -38.45 63.25
C VAL H 2 4.71 -38.06 62.76
N GLY H 3 5.65 -39.00 62.87
CA GLY H 3 7.02 -38.69 62.53
C GLY H 3 7.43 -39.16 61.15
N CYS H 4 8.66 -38.85 60.75
CA CYS H 4 9.20 -39.30 59.48
C CYS H 4 10.68 -39.58 59.68
N SER H 5 11.29 -40.26 58.71
CA SER H 5 12.64 -40.74 58.92
C SER H 5 13.40 -40.81 57.60
N VAL H 6 14.69 -40.49 57.66
CA VAL H 6 15.61 -40.66 56.55
C VAL H 6 16.97 -40.99 57.15
N ASP H 7 17.44 -42.21 56.92
CA ASP H 7 18.68 -42.67 57.53
C ASP H 7 19.89 -42.15 56.78
N PHE H 8 21.02 -42.07 57.49
CA PHE H 8 22.26 -41.58 56.91
C PHE H 8 23.18 -42.72 56.48
N SER H 9 23.56 -43.62 57.40
CA SER H 9 24.38 -44.76 57.02
C SER H 9 23.66 -45.61 55.99
N LYS H 10 22.38 -45.89 56.22
CA LYS H 10 21.51 -46.52 55.25
C LYS H 10 20.57 -45.45 54.68
N LYS H 11 19.67 -45.86 53.80
CA LYS H 11 18.73 -44.94 53.15
C LYS H 11 17.28 -45.35 53.39
N GLU H 12 16.98 -45.88 54.58
CA GLU H 12 15.62 -46.25 54.90
C GLU H 12 14.78 -45.00 55.17
N THR H 13 13.56 -45.01 54.65
CA THR H 13 12.64 -43.90 54.81
C THR H 13 11.28 -44.43 55.21
N ARG H 14 10.57 -43.65 56.02
CA ARG H 14 9.27 -44.07 56.53
C ARG H 14 8.69 -42.92 57.35
N CYS H 15 7.44 -43.08 57.75
CA CYS H 15 6.76 -42.09 58.58
C CYS H 15 5.76 -42.78 59.51
N GLY H 16 5.83 -42.43 60.78
CA GLY H 16 4.93 -43.01 61.76
C GLY H 16 5.00 -42.22 63.05
N THR H 17 4.04 -42.50 63.92
CA THR H 17 3.90 -41.75 65.17
C THR H 17 5.12 -41.95 66.05
N GLY H 18 5.41 -40.94 66.86
CA GLY H 18 6.52 -41.04 67.79
C GLY H 18 6.74 -39.72 68.51
N VAL H 19 7.58 -39.80 69.54
CA VAL H 19 7.99 -38.64 70.33
C VAL H 19 9.43 -38.32 69.96
N PHE H 20 9.77 -37.03 70.02
CA PHE H 20 11.03 -36.53 69.46
C PHE H 20 11.87 -35.89 70.54
N ILE H 21 13.18 -35.87 70.31
CA ILE H 21 14.14 -35.19 71.18
C ILE H 21 14.97 -34.27 70.28
N TYR H 22 14.68 -32.98 70.34
CA TYR H 22 15.27 -32.02 69.42
C TYR H 22 16.66 -31.63 69.90
N ASN H 23 17.62 -31.59 68.98
CA ASN H 23 18.97 -31.15 69.28
C ASN H 23 19.16 -29.73 68.74
N ASP H 24 19.57 -28.81 69.62
CA ASP H 24 19.77 -27.41 69.26
C ASP H 24 21.10 -26.88 69.76
N VAL H 25 22.08 -27.74 69.98
CA VAL H 25 23.39 -27.29 70.44
C VAL H 25 24.20 -26.74 69.27
N GLU H 26 24.44 -27.58 68.25
CA GLU H 26 25.11 -27.10 67.05
C GLU H 26 24.17 -26.32 66.14
N ALA H 27 22.89 -26.68 66.11
CA ALA H 27 21.93 -25.94 65.32
C ALA H 27 21.78 -24.51 65.81
N TRP H 28 22.22 -24.22 67.03
CA TRP H 28 22.19 -22.87 67.60
C TRP H 28 20.78 -22.32 67.72
N ARG H 29 19.79 -23.22 67.77
CA ARG H 29 18.38 -22.84 67.94
C ARG H 29 18.05 -21.61 67.10
N ASP H 30 17.22 -20.72 67.63
CA ASP H 30 16.89 -19.48 66.95
C ASP H 30 16.60 -18.41 68.01
N ARG H 31 16.06 -17.28 67.59
CA ARG H 31 15.73 -16.20 68.51
C ARG H 31 14.59 -16.62 69.43
N TYR H 32 14.64 -16.11 70.66
CA TYR H 32 13.64 -16.43 71.67
C TYR H 32 13.30 -15.18 72.47
N LYS H 33 12.13 -15.20 73.11
CA LYS H 33 11.65 -14.09 73.90
C LYS H 33 11.98 -14.23 75.38
N TYR H 34 11.84 -15.43 75.94
CA TYR H 34 12.14 -15.70 77.35
C TYR H 34 11.33 -14.79 78.27
N HIS H 35 10.02 -14.98 78.21
CA HIS H 35 9.11 -14.19 79.04
C HIS H 35 9.24 -14.62 80.50
N PRO H 36 9.61 -13.73 81.42
CA PRO H 36 9.70 -14.10 82.85
C PRO H 36 8.40 -13.86 83.60
N ASP H 37 7.34 -14.53 83.16
CA ASP H 37 6.01 -14.37 83.77
C ASP H 37 5.60 -12.90 83.55
N SER H 38 4.88 -12.30 84.50
CA SER H 38 4.50 -10.90 84.38
C SER H 38 5.68 -10.01 84.75
N PRO H 39 6.11 -9.09 83.88
CA PRO H 39 7.23 -8.22 84.25
C PRO H 39 6.99 -7.42 85.52
N ARG H 40 5.75 -7.04 85.81
CA ARG H 40 5.47 -6.34 87.07
C ARG H 40 5.75 -7.25 88.27
N ARG H 41 5.37 -8.52 88.16
CA ARG H 41 5.67 -9.47 89.22
C ARG H 41 7.18 -9.64 89.40
N LEU H 42 7.92 -9.67 88.30
CA LEU H 42 9.37 -9.75 88.39
C LEU H 42 9.95 -8.50 89.05
N ALA H 43 9.40 -7.33 88.72
CA ALA H 43 9.86 -6.09 89.35
C ALA H 43 9.60 -6.12 90.85
N ALA H 44 8.41 -6.55 91.25
CA ALA H 44 8.09 -6.66 92.67
C ALA H 44 9.01 -7.67 93.35
N ALA H 45 9.31 -8.79 92.67
CA ALA H 45 10.16 -9.81 93.24
C ALA H 45 11.58 -9.29 93.45
N VAL H 46 12.13 -8.58 92.46
CA VAL H 46 13.48 -8.04 92.60
C VAL H 46 13.51 -6.95 93.67
N LYS H 47 12.45 -6.14 93.75
CA LYS H 47 12.39 -5.14 94.80
C LYS H 47 12.35 -5.79 96.18
N GLN H 48 11.57 -6.86 96.33
CA GLN H 48 11.51 -7.58 97.60
C GLN H 48 12.86 -8.22 97.93
N ALA H 49 13.52 -8.78 96.92
CA ALA H 49 14.85 -9.36 97.13
C ALA H 49 15.84 -8.29 97.58
N TRP H 50 15.81 -7.12 96.93
CA TRP H 50 16.70 -6.03 97.32
C TRP H 50 16.40 -5.58 98.75
N GLU H 51 15.12 -5.49 99.10
CA GLU H 51 14.76 -5.19 100.49
C GLU H 51 15.36 -6.21 101.44
N GLU H 52 15.27 -7.49 101.08
CA GLU H 52 15.89 -8.54 101.89
C GLU H 52 17.41 -8.36 101.93
N GLY H 53 18.00 -7.91 100.82
CA GLY H 53 19.43 -7.66 100.78
C GLY H 53 20.14 -8.43 99.68
N ILE H 54 19.40 -8.83 98.65
CA ILE H 54 19.98 -9.57 97.54
C ILE H 54 20.65 -8.58 96.60
N CYS H 55 21.99 -8.66 96.51
CA CYS H 55 22.72 -7.72 95.67
C CYS H 55 22.50 -7.97 94.19
N GLY H 56 22.46 -9.23 93.78
CA GLY H 56 22.37 -9.53 92.37
C GLY H 56 21.89 -10.95 92.12
N ILE H 57 22.21 -11.44 90.93
CA ILE H 57 21.76 -12.74 90.46
C ILE H 57 22.87 -13.39 89.66
N SER H 58 22.96 -14.72 89.75
CA SER H 58 23.89 -15.50 88.93
C SER H 58 23.07 -16.28 87.91
N SER H 59 23.22 -15.91 86.64
CA SER H 59 22.47 -16.54 85.57
C SER H 59 22.88 -18.01 85.42
N VAL H 60 21.94 -18.92 85.67
CA VAL H 60 22.27 -20.35 85.66
C VAL H 60 22.66 -20.80 84.27
N SER H 61 21.92 -20.39 83.25
CA SER H 61 22.14 -20.81 81.88
C SER H 61 22.32 -19.57 81.01
N ARG H 62 22.85 -19.79 79.80
CA ARG H 62 22.97 -18.72 78.82
C ARG H 62 21.62 -18.18 78.40
N MET H 63 20.55 -18.95 78.60
CA MET H 63 19.19 -18.49 78.36
C MET H 63 18.72 -17.52 79.43
N GLU H 64 19.03 -17.79 80.70
CA GLU H 64 18.66 -16.86 81.76
C GLU H 64 19.39 -15.53 81.59
N ASN H 65 20.67 -15.58 81.23
CA ASN H 65 21.43 -14.35 81.03
C ASN H 65 20.86 -13.54 79.86
N ILE H 66 20.49 -14.23 78.77
CA ILE H 66 19.91 -13.53 77.63
C ILE H 66 18.57 -12.90 78.01
N MET H 67 17.76 -13.64 78.79
CA MET H 67 16.49 -13.09 79.27
C MET H 67 16.72 -11.85 80.13
N TRP H 68 17.67 -11.91 81.05
CA TRP H 68 17.95 -10.73 81.88
C TRP H 68 18.43 -9.56 81.03
N LYS H 69 19.26 -9.85 80.02
CA LYS H 69 19.73 -8.79 79.14
C LYS H 69 18.57 -8.14 78.39
N SER H 70 17.64 -8.95 77.90
CA SER H 70 16.52 -8.40 77.13
C SER H 70 15.52 -7.67 78.03
N VAL H 71 15.39 -8.11 79.29
CA VAL H 71 14.41 -7.53 80.21
C VAL H 71 14.99 -6.40 81.04
N GLU H 72 16.29 -6.14 80.96
CA GLU H 72 16.91 -5.11 81.79
C GLU H 72 16.22 -3.76 81.63
N GLY H 73 16.02 -3.34 80.38
CA GLY H 73 15.48 -2.00 80.15
C GLY H 73 14.08 -1.81 80.70
N GLU H 74 13.19 -2.77 80.40
CA GLU H 74 11.81 -2.60 80.82
C GLU H 74 11.67 -2.72 82.33
N LEU H 75 12.46 -3.59 82.95
CA LEU H 75 12.42 -3.70 84.40
C LEU H 75 12.85 -2.40 85.06
N ASN H 76 13.92 -1.78 84.55
CA ASN H 76 14.36 -0.49 85.08
C ASN H 76 13.29 0.57 84.85
N ALA H 77 12.66 0.56 83.68
CA ALA H 77 11.59 1.51 83.40
C ALA H 77 10.44 1.35 84.38
N ILE H 78 10.04 0.11 84.65
CA ILE H 78 8.95 -0.15 85.59
C ILE H 78 9.35 0.31 86.98
N LEU H 79 10.58 0.00 87.40
CA LEU H 79 11.02 0.37 88.74
C LEU H 79 11.02 1.88 88.92
N GLU H 80 11.53 2.62 87.93
CA GLU H 80 11.55 4.08 88.05
C GLU H 80 10.14 4.64 87.97
N GLU H 81 9.27 4.04 87.15
CA GLU H 81 7.90 4.54 87.01
C GLU H 81 7.14 4.45 88.33
N ASN H 82 7.27 3.32 89.02
CA ASN H 82 6.69 3.18 90.35
C ASN H 82 7.56 3.90 91.37
N GLY H 83 7.06 3.98 92.61
CA GLY H 83 7.80 4.61 93.68
C GLY H 83 8.98 3.77 94.13
N VAL H 84 9.88 3.46 93.19
CA VAL H 84 11.04 2.62 93.45
C VAL H 84 12.23 3.22 92.72
N GLN H 85 13.39 3.22 93.37
CA GLN H 85 14.63 3.69 92.77
C GLN H 85 15.65 2.55 92.82
N LEU H 86 15.76 1.83 91.70
CA LEU H 86 16.72 0.74 91.58
C LEU H 86 16.99 0.52 90.09
N THR H 87 18.23 0.17 89.77
CA THR H 87 18.64 -0.10 88.40
C THR H 87 19.20 -1.52 88.30
N VAL H 88 18.87 -2.20 87.21
CA VAL H 88 19.34 -3.55 86.94
C VAL H 88 20.37 -3.48 85.82
N VAL H 89 21.51 -4.13 86.02
CA VAL H 89 22.59 -4.15 85.05
C VAL H 89 23.08 -5.58 84.90
N VAL H 90 23.32 -5.99 83.65
CA VAL H 90 23.78 -7.35 83.36
C VAL H 90 25.21 -7.29 82.83
N GLY H 91 25.81 -8.45 82.62
CA GLY H 91 27.16 -8.53 82.07
C GLY H 91 27.35 -9.83 81.32
N SER H 92 28.60 -10.17 81.06
CA SER H 92 28.95 -11.33 80.26
C SER H 92 28.99 -12.58 81.12
N VAL H 93 28.65 -13.71 80.51
CA VAL H 93 28.71 -14.99 81.20
C VAL H 93 30.13 -15.51 81.18
N LYS H 94 30.67 -15.82 82.36
CA LYS H 94 32.03 -16.31 82.50
C LYS H 94 31.98 -17.77 82.93
N ASN H 95 32.65 -18.63 82.15
CA ASN H 95 32.62 -20.05 82.44
C ASN H 95 33.83 -20.46 83.28
N PRO H 96 33.64 -21.36 84.25
CA PRO H 96 32.39 -22.02 84.64
C PRO H 96 31.46 -21.11 85.42
N MET H 97 30.14 -21.24 85.27
CA MET H 97 29.20 -20.50 86.10
C MET H 97 29.44 -20.88 87.55
N TRP H 98 29.36 -19.89 88.44
CA TRP H 98 29.43 -20.16 89.86
C TRP H 98 28.04 -20.10 90.48
N ARG H 99 27.88 -20.80 91.59
CA ARG H 99 26.59 -21.09 92.18
C ARG H 99 26.05 -19.88 92.91
N GLY H 100 24.75 -19.93 93.21
CA GLY H 100 24.10 -18.91 93.99
C GLY H 100 23.19 -19.51 95.04
N PRO H 101 23.45 -19.22 96.33
CA PRO H 101 22.59 -19.77 97.39
C PRO H 101 21.21 -19.15 97.46
N GLN H 102 20.99 -17.98 96.87
CA GLN H 102 19.75 -17.24 97.07
C GLN H 102 18.71 -17.56 96.00
N ARG H 103 17.46 -17.23 96.31
CA ARG H 103 16.34 -17.37 95.39
C ARG H 103 15.47 -16.12 95.49
N LEU H 104 14.84 -15.75 94.38
CA LEU H 104 14.01 -14.56 94.35
C LEU H 104 12.68 -14.84 95.06
N PRO H 105 12.30 -14.06 96.07
CA PRO H 105 11.01 -14.29 96.72
C PRO H 105 9.85 -13.95 95.80
N VAL H 106 8.76 -14.70 95.95
CA VAL H 106 7.55 -14.46 95.18
C VAL H 106 6.82 -13.27 95.79
N PRO H 107 6.51 -12.22 95.02
CA PRO H 107 5.83 -11.07 95.61
C PRO H 107 4.48 -11.46 96.20
N VAL H 108 4.17 -10.90 97.37
CA VAL H 108 2.84 -11.08 97.95
C VAL H 108 1.82 -10.30 97.14
N ASN H 109 2.17 -9.10 96.69
CA ASN H 109 1.28 -8.26 95.91
C ASN H 109 2.07 -7.59 94.80
N GLU H 110 1.37 -7.29 93.71
CA GLU H 110 1.99 -6.60 92.58
C GLU H 110 2.06 -5.10 92.86
N LEU H 111 3.03 -4.45 92.24
CA LEU H 111 3.24 -3.03 92.49
C LEU H 111 2.04 -2.24 91.97
N PRO H 112 1.65 -1.15 92.64
CA PRO H 112 0.45 -0.38 92.22
C PRO H 112 0.74 0.59 91.07
N HIS H 113 0.70 0.07 89.85
CA HIS H 113 0.91 0.90 88.67
C HIS H 113 0.31 0.21 87.46
N GLY H 114 0.14 0.99 86.38
CA GLY H 114 -0.41 0.48 85.14
C GLY H 114 0.38 -0.67 84.57
N TRP H 115 -0.34 -1.71 84.13
CA TRP H 115 0.29 -2.92 83.59
C TRP H 115 0.32 -2.86 82.05
N LYS H 116 1.11 -1.91 81.56
CA LYS H 116 1.30 -1.72 80.13
C LYS H 116 2.63 -2.28 79.62
N ALA H 117 3.40 -2.96 80.48
CA ALA H 117 4.75 -3.39 80.16
C ALA H 117 4.86 -4.91 80.02
N TRP H 118 3.79 -5.58 79.62
CA TRP H 118 3.84 -7.03 79.44
C TRP H 118 4.62 -7.37 78.17
N GLY H 119 5.67 -8.17 78.32
CA GLY H 119 6.44 -8.60 77.17
C GLY H 119 7.29 -7.51 76.54
N LYS H 120 7.65 -6.48 77.31
CA LYS H 120 8.41 -5.36 76.75
C LYS H 120 9.72 -5.87 76.13
N SER H 121 9.96 -5.45 74.88
CA SER H 121 11.19 -5.81 74.18
C SER H 121 12.19 -4.66 74.24
N TYR H 122 12.61 -4.34 75.47
CA TYR H 122 13.64 -3.32 75.68
C TYR H 122 13.11 -1.99 75.11
N PHE H 123 14.02 -1.16 74.56
CA PHE H 123 13.64 0.11 73.93
C PHE H 123 12.94 1.04 74.92
N VAL H 124 13.65 1.35 76.01
CA VAL H 124 13.19 2.36 76.96
C VAL H 124 14.35 2.76 77.86
N ARG H 125 14.40 4.04 78.22
CA ARG H 125 15.46 4.58 79.06
C ARG H 125 14.96 4.83 80.47
N ALA H 126 15.90 4.94 81.41
CA ALA H 126 15.56 5.17 82.80
C ALA H 126 16.68 5.96 83.46
N ALA H 127 16.33 6.61 84.57
CA ALA H 127 17.29 7.42 85.32
C ALA H 127 18.18 6.51 86.15
N LYS H 128 19.47 6.82 86.18
CA LYS H 128 20.43 6.01 86.91
C LYS H 128 20.30 6.24 88.41
N THR H 129 20.59 5.18 89.17
CA THR H 129 20.54 5.21 90.62
C THR H 129 21.83 4.63 91.18
N ASN H 130 22.23 5.12 92.36
CA ASN H 130 23.46 4.64 92.97
C ASN H 130 23.38 3.15 93.28
N ASN H 131 22.25 2.70 93.81
CA ASN H 131 22.04 1.29 94.11
C ASN H 131 21.69 0.54 92.82
N SER H 132 22.37 -0.58 92.59
CA SER H 132 22.18 -1.36 91.37
C SER H 132 22.02 -2.84 91.72
N PHE H 133 21.10 -3.50 91.01
CA PHE H 133 20.87 -4.93 91.17
C PHE H 133 21.60 -5.65 90.03
N VAL H 134 22.91 -5.75 90.18
CA VAL H 134 23.74 -6.35 89.13
C VAL H 134 23.31 -7.79 88.90
N VAL H 135 23.42 -8.26 87.66
CA VAL H 135 23.07 -9.62 87.29
C VAL H 135 24.26 -10.24 86.58
N ASP H 136 24.80 -11.31 87.14
CA ASP H 136 25.93 -12.06 86.58
C ASP H 136 27.03 -11.03 86.26
N GLY H 137 27.67 -11.09 85.10
CA GLY H 137 28.67 -10.11 84.75
C GLY H 137 29.94 -10.24 85.58
N ASP H 138 30.72 -9.16 85.58
CA ASP H 138 31.98 -9.10 86.29
C ASP H 138 31.89 -8.24 87.55
N THR H 139 30.68 -7.95 88.01
CA THR H 139 30.49 -7.14 89.21
C THR H 139 30.61 -8.00 90.47
N LEU H 140 31.74 -8.70 90.61
CA LEU H 140 31.92 -9.58 91.75
C LEU H 140 32.06 -8.79 93.05
N LYS H 141 32.90 -7.75 93.04
CA LYS H 141 33.13 -6.98 94.26
C LYS H 141 31.85 -6.29 94.72
N GLU H 142 31.11 -5.67 93.79
CA GLU H 142 29.91 -4.94 94.18
C GLU H 142 28.85 -5.86 94.74
N CYS H 143 28.65 -7.02 94.11
CA CYS H 143 27.64 -7.98 94.55
C CYS H 143 28.30 -9.33 94.81
N PRO H 144 28.63 -9.66 96.06
CA PRO H 144 29.29 -10.95 96.32
C PRO H 144 28.39 -12.12 95.97
N LEU H 145 29.02 -13.24 95.58
CA LEU H 145 28.27 -14.42 95.19
C LEU H 145 27.42 -14.98 96.33
N GLU H 146 27.72 -14.59 97.57
CA GLU H 146 26.90 -15.05 98.69
C GLU H 146 25.47 -14.56 98.58
N HIS H 147 25.29 -13.31 98.15
CA HIS H 147 23.96 -12.70 98.03
C HIS H 147 23.49 -12.66 96.58
N ARG H 148 23.82 -13.68 95.80
CA ARG H 148 23.40 -13.78 94.41
C ARG H 148 22.43 -14.94 94.25
N ALA H 149 21.28 -14.65 93.65
CA ALA H 149 20.27 -15.68 93.44
C ALA H 149 20.63 -16.51 92.20
N TRP H 150 20.03 -17.71 92.13
CA TRP H 150 20.42 -18.70 91.13
C TRP H 150 19.30 -19.71 90.98
N ASN H 151 19.04 -20.11 89.73
CA ASN H 151 17.92 -20.98 89.40
C ASN H 151 16.62 -20.39 89.93
N SER H 152 16.45 -19.10 89.68
CA SER H 152 15.30 -18.34 90.17
C SER H 152 14.16 -18.29 89.17
N PHE H 153 14.26 -19.03 88.06
CA PHE H 153 13.23 -19.04 87.03
C PHE H 153 12.95 -20.48 86.61
N LEU H 154 11.67 -20.79 86.47
CA LEU H 154 11.23 -22.12 86.06
C LEU H 154 10.44 -22.00 84.77
N VAL H 155 10.84 -22.76 83.75
CA VAL H 155 10.17 -22.68 82.46
C VAL H 155 8.75 -23.18 82.59
N GLU H 156 7.79 -22.40 82.10
CA GLU H 156 6.37 -22.72 82.22
C GLU H 156 5.79 -23.22 80.91
N ASP H 157 5.94 -22.46 79.83
CA ASP H 157 5.28 -22.77 78.57
C ASP H 157 6.23 -22.45 77.42
N HIS H 158 5.83 -22.89 76.22
CA HIS H 158 6.54 -22.60 74.97
C HIS H 158 5.53 -22.19 73.90
N GLY H 159 4.64 -21.26 74.25
CA GLY H 159 3.59 -20.85 73.35
C GLY H 159 4.09 -20.41 71.99
N PHE H 160 3.49 -20.95 70.93
CA PHE H 160 3.89 -20.66 69.56
C PHE H 160 5.39 -20.90 69.37
N GLY H 161 5.79 -22.15 69.61
CA GLY H 161 7.17 -22.54 69.48
C GLY H 161 7.64 -22.82 68.06
N VAL H 162 6.74 -22.75 67.08
CA VAL H 162 7.11 -23.01 65.70
C VAL H 162 7.66 -21.75 65.03
N PHE H 163 7.00 -20.62 65.23
CA PHE H 163 7.41 -19.35 64.63
C PHE H 163 7.73 -18.29 65.67
N HIS H 164 6.85 -18.09 66.65
CA HIS H 164 7.12 -17.11 67.70
C HIS H 164 8.33 -17.53 68.54
N THR H 165 8.41 -18.81 68.89
CA THR H 165 9.55 -19.36 69.62
C THR H 165 9.80 -18.57 70.91
N SER H 166 8.81 -18.64 71.79
CA SER H 166 8.87 -17.97 73.08
C SER H 166 8.84 -19.01 74.20
N VAL H 167 9.74 -18.86 75.17
CA VAL H 167 9.79 -19.74 76.33
C VAL H 167 9.33 -18.92 77.53
N TRP H 168 8.25 -19.37 78.17
CA TRP H 168 7.69 -18.68 79.32
C TRP H 168 8.35 -19.16 80.60
N LEU H 169 8.67 -18.22 81.47
CA LEU H 169 9.39 -18.51 82.71
C LEU H 169 8.67 -17.83 83.88
N LYS H 170 8.78 -18.46 85.05
CA LYS H 170 8.23 -17.91 86.27
C LYS H 170 9.15 -18.25 87.43
N VAL H 171 9.05 -17.44 88.48
CA VAL H 171 9.90 -17.62 89.65
C VAL H 171 9.43 -18.84 90.44
N ARG H 172 10.34 -19.79 90.64
CA ARG H 172 9.98 -21.00 91.38
C ARG H 172 9.74 -20.66 92.85
N GLU H 173 8.62 -21.14 93.38
CA GLU H 173 8.29 -20.90 94.78
C GLU H 173 9.15 -21.74 95.70
N ASP H 174 9.63 -22.89 95.24
CA ASP H 174 10.41 -23.81 96.04
C ASP H 174 11.88 -23.75 95.64
N TYR H 175 12.75 -24.01 96.60
CA TYR H 175 14.17 -24.15 96.31
C TYR H 175 14.40 -25.47 95.58
N SER H 176 15.25 -25.43 94.55
CA SER H 176 15.53 -26.62 93.78
C SER H 176 16.89 -26.47 93.11
N LEU H 177 17.81 -27.35 93.47
CA LEU H 177 19.14 -27.36 92.89
C LEU H 177 19.18 -28.02 91.52
N GLU H 178 18.13 -28.72 91.16
CA GLU H 178 18.08 -29.47 89.91
C GLU H 178 18.00 -28.54 88.72
N CYS H 179 18.52 -29.00 87.59
CA CYS H 179 18.31 -28.32 86.33
C CYS H 179 16.82 -28.33 86.00
N ASP H 180 16.46 -27.69 84.87
CA ASP H 180 15.07 -27.64 84.44
C ASP H 180 14.77 -28.82 83.53
N PRO H 181 13.96 -29.80 83.94
CA PRO H 181 13.66 -30.93 83.04
C PRO H 181 12.87 -30.55 81.80
N ALA H 182 12.16 -29.42 81.82
CA ALA H 182 11.29 -29.09 80.69
C ALA H 182 12.07 -28.92 79.39
N VAL H 183 13.38 -28.72 79.47
CA VAL H 183 14.20 -28.50 78.27
C VAL H 183 15.26 -29.58 78.17
N ILE H 184 14.94 -30.79 78.64
CA ILE H 184 15.85 -31.93 78.61
C ILE H 184 15.22 -33.06 77.83
N GLY H 185 16.02 -33.76 77.05
CA GLY H 185 15.48 -34.86 76.26
C GLY H 185 16.40 -36.06 76.19
N THR H 186 15.84 -37.27 76.24
CA THR H 186 16.68 -38.46 76.28
C THR H 186 15.93 -39.62 75.65
N ALA H 187 16.69 -40.52 75.03
CA ALA H 187 16.17 -41.81 74.62
C ALA H 187 17.34 -42.67 74.17
N VAL H 188 17.13 -44.00 74.19
CA VAL H 188 18.13 -44.97 73.77
C VAL H 188 17.50 -45.90 72.75
N LYS H 189 18.28 -46.26 71.72
CA LYS H 189 17.81 -47.14 70.65
C LYS H 189 18.98 -48.07 70.32
N GLY H 190 19.00 -49.23 70.96
CA GLY H 190 20.02 -50.23 70.70
C GLY H 190 21.35 -49.92 71.34
N ARG H 191 22.37 -49.66 70.52
CA ARG H 191 23.74 -49.49 70.97
C ARG H 191 24.15 -48.02 71.06
N GLU H 192 23.22 -47.09 70.91
CA GLU H 192 23.52 -45.67 70.94
C GLU H 192 22.58 -44.97 71.92
N ALA H 193 23.16 -44.19 72.83
CA ALA H 193 22.41 -43.39 73.77
C ALA H 193 22.97 -41.98 73.79
N ALA H 194 22.07 -41.01 73.92
CA ALA H 194 22.43 -39.60 73.84
C ALA H 194 21.78 -38.86 75.01
N HIS H 195 22.56 -38.03 75.70
CA HIS H 195 22.05 -37.21 76.79
C HIS H 195 22.19 -35.75 76.40
N SER H 196 21.08 -35.02 76.39
CA SER H 196 21.13 -33.68 75.81
C SER H 196 20.06 -32.78 76.41
N ASP H 197 20.30 -31.48 76.27
CA ASP H 197 19.39 -30.42 76.67
C ASP H 197 19.64 -29.23 75.75
N LEU H 198 19.20 -28.04 76.15
CA LEU H 198 19.40 -26.86 75.33
C LEU H 198 20.85 -26.40 75.28
N GLY H 199 21.73 -26.91 76.15
CA GLY H 199 23.09 -26.43 76.22
C GLY H 199 24.16 -27.48 76.10
N TYR H 200 23.81 -28.75 76.35
CA TYR H 200 24.76 -29.84 76.36
C TYR H 200 24.34 -30.92 75.36
N TRP H 201 25.33 -31.70 74.91
CA TRP H 201 25.09 -32.81 74.01
C TRP H 201 26.14 -33.89 74.30
N ILE H 202 25.72 -34.99 74.90
CA ILE H 202 26.61 -36.08 75.28
C ILE H 202 26.18 -37.34 74.53
N GLU H 203 27.12 -37.94 73.81
CA GLU H 203 26.87 -39.12 73.00
C GLU H 203 27.43 -40.35 73.69
N SER H 204 26.61 -41.40 73.78
CA SER H 204 27.03 -42.67 74.34
C SER H 204 26.81 -43.77 73.32
N GLU H 205 27.86 -44.55 73.08
CA GLU H 205 27.81 -45.68 72.16
C GLU H 205 28.09 -46.96 72.92
N LYS H 206 27.55 -48.07 72.41
CA LYS H 206 27.76 -49.37 73.00
C LYS H 206 28.81 -50.13 72.20
N ASN H 207 30.02 -50.22 72.75
CA ASN H 207 31.09 -51.02 72.18
C ASN H 207 31.64 -51.90 73.31
N ASP H 208 30.97 -53.04 73.52
CA ASP H 208 31.19 -53.99 74.60
C ASP H 208 30.71 -53.46 75.95
N THR H 209 30.38 -52.17 76.06
CA THR H 209 29.81 -51.53 77.25
C THR H 209 29.27 -50.19 76.79
N TRP H 210 28.43 -49.58 77.62
CA TRP H 210 27.93 -48.25 77.37
C TRP H 210 28.99 -47.26 77.83
N ARG H 211 29.62 -46.58 76.88
CA ARG H 211 30.74 -45.70 77.15
C ARG H 211 30.48 -44.35 76.51
N LEU H 212 31.31 -43.37 76.88
CA LEU H 212 31.24 -42.06 76.26
C LEU H 212 31.92 -42.09 74.91
N LYS H 213 31.31 -41.43 73.93
CA LYS H 213 31.83 -41.34 72.57
C LYS H 213 32.24 -39.93 72.21
N ARG H 214 31.36 -38.95 72.40
CA ARG H 214 31.65 -37.57 72.05
C ARG H 214 30.71 -36.66 72.82
N ALA H 215 31.27 -35.60 73.41
CA ALA H 215 30.49 -34.65 74.17
C ALA H 215 30.80 -33.24 73.66
N HIS H 216 29.76 -32.50 73.32
CA HIS H 216 29.88 -31.12 72.85
C HIS H 216 29.22 -30.20 73.87
N LEU H 217 29.96 -29.18 74.28
CA LEU H 217 29.48 -28.22 75.27
C LEU H 217 29.70 -26.80 74.74
N ILE H 218 28.65 -25.98 74.81
CA ILE H 218 28.72 -24.58 74.41
C ILE H 218 28.77 -23.66 75.62
N GLU H 219 28.55 -24.20 76.82
CA GLU H 219 28.65 -23.44 78.05
C GLU H 219 28.95 -24.42 79.17
N MET H 220 29.11 -23.89 80.39
CA MET H 220 29.54 -24.67 81.55
C MET H 220 28.65 -24.31 82.73
N LYS H 221 27.56 -25.04 82.91
CA LYS H 221 26.64 -24.82 84.02
C LYS H 221 27.13 -25.57 85.26
N THR H 222 26.34 -25.52 86.33
CA THR H 222 26.66 -26.27 87.54
C THR H 222 25.45 -26.94 88.18
N CYS H 223 24.27 -26.86 87.57
CA CYS H 223 23.11 -27.55 88.13
C CYS H 223 23.28 -29.06 87.93
N GLU H 224 22.29 -29.82 88.38
CA GLU H 224 22.40 -31.28 88.44
C GLU H 224 21.39 -31.91 87.51
N TRP H 225 21.82 -32.96 86.80
CA TRP H 225 20.96 -33.63 85.83
C TRP H 225 19.87 -34.40 86.54
N PRO H 226 18.59 -34.22 86.18
CA PRO H 226 17.53 -35.01 86.81
C PRO H 226 17.69 -36.50 86.53
N LYS H 227 17.36 -37.32 87.53
CA LYS H 227 17.52 -38.76 87.35
C LYS H 227 16.47 -39.35 86.42
N SER H 228 15.23 -38.88 86.50
CA SER H 228 14.17 -39.50 85.72
C SER H 228 14.37 -39.36 84.21
N HIS H 229 15.25 -38.46 83.78
CA HIS H 229 15.51 -38.21 82.36
C HIS H 229 16.91 -38.69 81.97
N THR H 230 17.44 -39.69 82.67
CA THR H 230 18.72 -40.27 82.30
C THR H 230 18.67 -41.77 82.58
N LEU H 231 19.47 -42.53 81.84
CA LEU H 231 19.36 -43.98 81.77
C LEU H 231 20.48 -44.65 82.56
N TRP H 232 20.24 -45.93 82.88
CA TRP H 232 21.22 -46.77 83.58
C TRP H 232 21.90 -45.99 84.70
N THR H 233 21.05 -45.47 85.59
CA THR H 233 21.47 -44.58 86.67
C THR H 233 21.79 -45.35 87.95
N ASP H 234 22.02 -46.66 87.83
CA ASP H 234 22.24 -47.52 88.97
C ASP H 234 23.62 -48.15 88.88
N GLY H 235 24.29 -48.25 90.02
CA GLY H 235 25.62 -48.83 90.06
C GLY H 235 26.67 -48.02 89.31
N VAL H 236 26.60 -46.69 89.39
CA VAL H 236 27.50 -45.81 88.66
C VAL H 236 28.22 -44.93 89.68
N GLU H 237 29.54 -44.82 89.53
CA GLU H 237 30.39 -44.08 90.47
C GLU H 237 30.72 -42.72 89.89
N GLU H 238 30.87 -41.74 90.79
CA GLU H 238 31.15 -40.36 90.38
C GLU H 238 32.59 -40.16 89.95
N SER H 239 33.51 -41.04 90.35
CA SER H 239 34.90 -40.89 89.97
C SER H 239 35.12 -41.05 88.47
N ASP H 240 34.41 -41.98 87.83
CA ASP H 240 34.59 -42.25 86.41
C ASP H 240 33.65 -41.44 85.52
N LEU H 241 32.76 -40.63 86.10
CA LEU H 241 31.95 -39.73 85.30
C LEU H 241 32.88 -38.71 84.64
N ILE H 242 33.07 -38.83 83.32
CA ILE H 242 34.01 -37.96 82.63
C ILE H 242 33.65 -36.50 82.90
N ILE H 243 32.36 -36.18 82.82
CA ILE H 243 31.86 -34.87 83.21
C ILE H 243 31.50 -34.95 84.70
N PRO H 244 32.14 -34.16 85.57
CA PRO H 244 31.79 -34.21 86.99
C PRO H 244 30.33 -33.85 87.20
N LYS H 245 29.72 -34.51 88.19
CA LYS H 245 28.33 -34.17 88.54
C LYS H 245 28.21 -32.69 88.88
N SER H 246 29.28 -32.09 89.41
CA SER H 246 29.28 -30.66 89.69
C SER H 246 29.08 -29.84 88.42
N LEU H 247 29.41 -30.39 87.26
CA LEU H 247 29.24 -29.70 85.98
C LEU H 247 28.04 -30.23 85.22
N ALA H 248 26.95 -30.53 85.94
CA ALA H 248 25.71 -31.03 85.35
C ALA H 248 25.97 -32.29 84.51
N GLY H 249 26.72 -33.21 85.12
CA GLY H 249 27.03 -34.46 84.48
C GLY H 249 26.00 -35.52 84.80
N PRO H 250 25.40 -36.14 83.78
CA PRO H 250 24.41 -37.19 84.03
C PRO H 250 25.02 -38.31 84.86
N LEU H 251 24.22 -38.85 85.78
CA LEU H 251 24.64 -39.94 86.65
C LEU H 251 24.21 -41.26 86.01
N SER H 252 24.97 -41.67 85.00
CA SER H 252 24.67 -42.87 84.23
C SER H 252 25.96 -43.60 83.90
N HIS H 253 25.84 -44.92 83.73
CA HIS H 253 26.97 -45.69 83.22
C HIS H 253 27.44 -45.17 81.87
N HIS H 254 26.53 -44.57 81.11
CA HIS H 254 26.86 -44.01 79.81
C HIS H 254 27.80 -42.82 79.92
N ASN H 255 28.00 -42.25 81.11
CA ASN H 255 28.87 -41.12 81.32
C ASN H 255 30.25 -41.54 81.83
N THR H 256 30.57 -42.83 81.79
CA THR H 256 31.82 -43.35 82.32
C THR H 256 32.60 -44.06 81.21
N ARG H 257 33.92 -43.91 81.26
CA ARG H 257 34.81 -44.54 80.31
C ARG H 257 35.97 -45.19 81.06
N GLU H 258 36.45 -46.30 80.52
CA GLU H 258 37.53 -47.06 81.14
C GLU H 258 38.83 -46.27 81.09
N GLY H 259 39.65 -46.43 82.14
CA GLY H 259 40.95 -45.82 82.20
C GLY H 259 40.95 -44.34 82.48
N TYR H 260 39.79 -43.75 82.77
CA TYR H 260 39.68 -42.33 83.08
C TYR H 260 38.82 -42.14 84.31
N ARG H 261 39.06 -41.05 85.01
CA ARG H 261 38.31 -40.66 86.20
C ARG H 261 37.63 -39.32 85.94
N THR H 262 37.03 -38.78 86.99
CA THR H 262 36.31 -37.52 86.86
C THR H 262 37.25 -36.42 86.36
N GLN H 263 36.79 -35.68 85.36
CA GLN H 263 37.54 -34.57 84.80
C GLN H 263 37.05 -33.29 85.46
N VAL H 264 37.51 -33.08 86.70
CA VAL H 264 37.09 -31.93 87.48
C VAL H 264 38.01 -30.73 87.31
N LYS H 265 39.17 -30.89 86.66
CA LYS H 265 40.14 -29.82 86.54
C LYS H 265 40.57 -29.63 85.09
N GLY H 266 39.66 -29.89 84.15
CA GLY H 266 39.94 -29.68 82.74
C GLY H 266 39.69 -28.26 82.32
N PRO H 267 39.74 -27.99 81.02
CA PRO H 267 39.47 -26.64 80.52
C PRO H 267 37.99 -26.29 80.59
N TRP H 268 37.41 -26.42 81.78
CA TRP H 268 36.02 -26.04 82.01
C TRP H 268 35.84 -24.53 82.02
N HIS H 269 36.92 -23.77 82.02
CA HIS H 269 36.86 -22.32 81.83
C HIS H 269 36.54 -21.95 80.39
N SER H 270 36.73 -22.85 79.44
CA SER H 270 36.50 -22.54 78.04
C SER H 270 35.02 -22.22 77.81
N GLU H 271 34.78 -21.19 77.01
CA GLU H 271 33.41 -20.82 76.70
C GLU H 271 32.71 -21.95 75.94
N GLU H 272 33.39 -22.55 74.98
CA GLU H 272 32.90 -23.73 74.26
C GLU H 272 33.98 -24.80 74.32
N LEU H 273 33.63 -25.96 74.86
CA LEU H 273 34.53 -27.09 74.96
C LEU H 273 33.89 -28.31 74.32
N GLU H 274 34.65 -29.00 73.47
CA GLU H 274 34.20 -30.20 72.79
C GLU H 274 35.11 -31.35 73.17
N ILE H 275 34.53 -32.45 73.63
CA ILE H 275 35.28 -33.60 74.09
C ILE H 275 35.35 -34.61 72.95
N ARG H 276 36.56 -34.85 72.46
CA ARG H 276 36.80 -35.84 71.42
C ARG H 276 37.92 -36.76 71.87
N PHE H 277 37.69 -38.07 71.75
CA PHE H 277 38.65 -39.07 72.19
C PHE H 277 39.65 -39.31 71.07
N GLU H 278 40.68 -38.48 71.05
CA GLU H 278 41.71 -38.57 70.02
C GLU H 278 42.95 -37.84 70.51
N GLU H 279 44.09 -38.19 69.93
CA GLU H 279 45.34 -37.51 70.23
C GLU H 279 45.27 -36.06 69.78
N CYS H 280 45.90 -35.18 70.55
CA CYS H 280 45.94 -33.78 70.17
C CYS H 280 46.81 -33.59 68.92
N PRO H 281 46.55 -32.55 68.14
CA PRO H 281 47.30 -32.37 66.88
C PRO H 281 48.80 -32.29 67.15
N GLY H 282 49.56 -32.99 66.31
CA GLY H 282 51.01 -32.98 66.42
C GLY H 282 51.55 -33.49 67.74
N THR H 283 50.78 -34.33 68.44
CA THR H 283 51.21 -34.87 69.71
C THR H 283 50.97 -36.37 69.73
N LYS H 284 51.94 -37.10 70.28
CA LYS H 284 51.86 -38.55 70.42
C LYS H 284 51.65 -38.90 71.88
N VAL H 285 50.67 -39.77 72.14
CA VAL H 285 50.34 -40.18 73.49
C VAL H 285 50.67 -41.66 73.64
N TYR H 286 51.40 -41.99 74.70
CA TYR H 286 51.78 -43.37 74.99
C TYR H 286 51.42 -43.70 76.43
N VAL H 287 51.27 -44.98 76.71
CA VAL H 287 50.95 -45.48 78.04
C VAL H 287 52.25 -45.96 78.67
N GLU H 288 52.69 -45.26 79.71
CA GLU H 288 53.88 -45.65 80.45
C GLU H 288 53.56 -45.65 81.94
N GLU H 289 53.97 -46.72 82.63
CA GLU H 289 53.76 -46.81 84.06
C GLU H 289 54.67 -45.89 84.86
N THR H 290 55.72 -45.36 84.22
CA THR H 290 56.61 -44.40 84.85
C THR H 290 56.14 -42.96 84.69
N CYS H 291 55.05 -42.74 83.95
CA CYS H 291 54.56 -41.39 83.72
C CYS H 291 54.05 -40.77 85.02
N GLY H 292 53.88 -39.46 84.99
CA GLY H 292 53.36 -38.75 86.13
C GLY H 292 51.92 -39.09 86.41
N THR H 293 51.49 -38.78 87.62
CA THR H 293 50.13 -39.09 88.05
C THR H 293 49.17 -38.08 87.42
N ARG H 294 47.93 -38.08 87.88
CA ARG H 294 46.90 -37.22 87.31
C ARG H 294 47.10 -35.79 87.78
N GLY H 295 47.14 -34.84 86.83
CA GLY H 295 47.31 -33.45 87.14
C GLY H 295 46.38 -32.59 86.31
N PRO H 296 46.47 -31.27 86.48
CA PRO H 296 45.57 -30.37 85.73
C PRO H 296 45.72 -30.57 84.23
N SER H 297 44.60 -30.46 83.52
CA SER H 297 44.61 -30.64 82.08
C SER H 297 45.59 -29.66 81.44
N LEU H 298 46.38 -30.16 80.50
CA LEU H 298 47.44 -29.39 79.87
C LEU H 298 47.18 -29.29 78.38
N ARG H 299 47.41 -28.11 77.82
CA ARG H 299 47.20 -27.90 76.40
C ARG H 299 48.28 -28.60 75.58
N SER H 300 47.90 -29.03 74.38
CA SER H 300 48.85 -29.68 73.49
C SER H 300 49.97 -28.73 73.10
N THR H 301 49.62 -27.48 72.80
CA THR H 301 50.59 -26.46 72.40
C THR H 301 51.02 -25.64 73.60
N THR H 302 52.21 -25.06 73.49
CA THR H 302 52.72 -24.18 74.51
C THR H 302 52.17 -22.77 74.32
N ALA H 303 52.58 -21.85 75.19
CA ALA H 303 52.08 -20.47 75.09
C ALA H 303 52.50 -19.83 73.77
N SER H 304 53.76 -20.05 73.37
CA SER H 304 54.23 -19.54 72.09
C SER H 304 53.62 -20.29 70.90
N GLY H 305 52.91 -21.39 71.16
CA GLY H 305 52.33 -22.21 70.12
C GLY H 305 53.08 -23.49 69.84
N ARG H 306 54.28 -23.66 70.40
CA ARG H 306 55.03 -24.89 70.17
C ARG H 306 54.21 -26.08 70.65
N VAL H 307 54.22 -27.14 69.85
CA VAL H 307 53.40 -28.32 70.08
C VAL H 307 54.21 -29.34 70.86
N ILE H 308 53.66 -29.82 71.97
CA ILE H 308 54.31 -30.85 72.75
C ILE H 308 54.09 -32.19 72.06
N GLU H 309 55.16 -32.78 71.56
CA GLU H 309 55.08 -33.97 70.71
C GLU H 309 54.81 -35.25 71.48
N GLU H 310 55.36 -35.40 72.69
CA GLU H 310 55.23 -36.64 73.45
C GLU H 310 54.43 -36.39 74.71
N TRP H 311 53.43 -37.22 74.93
CA TRP H 311 52.63 -37.22 76.16
C TRP H 311 52.51 -38.66 76.65
N CYS H 312 52.36 -38.80 77.97
CA CYS H 312 52.31 -40.11 78.59
C CYS H 312 51.14 -40.16 79.56
N CYS H 313 50.65 -41.37 79.80
CA CYS H 313 49.57 -41.60 80.75
C CYS H 313 49.84 -42.88 81.51
N ARG H 314 49.21 -42.99 82.69
CA ARG H 314 49.43 -44.13 83.57
C ARG H 314 48.52 -45.30 83.24
N GLU H 315 47.21 -45.05 83.09
CA GLU H 315 46.27 -46.13 82.86
C GLU H 315 45.22 -45.76 81.80
N CYS H 316 45.47 -44.73 81.00
CA CYS H 316 44.51 -44.34 79.99
C CYS H 316 44.48 -45.35 78.85
N THR H 317 43.33 -45.41 78.18
CA THR H 317 43.12 -46.31 77.04
C THR H 317 42.95 -45.50 75.77
N MET H 318 43.63 -45.93 74.71
CA MET H 318 43.56 -45.22 73.44
C MET H 318 42.16 -45.34 72.86
N PRO H 319 41.68 -44.30 72.15
CA PRO H 319 42.34 -43.01 71.90
C PRO H 319 42.31 -42.12 73.14
N PRO H 320 43.25 -41.18 73.26
CA PRO H 320 43.31 -40.37 74.49
C PRO H 320 42.17 -39.38 74.59
N LEU H 321 41.95 -38.93 75.82
CA LEU H 321 40.93 -37.93 76.12
C LEU H 321 41.57 -36.54 76.01
N SER H 322 41.13 -35.76 75.04
CA SER H 322 41.62 -34.42 74.80
C SER H 322 40.45 -33.46 74.76
N PHE H 323 40.51 -32.40 75.57
CA PHE H 323 39.47 -31.39 75.60
C PHE H 323 39.79 -30.32 74.56
N ARG H 324 38.87 -30.10 73.64
CA ARG H 324 39.09 -29.19 72.52
C ARG H 324 38.32 -27.90 72.75
N ALA H 325 39.03 -26.77 72.69
CA ALA H 325 38.43 -25.46 72.81
C ALA H 325 39.05 -24.55 71.76
N LYS H 326 38.45 -23.36 71.61
CA LYS H 326 39.01 -22.39 70.69
C LYS H 326 40.46 -22.07 71.03
N ASP H 327 40.82 -22.14 72.31
CA ASP H 327 42.20 -21.90 72.70
C ASP H 327 43.14 -22.92 72.05
N GLY H 328 42.75 -24.18 72.03
CA GLY H 328 43.56 -25.22 71.44
C GLY H 328 43.12 -26.58 71.93
N CYS H 329 44.04 -27.55 71.81
CA CYS H 329 43.78 -28.92 72.22
C CYS H 329 44.37 -29.14 73.61
N TRP H 330 43.58 -29.73 74.49
CA TRP H 330 43.99 -30.00 75.86
C TRP H 330 44.12 -31.51 76.06
N TYR H 331 44.56 -31.89 77.26
CA TYR H 331 44.73 -33.29 77.60
C TYR H 331 44.11 -33.55 78.96
N GLY H 332 43.66 -34.78 79.15
CA GLY H 332 43.07 -35.17 80.42
C GLY H 332 44.11 -35.26 81.51
N MET H 333 43.61 -35.43 82.74
CA MET H 333 44.51 -35.49 83.89
C MET H 333 45.46 -36.67 83.75
N GLU H 334 44.96 -37.82 83.32
CA GLU H 334 45.79 -39.01 83.18
C GLU H 334 46.89 -38.81 82.15
N ILE H 335 46.72 -37.90 81.19
CA ILE H 335 47.69 -37.68 80.13
C ILE H 335 48.56 -36.48 80.50
N ARG H 336 49.86 -36.72 80.59
CA ARG H 336 50.85 -35.72 80.90
C ARG H 336 51.91 -35.71 79.81
N PRO H 337 52.64 -34.60 79.64
CA PRO H 337 53.74 -34.61 78.69
C PRO H 337 54.78 -35.66 79.07
N ARG H 338 55.33 -36.34 78.06
CA ARG H 338 56.36 -37.34 78.32
C ARG H 338 57.58 -36.69 78.96
N LYS H 339 58.03 -35.57 78.39
CA LYS H 339 59.12 -34.78 78.97
C LYS H 339 58.91 -33.34 78.50
N GLU H 340 58.29 -32.54 79.37
CA GLU H 340 58.06 -31.13 79.07
C GLU H 340 58.01 -30.35 80.38
N PRO H 341 58.82 -29.31 80.54
CA PRO H 341 58.78 -28.56 81.80
C PRO H 341 57.39 -28.02 82.07
N GLU H 342 57.01 -28.02 83.35
CA GLU H 342 55.69 -27.56 83.75
C GLU H 342 55.44 -26.10 83.44
N SER H 343 56.49 -25.31 83.19
CA SER H 343 56.30 -23.91 82.83
C SER H 343 55.58 -23.77 81.50
N ASN H 344 55.93 -24.62 80.53
CA ASN H 344 55.36 -24.53 79.19
C ASN H 344 53.97 -25.16 79.09
N LEU H 345 53.46 -25.74 80.16
CA LEU H 345 52.18 -26.43 80.12
C LEU H 345 51.08 -25.49 80.59
N VAL H 346 50.07 -25.29 79.74
CA VAL H 346 48.95 -24.41 80.04
C VAL H 346 47.95 -25.24 80.83
N ARG H 347 48.10 -25.23 82.15
CA ARG H 347 47.16 -25.93 83.01
C ARG H 347 45.80 -25.26 82.97
N SER H 348 44.76 -26.07 82.86
CA SER H 348 43.41 -25.55 82.95
C SER H 348 43.16 -25.04 84.36
N MET H 349 42.72 -23.79 84.47
CA MET H 349 42.56 -23.19 85.79
C MET H 349 41.60 -24.01 86.63
N VAL H 350 41.95 -24.22 87.89
CA VAL H 350 41.16 -25.08 88.77
C VAL H 350 39.76 -24.49 88.89
N THR H 351 38.76 -25.35 88.72
CA THR H 351 37.36 -24.95 88.84
C THR H 351 36.87 -25.34 90.23
N ALA H 352 36.73 -24.34 91.10
CA ALA H 352 36.31 -24.59 92.47
C ALA H 352 35.01 -23.84 92.78
N ASP I 1 -18.56 34.62 -94.70
CA ASP I 1 -19.86 34.81 -94.08
C ASP I 1 -20.37 36.23 -94.18
N VAL I 2 -20.89 36.67 -95.32
CA VAL I 2 -21.59 37.94 -95.31
C VAL I 2 -22.55 38.07 -96.50
N GLY I 3 -23.78 38.52 -96.21
CA GLY I 3 -24.84 38.74 -97.18
C GLY I 3 -25.68 39.93 -96.75
N CYS I 4 -26.19 40.68 -97.73
CA CYS I 4 -26.85 41.94 -97.41
C CYS I 4 -28.27 41.70 -96.90
N SER I 5 -28.71 42.61 -96.03
CA SER I 5 -29.95 42.53 -95.29
C SER I 5 -30.26 43.92 -94.74
N VAL I 6 -31.14 43.98 -93.75
CA VAL I 6 -31.56 45.26 -93.16
C VAL I 6 -31.68 45.14 -91.65
N ASP I 7 -31.43 46.25 -90.95
CA ASP I 7 -31.62 46.34 -89.51
C ASP I 7 -33.10 46.41 -89.15
N PHE I 8 -33.37 46.33 -87.84
CA PHE I 8 -34.74 46.43 -87.36
C PHE I 8 -34.93 47.36 -86.17
N SER I 9 -33.89 47.69 -85.40
CA SER I 9 -34.06 48.63 -84.30
C SER I 9 -34.50 49.99 -84.80
N LYS I 10 -33.87 50.46 -85.88
CA LYS I 10 -34.27 51.70 -86.54
C LYS I 10 -34.36 51.59 -88.04
N LYS I 11 -34.37 50.38 -88.59
CA LYS I 11 -34.51 50.14 -90.03
C LYS I 11 -33.34 50.77 -90.80
N GLU I 12 -32.14 50.27 -90.49
CA GLU I 12 -30.93 50.69 -91.17
C GLU I 12 -30.39 49.54 -92.02
N THR I 13 -29.92 49.89 -93.21
CA THR I 13 -29.31 48.93 -94.12
C THR I 13 -27.84 49.28 -94.31
N ARG I 14 -26.99 48.29 -94.07
CA ARG I 14 -25.55 48.45 -94.21
C ARG I 14 -24.97 47.11 -94.64
N CYS I 15 -24.05 47.16 -95.56
CA CYS I 15 -23.33 45.97 -95.97
C CYS I 15 -21.88 46.07 -95.51
N GLY I 16 -21.41 45.00 -94.88
CA GLY I 16 -20.06 44.95 -94.37
C GLY I 16 -19.66 43.52 -94.04
N THR I 17 -18.35 43.31 -93.92
CA THR I 17 -17.79 41.98 -93.76
C THR I 17 -17.81 41.57 -92.29
N GLY I 18 -17.48 40.31 -92.04
CA GLY I 18 -17.40 39.83 -90.66
C GLY I 18 -17.67 38.35 -90.59
N VAL I 19 -18.22 37.94 -89.45
CA VAL I 19 -18.50 36.54 -89.14
C VAL I 19 -19.95 36.42 -88.70
N PHE I 20 -20.63 35.35 -89.13
CA PHE I 20 -22.06 35.20 -88.92
C PHE I 20 -22.35 34.00 -88.03
N ILE I 21 -23.33 34.16 -87.15
CA ILE I 21 -23.91 33.06 -86.39
C ILE I 21 -25.40 33.02 -86.72
N TYR I 22 -25.87 31.87 -87.18
CA TYR I 22 -27.20 31.75 -87.77
C TYR I 22 -28.19 31.22 -86.75
N ASN I 23 -29.37 31.82 -86.73
CA ASN I 23 -30.46 31.39 -85.86
C ASN I 23 -31.32 30.38 -86.61
N ASP I 24 -30.83 29.14 -86.63
CA ASP I 24 -31.50 28.07 -87.36
C ASP I 24 -32.61 27.41 -86.55
N VAL I 25 -32.83 27.84 -85.31
CA VAL I 25 -33.89 27.29 -84.48
C VAL I 25 -35.24 27.62 -85.12
N GLU I 26 -35.53 28.92 -85.22
CA GLU I 26 -36.74 29.40 -85.88
C GLU I 26 -36.47 29.61 -87.38
N ALA I 27 -35.94 28.56 -88.00
CA ALA I 27 -35.57 28.59 -89.41
C ALA I 27 -36.63 27.90 -90.23
N TRP I 28 -37.06 28.56 -91.31
CA TRP I 28 -38.10 27.99 -92.17
C TRP I 28 -37.62 26.70 -92.80
N ARG I 29 -36.38 26.66 -93.27
CA ARG I 29 -35.83 25.51 -93.98
C ARG I 29 -34.55 25.06 -93.29
N ASP I 30 -34.38 23.75 -93.16
CA ASP I 30 -33.16 23.21 -92.59
C ASP I 30 -31.99 23.42 -93.55
N ARG I 31 -30.80 23.50 -92.99
CA ARG I 31 -29.59 23.76 -93.78
C ARG I 31 -28.40 22.90 -93.37
N TYR I 32 -28.64 21.81 -92.64
CA TYR I 32 -27.58 20.93 -92.19
C TYR I 32 -28.05 19.48 -92.26
N LYS I 33 -27.10 18.56 -92.26
CA LYS I 33 -27.43 17.14 -92.25
C LYS I 33 -26.23 16.39 -91.67
N TYR I 34 -26.42 15.78 -90.51
CA TYR I 34 -25.34 15.05 -89.85
C TYR I 34 -25.10 13.70 -90.54
N HIS I 35 -23.84 13.40 -90.79
CA HIS I 35 -23.47 12.11 -91.37
C HIS I 35 -22.20 11.60 -90.69
N PRO I 36 -22.02 10.29 -90.59
CA PRO I 36 -20.75 9.76 -90.09
C PRO I 36 -19.63 9.95 -91.10
N ASP I 37 -18.42 10.09 -90.57
CA ASP I 37 -17.26 10.25 -91.45
C ASP I 37 -17.10 9.05 -92.38
N SER I 38 -17.30 7.85 -91.84
CA SER I 38 -17.26 6.63 -92.63
C SER I 38 -18.12 5.56 -91.96
N PRO I 39 -19.06 4.96 -92.69
CA PRO I 39 -19.93 3.95 -92.08
C PRO I 39 -19.17 2.77 -91.49
N ARG I 40 -18.04 2.36 -92.09
CA ARG I 40 -17.32 1.20 -91.60
C ARG I 40 -16.68 1.47 -90.24
N ARG I 41 -16.10 2.65 -90.06
CA ARG I 41 -15.55 3.01 -88.77
C ARG I 41 -16.64 2.98 -87.69
N LEU I 42 -17.81 3.54 -88.01
CA LEU I 42 -18.92 3.53 -87.06
C LEU I 42 -19.39 2.12 -86.76
N ALA I 43 -19.47 1.25 -87.78
CA ALA I 43 -19.91 -0.12 -87.56
C ALA I 43 -18.93 -0.88 -86.68
N ALA I 44 -17.64 -0.75 -86.95
CA ALA I 44 -16.65 -1.41 -86.11
C ALA I 44 -16.68 -0.86 -84.69
N ALA I 45 -16.84 0.45 -84.54
CA ALA I 45 -16.92 1.04 -83.21
C ALA I 45 -18.13 0.54 -82.45
N VAL I 46 -19.28 0.43 -83.11
CA VAL I 46 -20.49 -0.07 -82.46
C VAL I 46 -20.32 -1.53 -82.09
N LYS I 47 -19.74 -2.33 -82.99
CA LYS I 47 -19.50 -3.73 -82.68
C LYS I 47 -18.59 -3.88 -81.47
N GLN I 48 -17.54 -3.07 -81.41
CA GLN I 48 -16.65 -3.10 -80.25
C GLN I 48 -17.35 -2.65 -78.98
N ALA I 49 -18.15 -1.58 -79.08
CA ALA I 49 -18.84 -1.05 -77.90
C ALA I 49 -19.82 -2.06 -77.34
N TRP I 50 -20.61 -2.70 -78.20
CA TRP I 50 -21.47 -3.79 -77.74
C TRP I 50 -20.62 -4.92 -77.18
N GLU I 51 -19.53 -5.27 -77.86
CA GLU I 51 -18.58 -6.23 -77.32
C GLU I 51 -17.96 -5.71 -76.03
N GLU I 52 -17.97 -4.40 -75.83
CA GLU I 52 -17.46 -3.78 -74.60
C GLU I 52 -18.55 -3.54 -73.57
N GLY I 53 -19.79 -3.97 -73.84
CA GLY I 53 -20.87 -3.83 -72.89
C GLY I 53 -21.79 -2.65 -73.10
N ILE I 54 -21.62 -1.90 -74.18
CA ILE I 54 -22.48 -0.77 -74.49
C ILE I 54 -23.66 -1.32 -75.29
N CYS I 55 -24.81 -1.44 -74.64
CA CYS I 55 -26.01 -1.98 -75.27
C CYS I 55 -26.73 -0.96 -76.14
N GLY I 56 -26.32 0.30 -76.10
CA GLY I 56 -26.96 1.32 -76.90
C GLY I 56 -26.29 2.66 -76.69
N ILE I 57 -26.77 3.65 -77.45
CA ILE I 57 -26.30 5.02 -77.34
C ILE I 57 -27.51 5.92 -77.24
N SER I 58 -27.47 6.89 -76.33
CA SER I 58 -28.49 7.92 -76.24
C SER I 58 -28.06 9.11 -77.06
N SER I 59 -28.71 9.31 -78.20
CA SER I 59 -28.31 10.40 -79.09
C SER I 59 -28.32 11.72 -78.32
N VAL I 60 -27.19 12.41 -78.36
CA VAL I 60 -27.06 13.64 -77.60
C VAL I 60 -28.04 14.69 -78.11
N SER I 61 -28.30 14.71 -79.42
CA SER I 61 -29.20 15.69 -80.02
C SER I 61 -30.26 14.98 -80.84
N ARG I 62 -31.31 15.73 -81.16
CA ARG I 62 -32.33 15.20 -82.08
C ARG I 62 -31.72 14.95 -83.46
N MET I 63 -30.81 15.83 -83.90
CA MET I 63 -30.14 15.61 -85.17
C MET I 63 -29.23 14.39 -85.12
N GLU I 64 -28.62 14.10 -83.97
CA GLU I 64 -27.87 12.86 -83.83
C GLU I 64 -28.78 11.65 -83.98
N ASN I 65 -29.99 11.73 -83.43
CA ASN I 65 -30.96 10.66 -83.63
C ASN I 65 -31.37 10.53 -85.09
N ILE I 66 -31.52 11.66 -85.79
CA ILE I 66 -31.84 11.59 -87.21
C ILE I 66 -30.72 10.93 -87.99
N MET I 67 -29.47 11.28 -87.67
CA MET I 67 -28.32 10.64 -88.33
C MET I 67 -28.26 9.16 -88.01
N TRP I 68 -28.62 8.80 -86.77
CA TRP I 68 -28.71 7.38 -86.40
C TRP I 68 -29.76 6.66 -87.23
N LYS I 69 -30.93 7.28 -87.41
CA LYS I 69 -31.95 6.67 -88.25
C LYS I 69 -31.46 6.54 -89.68
N SER I 70 -30.74 7.54 -90.17
CA SER I 70 -30.20 7.51 -91.53
C SER I 70 -29.20 6.38 -91.72
N VAL I 71 -28.23 6.24 -90.81
CA VAL I 71 -27.18 5.23 -90.94
C VAL I 71 -27.61 3.89 -90.40
N GLU I 72 -28.79 3.79 -89.81
CA GLU I 72 -29.23 2.54 -89.19
C GLU I 72 -29.36 1.43 -90.22
N GLY I 73 -29.95 1.73 -91.38
CA GLY I 73 -30.06 0.73 -92.42
C GLY I 73 -28.71 0.30 -92.95
N GLU I 74 -27.85 1.27 -93.26
CA GLU I 74 -26.51 0.96 -93.77
C GLU I 74 -25.68 0.24 -92.72
N LEU I 75 -25.63 0.79 -91.51
CA LEU I 75 -24.84 0.18 -90.46
C LEU I 75 -25.29 -1.25 -90.19
N ASN I 76 -26.62 -1.45 -90.11
CA ASN I 76 -27.14 -2.79 -89.89
C ASN I 76 -26.82 -3.72 -91.05
N ALA I 77 -26.91 -3.22 -92.28
CA ALA I 77 -26.58 -4.03 -93.44
C ALA I 77 -25.14 -4.52 -93.39
N ILE I 78 -24.20 -3.60 -93.19
CA ILE I 78 -22.79 -4.01 -93.16
C ILE I 78 -22.51 -4.90 -91.96
N LEU I 79 -23.18 -4.65 -90.84
CA LEU I 79 -22.99 -5.51 -89.67
C LEU I 79 -23.44 -6.94 -89.96
N GLU I 80 -24.62 -7.10 -90.56
CA GLU I 80 -25.13 -8.43 -90.86
C GLU I 80 -24.31 -9.10 -91.95
N GLU I 81 -23.74 -8.32 -92.86
CA GLU I 81 -22.96 -8.89 -93.96
C GLU I 81 -21.74 -9.65 -93.45
N ASN I 82 -21.04 -9.10 -92.46
CA ASN I 82 -19.80 -9.68 -91.96
C ASN I 82 -20.02 -10.75 -90.90
N GLY I 83 -21.27 -11.04 -90.54
CA GLY I 83 -21.54 -11.95 -89.45
C GLY I 83 -21.65 -11.31 -88.09
N VAL I 84 -21.35 -10.02 -87.96
CA VAL I 84 -21.55 -9.31 -86.71
C VAL I 84 -23.04 -9.03 -86.54
N GLN I 85 -23.64 -9.58 -85.50
CA GLN I 85 -25.10 -9.53 -85.33
C GLN I 85 -25.55 -8.27 -84.62
N LEU I 86 -25.15 -7.10 -85.11
CA LEU I 86 -25.52 -5.83 -84.48
C LEU I 86 -26.66 -5.19 -85.26
N THR I 87 -27.81 -5.01 -84.61
CA THR I 87 -29.00 -4.43 -85.22
C THR I 87 -29.19 -3.02 -84.65
N VAL I 88 -28.69 -2.02 -85.37
CA VAL I 88 -28.90 -0.62 -85.01
C VAL I 88 -30.40 -0.34 -84.97
N VAL I 89 -30.89 0.09 -83.82
CA VAL I 89 -32.27 0.52 -83.66
C VAL I 89 -32.24 1.95 -83.14
N VAL I 90 -32.87 2.87 -83.87
CA VAL I 90 -32.85 4.29 -83.56
C VAL I 90 -34.25 4.68 -83.10
N GLY I 91 -34.34 5.26 -81.91
CA GLY I 91 -35.61 5.68 -81.34
C GLY I 91 -35.73 7.18 -81.22
N SER I 92 -36.96 7.66 -81.07
CA SER I 92 -37.20 9.10 -80.97
C SER I 92 -36.51 9.66 -79.74
N VAL I 93 -35.97 10.88 -79.88
CA VAL I 93 -35.37 11.56 -78.74
C VAL I 93 -36.40 11.76 -77.66
N LYS I 94 -36.08 11.36 -76.43
CA LYS I 94 -36.98 11.48 -75.30
C LYS I 94 -36.65 12.74 -74.51
N ASN I 95 -37.67 13.54 -74.23
CA ASN I 95 -37.45 14.80 -73.52
C ASN I 95 -37.86 14.67 -72.06
N PRO I 96 -36.93 14.89 -71.13
CA PRO I 96 -35.51 15.17 -71.36
C PRO I 96 -34.65 13.90 -71.31
N MET I 97 -33.83 13.66 -72.32
CA MET I 97 -32.94 12.51 -72.30
C MET I 97 -31.85 12.70 -71.27
N TRP I 98 -31.52 11.64 -70.55
CA TRP I 98 -30.54 11.69 -69.47
C TRP I 98 -29.19 11.19 -69.97
N ARG I 99 -28.11 11.80 -69.48
CA ARG I 99 -26.76 11.46 -69.93
C ARG I 99 -26.46 9.99 -69.70
N GLY I 100 -25.77 9.38 -70.66
CA GLY I 100 -25.35 8.00 -70.57
C GLY I 100 -23.87 7.86 -70.28
N PRO I 101 -23.53 7.17 -69.19
CA PRO I 101 -22.11 7.06 -68.83
C PRO I 101 -21.24 6.41 -69.89
N GLN I 102 -21.76 5.43 -70.63
CA GLN I 102 -20.97 4.79 -71.66
C GLN I 102 -20.53 5.79 -72.72
N ARG I 103 -19.31 5.61 -73.20
CA ARG I 103 -18.76 6.38 -74.30
C ARG I 103 -18.47 5.44 -75.45
N LEU I 104 -18.96 5.78 -76.64
CA LEU I 104 -18.74 4.94 -77.80
C LEU I 104 -17.24 4.74 -78.01
N PRO I 105 -16.70 3.55 -77.75
CA PRO I 105 -15.26 3.35 -77.89
C PRO I 105 -14.82 3.52 -79.34
N VAL I 106 -13.59 4.01 -79.50
CA VAL I 106 -13.04 4.14 -80.84
C VAL I 106 -12.82 2.75 -81.43
N PRO I 107 -13.33 2.45 -82.61
CA PRO I 107 -13.22 1.08 -83.14
C PRO I 107 -11.77 0.65 -83.31
N VAL I 108 -11.51 -0.63 -83.03
CA VAL I 108 -10.17 -1.17 -83.21
C VAL I 108 -9.77 -1.09 -84.68
N ASN I 109 -10.68 -1.48 -85.57
CA ASN I 109 -10.46 -1.37 -87.01
C ASN I 109 -11.73 -0.78 -87.60
N GLU I 110 -11.85 -0.82 -88.92
CA GLU I 110 -13.09 -0.46 -89.59
C GLU I 110 -13.76 -1.73 -90.07
N LEU I 111 -15.04 -1.88 -89.73
CA LEU I 111 -15.75 -3.10 -90.06
C LEU I 111 -15.79 -3.29 -91.57
N PRO I 112 -15.61 -4.52 -92.03
CA PRO I 112 -15.54 -4.76 -93.48
C PRO I 112 -16.80 -4.30 -94.18
N HIS I 113 -16.64 -3.77 -95.39
CA HIS I 113 -17.75 -3.30 -96.21
C HIS I 113 -18.02 -4.32 -97.30
N GLY I 114 -19.20 -4.93 -97.27
CA GLY I 114 -19.56 -5.89 -98.28
C GLY I 114 -19.87 -5.25 -99.61
N TRP I 115 -19.79 -6.07 -100.66
CA TRP I 115 -20.14 -5.59 -102.00
C TRP I 115 -21.59 -5.14 -102.05
N LYS I 116 -22.49 -5.91 -101.45
CA LYS I 116 -23.88 -5.50 -101.35
C LYS I 116 -24.02 -4.22 -100.53
N ALA I 117 -23.22 -4.10 -99.46
CA ALA I 117 -23.34 -2.96 -98.56
C ALA I 117 -23.22 -1.63 -99.30
N TRP I 118 -22.47 -1.61 -100.40
CA TRP I 118 -22.34 -0.40 -101.19
C TRP I 118 -23.71 0.10 -101.60
N GLY I 119 -24.10 1.27 -101.11
CA GLY I 119 -25.40 1.83 -101.37
C GLY I 119 -26.52 1.33 -100.49
N LYS I 120 -26.23 0.39 -99.58
CA LYS I 120 -27.24 -0.12 -98.65
C LYS I 120 -27.38 0.88 -97.51
N SER I 121 -28.43 1.69 -97.57
CA SER I 121 -28.72 2.65 -96.52
C SER I 121 -30.17 3.09 -96.64
N TYR I 122 -30.79 3.35 -95.49
CA TYR I 122 -32.16 3.84 -95.42
C TYR I 122 -33.19 2.75 -95.68
N PHE I 123 -32.75 1.56 -96.13
CA PHE I 123 -33.67 0.46 -96.39
C PHE I 123 -33.09 -0.90 -96.05
N VAL I 124 -31.87 -0.95 -95.52
CA VAL I 124 -31.17 -2.24 -95.42
C VAL I 124 -30.79 -2.52 -93.98
N ARG I 125 -31.57 -1.99 -93.04
CA ARG I 125 -31.35 -2.32 -91.63
C ARG I 125 -31.54 -3.82 -91.43
N ALA I 126 -30.60 -4.44 -90.73
CA ALA I 126 -30.64 -5.87 -90.47
C ALA I 126 -31.75 -6.18 -89.46
N ALA I 127 -32.26 -7.40 -89.55
CA ALA I 127 -33.28 -7.85 -88.62
C ALA I 127 -32.74 -7.82 -87.19
N LYS I 128 -33.59 -7.39 -86.26
CA LYS I 128 -33.15 -7.25 -84.88
C LYS I 128 -32.61 -8.58 -84.35
N THR I 129 -31.44 -8.53 -83.75
CA THR I 129 -30.72 -9.72 -83.32
C THR I 129 -30.29 -9.56 -81.86
N ASN I 130 -29.44 -10.48 -81.41
CA ASN I 130 -28.97 -10.45 -80.03
C ASN I 130 -28.23 -9.16 -79.73
N ASN I 131 -27.37 -8.73 -80.64
CA ASN I 131 -26.63 -7.48 -80.47
C ASN I 131 -27.46 -6.35 -81.05
N SER I 132 -28.08 -5.56 -80.17
CA SER I 132 -29.01 -4.51 -80.59
C SER I 132 -28.56 -3.20 -79.95
N PHE I 133 -27.99 -2.31 -80.76
CA PHE I 133 -27.46 -1.04 -80.27
C PHE I 133 -28.58 -0.01 -80.36
N VAL I 134 -29.34 0.13 -79.28
CA VAL I 134 -30.51 1.00 -79.28
C VAL I 134 -30.08 2.46 -79.41
N VAL I 135 -30.90 3.25 -80.09
CA VAL I 135 -30.64 4.67 -80.31
C VAL I 135 -31.86 5.44 -79.81
N ASP I 136 -31.71 6.10 -78.66
CA ASP I 136 -32.78 6.93 -78.07
C ASP I 136 -34.01 6.04 -77.87
N GLY I 137 -35.21 6.57 -78.04
CA GLY I 137 -36.42 5.81 -77.82
C GLY I 137 -36.63 5.49 -76.35
N ASP I 138 -37.74 4.82 -76.08
CA ASP I 138 -38.06 4.38 -74.73
C ASP I 138 -37.42 3.03 -74.42
N THR I 139 -36.11 2.93 -74.65
CA THR I 139 -35.37 1.70 -74.47
C THR I 139 -34.47 1.72 -73.23
N LEU I 140 -34.81 2.53 -72.23
CA LEU I 140 -34.05 2.50 -70.98
C LEU I 140 -34.10 1.12 -70.35
N LYS I 141 -35.27 0.47 -70.37
CA LYS I 141 -35.37 -0.91 -69.90
C LYS I 141 -34.55 -1.85 -70.77
N GLU I 142 -34.65 -1.71 -72.10
CA GLU I 142 -33.86 -2.54 -72.99
C GLU I 142 -32.37 -2.30 -72.79
N CYS I 143 -31.97 -1.04 -72.70
CA CYS I 143 -30.57 -0.66 -72.49
C CYS I 143 -30.53 0.36 -71.37
N PRO I 144 -30.09 -0.02 -70.17
CA PRO I 144 -30.07 0.94 -69.07
C PRO I 144 -29.13 2.10 -69.39
N LEU I 145 -29.45 3.27 -68.82
CA LEU I 145 -28.63 4.45 -69.09
C LEU I 145 -27.17 4.19 -68.73
N GLU I 146 -26.92 3.45 -67.65
CA GLU I 146 -25.55 3.14 -67.26
C GLU I 146 -24.82 2.29 -68.29
N HIS I 147 -25.55 1.61 -69.17
CA HIS I 147 -24.95 0.84 -70.26
C HIS I 147 -25.16 1.51 -71.62
N ARG I 148 -25.43 2.80 -71.63
CA ARG I 148 -25.72 3.55 -72.85
C ARG I 148 -24.58 4.50 -73.17
N ALA I 149 -24.04 4.39 -74.37
CA ALA I 149 -23.02 5.32 -74.81
C ALA I 149 -23.61 6.71 -74.98
N TRP I 150 -22.83 7.73 -74.62
CA TRP I 150 -23.29 9.10 -74.66
C TRP I 150 -22.13 10.02 -74.98
N ASN I 151 -22.43 11.09 -75.69
CA ASN I 151 -21.46 12.14 -75.98
C ASN I 151 -20.16 11.55 -76.52
N SER I 152 -20.27 10.63 -77.48
CA SER I 152 -19.13 9.98 -78.09
C SER I 152 -18.93 10.40 -79.54
N PHE I 153 -19.42 11.58 -79.90
CA PHE I 153 -19.37 12.07 -81.27
C PHE I 153 -18.84 13.50 -81.28
N LEU I 154 -18.27 13.89 -82.41
CA LEU I 154 -17.74 15.24 -82.59
C LEU I 154 -17.77 15.59 -84.06
N VAL I 155 -17.93 16.89 -84.35
CA VAL I 155 -18.02 17.37 -85.73
C VAL I 155 -16.62 17.42 -86.33
N GLU I 156 -16.26 16.38 -87.07
CA GLU I 156 -14.94 16.33 -87.70
C GLU I 156 -14.77 17.46 -88.71
N ASP I 157 -15.75 17.63 -89.59
CA ASP I 157 -15.70 18.66 -90.61
C ASP I 157 -17.10 18.95 -91.08
N HIS I 158 -17.26 20.12 -91.70
CA HIS I 158 -18.56 20.58 -92.19
C HIS I 158 -18.57 20.40 -93.71
N GLY I 159 -19.13 19.28 -94.16
CA GLY I 159 -19.22 19.03 -95.59
C GLY I 159 -20.10 20.07 -96.27
N PHE I 160 -19.76 20.38 -97.52
CA PHE I 160 -20.47 21.43 -98.23
C PHE I 160 -21.92 21.02 -98.48
N GLY I 161 -22.84 21.87 -98.02
CA GLY I 161 -24.26 21.62 -98.22
C GLY I 161 -24.98 22.84 -98.76
N VAL I 162 -25.51 22.73 -99.98
CA VAL I 162 -26.26 23.84 -100.57
C VAL I 162 -27.52 24.12 -99.75
N PHE I 163 -28.25 23.06 -99.39
CA PHE I 163 -29.47 23.18 -98.62
C PHE I 163 -29.39 22.55 -97.24
N HIS I 164 -28.47 21.59 -97.05
CA HIS I 164 -28.25 20.93 -95.76
C HIS I 164 -26.75 20.66 -95.65
N THR I 165 -26.05 21.55 -94.94
CA THR I 165 -24.61 21.38 -94.74
C THR I 165 -24.32 20.01 -94.13
N SER I 166 -23.50 19.22 -94.81
CA SER I 166 -23.20 17.88 -94.34
C SER I 166 -22.18 17.93 -93.21
N VAL I 167 -22.64 17.71 -91.99
CA VAL I 167 -21.78 17.68 -90.81
C VAL I 167 -21.22 16.28 -90.67
N TRP I 168 -19.89 16.16 -90.74
CA TRP I 168 -19.21 14.88 -90.64
C TRP I 168 -18.65 14.72 -89.24
N LEU I 169 -19.00 13.62 -88.59
CA LEU I 169 -18.64 13.37 -87.21
C LEU I 169 -17.70 12.17 -87.12
N LYS I 170 -16.73 12.26 -86.22
CA LYS I 170 -15.79 11.18 -85.95
C LYS I 170 -15.96 10.70 -84.51
N VAL I 171 -15.53 9.46 -84.27
CA VAL I 171 -15.69 8.87 -82.95
C VAL I 171 -14.93 9.72 -81.93
N ARG I 172 -15.66 10.22 -80.94
CA ARG I 172 -15.04 11.06 -79.93
C ARG I 172 -14.01 10.26 -79.14
N GLU I 173 -12.86 10.88 -78.91
CA GLU I 173 -11.75 10.21 -78.22
C GLU I 173 -11.63 10.61 -76.76
N ASP I 174 -11.98 11.85 -76.42
CA ASP I 174 -11.89 12.32 -75.05
C ASP I 174 -13.25 12.27 -74.38
N TYR I 175 -13.27 11.83 -73.11
CA TYR I 175 -14.48 11.84 -72.31
C TYR I 175 -14.73 13.25 -71.81
N SER I 176 -15.76 13.90 -72.35
CA SER I 176 -16.09 15.27 -71.95
C SER I 176 -17.59 15.41 -71.84
N LEU I 177 -18.04 16.16 -70.82
CA LEU I 177 -19.43 16.54 -70.68
C LEU I 177 -19.73 17.87 -71.38
N GLU I 178 -18.74 18.45 -72.05
CA GLU I 178 -18.95 19.64 -72.85
C GLU I 178 -19.66 19.25 -74.14
N CYS I 179 -20.77 19.93 -74.41
CA CYS I 179 -21.57 19.57 -75.57
C CYS I 179 -20.89 20.14 -76.82
N ASP I 180 -21.49 19.84 -77.97
CA ASP I 180 -20.82 20.07 -79.24
C ASP I 180 -20.52 21.55 -79.41
N PRO I 181 -19.25 21.96 -79.47
CA PRO I 181 -18.94 23.40 -79.61
C PRO I 181 -19.04 23.92 -81.04
N ALA I 182 -18.84 23.08 -82.06
CA ALA I 182 -18.80 23.56 -83.43
C ALA I 182 -20.13 24.15 -83.88
N VAL I 183 -21.21 23.90 -83.15
CA VAL I 183 -22.52 24.43 -83.48
C VAL I 183 -22.96 25.39 -82.39
N ILE I 184 -22.00 25.92 -81.65
CA ILE I 184 -22.26 26.82 -80.52
C ILE I 184 -21.98 28.25 -80.94
N GLY I 185 -22.90 29.15 -80.59
CA GLY I 185 -22.72 30.56 -80.88
C GLY I 185 -23.36 31.47 -79.84
N THR I 186 -22.60 32.42 -79.31
CA THR I 186 -23.13 33.38 -78.36
C THR I 186 -22.30 34.66 -78.38
N ALA I 187 -22.97 35.79 -78.15
CA ALA I 187 -22.33 37.09 -78.09
C ALA I 187 -23.30 38.09 -77.50
N VAL I 188 -22.81 39.31 -77.26
CA VAL I 188 -23.63 40.39 -76.72
C VAL I 188 -23.37 41.64 -77.54
N LYS I 189 -24.45 42.30 -77.99
CA LYS I 189 -24.37 43.55 -78.74
C LYS I 189 -25.25 44.57 -78.04
N GLY I 190 -24.64 45.61 -77.48
CA GLY I 190 -25.38 46.66 -76.81
C GLY I 190 -26.24 46.14 -75.67
N ARG I 191 -27.56 46.29 -75.80
CA ARG I 191 -28.49 45.86 -74.77
C ARG I 191 -29.21 44.55 -75.14
N GLU I 192 -28.73 43.84 -76.16
CA GLU I 192 -29.27 42.54 -76.52
C GLU I 192 -28.15 41.51 -76.58
N ALA I 193 -28.41 40.33 -76.01
CA ALA I 193 -27.47 39.22 -76.06
C ALA I 193 -28.26 37.93 -76.04
N ALA I 194 -27.65 36.87 -76.59
CA ALA I 194 -28.35 35.61 -76.76
C ALA I 194 -27.37 34.44 -76.64
N HIS I 195 -27.91 33.26 -76.32
CA HIS I 195 -27.14 32.03 -76.25
C HIS I 195 -27.87 30.96 -77.05
N SER I 196 -27.21 30.45 -78.09
CA SER I 196 -27.91 29.62 -79.06
C SER I 196 -27.05 28.45 -79.50
N ASP I 197 -27.71 27.39 -79.94
CA ASP I 197 -27.07 26.20 -80.48
C ASP I 197 -28.00 25.64 -81.55
N LEU I 198 -27.77 24.39 -81.94
CA LEU I 198 -28.58 23.78 -82.99
C LEU I 198 -30.07 23.83 -82.65
N GLY I 199 -30.42 23.71 -81.37
CA GLY I 199 -31.82 23.67 -81.00
C GLY I 199 -32.22 24.47 -79.78
N TYR I 200 -31.46 25.52 -79.44
CA TYR I 200 -31.79 26.37 -78.30
C TYR I 200 -31.62 27.84 -78.66
N TRP I 201 -32.42 28.68 -78.01
CA TRP I 201 -32.44 30.11 -78.27
C TRP I 201 -32.75 30.82 -76.96
N ILE I 202 -31.76 31.52 -76.42
CA ILE I 202 -31.90 32.27 -75.17
C ILE I 202 -31.62 33.73 -75.48
N GLU I 203 -32.62 34.59 -75.29
CA GLU I 203 -32.49 36.01 -75.56
C GLU I 203 -32.41 36.79 -74.26
N SER I 204 -31.39 37.63 -74.14
CA SER I 204 -31.18 38.45 -72.95
C SER I 204 -31.15 39.92 -73.36
N GLU I 205 -31.83 40.75 -72.57
CA GLU I 205 -31.95 42.17 -72.87
C GLU I 205 -31.54 42.97 -71.64
N LYS I 206 -31.23 44.24 -71.86
CA LYS I 206 -30.86 45.17 -70.80
C LYS I 206 -31.94 46.25 -70.70
N ASN I 207 -32.65 46.27 -69.57
CA ASN I 207 -33.64 47.31 -69.27
C ASN I 207 -33.43 47.69 -67.80
N ASP I 208 -32.56 48.66 -67.58
CA ASP I 208 -32.14 49.03 -66.22
C ASP I 208 -31.28 47.93 -65.61
N THR I 209 -31.11 46.84 -66.35
CA THR I 209 -30.33 45.70 -65.90
C THR I 209 -30.31 44.66 -67.02
N TRP I 210 -29.47 43.65 -66.86
CA TRP I 210 -29.38 42.57 -67.83
C TRP I 210 -30.25 41.41 -67.36
N ARG I 211 -31.25 41.05 -68.16
CA ARG I 211 -32.21 40.02 -67.79
C ARG I 211 -32.58 39.21 -69.02
N LEU I 212 -33.01 37.97 -68.79
CA LEU I 212 -33.47 37.11 -69.85
C LEU I 212 -34.79 37.64 -70.41
N LYS I 213 -34.90 37.66 -71.74
CA LYS I 213 -36.10 38.19 -72.39
C LYS I 213 -37.07 37.09 -72.84
N ARG I 214 -36.59 36.12 -73.60
CA ARG I 214 -37.42 35.01 -74.02
C ARG I 214 -36.54 33.79 -74.23
N ALA I 215 -37.08 32.62 -73.87
CA ALA I 215 -36.36 31.37 -74.01
C ALA I 215 -37.20 30.39 -74.82
N HIS I 216 -36.58 29.78 -75.82
CA HIS I 216 -37.24 28.85 -76.72
C HIS I 216 -36.49 27.53 -76.67
N LEU I 217 -37.23 26.43 -76.52
CA LEU I 217 -36.65 25.10 -76.43
C LEU I 217 -37.44 24.16 -77.31
N ILE I 218 -36.79 23.63 -78.36
CA ILE I 218 -37.40 22.69 -79.27
C ILE I 218 -36.95 21.26 -78.96
N GLU I 219 -36.13 21.10 -77.92
CA GLU I 219 -35.61 19.81 -77.51
C GLU I 219 -35.07 19.98 -76.09
N MET I 220 -34.80 18.85 -75.44
CA MET I 220 -34.37 18.85 -74.05
C MET I 220 -33.27 17.81 -73.90
N LYS I 221 -32.02 18.27 -74.00
CA LYS I 221 -30.86 17.40 -73.87
C LYS I 221 -30.29 17.48 -72.46
N THR I 222 -29.10 16.90 -72.30
CA THR I 222 -28.28 17.11 -71.10
C THR I 222 -26.90 17.64 -71.47
N CYS I 223 -26.80 18.50 -72.48
CA CYS I 223 -25.52 19.13 -72.79
C CYS I 223 -25.07 19.98 -71.60
N GLU I 224 -23.88 20.55 -71.72
CA GLU I 224 -23.36 21.49 -70.76
C GLU I 224 -22.71 22.63 -71.52
N TRP I 225 -23.29 23.83 -71.41
CA TRP I 225 -22.90 24.95 -72.25
C TRP I 225 -21.46 25.36 -71.93
N PRO I 226 -20.59 25.44 -72.92
CA PRO I 226 -19.19 25.82 -72.65
C PRO I 226 -19.10 27.26 -72.17
N LYS I 227 -18.08 27.53 -71.35
CA LYS I 227 -17.78 28.89 -70.93
C LYS I 227 -17.15 29.70 -72.06
N SER I 228 -16.63 29.03 -73.09
CA SER I 228 -16.00 29.73 -74.20
C SER I 228 -16.98 30.63 -74.96
N HIS I 229 -18.22 30.18 -75.15
CA HIS I 229 -19.25 30.97 -75.82
C HIS I 229 -20.35 31.40 -74.86
N THR I 230 -19.98 31.85 -73.66
CA THR I 230 -20.93 32.36 -72.68
C THR I 230 -20.61 33.80 -72.36
N LEU I 231 -21.65 34.60 -72.14
CA LEU I 231 -21.53 36.03 -71.88
C LEU I 231 -21.55 36.28 -70.38
N TRP I 232 -20.47 36.87 -69.87
CA TRP I 232 -20.31 37.10 -68.43
C TRP I 232 -20.49 35.80 -67.66
N THR I 233 -19.62 34.84 -67.95
CA THR I 233 -19.64 33.56 -67.26
C THR I 233 -19.35 33.70 -65.77
N ASP I 234 -18.39 34.54 -65.40
CA ASP I 234 -18.05 34.73 -64.00
C ASP I 234 -19.17 35.46 -63.28
N GLY I 235 -19.47 35.04 -62.06
CA GLY I 235 -20.45 35.72 -61.24
C GLY I 235 -21.88 35.28 -61.43
N VAL I 236 -22.14 34.28 -62.25
CA VAL I 236 -23.48 33.73 -62.42
C VAL I 236 -23.69 32.56 -61.48
N GLU I 237 -24.83 32.53 -60.82
CA GLU I 237 -25.20 31.44 -59.93
C GLU I 237 -26.25 30.55 -60.57
N GLU I 238 -26.33 29.31 -60.08
CA GLU I 238 -27.22 28.32 -60.66
C GLU I 238 -28.69 28.53 -60.28
N SER I 239 -28.95 29.04 -59.07
CA SER I 239 -30.33 29.21 -58.62
C SER I 239 -31.07 30.30 -59.37
N ASP I 240 -30.41 31.42 -59.67
CA ASP I 240 -31.00 32.47 -60.51
C ASP I 240 -31.05 32.06 -61.97
N LEU I 241 -30.34 31.00 -62.35
CA LEU I 241 -30.43 30.46 -63.70
C LEU I 241 -31.81 29.84 -63.85
N ILE I 242 -32.72 30.56 -64.52
CA ILE I 242 -34.08 30.08 -64.69
C ILE I 242 -34.07 28.73 -65.39
N ILE I 243 -33.23 28.60 -66.41
CA ILE I 243 -32.97 27.30 -67.03
C ILE I 243 -31.95 26.57 -66.18
N PRO I 244 -32.30 25.44 -65.56
CA PRO I 244 -31.34 24.76 -64.69
C PRO I 244 -30.16 24.22 -65.48
N LYS I 245 -28.99 24.19 -64.82
CA LYS I 245 -27.79 23.71 -65.47
C LYS I 245 -27.88 22.24 -65.83
N SER I 246 -28.78 21.49 -65.19
CA SER I 246 -28.97 20.10 -65.55
C SER I 246 -29.48 19.93 -66.98
N LEU I 247 -30.01 20.99 -67.57
CA LEU I 247 -30.49 20.99 -68.94
C LEU I 247 -29.61 21.85 -69.83
N ALA I 248 -28.29 21.78 -69.61
CA ALA I 248 -27.32 22.54 -70.40
C ALA I 248 -27.56 24.04 -70.32
N GLY I 249 -27.91 24.53 -69.12
CA GLY I 249 -28.17 25.93 -68.94
C GLY I 249 -26.89 26.75 -68.91
N PRO I 250 -26.75 27.69 -69.84
CA PRO I 250 -25.54 28.52 -69.86
C PRO I 250 -25.38 29.28 -68.55
N LEU I 251 -24.13 29.41 -68.12
CA LEU I 251 -23.79 30.05 -66.86
C LEU I 251 -23.49 31.52 -67.13
N SER I 252 -24.49 32.37 -66.91
CA SER I 252 -24.31 33.80 -67.09
C SER I 252 -25.43 34.54 -66.38
N HIS I 253 -25.15 35.78 -65.98
CA HIS I 253 -26.22 36.63 -65.49
C HIS I 253 -27.30 36.84 -66.54
N HIS I 254 -26.96 36.64 -67.82
CA HIS I 254 -27.94 36.61 -68.88
C HIS I 254 -28.97 35.49 -68.66
N ASN I 255 -28.60 34.45 -67.91
CA ASN I 255 -29.48 33.34 -67.59
C ASN I 255 -30.14 33.50 -66.21
N THR I 256 -30.16 34.72 -65.68
CA THR I 256 -30.78 34.98 -64.38
C THR I 256 -31.69 36.19 -64.49
N ARG I 257 -32.82 36.11 -63.81
CA ARG I 257 -33.77 37.22 -63.73
C ARG I 257 -34.20 37.41 -62.28
N GLU I 258 -34.37 38.67 -61.89
CA GLU I 258 -34.73 38.99 -60.52
C GLU I 258 -36.14 38.50 -60.22
N GLY I 259 -36.33 38.03 -58.98
CA GLY I 259 -37.63 37.57 -58.51
C GLY I 259 -37.93 36.11 -58.81
N TYR I 260 -37.06 35.42 -59.52
CA TYR I 260 -37.28 34.02 -59.87
C TYR I 260 -35.99 33.23 -59.64
N ARG I 261 -36.15 31.94 -59.40
CA ARG I 261 -35.02 31.02 -59.27
C ARG I 261 -35.10 29.96 -60.36
N THR I 262 -34.20 29.00 -60.30
CA THR I 262 -34.19 27.94 -61.30
C THR I 262 -35.49 27.14 -61.25
N GLN I 263 -36.01 26.81 -62.43
CA GLN I 263 -37.26 26.05 -62.55
C GLN I 263 -36.95 24.59 -62.79
N VAL I 264 -36.70 23.88 -61.68
CA VAL I 264 -36.32 22.48 -61.76
C VAL I 264 -37.51 21.55 -61.99
N LYS I 265 -38.74 22.04 -61.81
CA LYS I 265 -39.93 21.21 -61.93
C LYS I 265 -40.94 21.81 -62.90
N GLY I 266 -40.44 22.47 -63.95
CA GLY I 266 -41.30 23.08 -64.94
C GLY I 266 -41.78 22.08 -65.97
N PRO I 267 -42.48 22.57 -66.99
CA PRO I 267 -42.96 21.66 -68.05
C PRO I 267 -41.83 21.20 -68.96
N TRP I 268 -40.85 20.50 -68.38
CA TRP I 268 -39.74 19.95 -69.14
C TRP I 268 -40.06 18.58 -69.72
N HIS I 269 -41.35 18.28 -69.86
CA HIS I 269 -41.82 17.05 -70.49
C HIS I 269 -42.37 17.30 -71.89
N SER I 270 -42.40 18.54 -72.34
CA SER I 270 -42.90 18.87 -73.67
C SER I 270 -41.79 18.78 -74.71
N GLU I 271 -42.19 18.49 -75.95
CA GLU I 271 -41.24 18.51 -77.06
C GLU I 271 -40.65 19.90 -77.25
N GLU I 272 -41.49 20.92 -77.10
CA GLU I 272 -41.08 22.31 -77.25
C GLU I 272 -41.54 23.10 -76.03
N LEU I 273 -40.72 24.08 -75.65
CA LEU I 273 -41.05 24.94 -74.51
C LEU I 273 -40.63 26.38 -74.83
N GLU I 274 -41.61 27.28 -74.88
CA GLU I 274 -41.36 28.70 -75.10
C GLU I 274 -41.45 29.41 -73.76
N ILE I 275 -40.31 29.90 -73.27
CA ILE I 275 -40.25 30.58 -71.99
C ILE I 275 -40.55 32.06 -72.23
N ARG I 276 -41.65 32.54 -71.67
CA ARG I 276 -42.05 33.93 -71.78
C ARG I 276 -42.31 34.51 -70.40
N PHE I 277 -42.14 35.82 -70.28
CA PHE I 277 -42.39 36.57 -69.05
C PHE I 277 -43.68 37.36 -69.27
N GLU I 278 -44.81 36.72 -69.00
CA GLU I 278 -46.11 37.31 -69.20
C GLU I 278 -47.14 36.35 -68.62
N GLU I 279 -48.23 36.92 -68.09
CA GLU I 279 -49.27 36.10 -67.51
C GLU I 279 -49.84 35.15 -68.56
N CYS I 280 -50.09 33.93 -68.14
CA CYS I 280 -50.69 32.96 -69.04
C CYS I 280 -52.08 33.43 -69.46
N PRO I 281 -52.50 33.15 -70.70
CA PRO I 281 -53.79 33.66 -71.16
C PRO I 281 -54.91 33.23 -70.24
N GLY I 282 -55.80 34.18 -69.93
CA GLY I 282 -56.88 33.91 -69.00
C GLY I 282 -56.45 33.74 -67.56
N THR I 283 -55.21 34.06 -67.23
CA THR I 283 -54.69 33.94 -65.87
C THR I 283 -53.91 35.19 -65.50
N LYS I 284 -53.90 35.49 -64.20
CA LYS I 284 -53.16 36.62 -63.68
C LYS I 284 -52.35 36.17 -62.47
N VAL I 285 -51.14 36.71 -62.34
CA VAL I 285 -50.26 36.41 -61.22
C VAL I 285 -49.98 37.70 -60.47
N TYR I 286 -50.19 37.66 -59.16
CA TYR I 286 -49.95 38.81 -58.30
C TYR I 286 -48.78 38.48 -57.38
N VAL I 287 -47.98 39.50 -57.07
CA VAL I 287 -46.90 39.33 -56.11
C VAL I 287 -47.55 39.23 -54.73
N GLU I 288 -47.75 38.00 -54.26
CA GLU I 288 -48.41 37.77 -52.98
C GLU I 288 -47.47 36.99 -52.07
N GLU I 289 -47.07 37.62 -50.97
CA GLU I 289 -46.11 37.01 -50.06
C GLU I 289 -46.65 35.74 -49.41
N THR I 290 -47.97 35.64 -49.25
CA THR I 290 -48.59 34.50 -48.59
C THR I 290 -48.95 33.38 -49.56
N CYS I 291 -48.59 33.53 -50.83
CA CYS I 291 -48.89 32.48 -51.80
C CYS I 291 -48.30 31.15 -51.36
N GLY I 292 -48.74 30.08 -52.01
CA GLY I 292 -48.19 28.78 -51.74
C GLY I 292 -46.70 28.74 -52.06
N THR I 293 -46.02 27.85 -51.34
CA THR I 293 -44.58 27.73 -51.52
C THR I 293 -44.25 27.36 -52.95
N ARG I 294 -42.97 27.52 -53.30
CA ARG I 294 -42.52 27.12 -54.62
C ARG I 294 -42.83 25.64 -54.86
N GLY I 295 -43.38 25.35 -56.04
CA GLY I 295 -43.76 23.99 -56.37
C GLY I 295 -43.64 23.69 -57.85
N PRO I 296 -43.92 22.46 -58.23
CA PRO I 296 -43.78 22.07 -59.64
C PRO I 296 -44.69 22.91 -60.53
N SER I 297 -44.23 23.13 -61.76
CA SER I 297 -44.98 23.96 -62.69
C SER I 297 -46.39 23.41 -62.89
N LEU I 298 -47.37 24.30 -62.83
CA LEU I 298 -48.75 23.96 -63.06
C LEU I 298 -49.25 24.73 -64.27
N ARG I 299 -49.81 24.00 -65.23
CA ARG I 299 -50.32 24.63 -66.43
C ARG I 299 -51.48 25.57 -66.10
N SER I 300 -51.65 26.61 -66.91
CA SER I 300 -52.69 27.60 -66.65
C SER I 300 -54.09 27.02 -66.66
N THR I 301 -54.29 25.84 -67.25
CA THR I 301 -55.58 25.20 -67.34
C THR I 301 -55.60 23.99 -66.41
N THR I 302 -56.79 23.41 -66.24
CA THR I 302 -56.96 22.24 -65.40
C THR I 302 -56.90 20.98 -66.27
N ALA I 303 -57.14 19.82 -65.65
CA ALA I 303 -57.17 18.58 -66.42
C ALA I 303 -58.27 18.60 -67.47
N SER I 304 -59.38 19.29 -67.21
CA SER I 304 -60.44 19.47 -68.18
C SER I 304 -60.25 20.71 -69.05
N GLY I 305 -59.16 21.45 -68.84
CA GLY I 305 -58.87 22.63 -69.63
C GLY I 305 -59.30 23.94 -69.01
N ARG I 306 -59.98 23.91 -67.86
CA ARG I 306 -60.41 25.15 -67.22
C ARG I 306 -59.18 25.97 -66.83
N VAL I 307 -59.21 27.25 -67.19
CA VAL I 307 -58.09 28.14 -66.96
C VAL I 307 -58.13 28.64 -65.52
N ILE I 308 -57.03 28.45 -64.80
CA ILE I 308 -56.89 28.99 -63.45
C ILE I 308 -56.54 30.47 -63.61
N GLU I 309 -57.55 31.34 -63.52
CA GLU I 309 -57.32 32.75 -63.73
C GLU I 309 -56.49 33.35 -62.60
N GLU I 310 -56.74 32.94 -61.36
CA GLU I 310 -56.07 33.49 -60.19
C GLU I 310 -54.78 32.71 -59.94
N TRP I 311 -53.65 33.42 -59.99
CA TRP I 311 -52.37 32.84 -59.62
C TRP I 311 -51.68 33.79 -58.67
N CYS I 312 -50.92 33.21 -57.74
CA CYS I 312 -50.23 33.98 -56.72
C CYS I 312 -48.74 33.69 -56.80
N CYS I 313 -47.96 34.70 -56.44
CA CYS I 313 -46.51 34.56 -56.38
C CYS I 313 -46.01 35.35 -55.18
N ARG I 314 -45.02 34.79 -54.50
CA ARG I 314 -44.52 35.42 -53.29
C ARG I 314 -43.62 36.62 -53.63
N GLU I 315 -42.63 36.41 -54.49
CA GLU I 315 -41.70 37.47 -54.86
C GLU I 315 -41.38 37.46 -56.34
N CYS I 316 -42.37 37.20 -57.19
CA CYS I 316 -42.14 37.31 -58.61
C CYS I 316 -42.23 38.77 -59.04
N THR I 317 -41.79 39.05 -60.26
CA THR I 317 -41.89 40.37 -60.85
C THR I 317 -42.92 40.35 -61.98
N MET I 318 -43.74 41.38 -62.02
CA MET I 318 -44.71 41.34 -63.10
C MET I 318 -44.08 41.85 -64.39
N PRO I 319 -44.42 41.24 -65.53
CA PRO I 319 -45.34 40.10 -65.70
C PRO I 319 -44.75 38.80 -65.16
N PRO I 320 -45.60 37.90 -64.71
CA PRO I 320 -45.11 36.61 -64.20
C PRO I 320 -44.62 35.71 -65.33
N LEU I 321 -43.73 34.79 -64.96
CA LEU I 321 -43.21 33.84 -65.93
C LEU I 321 -44.31 32.88 -66.38
N SER I 322 -44.34 32.60 -67.68
CA SER I 322 -45.27 31.63 -68.25
C SER I 322 -44.50 30.70 -69.17
N PHE I 323 -44.88 29.42 -69.14
CA PHE I 323 -44.28 28.40 -69.99
C PHE I 323 -45.26 28.06 -71.10
N ARG I 324 -44.91 28.42 -72.33
CA ARG I 324 -45.78 28.26 -73.48
C ARG I 324 -45.35 26.99 -74.22
N ALA I 325 -46.08 25.90 -74.00
CA ALA I 325 -45.79 24.61 -74.60
C ALA I 325 -46.96 24.18 -75.46
N LYS I 326 -46.77 23.05 -76.15
CA LYS I 326 -47.82 22.52 -77.01
C LYS I 326 -49.07 22.14 -76.23
N ASP I 327 -48.93 21.89 -74.93
CA ASP I 327 -50.05 21.47 -74.09
C ASP I 327 -50.80 22.64 -73.46
N GLY I 328 -50.32 23.87 -73.63
CA GLY I 328 -50.94 25.04 -73.07
C GLY I 328 -49.89 25.92 -72.42
N CYS I 329 -50.35 26.86 -71.61
CA CYS I 329 -49.47 27.76 -70.89
C CYS I 329 -49.26 27.27 -69.47
N TRP I 330 -48.01 27.15 -69.06
CA TRP I 330 -47.64 26.73 -67.73
C TRP I 330 -46.93 27.87 -67.00
N TYR I 331 -47.10 27.89 -65.69
CA TYR I 331 -46.51 28.92 -64.84
C TYR I 331 -45.25 28.37 -64.17
N GLY I 332 -44.46 29.29 -63.63
CA GLY I 332 -43.19 28.93 -63.04
C GLY I 332 -43.34 28.36 -61.65
N MET I 333 -42.18 28.11 -61.03
CA MET I 333 -42.17 27.54 -59.68
C MET I 333 -42.84 28.46 -58.68
N GLU I 334 -42.55 29.76 -58.74
CA GLU I 334 -43.04 30.71 -57.75
C GLU I 334 -44.49 31.11 -57.98
N ILE I 335 -45.06 30.80 -59.14
CA ILE I 335 -46.45 31.13 -59.45
C ILE I 335 -47.30 29.92 -59.13
N ARG I 336 -48.25 30.10 -58.23
CA ARG I 336 -49.16 29.06 -57.81
C ARG I 336 -50.60 29.55 -57.99
N PRO I 337 -51.53 28.63 -58.24
CA PRO I 337 -52.93 29.05 -58.35
C PRO I 337 -53.40 29.66 -57.04
N ARG I 338 -53.96 30.86 -57.13
CA ARG I 338 -54.40 31.55 -55.93
C ARG I 338 -55.43 30.72 -55.18
N LYS I 339 -56.36 30.11 -55.90
CA LYS I 339 -57.37 29.23 -55.32
C LYS I 339 -57.62 28.10 -56.31
N GLU I 340 -56.96 26.97 -56.09
CA GLU I 340 -57.13 25.81 -56.94
C GLU I 340 -56.71 24.53 -56.20
N PRO I 341 -57.60 23.54 -56.13
CA PRO I 341 -57.20 22.28 -55.50
C PRO I 341 -56.04 21.63 -56.25
N GLU I 342 -55.15 21.00 -55.48
CA GLU I 342 -54.00 20.35 -56.08
C GLU I 342 -54.41 19.21 -57.00
N SER I 343 -55.61 18.65 -56.81
CA SER I 343 -56.09 17.61 -57.71
C SER I 343 -56.25 18.11 -59.13
N ASN I 344 -56.79 19.33 -59.29
CA ASN I 344 -56.97 19.92 -60.60
C ASN I 344 -55.72 20.60 -61.12
N LEU I 345 -54.65 20.65 -60.33
CA LEU I 345 -53.39 21.24 -60.76
C LEU I 345 -52.55 20.19 -61.45
N VAL I 346 -52.21 20.45 -62.71
CA VAL I 346 -51.38 19.54 -63.49
C VAL I 346 -49.92 19.88 -63.19
N ARG I 347 -49.26 19.01 -62.43
CA ARG I 347 -47.89 19.23 -62.02
C ARG I 347 -46.93 18.64 -63.04
N SER I 348 -45.98 19.47 -63.49
CA SER I 348 -44.96 18.96 -64.39
C SER I 348 -44.08 17.94 -63.68
N MET I 349 -43.93 16.78 -64.28
CA MET I 349 -43.17 15.70 -63.65
C MET I 349 -41.68 16.00 -63.70
N VAL I 350 -41.02 15.83 -62.57
CA VAL I 350 -39.58 16.03 -62.48
C VAL I 350 -38.89 14.84 -63.14
N THR I 351 -37.92 15.14 -64.01
CA THR I 351 -37.19 14.12 -64.77
C THR I 351 -35.78 14.03 -64.19
N ALA I 352 -35.51 12.90 -63.53
CA ALA I 352 -34.19 12.66 -62.94
C ALA I 352 -33.39 11.66 -63.77
N ASP J 1 -28.62 40.93 -88.32
CA ASP J 1 -28.18 41.73 -89.46
C ASP J 1 -26.84 41.24 -90.05
N VAL J 2 -26.63 41.49 -91.35
CA VAL J 2 -25.50 40.96 -92.12
C VAL J 2 -25.09 41.88 -93.26
N GLY J 3 -23.85 41.69 -93.76
CA GLY J 3 -23.20 42.56 -94.73
C GLY J 3 -23.52 42.15 -96.16
N CYS J 4 -22.55 41.73 -96.97
CA CYS J 4 -22.78 40.68 -98.00
C CYS J 4 -21.49 40.31 -98.72
N SER J 5 -21.32 39.02 -99.05
CA SER J 5 -20.03 38.48 -99.45
C SER J 5 -20.04 38.14 -100.93
N VAL J 6 -18.86 38.16 -101.55
CA VAL J 6 -18.63 37.42 -102.79
C VAL J 6 -17.50 36.45 -102.47
N ASP J 7 -17.51 35.95 -101.24
CA ASP J 7 -16.36 35.27 -100.63
C ASP J 7 -15.60 34.42 -101.64
N PHE J 8 -14.27 34.54 -101.60
CA PHE J 8 -13.43 33.85 -102.56
C PHE J 8 -12.59 32.74 -101.94
N SER J 9 -12.59 32.59 -100.62
CA SER J 9 -11.82 31.50 -100.02
C SER J 9 -12.18 30.18 -100.67
N LYS J 10 -13.48 29.90 -100.79
CA LYS J 10 -13.96 28.77 -101.59
C LYS J 10 -14.90 29.21 -102.70
N LYS J 11 -14.74 30.43 -103.22
CA LYS J 11 -15.71 31.04 -104.13
C LYS J 11 -17.13 30.82 -103.61
N GLU J 12 -17.34 31.12 -102.34
CA GLU J 12 -18.55 30.78 -101.63
C GLU J 12 -19.43 32.01 -101.47
N THR J 13 -20.63 31.95 -102.06
CA THR J 13 -21.61 33.02 -101.95
C THR J 13 -22.81 32.51 -101.19
N ARG J 14 -23.21 33.24 -100.15
CA ARG J 14 -24.29 32.81 -99.28
C ARG J 14 -24.92 34.03 -98.62
N CYS J 15 -26.03 33.79 -97.94
CA CYS J 15 -26.68 34.82 -97.15
C CYS J 15 -27.39 34.17 -95.98
N GLY J 16 -27.52 34.93 -94.89
CA GLY J 16 -28.17 34.44 -93.70
C GLY J 16 -28.05 35.45 -92.59
N THR J 17 -29.11 35.56 -91.80
CA THR J 17 -29.21 36.56 -90.74
C THR J 17 -28.19 36.25 -89.66
N GLY J 18 -27.68 37.31 -89.04
CA GLY J 18 -26.66 37.14 -88.01
C GLY J 18 -26.29 38.47 -87.39
N VAL J 19 -25.04 38.55 -86.95
CA VAL J 19 -24.51 39.70 -86.23
C VAL J 19 -23.20 40.09 -86.88
N PHE J 20 -22.54 41.11 -86.32
CA PHE J 20 -21.36 41.69 -86.93
C PHE J 20 -20.17 41.68 -85.97
N ILE J 21 -18.99 41.43 -86.52
CA ILE J 21 -17.71 41.77 -85.89
C ILE J 21 -16.81 42.26 -87.02
N TYR J 22 -16.45 43.53 -86.98
CA TYR J 22 -15.84 44.21 -88.11
C TYR J 22 -14.34 44.33 -87.95
N ASN J 23 -13.64 44.28 -89.08
CA ASN J 23 -12.19 44.48 -89.11
C ASN J 23 -11.88 45.91 -89.52
N ASP J 24 -11.08 46.60 -88.70
CA ASP J 24 -10.74 48.00 -88.96
C ASP J 24 -9.29 48.29 -88.63
N VAL J 25 -8.40 47.30 -88.73
CA VAL J 25 -7.00 47.46 -88.34
C VAL J 25 -6.08 47.10 -89.51
N GLU J 26 -6.25 45.89 -90.04
CA GLU J 26 -5.33 45.40 -91.07
C GLU J 26 -5.34 46.31 -92.30
N ALA J 27 -6.52 46.70 -92.75
CA ALA J 27 -6.65 47.59 -93.90
C ALA J 27 -6.77 49.06 -93.51
N TRP J 28 -6.66 49.38 -92.22
CA TRP J 28 -6.78 50.76 -91.74
C TRP J 28 -8.15 51.34 -92.06
N ARG J 29 -9.16 50.49 -92.14
CA ARG J 29 -10.53 50.93 -92.38
C ARG J 29 -11.25 51.20 -91.07
N ASP J 30 -10.64 52.01 -90.20
CA ASP J 30 -11.23 52.32 -88.91
C ASP J 30 -12.30 53.39 -89.05
N ARG J 31 -13.49 52.99 -89.51
CA ARG J 31 -14.60 53.92 -89.71
C ARG J 31 -15.29 54.23 -88.38
N TYR J 32 -14.55 54.88 -87.50
CA TYR J 32 -15.03 55.22 -86.16
C TYR J 32 -14.70 56.67 -85.86
N LYS J 33 -15.74 57.49 -85.73
CA LYS J 33 -15.58 58.90 -85.34
C LYS J 33 -15.68 58.97 -83.82
N TYR J 34 -14.63 58.49 -83.16
CA TYR J 34 -14.64 58.40 -81.71
C TYR J 34 -14.62 59.79 -81.08
N HIS J 35 -15.76 60.19 -80.54
CA HIS J 35 -15.91 61.44 -79.80
C HIS J 35 -16.67 61.12 -78.52
N PRO J 36 -16.57 61.96 -77.49
CA PRO J 36 -17.34 61.70 -76.27
C PRO J 36 -18.81 62.07 -76.45
N ASP J 37 -19.68 61.28 -75.83
CA ASP J 37 -21.10 61.55 -75.93
C ASP J 37 -21.47 62.87 -75.25
N SER J 38 -20.82 63.18 -74.14
CA SER J 38 -21.10 64.39 -73.36
C SER J 38 -19.77 65.11 -73.17
N PRO J 39 -19.22 65.68 -74.25
CA PRO J 39 -17.94 66.40 -74.14
C PRO J 39 -17.98 67.61 -73.23
N ARG J 40 -19.12 68.28 -73.15
CA ARG J 40 -19.27 69.41 -72.26
C ARG J 40 -19.11 68.98 -70.80
N ARG J 41 -19.87 67.94 -70.43
CA ARG J 41 -19.76 67.47 -69.06
C ARG J 41 -18.32 67.07 -68.75
N LEU J 42 -17.52 66.75 -69.78
CA LEU J 42 -16.12 66.45 -69.54
C LEU J 42 -15.39 67.67 -68.98
N ALA J 43 -15.83 68.87 -69.35
CA ALA J 43 -15.17 70.09 -68.87
C ALA J 43 -15.18 70.17 -67.35
N ALA J 44 -16.33 69.88 -66.73
CA ALA J 44 -16.38 69.82 -65.27
C ALA J 44 -15.49 68.71 -64.74
N ALA J 45 -15.45 67.58 -65.46
CA ALA J 45 -14.57 66.48 -65.06
C ALA J 45 -13.12 66.90 -65.10
N VAL J 46 -12.74 67.75 -66.05
CA VAL J 46 -11.34 68.19 -66.15
C VAL J 46 -10.94 68.94 -64.89
N LYS J 47 -11.78 69.87 -64.44
CA LYS J 47 -11.50 70.59 -63.20
C LYS J 47 -11.57 69.68 -61.99
N GLN J 48 -12.53 68.74 -61.97
CA GLN J 48 -12.61 67.82 -60.85
C GLN J 48 -11.30 67.04 -60.72
N ALA J 49 -10.72 66.63 -61.84
CA ALA J 49 -9.46 65.90 -61.81
C ALA J 49 -8.30 66.82 -61.44
N TRP J 50 -8.26 68.03 -62.01
CA TRP J 50 -7.15 68.93 -61.76
C TRP J 50 -7.08 69.35 -60.30
N GLU J 51 -8.23 69.66 -59.70
CA GLU J 51 -8.29 69.99 -58.29
C GLU J 51 -7.67 68.87 -57.47
N GLU J 52 -7.93 67.63 -57.88
CA GLU J 52 -7.25 66.49 -57.27
C GLU J 52 -5.77 66.49 -57.61
N GLY J 53 -5.42 66.93 -58.82
CA GLY J 53 -4.03 67.00 -59.23
C GLY J 53 -3.77 66.37 -60.58
N ILE J 54 -4.80 65.78 -61.18
CA ILE J 54 -4.66 65.12 -62.47
C ILE J 54 -4.16 66.12 -63.50
N CYS J 55 -2.97 65.87 -64.04
CA CYS J 55 -2.33 66.79 -64.96
C CYS J 55 -2.18 66.24 -66.38
N GLY J 56 -2.27 64.94 -66.57
CA GLY J 56 -2.11 64.35 -67.89
C GLY J 56 -2.95 63.11 -68.10
N ILE J 57 -3.33 62.85 -69.35
CA ILE J 57 -4.14 61.69 -69.71
C ILE J 57 -3.34 60.88 -70.71
N SER J 58 -2.92 59.69 -70.32
CA SER J 58 -2.24 58.75 -71.22
C SER J 58 -3.29 57.90 -71.91
N SER J 59 -3.66 58.29 -73.14
CA SER J 59 -4.69 57.57 -73.86
C SER J 59 -4.27 56.12 -74.08
N VAL J 60 -5.19 55.20 -73.76
CA VAL J 60 -4.92 53.79 -73.93
C VAL J 60 -4.87 53.39 -75.40
N SER J 61 -5.75 53.96 -76.22
CA SER J 61 -5.79 53.66 -77.65
C SER J 61 -5.53 54.95 -78.42
N ARG J 62 -4.93 54.79 -79.61
CA ARG J 62 -4.68 55.95 -80.46
C ARG J 62 -5.97 56.72 -80.72
N MET J 63 -7.11 56.01 -80.72
CA MET J 63 -8.39 56.67 -80.88
C MET J 63 -8.70 57.58 -79.71
N GLU J 64 -8.35 57.15 -78.49
CA GLU J 64 -8.50 58.02 -77.33
C GLU J 64 -7.63 59.25 -77.47
N ASN J 65 -6.43 59.09 -78.01
CA ASN J 65 -5.57 60.24 -78.28
C ASN J 65 -6.22 61.19 -79.29
N ILE J 66 -6.84 60.62 -80.32
CA ILE J 66 -7.53 61.45 -81.32
C ILE J 66 -8.66 62.24 -80.67
N MET J 67 -9.47 61.56 -79.87
CA MET J 67 -10.60 62.24 -79.23
C MET J 67 -10.11 63.31 -78.27
N TRP J 68 -9.02 63.04 -77.55
CA TRP J 68 -8.43 64.06 -76.69
C TRP J 68 -7.96 65.25 -77.50
N LYS J 69 -7.28 65.00 -78.62
CA LYS J 69 -6.86 66.08 -79.50
C LYS J 69 -8.07 66.91 -79.92
N SER J 70 -9.20 66.25 -80.14
CA SER J 70 -10.40 66.95 -80.60
C SER J 70 -11.03 67.77 -79.48
N VAL J 71 -11.08 67.23 -78.26
CA VAL J 71 -11.95 67.77 -77.22
C VAL J 71 -11.19 68.60 -76.20
N GLU J 72 -9.85 68.56 -76.23
CA GLU J 72 -9.08 69.37 -75.30
C GLU J 72 -9.31 70.85 -75.56
N GLY J 73 -9.34 71.24 -76.83
CA GLY J 73 -9.63 72.63 -77.16
C GLY J 73 -11.03 73.03 -76.75
N GLU J 74 -12.01 72.14 -76.96
CA GLU J 74 -13.36 72.43 -76.51
C GLU J 74 -13.41 72.62 -75.00
N LEU J 75 -12.73 71.74 -74.25
CA LEU J 75 -12.72 71.85 -72.80
C LEU J 75 -12.07 73.16 -72.37
N ASN J 76 -10.93 73.50 -72.97
CA ASN J 76 -10.24 74.74 -72.61
C ASN J 76 -11.11 75.95 -72.91
N ALA J 77 -11.78 75.95 -74.06
CA ALA J 77 -12.72 77.02 -74.38
C ALA J 77 -13.80 77.11 -73.31
N ILE J 78 -14.32 75.95 -72.90
CA ILE J 78 -15.17 75.91 -71.72
C ILE J 78 -14.38 76.36 -70.50
N LEU J 79 -13.17 75.80 -70.33
CA LEU J 79 -12.35 76.18 -69.18
C LEU J 79 -12.04 77.66 -69.20
N GLU J 80 -11.95 78.25 -70.39
CA GLU J 80 -11.66 79.67 -70.55
C GLU J 80 -12.83 80.57 -70.20
N GLU J 81 -14.03 80.02 -70.04
CA GLU J 81 -15.20 80.83 -69.73
C GLU J 81 -15.83 80.52 -68.37
N ASN J 82 -15.38 79.47 -67.68
CA ASN J 82 -15.88 79.15 -66.35
C ASN J 82 -14.88 79.47 -65.24
N GLY J 83 -13.97 80.41 -65.47
CA GLY J 83 -12.96 80.70 -64.46
C GLY J 83 -12.04 79.53 -64.20
N VAL J 84 -11.61 78.83 -65.26
CA VAL J 84 -10.79 77.64 -65.15
C VAL J 84 -9.38 77.96 -65.64
N GLN J 85 -8.38 77.46 -64.92
CA GLN J 85 -6.99 77.62 -65.31
C GLN J 85 -6.43 76.24 -65.67
N LEU J 86 -6.65 75.85 -66.92
CA LEU J 86 -6.11 74.59 -67.44
C LEU J 86 -6.00 74.67 -68.95
N THR J 87 -4.85 74.22 -69.46
CA THR J 87 -4.56 74.22 -70.89
C THR J 87 -4.27 72.78 -71.29
N VAL J 88 -5.33 72.04 -71.60
CA VAL J 88 -5.14 70.66 -72.03
C VAL J 88 -4.33 70.65 -73.32
N VAL J 89 -3.28 69.85 -73.35
CA VAL J 89 -2.39 69.74 -74.49
C VAL J 89 -2.28 68.27 -74.87
N VAL J 90 -2.75 67.91 -76.06
CA VAL J 90 -2.74 66.53 -76.52
C VAL J 90 -1.51 66.31 -77.39
N GLY J 91 -0.71 65.32 -77.05
CA GLY J 91 0.52 65.03 -77.74
C GLY J 91 0.37 63.89 -78.74
N SER J 92 1.42 63.10 -78.89
CA SER J 92 1.46 62.01 -79.85
C SER J 92 1.43 60.66 -79.14
N VAL J 93 1.44 59.61 -79.95
CA VAL J 93 1.43 58.24 -79.45
C VAL J 93 2.85 57.72 -79.38
N LYS J 94 3.25 57.26 -78.19
CA LYS J 94 4.59 56.74 -77.95
C LYS J 94 4.46 55.25 -77.67
N ASN J 95 4.51 54.45 -78.73
CA ASN J 95 4.30 53.02 -78.61
C ASN J 95 5.40 52.40 -77.75
N PRO J 96 5.08 51.42 -76.90
CA PRO J 96 3.74 50.89 -76.63
C PRO J 96 2.99 51.75 -75.62
N MET J 97 1.66 51.75 -75.66
CA MET J 97 0.88 52.51 -74.70
C MET J 97 0.98 51.88 -73.32
N TRP J 98 1.46 52.65 -72.36
CA TRP J 98 1.64 52.19 -71.00
C TRP J 98 0.38 52.45 -70.18
N ARG J 99 0.49 52.32 -68.87
CA ARG J 99 -0.64 52.35 -67.96
C ARG J 99 -0.76 53.73 -67.33
N GLY J 100 -1.66 53.84 -66.36
CA GLY J 100 -1.82 55.04 -65.57
C GLY J 100 -2.68 54.76 -64.36
N PRO J 101 -2.19 55.14 -63.19
CA PRO J 101 -2.88 54.76 -61.95
C PRO J 101 -3.93 55.77 -61.53
N GLN J 102 -4.81 56.17 -62.45
CA GLN J 102 -5.84 57.14 -62.12
C GLN J 102 -6.96 57.06 -63.15
N ARG J 103 -8.12 57.56 -62.74
CA ARG J 103 -9.28 57.71 -63.61
C ARG J 103 -9.87 59.10 -63.40
N LEU J 104 -10.53 59.61 -64.43
CA LEU J 104 -11.15 60.92 -64.32
C LEU J 104 -12.22 60.89 -63.23
N PRO J 105 -12.32 61.92 -62.39
CA PRO J 105 -13.30 61.90 -61.30
C PRO J 105 -14.72 61.81 -61.84
N VAL J 106 -15.59 61.17 -61.07
CA VAL J 106 -17.01 61.07 -61.44
C VAL J 106 -17.55 62.49 -61.54
N PRO J 107 -18.15 62.87 -62.66
CA PRO J 107 -18.60 64.26 -62.81
C PRO J 107 -19.62 64.63 -61.75
N VAL J 108 -19.39 65.78 -61.11
CA VAL J 108 -20.30 66.24 -60.06
C VAL J 108 -21.66 66.58 -60.64
N ASN J 109 -21.68 67.28 -61.77
CA ASN J 109 -22.92 67.64 -62.41
C ASN J 109 -22.58 68.28 -63.75
N GLU J 110 -23.60 68.55 -64.55
CA GLU J 110 -23.34 69.15 -65.84
C GLU J 110 -22.84 70.57 -65.66
N LEU J 111 -21.55 70.78 -65.95
CA LEU J 111 -21.02 72.12 -65.76
C LEU J 111 -21.87 73.12 -66.56
N PRO J 112 -22.16 74.29 -65.98
CA PRO J 112 -22.84 75.36 -66.71
C PRO J 112 -22.07 75.78 -67.96
N HIS J 113 -22.77 75.86 -69.07
CA HIS J 113 -22.20 76.07 -70.39
C HIS J 113 -22.24 77.54 -70.79
N GLY J 114 -21.07 78.17 -70.86
CA GLY J 114 -21.02 79.55 -71.30
C GLY J 114 -21.54 79.70 -72.72
N TRP J 115 -22.15 80.87 -72.98
CA TRP J 115 -22.59 81.15 -74.35
C TRP J 115 -21.42 81.14 -75.31
N LYS J 116 -20.29 81.73 -74.91
CA LYS J 116 -19.11 81.76 -75.77
C LYS J 116 -18.48 80.39 -75.91
N ALA J 117 -18.56 79.57 -74.86
CA ALA J 117 -18.00 78.22 -74.93
C ALA J 117 -18.69 77.38 -76.00
N TRP J 118 -20.01 77.53 -76.14
CA TRP J 118 -20.74 76.78 -77.16
C TRP J 118 -20.15 77.05 -78.53
N GLY J 119 -19.86 75.98 -79.27
CA GLY J 119 -19.32 76.09 -80.61
C GLY J 119 -17.81 76.14 -80.70
N LYS J 120 -17.10 76.25 -79.58
CA LYS J 120 -15.64 76.24 -79.58
C LYS J 120 -15.16 74.80 -79.44
N SER J 121 -14.25 74.39 -80.32
CA SER J 121 -13.67 73.06 -80.36
C SER J 121 -12.16 73.20 -80.16
N TYR J 122 -11.42 72.10 -80.38
CA TYR J 122 -9.97 72.12 -80.18
C TYR J 122 -9.30 73.32 -80.84
N PHE J 123 -9.93 73.91 -81.86
CA PHE J 123 -9.37 75.09 -82.50
C PHE J 123 -9.02 76.16 -81.47
N VAL J 124 -9.87 76.35 -80.47
CA VAL J 124 -9.63 77.29 -79.39
C VAL J 124 -9.03 76.54 -78.21
N ARG J 125 -7.86 77.00 -77.76
CA ARG J 125 -7.14 76.39 -76.66
C ARG J 125 -7.09 77.34 -75.48
N ALA J 126 -6.76 76.79 -74.32
CA ALA J 126 -6.60 77.62 -73.12
C ALA J 126 -5.54 78.67 -73.35
N ALA J 127 -5.83 79.91 -72.92
CA ALA J 127 -4.95 81.05 -73.17
C ALA J 127 -3.75 80.99 -72.22
N LYS J 128 -2.94 79.95 -72.42
CA LYS J 128 -1.74 79.72 -71.61
C LYS J 128 -2.05 79.85 -70.13
N THR J 129 -2.98 79.00 -69.68
CA THR J 129 -3.41 79.03 -68.29
C THR J 129 -2.26 78.63 -67.37
N ASN J 130 -2.40 78.99 -66.10
CA ASN J 130 -1.37 78.67 -65.12
C ASN J 130 -1.13 77.16 -65.05
N ASN J 131 -2.15 76.38 -65.37
CA ASN J 131 -2.05 74.92 -65.39
C ASN J 131 -2.35 74.39 -66.78
N SER J 132 -1.57 73.40 -67.20
CA SER J 132 -1.72 72.78 -68.51
C SER J 132 -2.03 71.31 -68.31
N PHE J 133 -3.12 70.85 -68.91
CA PHE J 133 -3.56 69.46 -68.79
C PHE J 133 -3.10 68.68 -70.03
N VAL J 134 -1.80 68.40 -70.06
CA VAL J 134 -1.20 67.75 -71.22
C VAL J 134 -1.82 66.38 -71.44
N VAL J 135 -1.95 66.00 -72.72
CA VAL J 135 -2.55 64.73 -73.12
C VAL J 135 -1.54 63.96 -73.95
N ASP J 136 -1.28 62.72 -73.56
CA ASP J 136 -0.40 61.79 -74.29
C ASP J 136 0.95 62.49 -74.51
N GLY J 137 1.50 62.49 -75.72
CA GLY J 137 2.80 63.08 -75.94
C GLY J 137 3.89 62.29 -75.23
N ASP J 138 4.95 63.01 -74.85
CA ASP J 138 6.06 62.41 -74.11
C ASP J 138 6.49 63.32 -72.96
N THR J 139 5.54 64.04 -72.36
CA THR J 139 5.85 64.95 -71.27
C THR J 139 5.85 64.23 -69.93
N LEU J 140 6.77 63.26 -69.77
CA LEU J 140 6.89 62.58 -68.48
C LEU J 140 7.29 63.55 -67.38
N LYS J 141 8.22 64.47 -67.68
CA LYS J 141 8.64 65.44 -66.68
C LYS J 141 7.48 66.33 -66.25
N GLU J 142 6.78 66.93 -67.22
CA GLU J 142 5.68 67.84 -66.88
C GLU J 142 4.57 67.12 -66.13
N CYS J 143 4.21 65.92 -66.59
CA CYS J 143 3.16 65.14 -65.95
C CYS J 143 3.46 63.67 -66.22
N PRO J 144 4.10 63.00 -65.27
CA PRO J 144 4.53 61.62 -65.50
C PRO J 144 3.35 60.66 -65.55
N LEU J 145 3.65 59.43 -65.99
CA LEU J 145 2.61 58.41 -66.11
C LEU J 145 1.92 58.15 -64.77
N GLU J 146 2.57 58.50 -63.67
CA GLU J 146 1.96 58.31 -62.35
C GLU J 146 0.69 59.13 -62.20
N HIS J 147 0.67 60.37 -62.72
CA HIS J 147 -0.49 61.23 -62.65
C HIS J 147 -1.34 61.17 -63.92
N ARG J 148 -1.03 60.24 -64.81
CA ARG J 148 -1.74 60.10 -66.08
C ARG J 148 -2.91 59.14 -65.90
N ALA J 149 -4.13 59.68 -65.99
CA ALA J 149 -5.30 58.83 -65.92
C ALA J 149 -5.29 57.83 -67.09
N TRP J 150 -5.62 56.58 -66.78
CA TRP J 150 -5.54 55.50 -67.73
C TRP J 150 -6.83 54.70 -67.69
N ASN J 151 -7.37 54.38 -68.87
CA ASN J 151 -8.65 53.69 -68.99
C ASN J 151 -9.72 54.37 -68.15
N SER J 152 -9.86 55.67 -68.36
CA SER J 152 -10.91 56.46 -67.73
C SER J 152 -12.06 56.79 -68.68
N PHE J 153 -11.99 56.36 -69.93
CA PHE J 153 -13.03 56.59 -70.92
C PHE J 153 -13.45 55.27 -71.54
N LEU J 154 -14.77 55.08 -71.68
CA LEU J 154 -15.31 53.89 -72.32
C LEU J 154 -16.49 54.28 -73.19
N VAL J 155 -16.85 53.37 -74.10
CA VAL J 155 -17.89 53.66 -75.07
C VAL J 155 -19.21 53.95 -74.35
N GLU J 156 -19.77 55.14 -74.61
CA GLU J 156 -21.08 55.49 -74.10
C GLU J 156 -22.18 55.11 -75.08
N ASP J 157 -21.94 55.31 -76.37
CA ASP J 157 -22.90 54.97 -77.42
C ASP J 157 -22.16 55.00 -78.75
N HIS J 158 -22.91 54.87 -79.84
CA HIS J 158 -22.36 54.92 -81.19
C HIS J 158 -23.21 55.92 -81.99
N GLY J 159 -22.77 57.17 -82.05
CA GLY J 159 -23.44 58.15 -82.87
C GLY J 159 -23.46 57.67 -84.31
N PHE J 160 -24.63 57.76 -84.94
CA PHE J 160 -24.78 57.23 -86.29
C PHE J 160 -23.72 57.80 -87.22
N GLY J 161 -22.95 56.91 -87.85
CA GLY J 161 -21.95 57.32 -88.80
C GLY J 161 -22.08 56.57 -90.11
N VAL J 162 -22.40 57.28 -91.19
CA VAL J 162 -22.54 56.64 -92.49
C VAL J 162 -21.22 56.04 -92.95
N PHE J 163 -20.14 56.81 -92.80
CA PHE J 163 -18.80 56.33 -93.14
C PHE J 163 -17.87 56.27 -91.94
N HIS J 164 -18.12 57.06 -90.88
CA HIS J 164 -17.40 56.96 -89.62
C HIS J 164 -18.43 57.11 -88.51
N THR J 165 -18.74 56.01 -87.83
CA THR J 165 -19.70 56.04 -86.75
C THR J 165 -19.26 57.02 -85.67
N SER J 166 -20.19 57.86 -85.23
CA SER J 166 -19.90 58.87 -84.21
C SER J 166 -19.96 58.21 -82.83
N VAL J 167 -19.08 57.21 -82.66
CA VAL J 167 -19.06 56.46 -81.41
C VAL J 167 -18.72 57.40 -80.26
N TRP J 168 -19.44 57.26 -79.15
CA TRP J 168 -19.27 58.11 -77.99
C TRP J 168 -18.47 57.40 -76.91
N LEU J 169 -17.84 58.20 -76.05
CA LEU J 169 -17.11 57.69 -74.90
C LEU J 169 -17.54 58.46 -73.66
N LYS J 170 -17.37 57.82 -72.50
CA LYS J 170 -17.87 58.38 -71.26
C LYS J 170 -16.90 58.06 -70.13
N VAL J 171 -17.13 58.66 -68.99
CA VAL J 171 -16.30 58.46 -67.80
C VAL J 171 -16.86 57.29 -67.01
N ARG J 172 -15.99 56.35 -66.66
CA ARG J 172 -16.36 55.18 -65.91
C ARG J 172 -16.11 55.42 -64.42
N GLU J 173 -17.16 55.20 -63.62
CA GLU J 173 -17.08 55.33 -62.18
C GLU J 173 -16.68 54.00 -61.57
N ASP J 174 -15.52 53.50 -62.02
CA ASP J 174 -15.00 52.22 -61.56
C ASP J 174 -13.58 52.08 -62.08
N TYR J 175 -12.89 51.05 -61.60
CA TYR J 175 -11.50 50.75 -61.95
C TYR J 175 -11.48 49.44 -62.73
N SER J 176 -11.27 49.53 -64.04
CA SER J 176 -11.29 48.37 -64.92
C SER J 176 -9.97 48.28 -65.67
N LEU J 177 -9.27 47.15 -65.50
CA LEU J 177 -8.07 46.86 -66.28
C LEU J 177 -8.38 45.95 -67.46
N GLU J 178 -9.38 46.33 -68.25
CA GLU J 178 -9.78 45.62 -69.44
C GLU J 178 -9.67 46.54 -70.65
N CYS J 179 -10.14 46.05 -71.79
CA CYS J 179 -10.09 46.76 -73.05
C CYS J 179 -11.52 47.18 -73.43
N ASP J 180 -11.67 47.81 -74.59
CA ASP J 180 -12.99 48.28 -75.00
C ASP J 180 -13.84 47.11 -75.48
N PRO J 181 -14.80 46.65 -74.68
CA PRO J 181 -15.61 45.49 -75.08
C PRO J 181 -16.45 45.73 -76.32
N ALA J 182 -16.96 46.95 -76.52
CA ALA J 182 -17.76 47.23 -77.70
C ALA J 182 -16.94 47.06 -78.98
N VAL J 183 -15.62 47.13 -78.87
CA VAL J 183 -14.76 47.00 -80.03
C VAL J 183 -13.90 45.74 -79.98
N ILE J 184 -14.36 44.72 -79.24
CA ILE J 184 -13.64 43.46 -79.13
C ILE J 184 -14.54 42.33 -79.60
N GLY J 185 -13.99 41.44 -80.43
CA GLY J 185 -14.74 40.31 -80.94
C GLY J 185 -13.89 39.08 -81.20
N THR J 186 -14.40 37.91 -80.84
CA THR J 186 -13.73 36.64 -81.12
C THR J 186 -14.76 35.60 -81.54
N ALA J 187 -14.37 34.78 -82.52
CA ALA J 187 -15.26 33.76 -83.05
C ALA J 187 -14.42 32.59 -83.57
N VAL J 188 -15.11 31.53 -83.97
CA VAL J 188 -14.45 30.31 -84.45
C VAL J 188 -15.30 29.70 -85.54
N LYS J 189 -14.64 29.19 -86.59
CA LYS J 189 -15.31 28.53 -87.70
C LYS J 189 -14.34 27.54 -88.33
N GLY J 190 -14.70 26.27 -88.33
CA GLY J 190 -13.84 25.24 -88.86
C GLY J 190 -12.52 25.10 -88.13
N ARG J 191 -11.41 25.26 -88.86
CA ARG J 191 -10.07 25.17 -88.28
C ARG J 191 -9.40 26.53 -88.13
N GLU J 192 -10.16 27.62 -88.16
CA GLU J 192 -9.61 28.96 -88.08
C GLU J 192 -10.26 29.73 -86.93
N ALA J 193 -9.48 30.62 -86.33
CA ALA J 193 -9.97 31.48 -85.26
C ALA J 193 -9.20 32.79 -85.29
N ALA J 194 -9.81 33.84 -84.76
CA ALA J 194 -9.21 35.16 -84.75
C ALA J 194 -9.71 35.97 -83.57
N HIS J 195 -8.91 36.93 -83.13
CA HIS J 195 -9.24 37.81 -82.02
C HIS J 195 -8.79 39.23 -82.37
N SER J 196 -9.72 40.18 -82.33
CA SER J 196 -9.45 41.50 -82.89
C SER J 196 -10.04 42.59 -81.99
N ASP J 197 -9.46 43.78 -82.11
CA ASP J 197 -9.92 44.96 -81.39
C ASP J 197 -9.70 46.16 -82.30
N LEU J 198 -9.73 47.36 -81.73
CA LEU J 198 -9.54 48.57 -82.53
C LEU J 198 -8.17 48.64 -83.18
N GLY J 199 -7.20 47.85 -82.72
CA GLY J 199 -5.87 47.90 -83.29
C GLY J 199 -5.16 46.57 -83.37
N TYR J 200 -5.89 45.47 -83.17
CA TYR J 200 -5.27 44.14 -83.13
C TYR J 200 -5.94 43.20 -84.14
N TRP J 201 -5.18 42.21 -84.56
CA TRP J 201 -5.66 41.18 -85.48
C TRP J 201 -4.79 39.94 -85.27
N ILE J 202 -5.31 38.95 -84.56
CA ILE J 202 -4.58 37.72 -84.25
C ILE J 202 -5.32 36.57 -84.91
N GLU J 203 -4.60 35.82 -85.76
CA GLU J 203 -5.17 34.71 -86.50
C GLU J 203 -4.51 33.42 -86.05
N SER J 204 -5.31 32.39 -85.80
CA SER J 204 -4.81 31.08 -85.41
C SER J 204 -5.63 29.99 -86.12
N GLU J 205 -4.94 28.94 -86.55
CA GLU J 205 -5.58 27.80 -87.18
C GLU J 205 -5.01 26.53 -86.58
N LYS J 206 -5.60 25.40 -86.92
CA LYS J 206 -5.20 24.10 -86.39
C LYS J 206 -4.66 23.23 -87.52
N ASN J 207 -3.45 22.70 -87.31
CA ASN J 207 -2.84 21.71 -88.21
C ASN J 207 -2.41 20.55 -87.32
N ASP J 208 -3.36 19.65 -87.03
CA ASP J 208 -3.13 18.57 -86.09
C ASP J 208 -2.96 19.13 -84.68
N THR J 209 -3.01 20.45 -84.55
CA THR J 209 -2.84 21.14 -83.28
C THR J 209 -3.18 22.61 -83.48
N TRP J 210 -3.77 23.20 -82.45
CA TRP J 210 -4.14 24.61 -82.48
C TRP J 210 -2.92 25.46 -82.15
N ARG J 211 -2.65 26.47 -82.97
CA ARG J 211 -1.46 27.28 -82.81
C ARG J 211 -1.71 28.67 -83.40
N LEU J 212 -0.95 29.64 -82.89
CA LEU J 212 -0.96 30.97 -83.46
C LEU J 212 -0.29 30.96 -84.82
N LYS J 213 -0.87 31.70 -85.77
CA LYS J 213 -0.39 31.74 -87.14
C LYS J 213 0.21 33.08 -87.51
N ARG J 214 -0.52 34.17 -87.28
CA ARG J 214 -0.04 35.50 -87.59
C ARG J 214 -0.72 36.51 -86.68
N ALA J 215 0.02 37.57 -86.35
CA ALA J 215 -0.50 38.63 -85.51
C ALA J 215 -0.13 39.97 -86.13
N HIS J 216 -1.10 40.89 -86.16
CA HIS J 216 -0.92 42.20 -86.75
C HIS J 216 -1.14 43.25 -85.67
N LEU J 217 -0.13 44.08 -85.42
CA LEU J 217 -0.18 45.09 -84.37
C LEU J 217 0.15 46.45 -84.98
N ILE J 218 -0.86 47.31 -85.07
CA ILE J 218 -0.69 48.68 -85.51
C ILE J 218 -0.62 49.64 -84.32
N GLU J 219 -1.05 49.19 -83.16
CA GLU J 219 -1.02 49.98 -81.93
C GLU J 219 -0.73 49.03 -80.78
N MET J 220 0.09 49.48 -79.85
CA MET J 220 0.56 48.65 -78.75
C MET J 220 -0.04 49.20 -77.46
N LYS J 221 -1.23 48.71 -77.13
CA LYS J 221 -1.89 49.07 -75.87
C LYS J 221 -1.24 48.30 -74.72
N THR J 222 -1.87 48.36 -73.55
CA THR J 222 -1.41 47.55 -72.42
C THR J 222 -2.58 47.01 -71.59
N CYS J 223 -3.82 47.24 -72.00
CA CYS J 223 -4.95 46.66 -71.30
C CYS J 223 -4.95 45.15 -71.47
N GLU J 224 -5.95 44.51 -70.86
CA GLU J 224 -6.04 43.05 -70.85
C GLU J 224 -7.26 42.58 -71.62
N TRP J 225 -7.07 41.59 -72.47
CA TRP J 225 -8.16 41.02 -73.25
C TRP J 225 -9.10 40.25 -72.33
N PRO J 226 -10.38 40.59 -72.30
CA PRO J 226 -11.32 39.85 -71.45
C PRO J 226 -11.50 38.42 -71.94
N LYS J 227 -11.80 37.53 -70.99
CA LYS J 227 -11.95 36.11 -71.33
C LYS J 227 -13.20 35.83 -72.14
N SER J 228 -14.17 36.76 -72.14
CA SER J 228 -15.40 36.55 -72.90
C SER J 228 -15.17 36.51 -74.41
N HIS J 229 -14.29 37.34 -74.95
CA HIS J 229 -13.99 37.38 -76.38
C HIS J 229 -12.69 36.67 -76.71
N THR J 230 -12.39 35.60 -75.98
CA THR J 230 -11.23 34.75 -76.27
C THR J 230 -11.68 33.30 -76.38
N LEU J 231 -11.12 32.60 -77.35
CA LEU J 231 -11.50 31.23 -77.65
C LEU J 231 -10.62 30.24 -76.89
N TRP J 232 -11.26 29.23 -76.30
CA TRP J 232 -10.56 28.27 -75.45
C TRP J 232 -9.86 28.98 -74.29
N THR J 233 -10.67 29.65 -73.47
CA THR J 233 -10.12 30.40 -72.35
C THR J 233 -9.33 29.49 -71.41
N ASP J 234 -9.86 28.31 -71.12
CA ASP J 234 -9.15 27.34 -70.30
C ASP J 234 -7.99 26.71 -71.07
N GLY J 235 -6.94 26.35 -70.34
CA GLY J 235 -5.78 25.69 -70.91
C GLY J 235 -4.71 26.62 -71.45
N VAL J 236 -4.85 27.93 -71.28
CA VAL J 236 -3.85 28.87 -71.77
C VAL J 236 -2.91 29.25 -70.64
N GLU J 237 -1.61 29.14 -70.89
CA GLU J 237 -0.56 29.57 -69.98
C GLU J 237 0.10 30.84 -70.48
N GLU J 238 0.45 31.74 -69.55
CA GLU J 238 0.95 33.06 -69.94
C GLU J 238 2.32 32.99 -70.59
N SER J 239 3.27 32.25 -69.99
CA SER J 239 4.63 32.25 -70.51
C SER J 239 4.69 31.81 -71.97
N ASP J 240 3.85 30.87 -72.37
CA ASP J 240 3.77 30.46 -73.76
C ASP J 240 3.09 31.48 -74.65
N LEU J 241 2.31 32.39 -74.07
CA LEU J 241 1.67 33.43 -74.88
C LEU J 241 2.74 34.29 -75.52
N ILE J 242 2.88 34.18 -76.84
CA ILE J 242 3.87 34.97 -77.56
C ILE J 242 3.67 36.45 -77.30
N ILE J 243 2.41 36.90 -77.32
CA ILE J 243 2.06 38.25 -76.93
C ILE J 243 1.76 38.26 -75.43
N PRO J 244 2.49 39.03 -74.63
CA PRO J 244 2.24 39.03 -73.19
C PRO J 244 0.86 39.56 -72.86
N LYS J 245 0.31 39.09 -71.72
CA LYS J 245 -0.99 39.58 -71.27
C LYS J 245 -0.98 41.08 -71.08
N SER J 246 0.13 41.64 -70.58
CA SER J 246 0.22 43.08 -70.39
C SER J 246 0.04 43.83 -71.69
N LEU J 247 0.39 43.23 -72.83
CA LEU J 247 0.21 43.89 -74.12
C LEU J 247 -1.10 43.42 -74.73
N ALA J 248 -2.11 43.22 -73.88
CA ALA J 248 -3.45 42.83 -74.30
C ALA J 248 -3.48 41.41 -74.88
N GLY J 249 -2.40 40.67 -74.68
CA GLY J 249 -2.30 39.33 -75.21
C GLY J 249 -3.41 38.44 -74.69
N PRO J 250 -4.18 37.84 -75.59
CA PRO J 250 -5.32 37.01 -75.15
C PRO J 250 -4.85 35.84 -74.31
N LEU J 251 -5.64 35.52 -73.29
CA LEU J 251 -5.38 34.35 -72.44
C LEU J 251 -6.18 33.18 -73.01
N SER J 252 -5.64 32.59 -74.07
CA SER J 252 -6.28 31.46 -74.72
C SER J 252 -5.23 30.63 -75.45
N HIS J 253 -5.57 29.38 -75.74
CA HIS J 253 -4.65 28.51 -76.45
C HIS J 253 -4.35 29.00 -77.86
N HIS J 254 -5.22 29.84 -78.43
CA HIS J 254 -4.94 30.45 -79.71
C HIS J 254 -3.82 31.48 -79.63
N ASN J 255 -3.42 31.86 -78.41
CA ASN J 255 -2.41 32.89 -78.20
C ASN J 255 -1.02 32.29 -77.97
N THR J 256 -0.86 30.98 -78.09
CA THR J 256 0.43 30.33 -77.87
C THR J 256 0.73 29.35 -78.99
N ARG J 257 2.01 29.21 -79.28
CA ARG J 257 2.49 28.27 -80.29
C ARG J 257 3.64 27.46 -79.70
N GLU J 258 3.75 26.21 -80.15
CA GLU J 258 4.80 25.32 -79.65
C GLU J 258 6.18 25.85 -80.01
N GLY J 259 7.12 25.68 -79.10
CA GLY J 259 8.51 26.05 -79.32
C GLY J 259 8.85 27.47 -78.95
N TYR J 260 7.91 28.25 -78.44
CA TYR J 260 8.15 29.65 -78.14
C TYR J 260 7.55 29.99 -76.78
N ARG J 261 8.20 30.89 -76.06
CA ARG J 261 7.69 31.37 -74.79
C ARG J 261 7.08 32.75 -75.00
N THR J 262 6.70 33.42 -73.91
CA THR J 262 6.13 34.75 -74.02
C THR J 262 7.16 35.73 -74.54
N GLN J 263 6.74 36.58 -75.47
CA GLN J 263 7.63 37.58 -76.07
C GLN J 263 7.44 38.94 -75.41
N VAL J 264 8.02 39.05 -74.21
CA VAL J 264 8.00 40.32 -73.48
C VAL J 264 9.11 41.26 -73.89
N LYS J 265 10.03 40.81 -74.74
CA LYS J 265 11.20 41.58 -75.15
C LYS J 265 11.32 41.58 -76.67
N GLY J 266 10.18 41.60 -77.35
CA GLY J 266 10.16 41.70 -78.79
C GLY J 266 10.11 43.15 -79.23
N PRO J 267 9.97 43.37 -80.53
CA PRO J 267 9.91 44.75 -81.04
C PRO J 267 8.62 45.43 -80.65
N TRP J 268 8.45 45.68 -79.34
CA TRP J 268 7.26 46.32 -78.81
C TRP J 268 7.43 47.83 -78.69
N HIS J 269 8.55 48.35 -79.18
CA HIS J 269 8.79 49.77 -79.31
C HIS J 269 8.37 50.30 -80.67
N SER J 270 7.97 49.44 -81.58
CA SER J 270 7.60 49.84 -82.93
C SER J 270 6.18 50.40 -82.93
N GLU J 271 5.83 51.05 -84.04
CA GLU J 271 4.48 51.58 -84.20
C GLU J 271 3.52 50.50 -84.71
N GLU J 272 3.97 49.71 -85.67
CA GLU J 272 3.22 48.56 -86.18
C GLU J 272 4.12 47.34 -86.13
N LEU J 273 3.60 46.26 -85.55
CA LEU J 273 4.35 45.02 -85.47
C LEU J 273 3.49 43.89 -85.99
N GLU J 274 4.03 43.12 -86.92
CA GLU J 274 3.35 41.97 -87.50
C GLU J 274 4.04 40.71 -87.02
N ILE J 275 3.28 39.82 -86.40
CA ILE J 275 3.81 38.60 -85.83
C ILE J 275 3.58 37.46 -86.81
N ARG J 276 4.68 36.87 -87.30
CA ARG J 276 4.63 35.77 -88.25
C ARG J 276 5.68 34.73 -87.87
N PHE J 277 5.48 33.52 -88.38
CA PHE J 277 6.35 32.38 -88.09
C PHE J 277 7.09 32.03 -89.39
N GLU J 278 8.27 32.62 -89.56
CA GLU J 278 9.11 32.36 -90.73
C GLU J 278 10.46 33.01 -90.48
N GLU J 279 11.46 32.54 -91.22
CA GLU J 279 12.79 33.12 -91.12
C GLU J 279 12.84 34.49 -91.79
N CYS J 280 13.73 35.34 -91.31
CA CYS J 280 13.93 36.64 -91.91
C CYS J 280 14.50 36.48 -93.32
N PRO J 281 14.17 37.41 -94.21
CA PRO J 281 14.71 37.33 -95.58
C PRO J 281 16.24 37.34 -95.56
N GLY J 282 16.83 36.30 -96.15
CA GLY J 282 18.27 36.15 -96.15
C GLY J 282 18.84 35.54 -94.89
N THR J 283 18.00 35.10 -93.96
CA THR J 283 18.46 34.51 -92.70
C THR J 283 17.99 33.06 -92.62
N LYS J 284 18.54 32.35 -91.64
CA LYS J 284 18.14 30.98 -91.37
C LYS J 284 18.34 30.72 -89.89
N VAL J 285 17.45 29.90 -89.33
CA VAL J 285 17.49 29.53 -87.93
C VAL J 285 17.59 28.01 -87.83
N TYR J 286 18.57 27.54 -87.07
CA TYR J 286 18.75 26.13 -86.78
C TYR J 286 18.24 25.86 -85.37
N VAL J 287 17.61 24.71 -85.19
CA VAL J 287 17.20 24.27 -83.86
C VAL J 287 18.39 23.57 -83.23
N GLU J 288 19.26 24.34 -82.60
CA GLU J 288 20.50 23.82 -82.02
C GLU J 288 20.44 23.98 -80.51
N GLU J 289 20.69 22.88 -79.80
CA GLU J 289 20.62 22.91 -78.35
C GLU J 289 21.71 23.76 -77.72
N THR J 290 22.78 24.04 -78.46
CA THR J 290 23.89 24.84 -77.96
C THR J 290 23.73 26.33 -78.24
N CYS J 291 22.61 26.72 -78.85
CA CYS J 291 22.41 28.12 -79.21
C CYS J 291 22.33 29.00 -77.96
N GLY J 292 22.28 30.30 -78.19
CA GLY J 292 22.26 31.24 -77.09
C GLY J 292 21.00 31.10 -76.24
N THR J 293 21.11 31.62 -75.02
CA THR J 293 19.99 31.55 -74.10
C THR J 293 18.82 32.39 -74.61
N ARG J 294 17.63 32.06 -74.14
CA ARG J 294 16.45 32.84 -74.48
C ARG J 294 16.67 34.28 -74.05
N GLY J 295 16.58 35.20 -75.01
CA GLY J 295 16.87 36.59 -74.74
C GLY J 295 16.11 37.53 -75.64
N PRO J 296 16.34 38.83 -75.48
CA PRO J 296 15.53 39.82 -76.19
C PRO J 296 15.62 39.64 -77.70
N SER J 297 14.52 39.96 -78.37
CA SER J 297 14.47 39.81 -79.81
C SER J 297 15.60 40.59 -80.46
N LEU J 298 16.31 39.91 -81.37
CA LEU J 298 17.46 40.49 -82.07
C LEU J 298 17.07 40.72 -83.51
N ARG J 299 17.20 41.97 -83.97
CA ARG J 299 16.82 42.31 -85.32
C ARG J 299 17.75 41.63 -86.32
N SER J 300 17.16 41.13 -87.41
CA SER J 300 17.91 40.35 -88.39
C SER J 300 18.97 41.17 -89.12
N THR J 301 18.93 42.49 -89.02
CA THR J 301 19.90 43.35 -89.67
C THR J 301 20.70 44.11 -88.62
N THR J 302 21.96 44.39 -88.95
CA THR J 302 22.84 45.12 -88.06
C THR J 302 22.44 46.59 -88.01
N ALA J 303 23.17 47.36 -87.21
CA ALA J 303 22.93 48.80 -87.15
C ALA J 303 23.13 49.47 -88.49
N SER J 304 24.04 48.96 -89.33
CA SER J 304 24.25 49.46 -90.67
C SER J 304 23.41 48.74 -91.71
N GLY J 305 22.60 47.77 -91.29
CA GLY J 305 21.71 47.05 -92.18
C GLY J 305 22.20 45.69 -92.63
N ARG J 306 23.38 45.26 -92.22
CA ARG J 306 23.88 43.94 -92.60
C ARG J 306 23.04 42.86 -91.94
N VAL J 307 22.75 41.81 -92.70
CA VAL J 307 21.86 40.74 -92.24
C VAL J 307 22.68 39.66 -91.56
N ILE J 308 22.23 39.23 -90.39
CA ILE J 308 22.83 38.08 -89.71
C ILE J 308 22.19 36.83 -90.28
N GLU J 309 22.96 36.08 -91.07
CA GLU J 309 22.41 34.95 -91.81
C GLU J 309 22.43 33.64 -91.03
N GLU J 310 23.21 33.57 -89.95
CA GLU J 310 23.23 32.39 -89.09
C GLU J 310 22.40 32.67 -87.84
N TRP J 311 21.34 31.88 -87.67
CA TRP J 311 20.51 31.94 -86.48
C TRP J 311 20.23 30.52 -86.00
N CYS J 312 19.97 30.40 -84.71
CA CYS J 312 19.75 29.12 -84.06
C CYS J 312 18.74 29.29 -82.94
N CYS J 313 18.13 28.17 -82.55
CA CYS J 313 17.21 28.13 -81.44
C CYS J 313 17.39 26.83 -80.68
N ARG J 314 17.02 26.85 -79.40
CA ARG J 314 17.19 25.68 -78.56
C ARG J 314 16.07 24.67 -78.77
N GLU J 315 14.82 25.13 -78.69
CA GLU J 315 13.66 24.26 -78.85
C GLU J 315 12.54 24.95 -79.62
N CYS J 316 12.88 25.83 -80.55
CA CYS J 316 11.85 26.51 -81.33
C CYS J 316 11.27 25.56 -82.38
N THR J 317 10.31 26.07 -83.13
CA THR J 317 9.70 25.31 -84.21
C THR J 317 9.82 26.07 -85.53
N MET J 318 10.09 25.33 -86.58
CA MET J 318 10.14 26.00 -87.87
C MET J 318 8.75 26.09 -88.47
N PRO J 319 8.46 27.19 -89.18
CA PRO J 319 9.33 28.34 -89.41
C PRO J 319 9.56 29.12 -88.12
N PRO J 320 10.67 29.83 -87.99
CA PRO J 320 10.92 30.59 -86.76
C PRO J 320 9.96 31.76 -86.63
N LEU J 321 9.66 32.09 -85.38
CA LEU J 321 8.78 33.22 -85.09
C LEU J 321 9.54 34.51 -85.34
N SER J 322 8.98 35.37 -86.18
CA SER J 322 9.61 36.63 -86.54
C SER J 322 8.61 37.76 -86.41
N PHE J 323 9.11 38.93 -86.03
CA PHE J 323 8.31 40.14 -85.91
C PHE J 323 8.72 41.11 -87.00
N ARG J 324 7.77 41.52 -87.82
CA ARG J 324 8.03 42.43 -88.93
C ARG J 324 7.48 43.81 -88.59
N ALA J 325 8.37 44.80 -88.57
CA ALA J 325 8.01 46.19 -88.32
C ALA J 325 8.57 47.04 -89.46
N LYS J 326 8.27 48.33 -89.42
CA LYS J 326 8.77 49.24 -90.44
C LYS J 326 10.29 49.33 -90.45
N ASP J 327 10.95 48.91 -89.37
CA ASP J 327 12.40 48.86 -89.31
C ASP J 327 12.96 47.52 -89.76
N GLY J 328 12.10 46.58 -90.12
CA GLY J 328 12.50 45.27 -90.56
C GLY J 328 11.82 44.18 -89.75
N CYS J 329 12.41 42.99 -89.82
CA CYS J 329 11.89 41.82 -89.13
C CYS J 329 12.67 41.56 -87.85
N TRP J 330 11.98 41.00 -86.86
CA TRP J 330 12.58 40.69 -85.58
C TRP J 330 12.38 39.20 -85.28
N TYR J 331 13.42 38.60 -84.70
CA TYR J 331 13.40 37.20 -84.33
C TYR J 331 12.91 37.04 -82.89
N GLY J 332 12.55 35.81 -82.55
CA GLY J 332 11.87 35.54 -81.31
C GLY J 332 12.76 35.63 -80.09
N MET J 333 12.14 35.40 -78.93
CA MET J 333 12.86 35.44 -77.67
C MET J 333 13.95 34.38 -77.62
N GLU J 334 13.63 33.16 -78.07
CA GLU J 334 14.53 32.03 -77.96
C GLU J 334 15.43 31.86 -79.18
N ILE J 335 15.16 32.59 -80.26
CA ILE J 335 16.00 32.55 -81.46
C ILE J 335 17.22 33.41 -81.20
N ARG J 336 18.40 32.81 -81.30
CA ARG J 336 19.63 33.51 -81.02
C ARG J 336 20.57 33.38 -82.20
N PRO J 337 21.43 34.36 -82.43
CA PRO J 337 22.35 34.28 -83.58
C PRO J 337 23.42 33.23 -83.33
N ARG J 338 23.63 32.39 -84.35
CA ARG J 338 24.64 31.34 -84.23
C ARG J 338 26.02 31.94 -84.04
N LYS J 339 26.35 32.98 -84.81
CA LYS J 339 27.65 33.64 -84.74
C LYS J 339 27.43 35.12 -85.09
N GLU J 340 27.35 35.95 -84.05
CA GLU J 340 27.15 37.38 -84.22
C GLU J 340 27.51 38.11 -82.93
N PRO J 341 28.34 39.14 -83.00
CA PRO J 341 28.70 39.89 -81.78
C PRO J 341 27.47 40.50 -81.13
N GLU J 342 27.48 40.53 -79.80
CA GLU J 342 26.37 41.10 -79.06
C GLU J 342 26.21 42.59 -79.36
N SER J 343 27.32 43.31 -79.49
CA SER J 343 27.25 44.75 -79.77
C SER J 343 26.57 45.02 -81.10
N ASN J 344 26.74 44.13 -82.08
CA ASN J 344 26.12 44.28 -83.39
C ASN J 344 24.65 43.85 -83.39
N LEU J 345 24.16 43.29 -82.29
CA LEU J 345 22.79 42.84 -82.21
C LEU J 345 21.91 44.00 -81.77
N VAL J 346 20.86 44.27 -82.55
CA VAL J 346 19.88 45.30 -82.22
C VAL J 346 18.83 44.65 -81.34
N ARG J 347 18.68 45.15 -80.12
CA ARG J 347 17.76 44.56 -79.16
C ARG J 347 16.51 45.41 -79.02
N SER J 348 15.35 44.79 -79.16
CA SER J 348 14.10 45.48 -78.94
C SER J 348 13.95 45.80 -77.46
N MET J 349 13.76 47.09 -77.15
CA MET J 349 13.70 47.54 -75.77
C MET J 349 12.41 47.08 -75.11
N VAL J 350 12.54 46.54 -73.89
CA VAL J 350 11.35 46.12 -73.15
C VAL J 350 10.73 47.34 -72.48
N THR J 351 9.42 47.49 -72.64
CA THR J 351 8.68 48.63 -72.11
C THR J 351 8.01 48.20 -70.81
N ALA J 352 8.43 48.79 -69.70
CA ALA J 352 7.83 48.51 -68.40
C ALA J 352 6.79 49.57 -68.04
C1 NAG K . 9.55 11.19 -50.38
C2 NAG K . 9.61 10.91 -51.89
C3 NAG K . 10.98 11.25 -52.45
C4 NAG K . 11.29 12.73 -52.22
C5 NAG K . 10.96 13.13 -50.78
C6 NAG K . 9.84 14.14 -50.66
C7 NAG K . 10.02 8.48 -51.76
C8 NAG K . 9.51 7.14 -52.21
N2 NAG K . 9.31 9.54 -52.18
O3 NAG K . 11.01 10.92 -53.81
O4 NAG K . 12.65 12.91 -52.52
O5 NAG K . 10.66 11.99 -49.99
O6 NAG K . 8.77 13.79 -51.50
O7 NAG K . 11.03 8.59 -51.07
H1 NAG K . 9.57 10.35 -49.90
H2 NAG K . 8.95 11.47 -52.33
H3 NAG K . 11.65 10.74 -51.95
H4 NAG K . 10.74 13.24 -52.84
H5 NAG K . 11.75 13.56 -50.42
H61 NAG K . 10.20 15.02 -50.89
H62 NAG K . 9.58 14.19 -49.73
H81 NAG K . 9.26 6.61 -51.43
H82 NAG K . 10.22 6.65 -52.65
H83 NAG K . 8.75 7.18 -52.80
HN2 NAG K . 8.61 9.38 -52.67
HO3 NAG K . 11.67 10.41 -53.94
HO4 NAG K . 12.80 12.63 -53.31
HO6 NAG K . 8.96 14.01 -52.29
C1 NAG L . -22.71 37.89 -29.59
C2 NAG L . -21.43 38.70 -29.87
C3 NAG L . -21.04 38.55 -31.34
C4 NAG L . -20.96 37.07 -31.71
C5 NAG L . -22.32 36.44 -31.39
C6 NAG L . -22.44 34.98 -31.80
C7 NAG L . -21.94 40.55 -28.31
C8 NAG L . -22.08 42.04 -28.20
N2 NAG L . -21.62 40.09 -29.54
O3 NAG L . -19.82 39.21 -31.53
O4 NAG L . -20.66 36.98 -33.08
O5 NAG L . -22.55 36.56 -30.01
O6 NAG L . -23.75 34.53 -31.57
O7 NAG L . -22.09 39.81 -27.34
H1 NAG L . -22.88 37.90 -28.64
H2 NAG L . -20.72 38.35 -29.32
H3 NAG L . -21.74 38.95 -31.88
H4 NAG L . -20.28 36.66 -31.16
H5 NAG L . -23.00 36.92 -31.89
H61 NAG L . -21.78 34.47 -31.29
H62 NAG L . -22.18 34.92 -32.73
H81 NAG L . -21.38 42.39 -27.62
H82 NAG L . -22.93 42.25 -27.80
H83 NAG L . -22.03 42.51 -29.05
HN2 NAG L . -21.52 40.66 -30.18
HO3 NAG L . -19.97 39.87 -32.06
HO4 NAG L . -20.79 37.74 -33.44
HO6 NAG L . -24.25 34.85 -32.19
C1 NAG M . 23.21 -6.57 -9.01
C2 NAG M . 23.08 -6.77 -10.52
C3 NAG M . 24.15 -7.75 -10.95
C4 NAG M . 25.52 -7.23 -10.54
C5 NAG M . 25.54 -6.94 -9.02
C6 NAG M . 26.85 -6.37 -8.52
C7 NAG M . 21.13 -8.30 -10.39
C8 NAG M . 19.75 -8.52 -10.94
N2 NAG M . 21.76 -7.22 -10.88
O3 NAG M . 24.02 -7.89 -12.33
O4 NAG M . 26.46 -8.22 -10.91
O5 NAG M . 24.48 -6.06 -8.72
O6 NAG M . 26.57 -5.38 -7.56
O7 NAG M . 21.64 -9.06 -9.56
H1 NAG M . 23.09 -7.42 -8.55
H2 NAG M . 23.23 -5.91 -10.95
H3 NAG M . 24.00 -8.60 -10.50
H4 NAG M . 25.67 -6.39 -11.01
H5 NAG M . 25.41 -7.78 -8.55
H61 NAG M . 27.35 -6.01 -9.27
H62 NAG M . 27.37 -7.10 -8.15
H81 NAG M . 19.70 -9.39 -11.36
H82 NAG M . 19.58 -7.86 -11.63
H83 NAG M . 19.06 -8.45 -10.28
HN2 NAG M . 21.33 -6.75 -11.45
HO3 NAG M . 23.69 -7.16 -12.61
HO4 NAG M . 26.63 -8.72 -10.25
HO6 NAG M . 25.72 -5.37 -7.43
C1 NAG N . -14.76 15.72 12.99
C2 NAG N . -15.26 15.63 14.44
C3 NAG N . -15.57 17.02 14.97
C4 NAG N . -14.27 17.83 15.05
C5 NAG N . -13.41 17.53 13.81
C6 NAG N . -12.22 16.63 14.09
C7 NAG N . -17.48 14.82 13.74
C8 NAG N . -18.55 13.80 14.06
N2 NAG N . -16.41 14.77 14.54
O3 NAG N . -16.17 16.89 16.23
O4 NAG N . -14.62 19.19 15.13
O5 NAG N . -14.20 17.00 12.76
O6 NAG N . -11.83 15.96 12.92
O7 NAG N . -17.61 15.61 12.82
H1 NAG N . -14.04 15.10 12.94
H2 NAG N . -14.55 15.25 14.97
H3 NAG N . -16.16 17.48 14.35
H4 NAG N . -13.79 17.55 15.84
H5 NAG N . -13.02 18.38 13.52
H61 NAG N . -12.48 16.01 14.80
H62 NAG N . -11.51 17.18 14.46
H81 NAG N . -19.35 14.26 14.35
H82 NAG N . -18.26 13.24 14.79
H83 NAG N . -18.78 13.23 13.31
HN2 NAG N . -16.39 14.18 15.17
HO3 NAG N . -15.78 16.24 16.64
HO4 NAG N . -13.97 19.63 15.42
HO6 NAG N . -11.07 15.60 13.05
C1 NAG O . -13.37 -7.84 45.01
C2 NAG O . -13.93 -6.69 44.16
C3 NAG O . -15.34 -7.04 43.68
C4 NAG O . -15.23 -8.29 42.83
C5 NAG O . -14.75 -9.46 43.71
C6 NAG O . -13.81 -10.42 42.99
C7 NAG O . -14.64 -5.25 46.03
C8 NAG O . -14.48 -3.88 46.64
N2 NAG O . -13.93 -5.46 44.90
O3 NAG O . -15.84 -5.94 42.97
O4 NAG O . -16.52 -8.54 42.30
O5 NAG O . -14.16 -9.03 44.93
O6 NAG O . -12.92 -9.72 42.16
O7 NAG O . -15.36 -6.09 46.54
H1 NAG O . -13.32 -7.57 45.94
H2 NAG O . -13.36 -6.58 43.40
H3 NAG O . -15.89 -7.24 44.45
H4 NAG O . -14.60 -8.13 42.13
H5 NAG O . -15.54 -9.99 43.92
H61 NAG O . -14.35 -11.04 42.49
H62 NAG O . -13.36 -10.94 43.67
H81 NAG O . -14.03 -3.96 47.50
H82 NAG O . -15.36 -3.51 46.83
H83 NAG O . -14.00 -3.25 46.08
HN2 NAG O . -13.45 -4.82 44.60
HO3 NAG O . -16.29 -5.46 43.51
HO4 NAG O . -17.03 -7.89 42.52
HO6 NAG O . -12.95 -10.05 41.39
C1 NAG P . 24.71 -30.74 24.81
C2 NAG P . 23.72 -31.85 24.46
C3 NAG P . 22.60 -31.26 23.63
C4 NAG P . 21.96 -30.08 24.38
C5 NAG P . 23.05 -29.07 24.78
C6 NAG P . 22.50 -27.93 25.61
C7 NAG P . 25.08 -33.92 24.38
C8 NAG P . 25.65 -34.96 23.44
N2 NAG P . 24.37 -32.94 23.77
O3 NAG P . 21.67 -32.28 23.36
O4 NAG P . 21.02 -29.50 23.51
O5 NAG P . 24.05 -29.73 25.52
O6 NAG P . 23.55 -27.27 26.27
O7 NAG P . 25.25 -33.98 25.58
H1 NAG P . 25.43 -31.11 25.36
H2 NAG P . 23.36 -32.19 25.29
H3 NAG P . 22.98 -30.91 22.81
H4 NAG P . 21.54 -30.43 25.18
H5 NAG P . 23.42 -28.69 23.98
H61 NAG P . 21.85 -28.29 26.23
H62 NAG P . 22.02 -27.34 25.01
H81 NAG P . 25.28 -35.83 23.66
H82 NAG P . 26.62 -35.02 23.59
H83 NAG P . 25.50 -34.78 22.51
HN2 NAG P . 24.29 -32.97 22.92
HO3 NAG P . 21.08 -31.96 22.84
HO4 NAG P . 21.33 -28.76 23.23
HO6 NAG P . 23.69 -26.54 25.87
C1 NAG Q . -8.87 -34.08 84.49
C2 NAG Q . -9.03 -33.45 83.12
C3 NAG Q . -10.32 -32.63 83.12
C4 NAG Q . -11.49 -33.52 83.53
C5 NAG Q . -11.20 -34.21 84.86
C6 NAG Q . -12.27 -35.17 85.32
C7 NAG Q . -7.28 -31.72 83.44
C8 NAG Q . -5.98 -31.17 82.89
N2 NAG Q . -7.82 -32.75 82.77
O3 NAG Q . -10.49 -32.14 81.83
O4 NAG Q . -12.65 -32.72 83.61
O5 NAG Q . -9.97 -34.91 84.75
O6 NAG Q . -11.69 -36.44 85.46
O7 NAG Q . -7.77 -31.24 84.45
H1 NAG Q . -8.83 -33.39 85.18
H2 NAG Q . -9.15 -34.18 82.50
H3 NAG Q . -10.24 -31.91 83.78
H4 NAG Q . -11.59 -34.19 82.85
H5 NAG Q . -11.12 -33.52 85.55
H61 NAG Q . -12.99 -35.16 84.67
H62 NAG Q . -12.64 -34.84 86.15
H81 NAG Q . -5.51 -30.68 83.59
H82 NAG Q . -6.15 -30.52 82.18
H83 NAG Q . -5.38 -31.85 82.54
HN2 NAG Q . -7.41 -33.05 82.08
HO3 NAG Q . -11.11 -32.60 81.47
HO4 NAG Q . -12.58 -32.19 84.26
HO6 NAG Q . -11.00 -36.46 84.95
C1 NAG R . 33.82 -52.07 68.74
C2 NAG R . 34.68 -53.07 69.52
C3 NAG R . 35.16 -54.17 68.59
C4 NAG R . 33.98 -54.99 68.11
C5 NAG R . 32.74 -54.10 67.93
C6 NAG R . 31.73 -54.21 69.07
C7 NAG R . 36.77 -51.75 69.54
C8 NAG R . 37.86 -51.18 70.41
N2 NAG R . 35.80 -52.45 70.18
O3 NAG R . 36.11 -54.95 69.28
O4 NAG R . 34.35 -55.58 66.89
O5 NAG R . 33.12 -52.73 67.72
O6 NAG R . 31.04 -52.99 69.24
O7 NAG R . 36.78 -51.60 68.33
H1 NAG R . 34.39 -51.38 68.34
H2 NAG R . 34.13 -53.48 70.22
H3 NAG R . 35.56 -53.74 67.82
H4 NAG R . 33.78 -55.66 68.78
H5 NAG R . 32.27 -54.41 67.14
H61 NAG R . 32.20 -54.49 69.87
H62 NAG R . 31.12 -54.93 68.85
H81 NAG R . 38.72 -51.44 70.04
H82 NAG R . 37.81 -51.57 71.29
H83 NAG R . 37.84 -50.22 70.48
HN2 NAG R . 35.86 -52.52 71.03
HO3 NAG R . 35.91 -54.93 70.11
HO4 NAG R . 34.71 -56.34 67.05
HO6 NAG R . 30.43 -53.13 69.82
#